data_7YMY
#
_entry.id   7YMY
#
loop_
_entity.id
_entity.type
_entity.pdbx_description
1 polymer 'Spike glycoprotein'
2 branched 2-acetamido-2-deoxy-beta-D-glucopyranose-(1-4)-2-acetamido-2-deoxy-beta-D-glucopyranose
3 branched alpha-D-mannopyranose-(1-3)-beta-D-mannopyranose-(1-4)-2-acetamido-2-deoxy-beta-D-glucopyranose-(1-4)-2-acetamido-2-deoxy-beta-D-glucopyranose
4 branched beta-D-mannopyranose-(1-4)-2-acetamido-2-deoxy-beta-D-glucopyranose-(1-4)-2-acetamido-2-deoxy-beta-D-glucopyranose
5 branched alpha-D-mannopyranose-(1-3)-[alpha-D-mannopyranose-(1-6)]beta-D-mannopyranose-(1-4)-2-acetamido-2-deoxy-beta-D-glucopyranose-(1-4)-2-acetamido-2-deoxy-beta-D-glucopyranose
6 non-polymer 2-acetamido-2-deoxy-beta-D-glucopyranose
#
_entity_poly.entity_id   1
_entity_poly.type   'polypeptide(L)'
_entity_poly.pdbx_seq_one_letter_code
;MDSWFILVLLGSGLICVSASYVDVGPDSVKSACIEVDIQQTFFDKTWPRPIDVSKADGIIYPQGRTYSNITITYQGLFPY
QGDHGDMYVYSAGHATGTTPQKLFVANYSQDVKQFANGFVVRIGAAANSTGTVIISPSTSATIRKIYPAFMLGSSVGNFS
DGKMGRFFNHTLVLLPDGCGTLLRAFYCILEPRSGNHCPAGNSYTSFATYHTPATDCSDGNYNRNASLNSFKEYFNLRNC
TFMYTYNITEDEILEWFGITQTAQGVHLFSSRYVDLYGGNMFQFATLPVYDTIKYYSIIPHSIRSIQSDRKAWAAFYVYK
LQPLTFLLDFSVDGYIRRAIDCGFNDLSQLHCSYESFDVESGVYSVSSFEAKPSGSVVEQAEGVECDFSPLLSGTPPQVY
NFKRLVFTNCNYNLTKLLSLFSVNDFTCSQISPAAIASNCYSSLILDYFSYPLSMKSDLSVSSAGPISQFNYKQSFSNPT
CLILATVPHNLTTITKPLKYSYINKCSRLLSDDRTEVPQLVNANQYSPCVSIVPSTVWEDGDYYRKQLSPLEGGGWLVAS
GSTVAMTEQLQMGFGITVQYGTDTNSVCPKLEFANDTKIASQLGNCVEYSLYGVSGRGVFQNCTAVGVRQQRFVYDAYQN
LVGYYSDDGNYYCLRACVSVPVSVIYDKETKTHATLFGSVACEHISSTMSQYSRSTRSMLKRRDSTYGPLQTPVGCVLGL
VNSSLFVEDCKLPLGQSLCALPDTPSTLTPASVGSVPGEMRLASIAFNHPIQVDQLNSSYFKLSIPTNFSFGVTQEYIQT
TIQKVTVDCKQYVCNGFQKCEQLLREYGQFCSKINQALHGANLRQDDSVRNLFASVKSSQSSPIIPGFGGDFNLTLLEPV
SISTGSRSARSAIEDLLFDKVTIADPGYMQGYDDCMQQGPASARDLICAQYVAGYKVLPPLMDVNMEAAYTSSLLGSIAG
VGWTAGLSSFAAIPFAQSIFYRLNGVGITQQVLSENQKLIANKFNQALGAMQTGFTTTNEAFQKVQDAVNNNAQALSKLA
SELSNTFGAISASIGDIIQRLDPPEQDAQIDRLINGRLTTLNAFVAQQLVRSESAALSAQLAKDKVNECVKAQSKRSGFC
GQGTHIVSFVVNAPNGLYFMHVGYYPSNHIEVVSAYGLCDAANPTNCIAPVNGYFIKTNNTRIVDEWSYTGSSFYAPEPI
TSLNTKYVAPQVTYQNISTNLPPPLLGNSTGIDFQDELDEFFKNVSTSIPNFGSLTQINTTLLDLTYEMLSLQQVVKALN
ESYIDLKELGNYTYEFGSGGYIPEAPRDGQAYVRKDGEWVLLSTFLKGQDNSADIQHSGRPLESRGPFEQKLISEEDLNM
HTGHHHHHH
;
_entity_poly.pdbx_strand_id   A,B,C
#
loop_
_chem_comp.id
_chem_comp.type
_chem_comp.name
_chem_comp.formula
BMA D-saccharide, beta linking beta-D-mannopyranose 'C6 H12 O6'
MAN D-saccharide, alpha linking alpha-D-mannopyranose 'C6 H12 O6'
NAG D-saccharide, beta linking 2-acetamido-2-deoxy-beta-D-glucopyranose 'C8 H15 N O6'
#
# COMPACT_ATOMS: atom_id res chain seq x y z
N VAL A 22 -35.17 18.35 44.45
CA VAL A 22 -36.18 17.42 44.92
C VAL A 22 -37.37 18.18 45.51
N ASP A 23 -38.51 18.07 44.83
CA ASP A 23 -39.69 18.88 45.13
C ASP A 23 -40.94 18.01 45.14
N VAL A 24 -40.89 16.92 45.94
CA VAL A 24 -41.77 15.76 45.84
C VAL A 24 -43.27 16.06 45.76
N GLY A 25 -43.72 17.20 46.29
CA GLY A 25 -45.13 17.54 46.23
C GLY A 25 -45.98 16.71 47.17
N PRO A 26 -47.30 16.96 47.16
CA PRO A 26 -48.19 16.24 48.08
C PRO A 26 -48.68 14.91 47.55
N ASP A 27 -49.59 14.29 48.29
CA ASP A 27 -50.27 13.08 47.86
C ASP A 27 -51.70 13.45 47.48
N SER A 28 -52.52 12.43 47.22
CA SER A 28 -53.74 12.63 46.44
C SER A 28 -54.88 11.87 47.12
N VAL A 29 -55.98 11.62 46.39
CA VAL A 29 -57.26 11.18 46.93
C VAL A 29 -57.19 9.76 47.49
N LYS A 30 -58.30 9.33 48.12
CA LYS A 30 -58.45 8.03 48.74
C LYS A 30 -57.94 6.87 47.89
N SER A 31 -57.40 5.86 48.56
CA SER A 31 -56.88 4.66 47.89
C SER A 31 -58.04 3.68 47.67
N ALA A 32 -58.91 4.04 46.74
CA ALA A 32 -60.00 3.16 46.33
C ALA A 32 -60.21 3.42 44.85
N CYS A 33 -59.54 2.63 44.01
CA CYS A 33 -59.61 2.85 42.58
C CYS A 33 -60.93 2.30 42.04
N ILE A 34 -61.30 2.80 40.86
CA ILE A 34 -62.55 2.39 40.22
C ILE A 34 -62.33 1.11 39.44
N GLU A 35 -63.42 0.47 39.03
CA GLU A 35 -63.37 -0.83 38.38
C GLU A 35 -62.62 -0.76 37.06
N VAL A 36 -61.75 -1.76 36.83
CA VAL A 36 -60.94 -1.85 35.62
C VAL A 36 -61.23 -3.16 34.94
N ASP A 37 -61.46 -3.12 33.63
CA ASP A 37 -61.73 -4.30 32.83
C ASP A 37 -60.57 -4.59 31.88
N ILE A 38 -60.63 -5.74 31.24
CA ILE A 38 -59.71 -6.13 30.18
C ILE A 38 -60.56 -6.53 28.98
N GLN A 39 -60.63 -5.66 27.98
CA GLN A 39 -61.42 -5.94 26.79
C GLN A 39 -60.58 -5.58 25.55
N GLN A 40 -59.35 -6.09 25.52
CA GLN A 40 -58.48 -5.87 24.36
C GLN A 40 -59.00 -6.56 23.12
N THR A 41 -59.90 -7.52 23.27
CA THR A 41 -60.48 -8.23 22.14
C THR A 41 -61.25 -7.28 21.22
N PHE A 42 -61.94 -6.30 21.81
CA PHE A 42 -62.55 -5.25 20.99
C PHE A 42 -61.50 -4.42 20.30
N PHE A 43 -60.39 -4.12 20.99
CA PHE A 43 -59.37 -3.25 20.45
C PHE A 43 -58.57 -3.87 19.32
N ASP A 44 -58.65 -5.18 19.14
CA ASP A 44 -57.89 -5.84 18.08
C ASP A 44 -58.53 -5.55 16.74
N LYS A 45 -57.91 -4.66 15.96
CA LYS A 45 -58.41 -4.31 14.65
C LYS A 45 -57.23 -3.87 13.79
N THR A 46 -57.47 -3.82 12.47
CA THR A 46 -56.43 -3.55 11.50
C THR A 46 -56.66 -2.19 10.85
N TRP A 47 -55.70 -1.29 11.02
CA TRP A 47 -55.57 -0.07 10.21
C TRP A 47 -54.13 0.00 9.75
N PRO A 48 -53.80 -0.70 8.66
CA PRO A 48 -52.41 -0.72 8.20
C PRO A 48 -51.94 0.59 7.60
N ARG A 49 -51.04 1.28 8.31
CA ARG A 49 -50.38 2.48 7.81
C ARG A 49 -48.88 2.28 7.99
N PRO A 50 -48.24 1.52 7.09
CA PRO A 50 -46.81 1.28 7.22
C PRO A 50 -46.00 2.52 6.90
N ILE A 51 -44.81 2.59 7.48
CA ILE A 51 -43.91 3.72 7.25
C ILE A 51 -43.23 3.58 5.90
N ASP A 52 -43.11 4.69 5.17
CA ASP A 52 -42.48 4.70 3.86
C ASP A 52 -41.44 5.79 3.80
N VAL A 53 -40.22 5.43 3.39
CA VAL A 53 -39.16 6.43 3.34
C VAL A 53 -39.15 7.12 1.98
N SER A 54 -39.67 6.47 0.94
CA SER A 54 -39.85 7.14 -0.34
C SER A 54 -40.85 8.27 -0.22
N LYS A 55 -41.91 8.06 0.56
CA LYS A 55 -42.81 9.13 0.94
C LYS A 55 -42.23 10.02 2.04
N ALA A 56 -41.10 9.59 2.63
CA ALA A 56 -40.37 10.34 3.65
C ALA A 56 -41.26 10.61 4.87
N ASP A 57 -41.64 9.51 5.52
CA ASP A 57 -42.54 9.56 6.65
C ASP A 57 -41.75 9.37 7.94
N GLY A 58 -41.75 10.38 8.79
CA GLY A 58 -41.24 10.26 10.14
C GLY A 58 -39.77 9.91 10.28
N ILE A 59 -38.90 10.61 9.56
CA ILE A 59 -37.46 10.43 9.68
C ILE A 59 -36.88 11.57 10.51
N ILE A 60 -36.14 11.21 11.55
CA ILE A 60 -35.55 12.18 12.46
C ILE A 60 -34.51 13.03 11.73
N TYR A 61 -34.54 14.33 11.98
CA TYR A 61 -33.55 15.23 11.40
C TYR A 61 -32.18 14.96 12.00
N PRO A 62 -31.12 15.35 11.30
CA PRO A 62 -29.80 15.45 11.92
C PRO A 62 -29.83 16.39 13.12
N GLN A 63 -29.01 16.06 14.12
CA GLN A 63 -29.12 16.72 15.42
C GLN A 63 -28.78 18.21 15.34
N GLY A 64 -27.73 18.58 14.61
CA GLY A 64 -27.29 19.97 14.61
C GLY A 64 -26.71 20.45 13.30
N ARG A 65 -26.80 19.63 12.27
CA ARG A 65 -26.08 19.87 11.02
C ARG A 65 -27.08 19.88 9.86
N THR A 66 -27.57 21.06 9.51
CA THR A 66 -28.48 21.16 8.37
C THR A 66 -27.69 21.27 7.08
N TYR A 67 -28.40 21.12 5.96
CA TYR A 67 -27.79 21.16 4.65
C TYR A 67 -28.74 21.93 3.74
N SER A 68 -28.49 21.86 2.43
CA SER A 68 -29.40 22.47 1.47
C SER A 68 -29.18 21.84 0.11
N ASN A 69 -30.27 21.37 -0.50
CA ASN A 69 -30.33 20.99 -1.91
C ASN A 69 -29.38 19.84 -2.25
N ILE A 70 -28.96 19.08 -1.23
CA ILE A 70 -27.93 18.06 -1.41
C ILE A 70 -28.32 16.78 -0.71
N THR A 71 -27.68 15.70 -1.12
CA THR A 71 -27.86 14.38 -0.52
C THR A 71 -26.61 14.01 0.26
N ILE A 72 -26.81 13.22 1.31
CA ILE A 72 -25.69 12.85 2.18
C ILE A 72 -26.04 11.54 2.88
N THR A 73 -25.03 10.69 3.05
CA THR A 73 -25.17 9.53 3.90
C THR A 73 -25.32 9.97 5.33
N TYR A 74 -25.98 9.14 6.14
CA TYR A 74 -26.13 9.46 7.54
C TYR A 74 -26.36 8.16 8.30
N GLN A 75 -25.38 7.77 9.12
CA GLN A 75 -25.60 6.70 10.05
C GLN A 75 -26.31 7.25 11.27
N GLY A 76 -27.34 6.55 11.72
CA GLY A 76 -28.14 7.06 12.80
C GLY A 76 -29.26 6.11 13.15
N LEU A 77 -30.20 6.62 13.94
CA LEU A 77 -31.24 5.79 14.53
C LEU A 77 -32.49 5.91 13.67
N PHE A 78 -32.92 4.81 13.08
CA PHE A 78 -33.99 4.78 12.11
C PHE A 78 -34.84 3.54 12.34
N PRO A 79 -36.07 3.54 11.85
CA PRO A 79 -36.80 2.29 11.65
C PRO A 79 -36.61 1.76 10.22
N TYR A 80 -37.07 0.53 10.00
CA TYR A 80 -36.92 -0.12 8.71
C TYR A 80 -37.90 0.45 7.70
N GLN A 81 -37.96 -0.19 6.53
CA GLN A 81 -38.92 0.16 5.50
C GLN A 81 -40.13 -0.76 5.58
N GLY A 82 -41.32 -0.15 5.53
CA GLY A 82 -42.57 -0.88 5.48
C GLY A 82 -42.86 -1.67 6.74
N ASP A 83 -42.62 -1.05 7.88
CA ASP A 83 -42.86 -1.70 9.16
C ASP A 83 -44.34 -1.61 9.53
N HIS A 84 -44.83 -2.67 10.15
CA HIS A 84 -46.18 -2.68 10.66
C HIS A 84 -46.32 -1.88 11.96
N GLY A 85 -45.29 -1.90 12.79
CA GLY A 85 -45.28 -1.08 14.00
C GLY A 85 -46.03 -1.68 15.16
N ASP A 86 -46.26 -0.85 16.17
CA ASP A 86 -46.97 -1.22 17.39
C ASP A 86 -48.13 -0.26 17.62
N MET A 87 -48.94 -0.09 16.59
CA MET A 87 -50.11 0.79 16.64
C MET A 87 -51.10 0.34 17.70
N TYR A 88 -51.52 1.28 18.54
CA TYR A 88 -52.61 1.10 19.49
C TYR A 88 -53.66 2.18 19.26
N VAL A 89 -54.70 2.16 20.09
CA VAL A 89 -55.78 3.14 20.03
C VAL A 89 -56.51 3.12 21.37
N TYR A 90 -56.90 4.30 21.84
CA TYR A 90 -57.65 4.44 23.07
C TYR A 90 -59.15 4.46 22.79
N SER A 91 -59.94 4.43 23.87
CA SER A 91 -61.39 4.45 23.77
C SER A 91 -61.96 4.99 25.07
N ALA A 92 -63.26 5.26 25.06
CA ALA A 92 -63.97 5.70 26.25
C ALA A 92 -64.49 4.51 27.03
N GLY A 93 -64.81 4.74 28.30
CA GLY A 93 -65.31 3.70 29.17
C GLY A 93 -66.78 3.44 28.98
N HIS A 94 -67.31 2.53 29.80
CA HIS A 94 -68.74 2.24 29.78
C HIS A 94 -69.53 3.44 30.28
N ALA A 95 -70.75 3.56 29.76
CA ALA A 95 -71.64 4.66 30.10
C ALA A 95 -73.04 4.31 29.62
N THR A 96 -74.03 4.71 30.41
CA THR A 96 -75.43 4.61 30.03
C THR A 96 -76.09 5.96 30.31
N GLY A 97 -76.48 6.66 29.26
CA GLY A 97 -77.03 7.99 29.43
C GLY A 97 -75.98 8.98 29.86
N THR A 98 -76.03 9.37 31.14
CA THR A 98 -75.09 10.31 31.73
C THR A 98 -74.35 9.69 32.91
N THR A 99 -73.90 8.45 32.76
CA THR A 99 -73.31 7.72 33.87
C THR A 99 -71.86 7.36 33.59
N PRO A 100 -70.88 7.91 34.30
CA PRO A 100 -69.50 7.42 34.17
C PRO A 100 -69.34 6.07 34.86
N GLN A 101 -69.31 5.01 34.07
CA GLN A 101 -69.33 3.64 34.57
C GLN A 101 -67.93 3.05 34.62
N LYS A 102 -67.88 1.72 34.78
CA LYS A 102 -66.64 0.94 34.72
C LYS A 102 -65.88 1.24 33.42
N LEU A 103 -64.55 1.17 33.50
CA LEU A 103 -63.69 1.61 32.41
C LEU A 103 -63.76 0.66 31.22
N PHE A 104 -62.98 0.96 30.19
CA PHE A 104 -62.95 0.12 28.99
C PHE A 104 -61.56 0.27 28.37
N VAL A 105 -60.64 -0.62 28.76
CA VAL A 105 -59.24 -0.55 28.38
C VAL A 105 -58.76 -1.95 27.99
N ALA A 106 -57.47 -2.05 27.71
CA ALA A 106 -56.81 -3.28 27.28
C ALA A 106 -55.85 -3.75 28.36
N ASN A 107 -55.11 -4.81 28.04
CA ASN A 107 -54.17 -5.44 28.97
C ASN A 107 -52.74 -5.00 28.73
N TYR A 108 -52.56 -3.71 28.40
CA TYR A 108 -51.23 -3.18 28.12
C TYR A 108 -50.33 -3.22 29.36
N SER A 109 -50.91 -3.07 30.55
CA SER A 109 -50.11 -3.03 31.77
C SER A 109 -49.41 -4.36 32.04
N GLN A 110 -50.04 -5.47 31.69
CA GLN A 110 -49.43 -6.79 31.83
C GLN A 110 -48.39 -7.05 30.76
N ASP A 111 -48.28 -6.16 29.79
CA ASP A 111 -47.39 -6.33 28.66
C ASP A 111 -46.24 -5.35 28.79
N VAL A 112 -45.09 -5.73 28.25
CA VAL A 112 -43.90 -4.88 28.29
C VAL A 112 -43.02 -5.26 27.11
N LYS A 113 -42.26 -4.29 26.61
CA LYS A 113 -41.32 -4.52 25.54
C LYS A 113 -39.99 -3.84 25.89
N GLN A 114 -38.91 -4.37 25.31
CA GLN A 114 -37.59 -3.79 25.47
C GLN A 114 -37.53 -2.38 24.89
N PHE A 115 -36.94 -1.47 25.66
CA PHE A 115 -36.80 -0.08 25.22
C PHE A 115 -35.97 0.04 23.95
N ALA A 116 -34.94 -0.80 23.83
CA ALA A 116 -34.07 -0.91 22.65
C ALA A 116 -33.42 0.45 22.44
N ASN A 117 -33.50 1.04 21.25
CA ASN A 117 -32.81 2.28 20.94
C ASN A 117 -33.74 3.47 20.92
N GLY A 118 -34.82 3.43 21.70
CA GLY A 118 -35.83 4.45 21.59
C GLY A 118 -36.73 4.18 20.40
N PHE A 119 -37.74 5.03 20.25
CA PHE A 119 -38.70 4.79 19.17
C PHE A 119 -39.41 6.10 18.82
N VAL A 120 -40.41 5.98 17.96
CA VAL A 120 -41.22 7.11 17.54
C VAL A 120 -42.70 6.72 17.64
N VAL A 121 -43.55 7.74 17.72
CA VAL A 121 -45.00 7.59 17.73
C VAL A 121 -45.59 8.53 16.69
N ARG A 122 -46.34 7.97 15.75
CA ARG A 122 -47.17 8.76 14.85
C ARG A 122 -48.50 9.08 15.54
N ILE A 123 -48.84 10.36 15.60
CA ILE A 123 -50.01 10.86 16.30
C ILE A 123 -50.91 11.55 15.29
N GLY A 124 -52.19 11.18 15.28
CA GLY A 124 -53.17 11.88 14.50
C GLY A 124 -53.40 11.32 13.11
N ALA A 125 -53.05 10.06 12.88
CA ALA A 125 -53.23 9.47 11.57
C ALA A 125 -54.69 9.13 11.25
N ALA A 126 -55.56 9.10 12.26
CA ALA A 126 -56.95 8.73 12.04
C ALA A 126 -57.91 9.90 12.10
N ALA A 127 -57.45 11.11 12.40
CA ALA A 127 -58.33 12.24 12.62
C ALA A 127 -58.91 12.75 11.30
N ASN A 128 -59.59 13.90 11.38
CA ASN A 128 -60.24 14.59 10.26
C ASN A 128 -61.37 13.80 9.63
N SER A 129 -61.83 12.71 10.25
CA SER A 129 -62.81 11.86 9.59
C SER A 129 -63.61 11.10 10.64
N THR A 130 -64.70 10.50 10.19
CA THR A 130 -65.60 9.73 11.03
C THR A 130 -65.22 8.27 11.00
N GLY A 131 -64.99 7.68 12.17
CA GLY A 131 -64.61 6.28 12.26
C GLY A 131 -65.35 5.58 13.38
N THR A 132 -65.14 4.27 13.44
CA THR A 132 -65.93 3.41 14.31
C THR A 132 -65.63 3.68 15.78
N VAL A 133 -66.58 3.30 16.62
CA VAL A 133 -66.45 3.39 18.07
C VAL A 133 -66.09 2.00 18.60
N ILE A 134 -65.07 1.93 19.46
CA ILE A 134 -64.57 0.64 19.89
C ILE A 134 -65.56 -0.05 20.83
N ILE A 135 -66.09 0.70 21.80
CA ILE A 135 -66.99 0.10 22.77
C ILE A 135 -68.36 -0.16 22.14
N SER A 136 -68.74 0.60 21.11
CA SER A 136 -69.99 0.39 20.38
C SER A 136 -69.63 0.24 18.91
N PRO A 137 -69.36 -0.99 18.46
CA PRO A 137 -68.86 -1.20 17.09
C PRO A 137 -69.81 -0.73 15.99
N SER A 138 -71.11 -0.83 16.19
CA SER A 138 -72.06 -0.31 15.21
C SER A 138 -71.99 1.21 15.13
N THR A 139 -71.86 1.87 16.28
CA THR A 139 -71.78 3.32 16.32
C THR A 139 -70.44 3.79 15.75
N SER A 140 -70.49 4.85 14.96
CA SER A 140 -69.29 5.52 14.49
C SER A 140 -69.41 7.01 14.80
N ALA A 141 -68.33 7.59 15.28
CA ALA A 141 -68.31 8.99 15.70
C ALA A 141 -67.14 9.70 15.04
N THR A 142 -67.06 11.00 15.27
CA THR A 142 -65.96 11.80 14.74
C THR A 142 -64.68 11.47 15.49
N ILE A 143 -63.62 11.21 14.74
CA ILE A 143 -62.35 10.83 15.35
C ILE A 143 -61.61 12.07 15.83
N ARG A 144 -61.32 12.11 17.13
CA ARG A 144 -60.52 13.16 17.75
C ARG A 144 -59.20 12.55 18.17
N LYS A 145 -58.10 13.21 17.81
CA LYS A 145 -56.78 12.67 18.12
C LYS A 145 -56.52 12.74 19.62
N ILE A 146 -55.67 11.82 20.09
CA ILE A 146 -55.35 11.70 21.50
C ILE A 146 -53.82 11.65 21.63
N TYR A 147 -53.35 11.90 22.84
CA TYR A 147 -51.91 11.93 23.11
C TYR A 147 -51.64 11.02 24.30
N PRO A 148 -50.87 9.95 24.13
CA PRO A 148 -50.76 8.93 25.17
C PRO A 148 -49.62 9.19 26.14
N ALA A 149 -49.71 8.51 27.29
CA ALA A 149 -48.77 8.65 28.39
C ALA A 149 -47.86 7.44 28.46
N PHE A 150 -46.58 7.67 28.74
CA PHE A 150 -45.56 6.64 28.62
C PHE A 150 -44.79 6.52 29.93
N MET A 151 -44.63 5.29 30.41
CA MET A 151 -43.84 5.03 31.61
C MET A 151 -42.69 4.12 31.25
N LEU A 152 -41.51 4.43 31.77
CA LEU A 152 -40.29 3.80 31.30
C LEU A 152 -39.32 3.64 32.48
N GLY A 153 -38.52 2.58 32.42
CA GLY A 153 -37.59 2.28 33.49
C GLY A 153 -36.65 1.15 33.12
N SER A 154 -36.18 0.40 34.12
CA SER A 154 -35.34 -0.77 33.85
C SER A 154 -35.66 -1.99 34.69
N SER A 155 -36.38 -1.87 35.81
CA SER A 155 -36.61 -2.98 36.73
C SER A 155 -38.10 -3.24 36.85
N VAL A 156 -38.52 -4.44 36.46
CA VAL A 156 -39.93 -4.78 36.34
C VAL A 156 -40.20 -6.03 37.18
N GLY A 157 -41.33 -6.03 37.90
CA GLY A 157 -41.77 -7.19 38.65
C GLY A 157 -43.22 -7.50 38.34
N ASN A 158 -43.78 -8.42 39.12
CA ASN A 158 -45.17 -8.80 38.96
C ASN A 158 -46.05 -7.95 39.87
N PHE A 159 -47.29 -7.76 39.44
CA PHE A 159 -48.26 -6.96 40.20
C PHE A 159 -48.70 -7.70 41.45
N SER A 160 -49.56 -7.06 42.24
CA SER A 160 -50.01 -7.67 43.50
C SER A 160 -50.86 -8.91 43.26
N ASP A 161 -51.56 -8.97 42.14
CA ASP A 161 -52.28 -10.17 41.75
C ASP A 161 -51.39 -11.18 41.04
N GLY A 162 -50.09 -10.88 40.92
CA GLY A 162 -49.14 -11.77 40.30
C GLY A 162 -48.90 -11.52 38.83
N LYS A 163 -49.72 -10.68 38.19
CA LYS A 163 -49.52 -10.39 36.78
C LYS A 163 -48.26 -9.56 36.59
N MET A 164 -47.48 -9.90 35.56
CA MET A 164 -46.18 -9.28 35.37
C MET A 164 -46.34 -7.84 34.90
N GLY A 165 -45.50 -6.95 35.42
CA GLY A 165 -45.54 -5.58 34.98
C GLY A 165 -45.26 -4.51 36.01
N ARG A 166 -45.11 -4.89 37.28
CA ARG A 166 -44.85 -3.91 38.32
C ARG A 166 -43.43 -3.37 38.20
N PHE A 167 -43.30 -2.13 37.77
CA PHE A 167 -41.99 -1.50 37.66
C PHE A 167 -41.43 -1.24 39.05
N PHE A 168 -40.11 -1.32 39.16
CA PHE A 168 -39.43 -1.13 40.43
C PHE A 168 -38.60 0.14 40.38
N ASN A 169 -38.31 0.64 41.59
CA ASN A 169 -37.67 1.91 41.92
C ASN A 169 -37.98 3.06 40.96
N HIS A 170 -36.96 3.69 40.41
CA HIS A 170 -37.02 5.07 39.98
C HIS A 170 -37.23 5.15 38.47
N THR A 171 -38.41 5.62 38.06
CA THR A 171 -38.89 5.49 36.69
C THR A 171 -39.49 6.80 36.20
N LEU A 172 -39.57 6.96 34.89
CA LEU A 172 -40.01 8.22 34.28
C LEU A 172 -41.37 8.05 33.62
N VAL A 173 -42.22 9.05 33.79
CA VAL A 173 -43.54 9.08 33.16
C VAL A 173 -43.71 10.41 32.45
N LEU A 174 -44.09 10.34 31.18
CA LEU A 174 -44.60 11.46 30.43
C LEU A 174 -46.12 11.33 30.39
N LEU A 175 -46.83 12.45 30.57
CA LEU A 175 -48.28 12.36 30.54
C LEU A 175 -48.87 13.64 29.95
N PRO A 176 -49.60 13.54 28.85
CA PRO A 176 -50.33 14.69 28.33
C PRO A 176 -51.63 14.88 29.10
N ASP A 177 -51.95 16.14 29.36
CA ASP A 177 -53.10 16.50 30.18
C ASP A 177 -53.77 17.73 29.59
N GLY A 178 -54.89 18.11 30.19
CA GLY A 178 -55.64 19.27 29.73
C GLY A 178 -56.25 19.12 28.36
N CYS A 179 -56.81 17.93 28.07
CA CYS A 179 -57.38 17.59 26.76
C CYS A 179 -56.35 17.80 25.65
N GLY A 180 -55.10 17.43 25.92
CA GLY A 180 -54.04 17.51 24.94
C GLY A 180 -53.18 18.75 24.98
N THR A 181 -53.29 19.57 26.03
CA THR A 181 -52.56 20.84 26.04
C THR A 181 -51.20 20.72 26.73
N LEU A 182 -51.17 20.21 27.95
CA LEU A 182 -49.94 20.18 28.75
C LEU A 182 -49.27 18.82 28.65
N LEU A 183 -47.99 18.80 29.00
CA LEU A 183 -47.09 17.68 28.72
C LEU A 183 -46.28 17.32 29.96
N ARG A 184 -46.96 17.08 31.08
CA ARG A 184 -46.27 16.99 32.37
C ARG A 184 -45.46 15.70 32.45
N ALA A 185 -44.15 15.84 32.64
CA ALA A 185 -43.25 14.71 32.61
C ALA A 185 -42.33 14.76 33.82
N PHE A 186 -41.91 13.58 34.26
CA PHE A 186 -41.08 13.48 35.45
C PHE A 186 -40.33 12.16 35.43
N TYR A 187 -39.38 12.04 36.35
CA TYR A 187 -38.57 10.84 36.56
C TYR A 187 -38.46 10.72 38.07
N CYS A 188 -39.36 9.96 38.68
CA CYS A 188 -39.56 9.94 40.12
C CYS A 188 -39.92 8.52 40.54
N ILE A 189 -40.48 8.35 41.75
CA ILE A 189 -40.79 7.04 42.30
C ILE A 189 -42.30 6.84 42.31
N LEU A 190 -42.79 5.98 41.44
CA LEU A 190 -44.21 5.65 41.45
C LEU A 190 -44.52 4.79 42.67
N GLU A 191 -45.77 4.83 43.12
CA GLU A 191 -46.21 3.89 44.13
C GLU A 191 -47.63 3.46 43.76
N PRO A 192 -47.90 2.17 43.67
CA PRO A 192 -49.27 1.72 43.41
C PRO A 192 -50.14 1.88 44.63
N ARG A 193 -51.44 2.08 44.40
CA ARG A 193 -52.38 2.08 45.50
C ARG A 193 -52.81 0.65 45.82
N SER A 194 -53.14 0.42 47.08
CA SER A 194 -53.40 -0.93 47.59
C SER A 194 -54.85 -1.12 48.03
N GLY A 195 -55.76 -0.28 47.57
CA GLY A 195 -57.16 -0.39 47.90
C GLY A 195 -57.94 -1.23 46.90
N ASN A 196 -59.23 -0.96 46.82
CA ASN A 196 -60.10 -1.70 45.92
C ASN A 196 -59.83 -1.29 44.47
N HIS A 197 -59.66 -2.29 43.60
CA HIS A 197 -59.43 -2.14 42.16
C HIS A 197 -58.17 -1.33 41.85
N CYS A 198 -57.27 -1.21 42.81
CA CYS A 198 -56.02 -0.49 42.92
C CYS A 198 -54.84 -1.42 42.71
N PRO A 199 -53.75 -0.93 42.09
CA PRO A 199 -52.73 -1.84 41.55
C PRO A 199 -52.03 -2.70 42.59
N ALA A 200 -51.88 -2.24 43.82
CA ALA A 200 -51.34 -3.07 44.89
C ALA A 200 -52.43 -3.70 45.73
N GLY A 201 -53.70 -3.55 45.34
CA GLY A 201 -54.80 -4.06 46.13
C GLY A 201 -55.70 -5.04 45.43
N ASN A 202 -56.81 -5.40 46.07
CA ASN A 202 -57.68 -6.46 45.59
C ASN A 202 -58.54 -6.01 44.42
N SER A 203 -59.11 -7.01 43.74
CA SER A 203 -60.07 -6.83 42.64
C SER A 203 -59.47 -5.98 41.52
N TYR A 204 -58.19 -6.19 41.25
CA TYR A 204 -57.40 -5.36 40.37
C TYR A 204 -57.01 -6.13 39.13
N THR A 205 -57.28 -5.55 37.97
CA THR A 205 -56.89 -6.13 36.68
C THR A 205 -55.81 -5.29 36.00
N SER A 206 -56.09 -4.01 35.78
CA SER A 206 -55.12 -3.09 35.22
C SER A 206 -55.35 -1.72 35.86
N PHE A 207 -54.73 -0.70 35.28
CA PHE A 207 -54.89 0.67 35.73
C PHE A 207 -55.02 1.58 34.50
N ALA A 208 -55.69 2.71 34.68
CA ALA A 208 -55.86 3.62 33.57
C ALA A 208 -56.03 5.04 34.10
N THR A 209 -55.71 6.00 33.25
CA THR A 209 -55.97 7.40 33.56
C THR A 209 -57.24 7.82 32.84
N TYR A 210 -58.27 8.15 33.61
CA TYR A 210 -59.56 8.47 33.02
C TYR A 210 -59.64 9.96 32.68
N HIS A 211 -60.49 10.27 31.71
CA HIS A 211 -60.64 11.61 31.18
C HIS A 211 -62.12 11.96 31.27
N THR A 212 -62.43 13.07 31.96
CA THR A 212 -63.81 13.47 32.13
C THR A 212 -64.11 14.64 31.17
N PRO A 213 -64.63 14.39 29.97
CA PRO A 213 -64.67 15.45 28.95
C PRO A 213 -65.76 16.48 29.17
N ALA A 214 -66.82 16.16 29.91
CA ALA A 214 -67.85 17.15 30.20
C ALA A 214 -67.36 18.22 31.16
N THR A 215 -66.27 17.96 31.88
CA THR A 215 -65.66 18.90 32.80
C THR A 215 -64.31 19.41 32.31
N ASP A 216 -63.44 18.50 31.87
CA ASP A 216 -62.07 18.85 31.52
C ASP A 216 -61.99 19.60 30.19
N CYS A 217 -62.72 19.12 29.17
CA CYS A 217 -62.59 19.67 27.82
C CYS A 217 -63.53 20.83 27.55
N SER A 218 -63.90 21.59 28.58
CA SER A 218 -64.58 22.85 28.36
C SER A 218 -63.55 23.93 28.04
N ASP A 219 -64.03 25.17 27.85
CA ASP A 219 -63.14 26.26 27.48
C ASP A 219 -62.31 26.71 28.66
N GLY A 220 -60.99 26.61 28.53
CA GLY A 220 -60.12 26.88 29.67
C GLY A 220 -60.23 25.76 30.68
N ASN A 221 -60.53 26.12 31.93
CA ASN A 221 -60.82 25.20 33.02
C ASN A 221 -59.68 24.22 33.28
N TYR A 222 -59.77 23.03 32.68
CA TYR A 222 -58.79 21.94 32.69
C TYR A 222 -58.64 21.26 34.04
N ASN A 223 -59.36 21.70 35.07
CA ASN A 223 -59.48 21.00 36.36
C ASN A 223 -58.12 20.79 37.03
N ARG A 224 -57.18 21.70 36.75
CA ARG A 224 -55.81 21.66 37.28
C ARG A 224 -55.15 20.31 36.96
N ASN A 225 -55.12 20.00 35.65
CA ASN A 225 -54.53 18.76 35.14
C ASN A 225 -55.16 17.52 35.75
N ALA A 226 -56.45 17.31 35.46
CA ALA A 226 -57.22 16.25 36.11
C ALA A 226 -56.77 14.85 35.74
N SER A 227 -56.07 14.67 34.62
CA SER A 227 -55.58 13.34 34.28
C SER A 227 -54.40 12.92 35.15
N LEU A 228 -53.59 13.89 35.59
CA LEU A 228 -52.58 13.60 36.60
C LEU A 228 -53.23 13.19 37.91
N ASN A 229 -54.35 13.83 38.26
CA ASN A 229 -55.15 13.37 39.39
C ASN A 229 -55.69 11.97 39.16
N SER A 230 -56.09 11.68 37.92
CA SER A 230 -56.66 10.39 37.58
C SER A 230 -55.62 9.28 37.71
N PHE A 231 -54.40 9.55 37.28
CA PHE A 231 -53.29 8.65 37.57
C PHE A 231 -53.04 8.58 39.07
N LYS A 232 -53.11 9.74 39.73
CA LYS A 232 -52.97 9.83 41.18
C LYS A 232 -54.14 9.20 41.91
N GLU A 233 -55.25 8.94 41.22
CA GLU A 233 -56.32 8.13 41.80
C GLU A 233 -55.96 6.66 41.82
N TYR A 234 -54.91 6.26 41.08
CA TYR A 234 -54.42 4.90 41.07
C TYR A 234 -53.05 4.76 41.72
N PHE A 235 -52.26 5.84 41.78
CA PHE A 235 -50.90 5.78 42.24
C PHE A 235 -50.64 6.98 43.13
N ASN A 236 -49.39 7.10 43.59
CA ASN A 236 -48.87 8.37 44.10
C ASN A 236 -47.39 8.43 43.76
N LEU A 237 -46.74 9.50 44.22
CA LEU A 237 -45.39 9.83 43.77
C LEU A 237 -44.51 10.15 44.96
N ARG A 238 -43.25 9.69 44.92
CA ARG A 238 -42.30 9.90 46.00
C ARG A 238 -40.90 10.15 45.44
N ASN A 239 -40.05 10.71 46.32
CA ASN A 239 -38.61 10.96 46.12
C ASN A 239 -38.33 11.54 44.73
N CYS A 240 -39.05 12.61 44.43
CA CYS A 240 -39.23 13.08 43.07
C CYS A 240 -38.11 14.03 42.69
N THR A 241 -37.46 13.73 41.55
CA THR A 241 -36.41 14.61 41.05
C THR A 241 -37.01 15.93 40.56
N PHE A 242 -38.07 15.85 39.75
CA PHE A 242 -38.66 17.04 39.17
C PHE A 242 -40.09 16.75 38.75
N MET A 243 -40.79 17.81 38.36
CA MET A 243 -42.11 17.72 37.74
C MET A 243 -42.12 18.73 36.60
N TYR A 244 -41.79 18.27 35.39
CA TYR A 244 -41.48 19.17 34.29
C TYR A 244 -42.74 19.50 33.50
N THR A 245 -42.89 20.77 33.16
CA THR A 245 -44.10 21.32 32.58
C THR A 245 -43.83 21.79 31.16
N TYR A 246 -44.71 21.43 30.23
CA TYR A 246 -44.57 21.84 28.83
C TYR A 246 -45.94 22.12 28.23
N ASN A 247 -45.96 23.06 27.29
CA ASN A 247 -47.18 23.52 26.62
C ASN A 247 -47.18 23.06 25.17
N ILE A 248 -48.40 22.94 24.62
CA ILE A 248 -48.57 22.70 23.19
C ILE A 248 -49.96 23.19 22.80
N THR A 249 -50.15 23.43 21.51
CA THR A 249 -51.45 23.83 21.00
C THR A 249 -52.19 22.59 20.50
N GLU A 250 -53.43 22.79 20.05
CA GLU A 250 -54.29 21.71 19.60
C GLU A 250 -54.55 21.85 18.11
N ASP A 251 -54.69 20.71 17.44
CA ASP A 251 -54.85 20.71 15.99
C ASP A 251 -55.51 19.41 15.56
N GLU A 252 -55.80 19.29 14.27
CA GLU A 252 -56.26 18.06 13.64
C GLU A 252 -55.34 17.71 12.48
N ILE A 253 -54.05 17.99 12.64
CA ILE A 253 -53.04 17.76 11.63
C ILE A 253 -52.10 16.68 12.16
N LEU A 254 -51.65 15.82 11.25
CA LEU A 254 -50.78 14.69 11.63
C LEU A 254 -49.46 15.19 12.19
N GLU A 255 -48.87 14.37 13.06
CA GLU A 255 -47.65 14.76 13.74
C GLU A 255 -46.90 13.52 14.20
N TRP A 256 -45.68 13.73 14.68
CA TRP A 256 -44.83 12.66 15.18
C TRP A 256 -44.25 13.07 16.53
N PHE A 257 -43.72 12.08 17.24
CA PHE A 257 -42.99 12.31 18.47
C PHE A 257 -41.84 11.33 18.55
N GLY A 258 -40.70 11.77 19.03
CA GLY A 258 -39.53 10.92 19.12
C GLY A 258 -38.96 10.82 20.52
N ILE A 259 -38.64 9.58 20.91
CA ILE A 259 -37.96 9.27 22.17
C ILE A 259 -36.66 8.55 21.89
N THR A 260 -35.58 8.98 22.55
CA THR A 260 -34.37 8.17 22.56
C THR A 260 -33.59 8.44 23.84
N GLN A 261 -32.63 7.56 24.09
CA GLN A 261 -31.72 7.66 25.22
C GLN A 261 -30.29 7.74 24.70
N THR A 262 -29.49 8.62 25.30
CA THR A 262 -28.09 8.74 24.95
C THR A 262 -27.40 9.05 26.28
N ALA A 263 -26.06 8.91 26.31
CA ALA A 263 -25.32 9.00 27.56
C ALA A 263 -25.46 10.36 28.23
N GLN A 264 -25.67 11.43 27.46
CA GLN A 264 -25.90 12.73 28.08
C GLN A 264 -27.30 12.85 28.67
N GLY A 265 -28.27 12.11 28.14
CA GLY A 265 -29.61 12.19 28.68
C GLY A 265 -30.64 11.64 27.70
N VAL A 266 -31.89 11.88 28.04
CA VAL A 266 -33.03 11.36 27.29
C VAL A 266 -33.53 12.43 26.34
N HIS A 267 -33.39 12.18 25.04
CA HIS A 267 -33.74 13.18 24.04
C HIS A 267 -35.19 13.03 23.64
N LEU A 268 -35.92 14.15 23.69
CA LEU A 268 -37.31 14.25 23.29
C LEU A 268 -37.42 15.17 22.09
N PHE A 269 -38.05 14.66 21.03
CA PHE A 269 -38.10 15.23 19.70
C PHE A 269 -39.55 15.53 19.34
N SER A 270 -39.79 16.75 18.86
CA SER A 270 -41.13 17.12 18.40
C SER A 270 -41.03 18.04 17.20
N SER A 271 -41.93 17.83 16.25
CA SER A 271 -42.04 18.68 15.07
C SER A 271 -43.11 19.75 15.23
N ARG A 272 -43.78 19.79 16.38
CA ARG A 272 -44.80 20.80 16.60
C ARG A 272 -44.19 22.18 16.78
N TYR A 273 -42.90 22.25 17.08
CA TYR A 273 -42.27 23.54 17.32
C TYR A 273 -42.14 24.36 16.04
N VAL A 274 -41.66 23.74 14.94
CA VAL A 274 -41.43 24.44 13.69
C VAL A 274 -42.19 23.81 12.52
N ASP A 275 -42.12 22.49 12.39
CA ASP A 275 -42.61 21.85 11.18
C ASP A 275 -44.01 21.27 11.43
N LEU A 276 -44.96 22.18 11.58
CA LEU A 276 -46.35 21.78 11.74
C LEU A 276 -46.89 21.17 10.45
N TYR A 277 -46.53 21.75 9.31
CA TYR A 277 -47.12 21.36 8.04
C TYR A 277 -46.40 20.20 7.38
N GLY A 278 -45.17 19.89 7.78
CA GLY A 278 -44.39 18.79 7.26
C GLY A 278 -44.35 17.67 8.27
N GLY A 279 -43.28 17.61 9.06
CA GLY A 279 -43.13 16.60 10.08
C GLY A 279 -41.85 15.79 9.93
N ASN A 280 -40.91 16.11 10.80
CA ASN A 280 -39.60 15.52 10.95
C ASN A 280 -38.99 16.01 12.25
N MET A 281 -38.15 15.18 12.87
CA MET A 281 -38.01 15.21 14.32
C MET A 281 -36.86 16.13 14.71
N PHE A 282 -37.17 17.16 15.49
CA PHE A 282 -36.18 18.08 16.03
C PHE A 282 -36.23 18.02 17.54
N GLN A 283 -35.07 18.11 18.18
CA GLN A 283 -35.01 18.07 19.62
C GLN A 283 -35.57 19.34 20.23
N PHE A 284 -36.37 19.17 21.27
CA PHE A 284 -36.61 20.26 22.20
C PHE A 284 -36.16 19.94 23.60
N ALA A 285 -36.12 18.66 24.00
CA ALA A 285 -35.80 18.35 25.39
C ALA A 285 -34.65 17.36 25.48
N THR A 286 -33.81 17.54 26.50
CA THR A 286 -32.72 16.60 26.81
C THR A 286 -32.74 16.40 28.32
N LEU A 287 -33.40 15.35 28.75
CA LEU A 287 -33.63 15.11 30.16
C LEU A 287 -32.37 14.57 30.82
N PRO A 288 -31.98 15.12 31.97
CA PRO A 288 -30.76 14.68 32.68
C PRO A 288 -30.98 13.36 33.42
N VAL A 289 -30.83 12.26 32.69
CA VAL A 289 -30.97 10.95 33.29
C VAL A 289 -29.62 10.52 33.87
N TYR A 290 -29.67 9.61 34.83
CA TYR A 290 -28.46 9.07 35.45
C TYR A 290 -27.93 7.84 34.73
N ASP A 291 -28.82 6.92 34.37
CA ASP A 291 -28.40 5.68 33.71
C ASP A 291 -29.19 5.47 32.42
N THR A 292 -29.03 4.29 31.80
CA THR A 292 -29.68 3.96 30.54
C THR A 292 -30.83 3.01 30.82
N ILE A 293 -32.02 3.39 30.36
CA ILE A 293 -33.22 2.59 30.59
C ILE A 293 -33.26 1.40 29.66
N LYS A 294 -34.09 0.42 30.01
CA LYS A 294 -34.23 -0.79 29.20
C LYS A 294 -35.64 -1.35 29.11
N TYR A 295 -36.65 -0.69 29.65
CA TYR A 295 -38.02 -1.15 29.48
C TYR A 295 -38.97 0.03 29.33
N TYR A 296 -39.99 -0.16 28.51
CA TYR A 296 -41.03 0.83 28.31
C TYR A 296 -42.39 0.15 28.35
N SER A 297 -43.39 0.93 28.73
CA SER A 297 -44.78 0.49 28.64
C SER A 297 -45.66 1.72 28.58
N ILE A 298 -46.89 1.50 28.14
CA ILE A 298 -47.89 2.55 28.05
C ILE A 298 -48.70 2.54 29.34
N ILE A 299 -48.93 3.70 29.91
CA ILE A 299 -49.99 3.80 30.91
C ILE A 299 -51.29 3.75 30.13
N PRO A 300 -52.20 2.84 30.44
CA PRO A 300 -53.50 2.85 29.76
C PRO A 300 -54.29 4.09 30.13
N HIS A 301 -55.17 4.49 29.23
CA HIS A 301 -55.95 5.71 29.42
C HIS A 301 -57.28 5.60 28.70
N SER A 302 -58.36 5.92 29.42
CA SER A 302 -59.67 5.96 28.80
C SER A 302 -60.36 7.28 29.11
N ILE A 303 -61.61 7.40 28.69
CA ILE A 303 -62.36 8.65 28.79
C ILE A 303 -63.68 8.37 29.49
N ARG A 304 -64.02 9.18 30.50
CA ARG A 304 -65.31 9.10 31.17
C ARG A 304 -66.39 9.79 30.34
N SER A 305 -66.50 9.35 29.09
CA SER A 305 -67.44 9.94 28.15
C SER A 305 -68.80 9.29 28.33
N ILE A 306 -69.82 10.11 28.57
CA ILE A 306 -71.17 9.60 28.69
C ILE A 306 -71.65 9.11 27.32
N GLN A 307 -72.54 8.12 27.34
CA GLN A 307 -72.89 7.40 26.13
C GLN A 307 -73.66 8.28 25.16
N SER A 308 -74.37 9.28 25.67
CA SER A 308 -75.15 10.16 24.80
C SER A 308 -74.26 11.04 23.93
N ASP A 309 -73.04 11.32 24.36
CA ASP A 309 -72.17 12.24 23.62
C ASP A 309 -70.76 11.68 23.50
N ARG A 310 -70.66 10.41 23.09
CA ARG A 310 -69.35 9.80 22.93
C ARG A 310 -68.65 10.34 21.68
N LYS A 311 -67.31 10.23 21.68
CA LYS A 311 -66.47 10.73 20.62
C LYS A 311 -65.49 9.64 20.19
N ALA A 312 -65.29 9.49 18.89
CA ALA A 312 -64.31 8.54 18.40
C ALA A 312 -62.91 9.11 18.55
N TRP A 313 -61.92 8.22 18.55
CA TRP A 313 -60.54 8.57 18.84
C TRP A 313 -59.61 7.98 17.81
N ALA A 314 -58.41 8.55 17.74
CA ALA A 314 -57.44 8.19 16.71
C ALA A 314 -56.53 7.06 17.17
N ALA A 315 -55.97 6.37 16.20
CA ALA A 315 -55.10 5.23 16.43
C ALA A 315 -53.66 5.66 16.20
N PHE A 316 -52.89 5.77 17.28
CA PHE A 316 -51.51 6.19 17.19
C PHE A 316 -50.63 4.98 16.91
N TYR A 317 -49.53 5.24 16.20
CA TYR A 317 -48.64 4.18 15.73
C TYR A 317 -47.31 4.28 16.46
N VAL A 318 -46.74 3.12 16.80
CA VAL A 318 -45.47 3.06 17.53
C VAL A 318 -44.47 2.27 16.69
N TYR A 319 -43.32 2.88 16.42
CA TYR A 319 -42.31 2.26 15.57
C TYR A 319 -40.96 2.31 16.28
N LYS A 320 -40.37 1.13 16.51
CA LYS A 320 -39.06 1.02 17.13
C LYS A 320 -37.97 1.55 16.20
N LEU A 321 -36.83 1.93 16.80
CA LEU A 321 -35.68 2.42 16.05
C LEU A 321 -34.43 1.65 16.43
N GLN A 322 -33.49 1.59 15.47
CA GLN A 322 -32.26 0.83 15.66
C GLN A 322 -31.18 1.48 14.78
N PRO A 323 -29.86 1.21 15.05
CA PRO A 323 -28.92 1.90 14.15
C PRO A 323 -28.88 1.34 12.74
N LEU A 324 -29.04 2.21 11.75
CA LEU A 324 -28.97 1.79 10.35
C LEU A 324 -28.25 2.91 9.64
N THR A 325 -28.29 2.93 8.31
CA THR A 325 -27.70 4.05 7.56
C THR A 325 -28.65 4.49 6.46
N PHE A 326 -28.94 5.79 6.39
CA PHE A 326 -29.81 6.30 5.33
C PHE A 326 -29.04 7.20 4.39
N LEU A 327 -29.73 7.57 3.30
CA LEU A 327 -29.32 8.68 2.46
C LEU A 327 -30.41 9.72 2.50
N LEU A 328 -30.03 10.98 2.65
CA LEU A 328 -30.95 12.09 2.88
C LEU A 328 -30.84 13.09 1.74
N ASP A 329 -31.98 13.56 1.23
CA ASP A 329 -32.04 14.53 0.15
C ASP A 329 -32.65 15.81 0.70
N PHE A 330 -31.81 16.65 1.29
CA PHE A 330 -32.28 17.93 1.80
C PHE A 330 -32.55 18.88 0.65
N SER A 331 -33.71 19.50 0.67
CA SER A 331 -34.05 20.50 -0.33
C SER A 331 -33.41 21.83 0.06
N VAL A 332 -33.73 22.88 -0.69
CA VAL A 332 -33.16 24.20 -0.40
C VAL A 332 -33.67 24.72 0.94
N ASP A 333 -34.90 24.37 1.30
CA ASP A 333 -35.52 24.85 2.52
C ASP A 333 -34.84 24.33 3.78
N GLY A 334 -34.06 23.27 3.67
CA GLY A 334 -33.58 22.56 4.84
C GLY A 334 -34.53 21.53 5.37
N TYR A 335 -35.71 21.36 4.75
CA TYR A 335 -36.66 20.36 5.20
C TYR A 335 -36.37 19.01 4.56
N ILE A 336 -36.71 17.96 5.29
CA ILE A 336 -36.60 16.60 4.79
C ILE A 336 -37.86 16.29 4.00
N ARG A 337 -37.72 16.09 2.69
CA ARG A 337 -38.83 15.67 1.86
C ARG A 337 -38.56 14.36 1.14
N ARG A 338 -37.33 13.85 1.17
CA ARG A 338 -37.03 12.58 0.56
C ARG A 338 -35.80 11.96 1.22
N ALA A 339 -35.91 10.67 1.54
CA ALA A 339 -34.79 9.91 2.07
C ALA A 339 -34.91 8.48 1.55
N ILE A 340 -33.86 7.70 1.73
CA ILE A 340 -33.88 6.34 1.23
C ILE A 340 -33.08 5.45 2.17
N ASP A 341 -33.56 4.23 2.33
CA ASP A 341 -33.04 3.17 3.17
C ASP A 341 -31.79 2.56 2.53
N CYS A 342 -31.08 1.75 3.33
CA CYS A 342 -30.04 0.89 2.81
C CYS A 342 -30.31 -0.59 3.04
N GLY A 343 -30.92 -0.96 4.16
CA GLY A 343 -31.17 -2.33 4.53
C GLY A 343 -32.50 -2.91 4.10
N PHE A 344 -33.26 -2.19 3.28
CA PHE A 344 -34.55 -2.70 2.84
C PHE A 344 -34.38 -3.72 1.71
N ASN A 345 -33.82 -3.30 0.58
CA ASN A 345 -33.66 -4.21 -0.53
C ASN A 345 -32.31 -3.97 -1.18
N ASP A 346 -32.14 -4.57 -2.35
CA ASP A 346 -30.96 -4.32 -3.16
C ASP A 346 -30.86 -2.85 -3.56
N LEU A 347 -31.94 -2.32 -4.15
CA LEU A 347 -31.94 -0.97 -4.69
C LEU A 347 -31.70 0.07 -3.61
N SER A 348 -32.02 -0.28 -2.35
CA SER A 348 -31.73 0.58 -1.22
C SER A 348 -30.24 0.91 -1.13
N GLN A 349 -29.41 -0.11 -0.94
CA GLN A 349 -27.98 0.14 -0.87
C GLN A 349 -27.39 0.50 -2.22
N LEU A 350 -28.05 0.11 -3.33
CA LEU A 350 -27.57 0.53 -4.64
C LEU A 350 -27.67 2.04 -4.80
N HIS A 351 -28.78 2.63 -4.35
CA HIS A 351 -28.84 4.08 -4.28
C HIS A 351 -27.88 4.61 -3.23
N CYS A 352 -27.65 3.85 -2.16
CA CYS A 352 -26.63 4.23 -1.19
C CYS A 352 -25.23 4.00 -1.75
N SER A 353 -25.08 3.08 -2.70
CA SER A 353 -23.77 2.87 -3.33
C SER A 353 -23.36 4.08 -4.15
N TYR A 354 -24.31 4.67 -4.88
CA TYR A 354 -24.04 5.88 -5.64
C TYR A 354 -24.35 7.14 -4.85
N GLU A 355 -24.86 6.99 -3.62
CA GLU A 355 -25.21 8.10 -2.74
C GLU A 355 -26.20 9.05 -3.40
N SER A 356 -27.07 8.50 -4.25
CA SER A 356 -28.00 9.31 -5.03
C SER A 356 -29.25 8.49 -5.30
N PHE A 357 -30.40 9.18 -5.29
CA PHE A 357 -31.62 8.56 -5.78
C PHE A 357 -31.50 8.23 -7.25
N ASP A 358 -30.86 9.11 -8.00
CA ASP A 358 -30.74 8.93 -9.44
C ASP A 358 -29.64 7.93 -9.74
N VAL A 359 -30.04 6.74 -10.17
CA VAL A 359 -29.12 5.74 -10.71
C VAL A 359 -29.57 5.44 -12.13
N GLU A 360 -28.93 4.49 -12.79
CA GLU A 360 -29.31 4.17 -14.15
C GLU A 360 -29.30 2.65 -14.33
N SER A 361 -29.81 2.21 -15.47
CA SER A 361 -30.05 0.79 -15.71
C SER A 361 -28.74 0.00 -15.75
N GLY A 362 -28.68 -1.09 -15.00
CA GLY A 362 -27.43 -1.83 -14.97
C GLY A 362 -27.46 -3.20 -14.31
N VAL A 363 -26.75 -4.15 -14.89
CA VAL A 363 -26.57 -5.47 -14.29
C VAL A 363 -25.56 -5.33 -13.17
N TYR A 364 -26.04 -5.43 -11.94
CA TYR A 364 -25.25 -5.07 -10.76
C TYR A 364 -25.02 -6.30 -9.91
N SER A 365 -23.76 -6.51 -9.52
CA SER A 365 -23.40 -7.59 -8.64
C SER A 365 -23.74 -7.18 -7.21
N VAL A 366 -24.96 -7.46 -6.81
CA VAL A 366 -25.45 -7.12 -5.49
C VAL A 366 -24.86 -8.10 -4.49
N SER A 367 -24.88 -7.72 -3.21
CA SER A 367 -24.36 -8.54 -2.12
C SER A 367 -25.00 -9.92 -2.07
N SER A 368 -24.21 -10.94 -2.34
CA SER A 368 -24.71 -12.31 -2.39
C SER A 368 -24.93 -12.85 -0.98
N PHE A 369 -26.07 -13.48 -0.77
CA PHE A 369 -26.37 -13.99 0.55
C PHE A 369 -25.75 -15.38 0.75
N GLU A 370 -26.01 -15.96 1.91
CA GLU A 370 -25.52 -17.27 2.28
C GLU A 370 -26.70 -18.12 2.74
N ALA A 371 -26.68 -19.40 2.39
CA ALA A 371 -27.63 -20.33 3.00
C ALA A 371 -27.24 -20.58 4.45
N LYS A 372 -28.23 -20.88 5.27
CA LYS A 372 -27.98 -21.06 6.69
C LYS A 372 -27.24 -22.37 6.95
N PRO A 373 -26.24 -22.36 7.84
CA PRO A 373 -25.66 -23.63 8.28
C PRO A 373 -26.69 -24.49 8.99
N SER A 374 -26.58 -25.80 8.77
CA SER A 374 -27.62 -26.72 9.19
C SER A 374 -27.31 -27.42 10.51
N GLY A 375 -26.04 -27.53 10.89
CA GLY A 375 -25.72 -28.27 12.10
C GLY A 375 -24.23 -28.27 12.36
N SER A 376 -23.80 -29.27 13.13
CA SER A 376 -22.41 -29.33 13.56
C SER A 376 -22.04 -30.76 13.91
N VAL A 377 -20.73 -31.03 13.89
CA VAL A 377 -20.15 -32.28 14.33
C VAL A 377 -18.95 -31.96 15.23
N VAL A 378 -18.83 -32.67 16.35
CA VAL A 378 -17.75 -32.44 17.30
C VAL A 378 -17.04 -33.78 17.49
N GLU A 379 -16.04 -34.06 16.64
CA GLU A 379 -15.27 -35.29 16.74
C GLU A 379 -13.97 -35.26 15.95
N GLN A 380 -12.84 -35.46 16.63
CA GLN A 380 -11.63 -35.96 15.97
C GLN A 380 -10.96 -37.07 16.74
N ALA A 381 -11.21 -37.21 18.03
CA ALA A 381 -10.65 -38.29 18.85
C ALA A 381 -11.55 -38.39 20.06
N GLU A 382 -12.21 -39.54 20.22
CA GLU A 382 -13.22 -39.70 21.26
C GLU A 382 -12.60 -39.64 22.65
N GLY A 383 -13.30 -38.99 23.56
CA GLY A 383 -12.84 -38.90 24.93
C GLY A 383 -13.03 -40.20 25.69
N VAL A 384 -12.40 -40.25 26.86
CA VAL A 384 -12.50 -41.39 27.75
C VAL A 384 -13.63 -41.10 28.73
N GLU A 385 -14.19 -42.15 29.31
CA GLU A 385 -15.28 -42.02 30.27
C GLU A 385 -14.76 -42.16 31.69
N CYS A 386 -15.39 -41.41 32.61
CA CYS A 386 -15.08 -41.57 34.02
C CYS A 386 -15.64 -42.89 34.52
N ASP A 387 -14.77 -43.73 35.09
CA ASP A 387 -15.21 -45.02 35.58
C ASP A 387 -16.03 -44.85 36.85
N PHE A 388 -17.20 -45.49 36.90
CA PHE A 388 -18.06 -45.45 38.07
C PHE A 388 -18.11 -46.79 38.80
N SER A 389 -17.21 -47.72 38.44
CA SER A 389 -17.19 -49.03 39.11
C SER A 389 -16.84 -48.99 40.60
N PRO A 390 -15.72 -48.39 41.05
CA PRO A 390 -15.31 -48.62 42.45
C PRO A 390 -16.17 -47.91 43.49
N LEU A 391 -17.03 -46.97 43.09
CA LEU A 391 -17.96 -46.38 44.04
C LEU A 391 -18.97 -47.40 44.54
N LEU A 392 -19.49 -48.23 43.64
CA LEU A 392 -20.39 -49.31 44.00
C LEU A 392 -19.70 -50.66 44.15
N SER A 393 -18.37 -50.68 44.07
CA SER A 393 -17.59 -51.91 44.25
C SER A 393 -16.89 -51.86 45.60
N GLY A 394 -17.02 -52.94 46.36
CA GLY A 394 -16.38 -53.03 47.66
C GLY A 394 -17.17 -52.32 48.75
N THR A 395 -16.68 -52.47 49.97
CA THR A 395 -17.32 -51.85 51.12
C THR A 395 -17.08 -50.34 51.07
N PRO A 396 -18.13 -49.52 51.13
CA PRO A 396 -17.93 -48.08 51.29
C PRO A 396 -17.33 -47.77 52.65
N PRO A 397 -16.30 -46.94 52.70
CA PRO A 397 -15.63 -46.66 53.98
C PRO A 397 -16.45 -45.72 54.84
N GLN A 398 -15.88 -45.22 55.92
CA GLN A 398 -16.64 -44.31 56.75
C GLN A 398 -16.36 -42.86 56.36
N VAL A 399 -17.14 -41.96 56.98
CA VAL A 399 -17.18 -40.55 56.59
C VAL A 399 -15.86 -39.83 56.90
N TYR A 400 -15.01 -40.39 57.75
CA TYR A 400 -13.70 -39.82 58.03
C TYR A 400 -12.58 -40.45 57.23
N ASN A 401 -12.79 -41.65 56.69
CA ASN A 401 -11.85 -42.28 55.78
C ASN A 401 -12.47 -42.36 54.40
N PHE A 402 -13.10 -41.25 53.99
CA PHE A 402 -13.83 -41.16 52.74
C PHE A 402 -12.94 -41.49 51.54
N LYS A 403 -13.48 -42.27 50.61
CA LYS A 403 -12.71 -42.69 49.43
C LYS A 403 -12.78 -41.59 48.37
N ARG A 404 -11.61 -41.08 47.99
CA ARG A 404 -11.50 -39.98 47.04
C ARG A 404 -11.33 -40.53 45.63
N LEU A 405 -12.16 -40.04 44.71
CA LEU A 405 -11.97 -40.24 43.28
C LEU A 405 -11.96 -38.87 42.62
N VAL A 406 -10.84 -38.52 42.00
CA VAL A 406 -10.73 -37.29 41.23
C VAL A 406 -10.96 -37.63 39.77
N PHE A 407 -11.78 -36.82 39.10
CA PHE A 407 -12.13 -37.03 37.72
C PHE A 407 -11.86 -35.74 36.96
N THR A 408 -11.16 -35.89 35.84
CA THR A 408 -10.71 -34.79 35.00
C THR A 408 -10.40 -35.37 33.63
N ASN A 409 -10.92 -34.71 32.59
CA ASN A 409 -10.76 -35.14 31.20
C ASN A 409 -11.35 -36.54 30.97
N CYS A 410 -12.46 -36.83 31.64
CA CYS A 410 -13.19 -38.06 31.39
C CYS A 410 -14.68 -37.74 31.35
N ASN A 411 -15.45 -38.66 30.75
CA ASN A 411 -16.87 -38.51 30.59
C ASN A 411 -17.60 -39.17 31.74
N TYR A 412 -18.48 -38.42 32.40
CA TYR A 412 -19.29 -38.95 33.48
C TYR A 412 -20.76 -38.75 33.13
N ASN A 413 -21.61 -39.61 33.67
CA ASN A 413 -23.04 -39.53 33.40
C ASN A 413 -23.79 -40.05 34.61
N LEU A 414 -24.44 -39.14 35.34
CA LEU A 414 -25.23 -39.55 36.50
C LEU A 414 -26.48 -40.33 36.09
N THR A 415 -27.01 -40.09 34.89
CA THR A 415 -28.19 -40.83 34.45
C THR A 415 -27.91 -42.31 34.28
N LYS A 416 -26.66 -42.69 34.05
CA LYS A 416 -26.25 -44.08 34.09
C LYS A 416 -25.78 -44.50 35.48
N LEU A 417 -25.67 -43.56 36.42
CA LEU A 417 -25.27 -43.85 37.78
C LEU A 417 -26.43 -43.72 38.77
N LEU A 418 -27.25 -42.69 38.64
CA LEU A 418 -28.41 -42.51 39.50
C LEU A 418 -29.56 -43.44 39.15
N SER A 419 -29.48 -44.12 37.99
CA SER A 419 -30.52 -45.08 37.60
C SER A 419 -30.52 -46.33 38.48
N LEU A 420 -29.44 -46.57 39.22
CA LEU A 420 -29.36 -47.67 40.19
C LEU A 420 -29.32 -47.17 41.62
N PHE A 421 -29.82 -45.97 41.89
CA PHE A 421 -29.66 -45.32 43.18
C PHE A 421 -31.03 -45.07 43.81
N SER A 422 -31.20 -45.56 45.04
CA SER A 422 -32.35 -45.21 45.86
C SER A 422 -31.95 -44.09 46.82
N VAL A 423 -31.77 -42.91 46.24
CA VAL A 423 -31.26 -41.75 46.97
C VAL A 423 -32.34 -41.22 47.89
N ASN A 424 -31.99 -41.06 49.17
CA ASN A 424 -32.88 -40.45 50.15
C ASN A 424 -32.62 -38.96 50.34
N ASP A 425 -31.40 -38.60 50.72
CA ASP A 425 -31.00 -37.20 50.86
C ASP A 425 -30.30 -36.75 49.58
N PHE A 426 -30.74 -35.63 49.03
CA PHE A 426 -30.13 -35.08 47.82
C PHE A 426 -30.05 -33.57 48.01
N THR A 427 -28.95 -33.10 48.61
CA THR A 427 -28.76 -31.68 48.86
C THR A 427 -27.44 -31.26 48.25
N CYS A 428 -27.29 -29.95 48.04
CA CYS A 428 -26.05 -29.42 47.49
C CYS A 428 -25.75 -28.08 48.15
N SER A 429 -24.63 -28.03 48.87
CA SER A 429 -24.22 -26.82 49.58
C SER A 429 -23.60 -25.84 48.60
N GLN A 430 -24.12 -24.61 48.63
CA GLN A 430 -23.67 -23.46 47.85
C GLN A 430 -23.80 -23.66 46.34
N ILE A 431 -24.64 -24.59 45.91
CA ILE A 431 -24.80 -24.88 44.49
C ILE A 431 -26.12 -25.63 44.30
N SER A 432 -26.61 -25.65 43.07
CA SER A 432 -27.87 -26.31 42.77
C SER A 432 -27.72 -27.83 42.84
N PRO A 433 -28.76 -28.55 43.27
CA PRO A 433 -28.72 -30.02 43.22
C PRO A 433 -29.06 -30.59 41.85
N ALA A 434 -29.97 -29.93 41.13
CA ALA A 434 -30.52 -30.52 39.91
C ALA A 434 -29.51 -30.55 38.78
N ALA A 435 -28.72 -29.48 38.62
CA ALA A 435 -27.83 -29.33 37.48
C ALA A 435 -26.43 -29.83 37.75
N ILE A 436 -26.26 -30.79 38.66
CA ILE A 436 -24.92 -31.27 39.00
C ILE A 436 -24.31 -32.06 37.85
N ALA A 437 -25.11 -32.83 37.11
CA ALA A 437 -24.61 -33.62 36.00
C ALA A 437 -24.73 -32.90 34.66
N SER A 438 -25.24 -31.67 34.66
CA SER A 438 -25.53 -30.98 33.41
C SER A 438 -24.32 -30.23 32.87
N ASN A 439 -23.80 -29.28 33.64
CA ASN A 439 -22.77 -28.38 33.15
C ASN A 439 -21.41 -29.08 33.13
N CYS A 440 -20.48 -28.47 32.41
CA CYS A 440 -19.13 -29.01 32.26
C CYS A 440 -18.22 -28.32 33.28
N TYR A 441 -17.37 -29.11 33.92
CA TYR A 441 -16.51 -28.60 34.99
C TYR A 441 -15.06 -28.99 34.71
N SER A 442 -14.15 -28.23 35.32
CA SER A 442 -12.73 -28.52 35.18
C SER A 442 -12.34 -29.79 35.92
N SER A 443 -12.79 -29.93 37.18
CA SER A 443 -12.48 -31.12 37.95
C SER A 443 -13.69 -31.49 38.79
N LEU A 444 -13.79 -32.78 39.11
CA LEU A 444 -14.81 -33.27 40.02
C LEU A 444 -14.15 -34.22 41.00
N ILE A 445 -14.10 -33.82 42.28
CA ILE A 445 -13.59 -34.70 43.32
C ILE A 445 -14.77 -35.23 44.12
N LEU A 446 -14.88 -36.55 44.20
CA LEU A 446 -16.01 -37.21 44.82
C LEU A 446 -15.48 -38.15 45.88
N ASP A 447 -15.87 -37.91 47.13
CA ASP A 447 -15.53 -38.81 48.22
C ASP A 447 -16.77 -39.58 48.63
N TYR A 448 -16.71 -40.89 48.50
CA TYR A 448 -17.83 -41.75 48.87
C TYR A 448 -17.46 -42.54 50.12
N PHE A 449 -18.48 -42.78 50.95
CA PHE A 449 -18.30 -43.36 52.26
C PHE A 449 -19.63 -43.99 52.67
N SER A 450 -19.65 -44.61 53.84
CA SER A 450 -20.90 -45.14 54.40
C SER A 450 -21.49 -44.10 55.33
N TYR A 451 -22.72 -43.68 55.04
CA TYR A 451 -23.33 -42.65 55.88
C TYR A 451 -24.84 -42.86 56.00
N PRO A 452 -25.34 -43.11 57.19
CA PRO A 452 -26.78 -43.30 57.38
C PRO A 452 -27.55 -41.99 57.28
N LEU A 453 -28.85 -42.13 57.01
CA LEU A 453 -29.74 -40.97 56.98
C LEU A 453 -30.14 -40.51 58.37
N SER A 454 -29.81 -41.29 59.39
CA SER A 454 -30.10 -40.90 60.77
C SER A 454 -29.17 -39.77 61.24
N MET A 455 -27.98 -39.69 60.64
CA MET A 455 -27.00 -38.68 61.06
C MET A 455 -26.92 -37.57 60.03
N LYS A 456 -27.88 -37.54 59.11
CA LYS A 456 -27.87 -36.55 58.04
C LYS A 456 -27.60 -35.07 58.34
N SER A 457 -28.03 -34.56 59.49
CA SER A 457 -27.93 -33.12 59.70
C SER A 457 -26.52 -32.64 60.03
N ASP A 458 -25.62 -33.55 60.39
CA ASP A 458 -24.22 -33.20 60.63
C ASP A 458 -23.42 -33.04 59.34
N LEU A 459 -24.02 -33.32 58.19
CA LEU A 459 -23.32 -33.23 56.92
C LEU A 459 -22.94 -31.80 56.57
N SER A 460 -23.76 -30.83 56.99
CA SER A 460 -23.57 -29.44 56.56
C SER A 460 -22.34 -28.83 57.21
N VAL A 461 -21.80 -27.81 56.53
CA VAL A 461 -20.67 -27.05 57.07
C VAL A 461 -21.11 -26.26 58.29
N SER A 462 -22.35 -25.75 58.28
CA SER A 462 -22.88 -25.01 59.42
C SER A 462 -23.12 -25.88 60.64
N SER A 463 -23.11 -27.20 60.50
CA SER A 463 -23.24 -28.09 61.65
C SER A 463 -22.01 -28.00 62.54
N ALA A 464 -22.23 -28.13 63.85
CA ALA A 464 -21.15 -28.12 64.83
C ALA A 464 -20.90 -29.49 65.44
N GLY A 465 -21.46 -30.55 64.84
CA GLY A 465 -21.33 -31.88 65.38
C GLY A 465 -20.02 -32.53 65.00
N PRO A 466 -19.89 -33.83 65.31
CA PRO A 466 -18.64 -34.55 65.03
C PRO A 466 -18.20 -34.57 63.58
N ILE A 467 -19.14 -34.59 62.62
CA ILE A 467 -18.76 -34.75 61.22
C ILE A 467 -18.05 -33.51 60.71
N SER A 468 -18.61 -32.33 60.99
CA SER A 468 -17.96 -31.09 60.61
C SER A 468 -16.80 -30.72 61.52
N GLN A 469 -16.64 -31.42 62.64
CA GLN A 469 -15.52 -31.18 63.55
C GLN A 469 -14.28 -31.97 63.16
N PHE A 470 -14.41 -33.30 63.04
CA PHE A 470 -13.25 -34.16 62.91
C PHE A 470 -13.30 -35.14 61.75
N ASN A 471 -14.45 -35.34 61.11
CA ASN A 471 -14.59 -36.41 60.12
C ASN A 471 -14.44 -35.92 58.68
N TYR A 472 -15.28 -34.99 58.25
CA TYR A 472 -15.24 -34.52 56.88
C TYR A 472 -15.90 -33.16 56.78
N LYS A 473 -15.21 -32.21 56.17
CA LYS A 473 -15.74 -30.88 55.89
C LYS A 473 -15.66 -30.61 54.40
N GLN A 474 -16.74 -30.05 53.84
CA GLN A 474 -16.78 -29.75 52.42
C GLN A 474 -16.25 -28.35 52.14
N SER A 475 -16.00 -28.07 50.87
CA SER A 475 -15.35 -26.84 50.46
C SER A 475 -16.30 -25.66 50.53
N PHE A 476 -15.88 -24.59 51.21
CA PHE A 476 -16.67 -23.37 51.23
C PHE A 476 -16.53 -22.60 49.93
N SER A 477 -15.31 -22.47 49.41
CA SER A 477 -15.04 -21.68 48.22
C SER A 477 -15.35 -22.43 46.93
N ASN A 478 -15.73 -23.69 47.01
CA ASN A 478 -16.08 -24.48 45.84
C ASN A 478 -17.48 -25.05 46.02
N PRO A 479 -18.21 -25.24 44.92
CA PRO A 479 -19.55 -25.85 45.00
C PRO A 479 -19.48 -27.27 45.54
N THR A 480 -20.42 -27.59 46.44
CA THR A 480 -20.38 -28.87 47.12
C THR A 480 -21.75 -29.51 47.14
N CYS A 481 -21.78 -30.82 47.39
CA CYS A 481 -23.01 -31.59 47.33
C CYS A 481 -22.95 -32.76 48.32
N LEU A 482 -24.07 -33.03 48.97
CA LEU A 482 -24.22 -34.09 49.96
C LEU A 482 -25.37 -34.99 49.52
N ILE A 483 -25.06 -36.23 49.16
CA ILE A 483 -26.07 -37.18 48.67
C ILE A 483 -26.01 -38.43 49.54
N LEU A 484 -27.09 -38.72 50.25
CA LEU A 484 -27.21 -39.96 51.01
C LEU A 484 -28.17 -40.89 50.27
N ALA A 485 -27.66 -42.03 49.85
CA ALA A 485 -28.42 -43.02 49.11
C ALA A 485 -28.54 -44.30 49.93
N THR A 486 -29.47 -45.15 49.50
CA THR A 486 -29.70 -46.44 50.12
C THR A 486 -29.62 -47.52 49.04
N VAL A 487 -29.15 -48.69 49.43
CA VAL A 487 -29.00 -49.80 48.46
C VAL A 487 -30.38 -50.22 47.98
N PRO A 488 -30.60 -50.32 46.67
CA PRO A 488 -31.88 -50.86 46.17
C PRO A 488 -32.02 -52.34 46.50
N HIS A 489 -33.28 -52.79 46.49
CA HIS A 489 -33.59 -54.16 46.88
C HIS A 489 -32.97 -55.16 45.91
N ASN A 490 -33.05 -54.87 44.61
CA ASN A 490 -32.41 -55.71 43.60
C ASN A 490 -31.01 -55.21 43.26
N LEU A 491 -30.17 -55.04 44.29
CA LEU A 491 -28.79 -54.59 44.07
C LEU A 491 -27.92 -55.26 45.14
N THR A 492 -27.29 -56.37 44.77
CA THR A 492 -26.32 -57.04 45.62
C THR A 492 -24.89 -56.78 45.15
N THR A 493 -24.71 -55.86 44.19
CA THR A 493 -23.38 -55.59 43.66
C THR A 493 -22.50 -54.85 44.66
N ILE A 494 -23.08 -54.07 45.57
CA ILE A 494 -22.33 -53.41 46.61
C ILE A 494 -22.31 -54.31 47.84
N THR A 495 -21.31 -54.09 48.68
CA THR A 495 -21.23 -54.76 49.97
C THR A 495 -21.41 -53.72 51.07
N LYS A 496 -21.43 -54.20 52.31
CA LYS A 496 -21.75 -53.35 53.44
C LYS A 496 -20.65 -53.42 54.50
N PRO A 497 -20.41 -52.32 55.21
CA PRO A 497 -19.53 -52.37 56.38
C PRO A 497 -20.22 -53.06 57.54
N LEU A 498 -19.42 -53.31 58.59
CA LEU A 498 -19.97 -53.88 59.82
C LEU A 498 -20.94 -52.91 60.48
N LYS A 499 -20.57 -51.63 60.54
CA LYS A 499 -21.45 -50.58 61.03
C LYS A 499 -20.90 -49.24 60.54
N TYR A 500 -21.74 -48.21 60.63
CA TYR A 500 -21.26 -46.87 60.39
C TYR A 500 -20.45 -46.39 61.58
N SER A 501 -19.39 -45.63 61.32
CA SER A 501 -18.59 -45.10 62.41
C SER A 501 -18.08 -43.72 62.02
N TYR A 502 -17.78 -42.93 63.04
CA TYR A 502 -17.25 -41.59 62.86
C TYR A 502 -16.46 -41.24 64.10
N ILE A 503 -15.67 -40.17 64.00
CA ILE A 503 -14.82 -39.73 65.10
C ILE A 503 -15.56 -38.61 65.82
N ASN A 504 -16.09 -38.91 67.01
CA ASN A 504 -16.87 -37.89 67.70
C ASN A 504 -16.04 -37.04 68.62
N LYS A 505 -14.81 -37.44 68.93
CA LYS A 505 -13.92 -36.66 69.75
C LYS A 505 -12.52 -36.73 69.16
N CYS A 506 -11.84 -35.60 69.10
CA CYS A 506 -10.47 -35.49 68.61
C CYS A 506 -9.83 -34.27 69.24
N SER A 507 -8.78 -34.49 70.02
CA SER A 507 -8.06 -33.40 70.64
C SER A 507 -6.63 -33.83 70.89
N ARG A 508 -5.73 -32.85 70.88
CA ARG A 508 -4.32 -33.07 71.09
C ARG A 508 -3.96 -32.73 72.52
N LEU A 509 -3.34 -33.68 73.22
CA LEU A 509 -2.76 -33.43 74.52
C LEU A 509 -1.30 -33.07 74.31
N LEU A 510 -0.89 -31.92 74.85
CA LEU A 510 0.42 -31.35 74.53
C LEU A 510 1.53 -32.08 75.30
N SER A 511 2.76 -31.55 75.18
CA SER A 511 3.90 -32.15 75.86
C SER A 511 3.77 -32.02 77.37
N ASP A 512 3.29 -30.88 77.86
CA ASP A 512 3.08 -30.70 79.29
C ASP A 512 1.85 -31.45 79.79
N ASP A 513 1.02 -31.98 78.89
CA ASP A 513 -0.16 -32.79 79.20
C ASP A 513 -1.16 -32.01 80.05
N ARG A 514 -1.22 -30.69 79.84
CA ARG A 514 -2.15 -29.82 80.54
C ARG A 514 -3.01 -28.98 79.60
N THR A 515 -2.54 -28.70 78.38
CA THR A 515 -3.30 -27.93 77.40
C THR A 515 -3.85 -28.90 76.36
N GLU A 516 -5.17 -28.90 76.20
CA GLU A 516 -5.85 -29.76 75.26
C GLU A 516 -6.36 -28.91 74.10
N VAL A 517 -5.91 -29.22 72.89
CA VAL A 517 -6.23 -28.44 71.70
C VAL A 517 -7.19 -29.26 70.85
N PRO A 518 -8.47 -28.88 70.75
CA PRO A 518 -9.38 -29.58 69.83
C PRO A 518 -8.98 -29.35 68.38
N GLN A 519 -9.22 -30.37 67.56
CA GLN A 519 -8.84 -30.34 66.15
C GLN A 519 -10.03 -29.99 65.28
N LEU A 520 -9.72 -29.66 64.03
CA LEU A 520 -10.74 -29.32 63.04
C LEU A 520 -10.33 -29.87 61.69
N VAL A 521 -11.20 -30.68 61.09
CA VAL A 521 -10.98 -31.15 59.73
C VAL A 521 -11.28 -30.02 58.76
N ASN A 522 -10.38 -29.82 57.79
CA ASN A 522 -10.54 -28.73 56.85
C ASN A 522 -11.36 -29.19 55.65
N ALA A 523 -11.44 -28.32 54.63
CA ALA A 523 -12.27 -28.56 53.46
C ALA A 523 -11.74 -29.74 52.66
N ASN A 524 -12.46 -30.87 52.73
CA ASN A 524 -12.08 -32.13 52.07
C ASN A 524 -10.70 -32.61 52.50
N GLN A 525 -10.31 -32.32 53.74
CA GLN A 525 -9.02 -32.69 54.28
C GLN A 525 -9.19 -33.87 55.23
N TYR A 526 -8.08 -34.27 55.84
CA TYR A 526 -8.07 -35.39 56.78
C TYR A 526 -7.55 -34.91 58.13
N SER A 527 -8.34 -35.15 59.17
CA SER A 527 -7.89 -34.87 60.53
C SER A 527 -6.78 -35.84 60.92
N PRO A 528 -5.87 -35.45 61.82
CA PRO A 528 -4.88 -36.40 62.33
C PRO A 528 -5.50 -37.60 63.03
N CYS A 529 -6.64 -37.40 63.70
CA CYS A 529 -7.32 -38.50 64.38
C CYS A 529 -7.88 -39.53 63.41
N VAL A 530 -8.05 -39.17 62.13
CA VAL A 530 -8.38 -40.16 61.12
C VAL A 530 -7.28 -41.20 61.01
N SER A 531 -6.01 -40.76 61.14
CA SER A 531 -4.89 -41.69 61.08
C SER A 531 -4.86 -42.62 62.28
N ILE A 532 -5.44 -42.22 63.40
CA ILE A 532 -5.40 -43.05 64.60
C ILE A 532 -6.72 -43.78 64.85
N VAL A 533 -7.82 -43.34 64.25
CA VAL A 533 -9.10 -44.04 64.34
C VAL A 533 -9.21 -44.96 63.13
N PRO A 534 -9.31 -46.27 63.32
CA PRO A 534 -9.47 -47.18 62.19
C PRO A 534 -10.83 -46.97 61.51
N SER A 535 -10.90 -47.46 60.27
CA SER A 535 -12.06 -47.18 59.41
C SER A 535 -13.34 -47.75 60.00
N THR A 536 -13.34 -49.04 60.33
CA THR A 536 -14.49 -49.68 60.97
C THR A 536 -14.18 -49.78 62.46
N VAL A 537 -14.72 -48.82 63.23
CA VAL A 537 -14.54 -48.83 64.67
C VAL A 537 -15.34 -50.00 65.25
N TRP A 538 -14.71 -50.74 66.16
CA TRP A 538 -15.30 -52.00 66.65
C TRP A 538 -16.58 -51.75 67.45
N GLU A 539 -16.59 -50.73 68.30
CA GLU A 539 -17.75 -50.47 69.14
C GLU A 539 -17.88 -48.96 69.34
N ASP A 540 -18.94 -48.57 70.04
CA ASP A 540 -19.23 -47.16 70.22
C ASP A 540 -18.23 -46.52 71.18
N GLY A 541 -17.69 -45.38 70.79
CA GLY A 541 -16.81 -44.60 71.64
C GLY A 541 -15.48 -45.26 71.97
N ASP A 542 -14.85 -45.91 71.00
CA ASP A 542 -13.54 -46.51 71.24
C ASP A 542 -12.47 -45.43 71.31
N TYR A 543 -11.64 -45.49 72.35
CA TYR A 543 -10.57 -44.53 72.56
C TYR A 543 -9.34 -44.98 71.78
N TYR A 544 -8.82 -44.10 70.93
CA TYR A 544 -7.65 -44.38 70.11
C TYR A 544 -6.59 -43.31 70.37
N ARG A 545 -5.36 -43.75 70.62
CA ARG A 545 -4.29 -42.84 71.00
C ARG A 545 -3.02 -43.16 70.21
N LYS A 546 -2.20 -42.13 70.04
CA LYS A 546 -0.93 -42.27 69.35
C LYS A 546 0.04 -41.22 69.87
N GLN A 547 1.33 -41.45 69.63
CA GLN A 547 2.39 -40.56 70.06
C GLN A 547 2.78 -39.63 68.93
N LEU A 548 2.87 -38.34 69.22
CA LEU A 548 3.28 -37.33 68.25
C LEU A 548 4.65 -36.78 68.63
N SER A 549 5.51 -36.62 67.62
CA SER A 549 6.83 -36.08 67.85
C SER A 549 6.75 -34.60 68.21
N PRO A 550 7.69 -34.09 69.01
CA PRO A 550 7.67 -32.65 69.37
C PRO A 550 7.86 -31.72 68.19
N LEU A 551 8.43 -32.19 67.08
CA LEU A 551 8.54 -31.36 65.88
C LEU A 551 7.16 -31.07 65.28
N GLU A 552 6.28 -32.07 65.28
CA GLU A 552 4.92 -31.88 64.80
C GLU A 552 4.00 -31.26 65.85
N GLY A 553 4.44 -31.14 67.10
CA GLY A 553 3.62 -30.59 68.16
C GLY A 553 3.77 -31.32 69.48
N GLY A 554 4.03 -32.62 69.43
CA GLY A 554 4.35 -33.38 70.63
C GLY A 554 3.14 -33.87 71.39
N GLY A 555 3.45 -34.48 72.54
CA GLY A 555 2.43 -35.00 73.43
C GLY A 555 1.79 -36.27 72.90
N TRP A 556 0.51 -36.42 73.20
CA TRP A 556 -0.27 -37.59 72.80
C TRP A 556 -1.52 -37.13 72.07
N LEU A 557 -1.77 -37.73 70.90
CA LEU A 557 -2.98 -37.46 70.12
C LEU A 557 -4.02 -38.51 70.46
N VAL A 558 -5.16 -38.06 70.97
CA VAL A 558 -6.22 -38.96 71.42
C VAL A 558 -7.50 -38.66 70.65
N ALA A 559 -8.35 -39.67 70.55
CA ALA A 559 -9.59 -39.56 69.81
C ALA A 559 -10.58 -40.59 70.31
N SER A 560 -11.85 -40.36 69.97
CA SER A 560 -12.91 -41.32 70.24
C SER A 560 -13.66 -41.58 68.94
N GLY A 561 -13.83 -42.86 68.61
CA GLY A 561 -14.59 -43.27 67.46
C GLY A 561 -15.91 -43.88 67.89
N SER A 562 -16.99 -43.17 67.61
CA SER A 562 -18.34 -43.66 67.84
C SER A 562 -18.83 -44.43 66.63
N THR A 563 -19.83 -45.28 66.86
CA THR A 563 -20.44 -46.07 65.81
C THR A 563 -21.95 -45.88 65.84
N VAL A 564 -22.52 -45.54 64.69
CA VAL A 564 -23.94 -45.66 64.45
C VAL A 564 -24.16 -46.97 63.72
N ALA A 565 -24.97 -47.86 64.30
CA ALA A 565 -25.05 -49.23 63.85
C ALA A 565 -25.71 -49.31 62.47
N MET A 566 -25.48 -50.45 61.81
CA MET A 566 -26.05 -50.71 60.50
C MET A 566 -27.58 -50.75 60.59
N THR A 567 -28.22 -50.04 59.66
CA THR A 567 -29.67 -50.07 59.56
C THR A 567 -30.11 -51.33 58.82
N GLU A 568 -31.37 -51.39 58.42
CA GLU A 568 -31.86 -52.55 57.68
C GLU A 568 -31.25 -52.62 56.29
N GLN A 569 -30.84 -51.48 55.73
CA GLN A 569 -30.14 -51.42 54.45
C GLN A 569 -28.99 -50.44 54.57
N LEU A 570 -27.93 -50.70 53.81
CA LEU A 570 -26.78 -49.79 53.81
C LEU A 570 -27.14 -48.46 53.19
N GLN A 571 -26.83 -47.39 53.90
CA GLN A 571 -26.94 -46.03 53.39
C GLN A 571 -25.55 -45.45 53.26
N MET A 572 -25.22 -44.97 52.07
CA MET A 572 -23.90 -44.44 51.79
C MET A 572 -23.98 -42.97 51.42
N GLY A 573 -22.92 -42.25 51.74
CA GLY A 573 -22.86 -40.83 51.50
C GLY A 573 -21.78 -40.40 50.53
N PHE A 574 -22.17 -39.51 49.61
CA PHE A 574 -21.29 -38.94 48.62
C PHE A 574 -21.13 -37.45 48.91
N GLY A 575 -19.88 -37.02 49.03
CA GLY A 575 -19.52 -35.61 48.96
C GLY A 575 -18.98 -35.30 47.59
N ILE A 576 -19.59 -34.34 46.91
CA ILE A 576 -19.24 -33.96 45.55
C ILE A 576 -18.71 -32.54 45.57
N THR A 577 -17.56 -32.31 44.95
CA THR A 577 -17.03 -30.96 44.85
C THR A 577 -16.53 -30.73 43.43
N VAL A 578 -17.14 -29.81 42.71
CA VAL A 578 -16.76 -29.48 41.35
C VAL A 578 -15.94 -28.20 41.35
N GLN A 579 -14.98 -28.13 40.45
CA GLN A 579 -14.10 -26.98 40.32
C GLN A 579 -14.08 -26.55 38.86
N TYR A 580 -13.98 -25.24 38.63
CA TYR A 580 -14.05 -24.66 37.31
C TYR A 580 -12.73 -24.12 36.81
N GLY A 581 -11.74 -23.95 37.67
CA GLY A 581 -10.48 -23.36 37.24
C GLY A 581 -9.26 -24.19 37.56
N THR A 582 -9.44 -25.28 38.30
CA THR A 582 -8.32 -26.10 38.70
C THR A 582 -7.72 -26.86 37.52
N ASP A 583 -8.58 -27.45 36.68
CA ASP A 583 -8.11 -28.37 35.65
C ASP A 583 -8.66 -28.03 34.28
N THR A 584 -8.52 -28.94 33.33
CA THR A 584 -9.13 -28.75 32.02
C THR A 584 -10.63 -28.98 32.11
N ASN A 585 -11.39 -28.08 31.48
CA ASN A 585 -12.85 -28.13 31.55
C ASN A 585 -13.39 -29.28 30.71
N SER A 586 -13.24 -30.51 31.20
CA SER A 586 -13.71 -31.67 30.46
C SER A 586 -14.33 -32.72 31.38
N VAL A 587 -14.95 -32.29 32.48
CA VAL A 587 -15.74 -33.20 33.29
C VAL A 587 -17.19 -32.95 32.90
N CYS A 588 -17.68 -33.69 31.90
CA CYS A 588 -18.93 -33.31 31.24
C CYS A 588 -19.42 -34.48 30.39
N PRO A 589 -20.73 -34.60 30.14
CA PRO A 589 -21.19 -35.49 29.07
C PRO A 589 -20.63 -35.06 27.73
N LYS A 590 -20.35 -36.05 26.88
CA LYS A 590 -19.70 -35.78 25.60
C LYS A 590 -20.64 -34.99 24.69
N LEU A 591 -21.73 -35.60 24.24
CA LEU A 591 -22.90 -34.90 23.74
C LEU A 591 -24.20 -35.59 24.11
N GLU A 592 -24.14 -36.77 24.73
CA GLU A 592 -25.28 -37.67 24.92
C GLU A 592 -26.02 -37.87 23.60
N PHE A 593 -25.25 -38.18 22.57
CA PHE A 593 -25.65 -38.05 21.17
C PHE A 593 -26.01 -39.41 20.60
N ALA A 594 -27.06 -39.45 19.78
CA ALA A 594 -27.43 -40.68 19.10
C ALA A 594 -27.59 -40.53 17.59
N ASN A 595 -28.22 -39.45 17.12
CA ASN A 595 -28.49 -39.30 15.70
C ASN A 595 -28.32 -37.86 15.21
N ASP A 596 -27.66 -37.00 15.98
CA ASP A 596 -27.63 -35.56 15.69
C ASP A 596 -26.35 -35.12 15.01
N THR A 597 -25.20 -35.39 15.63
CA THR A 597 -23.92 -34.77 15.26
C THR A 597 -22.97 -35.77 14.63
N LYS A 598 -23.48 -36.63 13.76
CA LYS A 598 -22.66 -37.63 13.10
C LYS A 598 -22.38 -37.21 11.67
N ILE A 599 -21.24 -37.65 11.17
CA ILE A 599 -20.87 -37.33 9.79
C ILE A 599 -21.85 -37.96 8.83
N ALA A 600 -22.21 -39.22 9.06
CA ALA A 600 -23.20 -39.87 8.23
C ALA A 600 -24.58 -39.28 8.43
N SER A 601 -24.85 -38.72 9.61
CA SER A 601 -26.16 -38.15 9.88
C SER A 601 -26.39 -36.83 9.14
N GLN A 602 -25.32 -36.19 8.68
CA GLN A 602 -25.41 -34.85 8.11
C GLN A 602 -24.67 -34.78 6.78
N LEU A 603 -24.86 -35.80 5.93
CA LEU A 603 -24.18 -35.84 4.64
C LEU A 603 -24.81 -34.86 3.66
N GLY A 604 -23.95 -34.18 2.88
CA GLY A 604 -24.41 -33.27 1.86
C GLY A 604 -25.15 -32.07 2.39
N ASN A 605 -24.76 -31.56 3.56
CA ASN A 605 -25.43 -30.43 4.16
C ASN A 605 -24.38 -29.44 4.65
N CYS A 606 -24.77 -28.17 4.71
CA CYS A 606 -23.89 -27.14 5.23
C CYS A 606 -23.87 -27.23 6.75
N VAL A 607 -22.82 -27.83 7.30
CA VAL A 607 -22.72 -27.96 8.74
C VAL A 607 -21.41 -27.32 9.20
N GLU A 608 -21.41 -26.91 10.47
CA GLU A 608 -20.25 -26.29 11.08
C GLU A 608 -19.37 -27.40 11.64
N TYR A 609 -18.33 -27.77 10.89
CA TYR A 609 -17.43 -28.79 11.39
C TYR A 609 -16.55 -28.22 12.49
N SER A 610 -16.47 -28.95 13.59
CA SER A 610 -15.65 -28.55 14.75
C SER A 610 -14.97 -29.83 15.25
N LEU A 611 -13.80 -30.12 14.69
CA LEU A 611 -13.07 -31.33 15.02
C LEU A 611 -12.05 -31.02 16.11
N TYR A 612 -12.60 -30.73 17.29
CA TYR A 612 -11.86 -30.52 18.55
C TYR A 612 -10.78 -29.44 18.39
N GLY A 613 -11.08 -28.45 17.55
CA GLY A 613 -10.08 -27.47 17.18
C GLY A 613 -10.04 -27.21 15.69
N VAL A 614 -10.31 -28.25 14.88
CA VAL A 614 -10.32 -28.06 13.43
C VAL A 614 -11.68 -27.52 13.04
N SER A 615 -11.79 -26.20 12.91
CA SER A 615 -13.08 -25.54 12.91
C SER A 615 -13.39 -24.91 11.56
N GLY A 616 -14.67 -24.76 11.30
CA GLY A 616 -15.14 -24.07 10.12
C GLY A 616 -16.53 -24.57 9.76
N ARG A 617 -16.93 -24.32 8.53
CA ARG A 617 -18.20 -24.82 8.03
C ARG A 617 -18.00 -25.33 6.61
N GLY A 618 -18.82 -26.28 6.20
CA GLY A 618 -18.65 -26.89 4.90
C GLY A 618 -19.70 -27.94 4.61
N VAL A 619 -19.52 -28.62 3.48
CA VAL A 619 -20.40 -29.69 3.02
C VAL A 619 -19.57 -30.93 2.77
N PHE A 620 -19.90 -32.02 3.47
CA PHE A 620 -19.18 -33.27 3.36
C PHE A 620 -19.79 -34.16 2.28
N GLN A 621 -18.97 -35.06 1.75
CA GLN A 621 -19.45 -36.01 0.76
C GLN A 621 -18.55 -37.24 0.80
N ASN A 622 -19.13 -38.41 0.54
CA ASN A 622 -18.37 -39.65 0.63
C ASN A 622 -17.31 -39.73 -0.48
N CYS A 623 -16.13 -40.22 -0.10
CA CYS A 623 -15.02 -40.22 -1.04
C CYS A 623 -14.20 -41.49 -0.89
N THR A 624 -13.47 -41.81 -1.95
CA THR A 624 -12.49 -42.89 -1.91
C THR A 624 -11.24 -42.44 -1.17
N ALA A 625 -10.60 -43.39 -0.49
CA ALA A 625 -9.55 -43.08 0.46
C ALA A 625 -8.27 -42.62 -0.25
N VAL A 626 -7.74 -41.48 0.19
CA VAL A 626 -6.48 -40.94 -0.32
C VAL A 626 -5.71 -40.36 0.86
N GLY A 627 -4.53 -40.89 1.14
CA GLY A 627 -3.62 -40.26 2.07
C GLY A 627 -3.29 -41.12 3.29
N VAL A 628 -2.67 -40.45 4.27
CA VAL A 628 -2.09 -41.10 5.44
C VAL A 628 -3.18 -41.38 6.47
N ARG A 629 -3.19 -42.59 7.03
CA ARG A 629 -4.18 -42.94 8.04
C ARG A 629 -3.95 -42.18 9.35
N GLN A 630 -2.70 -42.16 9.83
CA GLN A 630 -2.45 -41.67 11.18
C GLN A 630 -2.52 -40.15 11.25
N GLN A 631 -2.30 -39.46 10.13
CA GLN A 631 -2.36 -38.00 10.15
C GLN A 631 -3.78 -37.50 10.37
N ARG A 632 -4.77 -38.19 9.78
CA ARG A 632 -6.21 -37.99 9.96
C ARG A 632 -6.70 -36.68 9.35
N PHE A 633 -5.79 -35.82 8.88
CA PHE A 633 -6.19 -34.50 8.37
C PHE A 633 -5.36 -34.19 7.13
N VAL A 634 -6.05 -33.96 6.02
CA VAL A 634 -5.40 -33.76 4.72
C VAL A 634 -5.73 -32.37 4.21
N TYR A 635 -4.71 -31.64 3.78
CA TYR A 635 -4.83 -30.25 3.39
C TYR A 635 -4.22 -30.04 2.01
N ASP A 636 -4.57 -28.92 1.40
CA ASP A 636 -4.11 -28.58 0.06
C ASP A 636 -2.80 -27.78 0.14
N ALA A 637 -2.42 -27.16 -0.97
CA ALA A 637 -1.30 -26.25 -0.98
C ALA A 637 -1.63 -24.88 -0.40
N TYR A 638 -2.90 -24.58 -0.16
CA TYR A 638 -3.34 -23.27 0.26
C TYR A 638 -4.03 -23.34 1.61
N GLN A 639 -3.51 -24.20 2.49
CA GLN A 639 -3.90 -24.29 3.91
C GLN A 639 -5.40 -24.59 4.07
N ASN A 640 -5.94 -25.42 3.19
CA ASN A 640 -7.35 -25.76 3.21
C ASN A 640 -7.49 -27.27 3.20
N LEU A 641 -8.22 -27.81 4.17
CA LEU A 641 -8.43 -29.25 4.23
C LEU A 641 -9.29 -29.70 3.06
N VAL A 642 -8.93 -30.83 2.47
CA VAL A 642 -9.63 -31.35 1.31
C VAL A 642 -10.62 -32.44 1.70
N GLY A 643 -10.21 -33.34 2.59
CA GLY A 643 -11.09 -34.40 3.04
C GLY A 643 -10.83 -34.80 4.47
N TYR A 644 -11.44 -35.90 4.89
CA TYR A 644 -11.29 -36.34 6.27
C TYR A 644 -11.56 -37.83 6.37
N TYR A 645 -10.76 -38.50 7.17
CA TYR A 645 -11.01 -39.87 7.59
C TYR A 645 -11.62 -39.86 8.98
N SER A 646 -12.85 -40.36 9.10
CA SER A 646 -13.42 -40.53 10.42
C SER A 646 -13.17 -41.95 10.91
N ASP A 647 -13.49 -42.17 12.19
CA ASP A 647 -13.25 -43.46 12.81
C ASP A 647 -14.18 -44.54 12.30
N ASP A 648 -15.20 -44.18 11.52
CA ASP A 648 -15.99 -45.18 10.82
C ASP A 648 -15.15 -45.93 9.78
N GLY A 649 -14.11 -45.28 9.27
CA GLY A 649 -13.32 -45.82 8.19
C GLY A 649 -13.68 -45.25 6.83
N ASN A 650 -14.86 -44.66 6.68
CA ASN A 650 -15.23 -44.03 5.43
C ASN A 650 -14.51 -42.69 5.29
N TYR A 651 -14.01 -42.43 4.09
CA TYR A 651 -13.34 -41.18 3.79
C TYR A 651 -14.28 -40.21 3.09
N TYR A 652 -14.03 -38.91 3.30
CA TYR A 652 -14.93 -37.87 2.83
C TYR A 652 -14.11 -36.75 2.21
N CYS A 653 -14.74 -36.01 1.31
CA CYS A 653 -14.21 -34.74 0.83
C CYS A 653 -15.18 -33.63 1.21
N LEU A 654 -14.62 -32.49 1.59
CA LEU A 654 -15.38 -31.29 1.87
C LEU A 654 -14.79 -30.15 1.05
N ARG A 655 -15.65 -29.26 0.57
CA ARG A 655 -15.19 -28.12 -0.21
C ARG A 655 -15.49 -26.81 0.49
N ALA A 656 -16.76 -26.52 0.77
CA ALA A 656 -17.23 -25.35 1.50
C ALA A 656 -18.73 -25.47 1.65
N CYS A 657 -19.30 -24.60 2.48
CA CYS A 657 -20.70 -24.22 2.33
C CYS A 657 -20.77 -23.23 1.18
N VAL A 658 -21.50 -23.59 0.15
CA VAL A 658 -21.56 -22.81 -1.08
C VAL A 658 -23.02 -22.47 -1.37
N SER A 659 -23.25 -21.25 -1.83
CA SER A 659 -24.59 -20.85 -2.24
C SER A 659 -24.51 -19.98 -3.48
N VAL A 660 -25.59 -19.28 -3.77
CA VAL A 660 -25.70 -18.52 -5.01
C VAL A 660 -25.00 -17.17 -4.87
N PRO A 661 -24.21 -16.78 -5.87
CA PRO A 661 -23.96 -15.36 -6.11
C PRO A 661 -25.13 -14.75 -6.86
N VAL A 662 -25.84 -13.84 -6.22
CA VAL A 662 -27.00 -13.19 -6.83
C VAL A 662 -26.57 -11.92 -7.52
N SER A 663 -27.43 -11.44 -8.40
CA SER A 663 -27.25 -10.14 -9.03
C SER A 663 -28.61 -9.54 -9.29
N VAL A 664 -28.63 -8.29 -9.75
CA VAL A 664 -29.89 -7.60 -10.01
C VAL A 664 -29.80 -6.86 -11.34
N ILE A 665 -30.90 -6.90 -12.10
CA ILE A 665 -31.08 -5.99 -13.21
C ILE A 665 -32.10 -4.95 -12.80
N TYR A 666 -31.83 -3.69 -13.13
CA TYR A 666 -32.68 -2.58 -12.74
C TYR A 666 -32.62 -1.51 -13.81
N ASP A 667 -33.78 -0.94 -14.12
CA ASP A 667 -33.89 0.07 -15.16
C ASP A 667 -34.37 1.38 -14.57
N LYS A 668 -33.90 2.48 -15.15
CA LYS A 668 -34.41 3.80 -14.83
C LYS A 668 -35.48 4.19 -15.84
N GLU A 669 -36.32 5.14 -15.43
CA GLU A 669 -37.48 5.69 -16.14
C GLU A 669 -38.63 4.69 -16.16
N THR A 670 -38.34 3.46 -15.75
CA THR A 670 -39.34 2.43 -15.47
C THR A 670 -38.83 1.66 -14.28
N LYS A 671 -39.56 1.70 -13.17
CA LYS A 671 -39.10 1.05 -11.95
C LYS A 671 -39.20 -0.46 -12.08
N THR A 672 -38.34 -1.04 -12.93
CA THR A 672 -38.38 -2.44 -13.27
C THR A 672 -37.10 -3.09 -12.83
N HIS A 673 -37.22 -4.20 -12.11
CA HIS A 673 -36.07 -4.85 -11.52
C HIS A 673 -36.33 -6.34 -11.44
N ALA A 674 -35.26 -7.11 -11.50
CA ALA A 674 -35.35 -8.56 -11.38
C ALA A 674 -34.09 -9.09 -10.72
N THR A 675 -34.24 -10.22 -10.04
CA THR A 675 -33.14 -10.84 -9.32
C THR A 675 -32.66 -12.06 -10.09
N LEU A 676 -31.35 -12.27 -10.08
CA LEU A 676 -30.73 -13.28 -10.93
C LEU A 676 -29.84 -14.18 -10.09
N PHE A 677 -29.94 -15.49 -10.36
CA PHE A 677 -29.12 -16.51 -9.74
C PHE A 677 -28.22 -17.05 -10.83
N GLY A 678 -26.92 -16.77 -10.72
CA GLY A 678 -26.02 -16.84 -11.86
C GLY A 678 -25.51 -18.24 -12.13
N SER A 679 -25.69 -18.68 -13.37
CA SER A 679 -25.00 -19.84 -13.96
C SER A 679 -25.33 -21.16 -13.28
N VAL A 680 -26.39 -21.20 -12.46
CA VAL A 680 -26.86 -22.41 -11.79
C VAL A 680 -28.39 -22.37 -11.73
N ALA A 681 -29.01 -23.52 -12.00
CA ALA A 681 -30.46 -23.67 -11.89
C ALA A 681 -30.95 -23.38 -10.47
N CYS A 682 -32.24 -23.11 -10.36
CA CYS A 682 -32.85 -22.72 -9.09
C CYS A 682 -33.04 -23.95 -8.20
N GLU A 683 -31.92 -24.44 -7.68
CA GLU A 683 -32.00 -25.39 -6.57
C GLU A 683 -32.59 -24.74 -5.33
N HIS A 684 -32.20 -23.51 -5.05
CA HIS A 684 -32.51 -22.83 -3.80
C HIS A 684 -33.67 -21.86 -4.00
N ILE A 685 -34.58 -21.83 -3.02
CA ILE A 685 -35.76 -20.97 -3.02
C ILE A 685 -35.68 -20.19 -1.72
N SER A 686 -36.74 -19.44 -1.37
CA SER A 686 -36.74 -18.37 -0.40
C SER A 686 -36.40 -18.73 1.04
N SER A 687 -36.08 -20.00 1.31
CA SER A 687 -36.01 -20.50 2.68
C SER A 687 -34.84 -19.94 3.50
N THR A 688 -33.62 -20.29 3.14
CA THR A 688 -32.46 -19.97 3.96
C THR A 688 -31.68 -18.84 3.30
N MET A 689 -31.91 -17.63 3.78
CA MET A 689 -31.31 -16.43 3.23
C MET A 689 -30.20 -15.94 4.15
N SER A 690 -29.50 -14.89 3.72
CA SER A 690 -28.68 -14.10 4.63
C SER A 690 -28.62 -12.67 4.09
N GLN A 691 -27.60 -11.92 4.55
CA GLN A 691 -27.48 -10.46 4.48
C GLN A 691 -28.82 -9.76 4.72
N TYR A 692 -29.11 -8.76 3.92
CA TYR A 692 -30.24 -7.88 4.18
C TYR A 692 -31.52 -8.50 3.63
N SER A 693 -32.61 -7.74 3.64
CA SER A 693 -33.94 -8.31 3.45
C SER A 693 -34.19 -8.66 1.98
N ARG A 694 -35.40 -9.13 1.72
CA ARG A 694 -35.78 -9.60 0.40
C ARG A 694 -36.17 -8.45 -0.51
N SER A 695 -35.64 -8.49 -1.73
CA SER A 695 -36.07 -7.57 -2.79
C SER A 695 -37.06 -8.29 -3.70
N THR A 696 -38.18 -8.69 -3.10
CA THR A 696 -39.09 -9.63 -3.74
C THR A 696 -40.44 -9.00 -3.96
N ARG A 697 -40.90 -9.04 -5.21
CA ARG A 697 -42.27 -8.72 -5.57
C ARG A 697 -42.97 -9.98 -6.09
N SER A 698 -42.71 -11.10 -5.42
CA SER A 698 -43.21 -12.40 -5.85
C SER A 698 -44.73 -12.46 -5.72
N MET A 699 -45.37 -12.96 -6.77
CA MET A 699 -46.83 -13.01 -6.81
C MET A 699 -47.30 -14.44 -7.04
N TYR A 707 -43.79 -15.27 -11.29
CA TYR A 707 -44.80 -16.32 -11.44
C TYR A 707 -44.14 -17.65 -11.80
N GLY A 708 -42.85 -17.58 -12.16
CA GLY A 708 -42.08 -18.76 -12.41
C GLY A 708 -40.61 -18.42 -12.57
N PRO A 709 -39.74 -19.12 -11.83
CA PRO A 709 -38.30 -18.90 -11.98
C PRO A 709 -37.80 -19.39 -13.32
N LEU A 710 -37.39 -18.48 -14.18
CA LEU A 710 -37.00 -18.85 -15.53
C LEU A 710 -35.64 -19.54 -15.51
N GLN A 711 -35.56 -20.70 -16.14
CA GLN A 711 -34.28 -21.38 -16.33
C GLN A 711 -33.60 -20.87 -17.58
N THR A 712 -32.39 -20.37 -17.41
CA THR A 712 -31.60 -19.71 -18.44
C THR A 712 -30.25 -20.39 -18.51
N PRO A 713 -29.53 -20.25 -19.62
CA PRO A 713 -28.13 -20.66 -19.64
C PRO A 713 -27.26 -19.89 -18.66
N VAL A 714 -27.68 -18.72 -18.22
CA VAL A 714 -26.96 -17.99 -17.18
C VAL A 714 -27.54 -18.28 -15.82
N GLY A 715 -28.32 -19.35 -15.71
CA GLY A 715 -28.80 -19.77 -14.40
C GLY A 715 -30.31 -19.79 -14.25
N CYS A 716 -30.84 -18.95 -13.36
CA CYS A 716 -32.29 -18.81 -13.26
C CYS A 716 -32.64 -17.43 -12.72
N VAL A 717 -33.71 -16.85 -13.26
CA VAL A 717 -34.09 -15.48 -12.98
C VAL A 717 -35.46 -15.43 -12.33
N LEU A 718 -35.57 -14.69 -11.25
CA LEU A 718 -36.85 -14.28 -10.69
C LEU A 718 -37.17 -12.88 -11.22
N GLY A 719 -38.37 -12.73 -11.77
CA GLY A 719 -38.85 -11.46 -12.27
C GLY A 719 -39.02 -11.41 -13.77
N LEU A 720 -38.21 -12.15 -14.51
CA LEU A 720 -38.35 -12.20 -15.96
C LEU A 720 -39.51 -13.11 -16.34
N VAL A 721 -39.96 -12.97 -17.60
CA VAL A 721 -41.01 -13.81 -18.15
C VAL A 721 -40.50 -14.39 -19.47
N ASN A 722 -40.79 -15.67 -19.70
CA ASN A 722 -40.29 -16.36 -20.87
C ASN A 722 -40.90 -15.80 -22.15
N SER A 723 -40.07 -15.62 -23.16
CA SER A 723 -40.52 -15.17 -24.48
C SER A 723 -39.45 -15.54 -25.50
N SER A 724 -39.82 -15.44 -26.76
CA SER A 724 -38.90 -15.72 -27.87
C SER A 724 -39.07 -14.62 -28.92
N LEU A 725 -38.31 -13.55 -28.75
CA LEU A 725 -38.24 -12.45 -29.71
C LEU A 725 -36.79 -12.29 -30.17
N PHE A 726 -36.55 -11.23 -30.93
CA PHE A 726 -35.23 -10.96 -31.47
C PHE A 726 -34.87 -9.50 -31.24
N VAL A 727 -33.71 -9.27 -30.63
CA VAL A 727 -33.18 -7.94 -30.40
C VAL A 727 -31.72 -7.93 -30.85
N GLU A 728 -31.37 -7.03 -31.76
CA GLU A 728 -30.01 -6.89 -32.21
C GLU A 728 -29.28 -5.71 -31.56
N ASP A 729 -29.97 -4.97 -30.69
CA ASP A 729 -29.44 -3.75 -30.08
C ASP A 729 -29.68 -3.77 -28.58
N CYS A 730 -29.29 -4.87 -27.94
CA CYS A 730 -29.56 -5.04 -26.52
C CYS A 730 -28.78 -4.03 -25.69
N LYS A 731 -29.44 -3.47 -24.69
CA LYS A 731 -28.85 -2.46 -23.83
C LYS A 731 -28.57 -2.94 -22.43
N LEU A 732 -29.21 -4.02 -21.99
CA LEU A 732 -28.95 -4.62 -20.69
C LEU A 732 -28.44 -6.03 -20.92
N PRO A 733 -27.15 -6.27 -20.82
CA PRO A 733 -26.60 -7.59 -21.11
C PRO A 733 -26.71 -8.53 -19.92
N LEU A 734 -27.61 -9.52 -20.03
CA LEU A 734 -27.81 -10.49 -18.96
C LEU A 734 -27.04 -11.78 -19.19
N GLY A 735 -25.92 -11.72 -19.89
CA GLY A 735 -25.09 -12.88 -20.09
C GLY A 735 -25.56 -13.74 -21.26
N GLN A 736 -24.63 -14.58 -21.73
CA GLN A 736 -24.76 -15.38 -22.95
C GLN A 736 -25.22 -14.52 -24.12
N SER A 737 -26.41 -14.79 -24.64
CA SER A 737 -26.94 -14.01 -25.74
C SER A 737 -28.42 -13.77 -25.52
N LEU A 738 -28.77 -13.35 -24.31
CA LEU A 738 -30.17 -13.16 -23.93
C LEU A 738 -30.38 -11.71 -23.54
N CYS A 739 -31.48 -11.13 -24.03
CA CYS A 739 -31.80 -9.73 -23.80
C CYS A 739 -33.10 -9.61 -23.00
N ALA A 740 -33.22 -8.47 -22.32
CA ALA A 740 -34.38 -8.14 -21.50
C ALA A 740 -35.12 -6.96 -22.12
N LEU A 741 -36.45 -7.01 -22.07
CA LEU A 741 -37.30 -6.09 -22.83
C LEU A 741 -38.27 -5.37 -21.90
N PRO A 742 -38.21 -4.06 -21.81
CA PRO A 742 -39.25 -3.29 -21.12
C PRO A 742 -40.37 -2.85 -22.07
N ASP A 743 -41.52 -2.60 -21.48
CA ASP A 743 -42.67 -2.11 -22.22
C ASP A 743 -42.82 -0.60 -22.00
N THR A 744 -43.91 -0.04 -22.52
CA THR A 744 -44.21 1.37 -22.32
C THR A 744 -45.16 1.55 -21.14
N PRO A 757 -46.57 -0.15 -15.22
CA PRO A 757 -45.93 -1.15 -14.35
C PRO A 757 -45.97 -2.54 -14.95
N GLY A 758 -45.27 -2.74 -16.07
CA GLY A 758 -45.26 -4.01 -16.74
C GLY A 758 -44.28 -4.99 -16.13
N GLU A 759 -43.89 -5.99 -16.91
CA GLU A 759 -42.94 -6.99 -16.47
C GLU A 759 -41.84 -7.14 -17.50
N MET A 760 -40.64 -7.47 -17.01
CA MET A 760 -39.46 -7.56 -17.86
C MET A 760 -39.56 -8.83 -18.69
N ARG A 761 -39.49 -8.68 -20.02
CA ARG A 761 -39.54 -9.86 -20.89
C ARG A 761 -38.14 -10.36 -21.15
N LEU A 762 -38.02 -11.66 -21.39
CA LEU A 762 -36.74 -12.28 -21.73
C LEU A 762 -36.80 -12.85 -23.13
N ALA A 763 -36.03 -12.26 -24.04
CA ALA A 763 -35.83 -12.82 -25.37
C ALA A 763 -34.34 -13.06 -25.55
N SER A 764 -33.92 -13.41 -26.76
CA SER A 764 -32.51 -13.62 -27.01
C SER A 764 -31.89 -12.40 -27.65
N ILE A 765 -30.57 -12.28 -27.52
CA ILE A 765 -29.78 -11.32 -28.29
C ILE A 765 -29.55 -11.95 -29.66
N ALA A 766 -30.25 -11.44 -30.67
CA ALA A 766 -30.22 -12.05 -31.99
C ALA A 766 -28.88 -11.83 -32.67
N PHE A 767 -28.58 -12.69 -33.64
CA PHE A 767 -27.41 -12.52 -34.49
C PHE A 767 -27.81 -11.76 -35.74
N ASN A 768 -27.06 -10.70 -36.03
CA ASN A 768 -27.29 -9.99 -37.28
C ASN A 768 -26.84 -10.87 -38.43
N HIS A 769 -27.76 -11.65 -38.95
CA HIS A 769 -27.47 -12.48 -40.10
C HIS A 769 -27.30 -11.55 -41.30
N PRO A 770 -26.14 -11.54 -41.93
CA PRO A 770 -25.87 -10.58 -43.00
C PRO A 770 -26.57 -10.98 -44.28
N ILE A 771 -26.34 -10.21 -45.34
CA ILE A 771 -26.98 -10.48 -46.62
C ILE A 771 -26.37 -11.74 -47.20
N GLN A 772 -27.18 -12.78 -47.34
CA GLN A 772 -26.71 -14.05 -47.86
C GLN A 772 -26.35 -13.91 -49.32
N VAL A 773 -25.24 -14.54 -49.70
CA VAL A 773 -24.84 -14.66 -51.10
C VAL A 773 -24.38 -16.09 -51.34
N ASP A 774 -24.78 -16.64 -52.47
CA ASP A 774 -24.36 -17.99 -52.81
C ASP A 774 -23.10 -17.95 -53.67
N GLN A 775 -22.47 -19.11 -53.81
CA GLN A 775 -21.31 -19.28 -54.67
C GLN A 775 -21.76 -20.03 -55.91
N LEU A 776 -21.49 -19.44 -57.08
CA LEU A 776 -21.95 -20.00 -58.34
C LEU A 776 -20.92 -20.95 -58.92
N ASN A 777 -21.40 -22.07 -59.45
CA ASN A 777 -20.52 -23.05 -60.07
C ASN A 777 -20.16 -22.71 -61.51
N SER A 778 -20.74 -21.67 -62.08
CA SER A 778 -20.45 -21.26 -63.44
C SER A 778 -19.47 -20.09 -63.44
N SER A 779 -19.25 -19.51 -64.61
CA SER A 779 -18.33 -18.39 -64.74
C SER A 779 -18.90 -17.10 -64.18
N TYR A 780 -20.21 -17.00 -64.01
CA TYR A 780 -20.80 -15.73 -63.59
C TYR A 780 -20.72 -15.57 -62.08
N PHE A 781 -20.99 -14.35 -61.62
CA PHE A 781 -20.89 -14.02 -60.20
C PHE A 781 -22.10 -13.24 -59.73
N LYS A 782 -22.65 -13.67 -58.60
CA LYS A 782 -23.76 -12.98 -57.93
C LYS A 782 -23.18 -11.86 -57.08
N LEU A 783 -23.14 -10.66 -57.62
CA LEU A 783 -22.62 -9.51 -56.90
C LEU A 783 -23.74 -8.84 -56.11
N SER A 784 -23.38 -8.29 -54.96
CA SER A 784 -24.30 -7.51 -54.13
C SER A 784 -23.89 -6.06 -54.20
N ILE A 785 -24.84 -5.22 -54.61
CA ILE A 785 -24.54 -3.80 -54.84
C ILE A 785 -25.49 -2.93 -54.03
N PRO A 786 -24.98 -1.86 -53.43
CA PRO A 786 -25.88 -0.84 -52.87
C PRO A 786 -26.65 -0.10 -53.96
N THR A 787 -27.90 0.23 -53.63
CA THR A 787 -28.75 0.99 -54.52
C THR A 787 -29.29 2.28 -53.90
N ASN A 788 -29.22 2.43 -52.58
CA ASN A 788 -29.58 3.68 -51.94
C ASN A 788 -28.57 3.91 -50.83
N PHE A 789 -28.52 5.13 -50.30
CA PHE A 789 -27.42 5.49 -49.42
C PHE A 789 -27.82 6.65 -48.54
N SER A 790 -26.89 7.03 -47.67
CA SER A 790 -27.03 8.19 -46.79
C SER A 790 -25.65 8.56 -46.28
N PHE A 791 -25.62 9.55 -45.40
CA PHE A 791 -24.41 10.03 -44.76
C PHE A 791 -24.46 9.75 -43.27
N GLY A 792 -23.44 9.06 -42.77
CA GLY A 792 -23.33 8.78 -41.36
C GLY A 792 -22.36 9.74 -40.70
N VAL A 793 -22.87 10.52 -39.76
CA VAL A 793 -22.06 11.47 -39.00
C VAL A 793 -21.61 10.75 -37.72
N THR A 794 -20.53 10.00 -37.84
CA THR A 794 -19.94 9.32 -36.71
C THR A 794 -19.21 10.32 -35.83
N GLN A 795 -19.44 10.25 -34.53
CA GLN A 795 -18.87 11.20 -33.58
C GLN A 795 -17.80 10.50 -32.77
N GLU A 796 -16.58 11.01 -32.82
CA GLU A 796 -15.47 10.41 -32.10
C GLU A 796 -14.75 11.50 -31.31
N TYR A 797 -14.08 11.09 -30.24
CA TYR A 797 -13.38 12.03 -29.41
C TYR A 797 -12.09 11.39 -28.93
N ILE A 798 -11.05 12.21 -28.78
CA ILE A 798 -9.81 11.75 -28.19
C ILE A 798 -9.40 12.71 -27.11
N GLN A 799 -9.24 12.20 -25.89
CA GLN A 799 -8.74 13.01 -24.80
C GLN A 799 -7.26 13.24 -25.01
N THR A 800 -6.92 14.30 -25.74
CA THR A 800 -5.54 14.50 -26.15
C THR A 800 -4.66 15.03 -25.03
N THR A 801 -5.24 15.58 -23.96
CA THR A 801 -4.46 16.36 -23.00
C THR A 801 -5.31 16.50 -21.74
N ILE A 802 -4.84 15.92 -20.64
CA ILE A 802 -5.54 16.12 -19.39
C ILE A 802 -5.25 17.53 -18.88
N GLN A 803 -6.14 18.01 -18.00
CA GLN A 803 -5.96 19.35 -17.45
C GLN A 803 -4.76 19.39 -16.53
N LYS A 804 -3.89 20.36 -16.75
CA LYS A 804 -2.65 20.46 -15.99
C LYS A 804 -2.93 20.91 -14.57
N VAL A 805 -2.39 20.20 -13.60
CA VAL A 805 -2.64 20.45 -12.19
C VAL A 805 -1.31 20.67 -11.48
N THR A 806 -1.27 21.70 -10.64
CA THR A 806 -0.09 22.03 -9.86
C THR A 806 -0.52 22.24 -8.42
N VAL A 807 0.15 21.55 -7.49
CA VAL A 807 -0.18 21.65 -6.08
C VAL A 807 1.11 21.83 -5.28
N ASP A 808 1.06 22.70 -4.28
CA ASP A 808 2.13 22.78 -3.30
C ASP A 808 1.89 21.74 -2.23
N CYS A 809 2.93 21.00 -1.87
CA CYS A 809 2.81 20.09 -0.74
C CYS A 809 2.62 20.84 0.55
N LYS A 810 3.36 21.94 0.71
CA LYS A 810 3.41 22.64 2.00
C LYS A 810 2.06 23.23 2.37
N GLN A 811 1.32 23.77 1.39
CA GLN A 811 0.04 24.37 1.70
C GLN A 811 -0.99 23.31 2.10
N TYR A 812 -1.15 22.27 1.28
CA TYR A 812 -2.19 21.29 1.55
C TYR A 812 -1.85 20.45 2.78
N VAL A 813 -0.61 19.99 2.86
CA VAL A 813 -0.17 19.24 4.03
C VAL A 813 -0.09 20.10 5.27
N CYS A 814 0.10 21.39 5.13
CA CYS A 814 0.49 22.11 6.33
C CYS A 814 -0.39 23.31 6.65
N ASN A 815 -0.87 24.03 5.64
CA ASN A 815 -1.77 25.18 5.80
C ASN A 815 -1.17 26.30 6.64
N GLY A 816 0.15 26.46 6.56
CA GLY A 816 0.81 27.56 7.23
C GLY A 816 0.74 27.52 8.74
N PHE A 817 1.02 26.36 9.33
CA PHE A 817 1.13 26.23 10.78
C PHE A 817 2.58 25.95 11.14
N GLN A 818 3.06 26.64 12.18
CA GLN A 818 4.49 26.71 12.45
C GLN A 818 5.04 25.34 12.90
N LYS A 819 4.37 24.70 13.86
CA LYS A 819 4.83 23.38 14.29
C LYS A 819 4.63 22.35 13.20
N CYS A 820 3.60 22.54 12.37
CA CYS A 820 3.43 21.70 11.20
C CYS A 820 4.61 21.83 10.24
N GLU A 821 5.04 23.06 9.98
CA GLU A 821 6.19 23.28 9.12
C GLU A 821 7.46 22.69 9.74
N GLN A 822 7.58 22.78 11.07
CA GLN A 822 8.70 22.17 11.76
C GLN A 822 8.72 20.66 11.58
N LEU A 823 7.56 20.02 11.73
CA LEU A 823 7.49 18.58 11.59
C LEU A 823 7.62 18.11 10.15
N LEU A 824 7.30 18.97 9.18
CA LEU A 824 7.39 18.59 7.77
C LEU A 824 8.82 18.45 7.30
N ARG A 825 9.78 18.96 8.07
CA ARG A 825 11.17 19.01 7.62
C ARG A 825 11.78 17.62 7.45
N GLU A 826 11.44 16.68 8.35
CA GLU A 826 12.07 15.37 8.34
C GLU A 826 11.72 14.58 7.08
N TYR A 827 10.46 14.62 6.66
CA TYR A 827 10.10 13.96 5.41
C TYR A 827 10.65 14.72 4.22
N GLY A 828 10.55 16.05 4.25
CA GLY A 828 11.37 16.92 3.42
C GLY A 828 11.30 16.73 1.92
N GLN A 829 12.35 16.09 1.39
CA GLN A 829 12.55 15.84 -0.03
C GLN A 829 11.43 15.05 -0.69
N PHE A 830 10.49 14.48 0.09
CA PHE A 830 9.28 13.93 -0.49
C PHE A 830 8.52 14.99 -1.27
N CYS A 831 8.42 16.19 -0.71
CA CYS A 831 7.86 17.33 -1.42
C CYS A 831 8.59 17.60 -2.72
N SER A 832 9.93 17.57 -2.67
CA SER A 832 10.71 17.87 -3.86
C SER A 832 10.47 16.83 -4.94
N LYS A 833 10.40 15.56 -4.57
CA LYS A 833 10.11 14.51 -5.53
C LYS A 833 8.72 14.68 -6.13
N ILE A 834 7.74 15.04 -5.30
CA ILE A 834 6.38 15.24 -5.81
C ILE A 834 6.36 16.41 -6.79
N ASN A 835 6.99 17.53 -6.43
CA ASN A 835 7.00 18.70 -7.29
C ASN A 835 7.72 18.41 -8.59
N GLN A 836 8.85 17.71 -8.53
CA GLN A 836 9.59 17.36 -9.74
C GLN A 836 8.77 16.45 -10.64
N ALA A 837 8.08 15.47 -10.05
CA ALA A 837 7.29 14.54 -10.85
C ALA A 837 6.12 15.25 -11.51
N LEU A 838 5.39 16.07 -10.76
CA LEU A 838 4.24 16.75 -11.35
C LEU A 838 4.68 17.78 -12.37
N HIS A 839 5.80 18.46 -12.11
CA HIS A 839 6.31 19.44 -13.06
C HIS A 839 6.76 18.77 -14.35
N GLY A 840 7.43 17.63 -14.23
CA GLY A 840 7.85 16.91 -15.43
C GLY A 840 6.68 16.36 -16.21
N ALA A 841 5.65 15.88 -15.49
CA ALA A 841 4.45 15.41 -16.18
C ALA A 841 3.75 16.54 -16.91
N ASN A 842 3.64 17.70 -16.25
CA ASN A 842 3.06 18.86 -16.90
C ASN A 842 3.88 19.28 -18.11
N LEU A 843 5.21 19.27 -17.96
CA LEU A 843 6.09 19.66 -19.05
C LEU A 843 5.97 18.71 -20.24
N ARG A 844 5.88 17.42 -19.97
CA ARG A 844 5.70 16.45 -21.05
C ARG A 844 4.35 16.63 -21.73
N GLN A 845 3.31 16.94 -20.94
CA GLN A 845 2.02 17.25 -21.51
C GLN A 845 2.09 18.46 -22.43
N ASP A 846 2.79 19.50 -21.99
CA ASP A 846 2.92 20.70 -22.80
C ASP A 846 3.75 20.45 -24.04
N ASP A 847 4.78 19.60 -23.93
CA ASP A 847 5.60 19.28 -25.09
C ASP A 847 4.81 18.48 -26.11
N SER A 848 3.98 17.55 -25.64
CA SER A 848 3.10 16.82 -26.55
C SER A 848 2.12 17.77 -27.22
N VAL A 849 1.59 18.72 -26.46
CA VAL A 849 0.68 19.73 -27.00
C VAL A 849 1.37 20.54 -28.08
N ARG A 850 2.60 20.97 -27.80
CA ARG A 850 3.37 21.77 -28.73
C ARG A 850 3.69 20.99 -30.01
N ASN A 851 4.08 19.72 -29.84
CA ASN A 851 4.40 18.88 -30.99
C ASN A 851 3.17 18.64 -31.85
N LEU A 852 2.03 18.36 -31.23
CA LEU A 852 0.84 18.11 -32.02
C LEU A 852 0.39 19.38 -32.73
N PHE A 853 0.44 20.52 -32.03
CA PHE A 853 -0.11 21.74 -32.61
C PHE A 853 0.79 22.30 -33.70
N ALA A 854 2.11 22.18 -33.52
CA ALA A 854 3.01 22.50 -34.62
C ALA A 854 2.82 21.52 -35.77
N SER A 855 2.58 20.25 -35.45
CA SER A 855 2.36 19.24 -36.48
C SER A 855 1.05 19.47 -37.21
N VAL A 856 -0.02 19.78 -36.48
CA VAL A 856 -1.31 19.92 -37.15
C VAL A 856 -1.42 21.29 -37.80
N LYS A 857 -0.49 22.19 -37.48
CA LYS A 857 -0.42 23.49 -38.13
C LYS A 857 -0.20 23.33 -39.62
N SER A 858 -1.22 23.67 -40.41
CA SER A 858 -1.02 23.79 -41.84
C SER A 858 -0.06 24.93 -42.12
N SER A 859 0.95 24.67 -42.95
CA SER A 859 1.93 25.69 -43.26
C SER A 859 1.31 26.83 -44.05
N GLN A 860 0.21 26.56 -44.74
CA GLN A 860 -0.51 27.57 -45.51
C GLN A 860 -1.98 27.18 -45.52
N SER A 861 -2.85 28.18 -45.39
CA SER A 861 -4.27 27.92 -45.22
C SER A 861 -5.05 29.04 -45.90
N SER A 862 -6.33 29.15 -45.55
CA SER A 862 -7.24 30.13 -46.11
C SER A 862 -8.07 30.74 -44.98
N PRO A 863 -8.49 32.00 -45.12
CA PRO A 863 -9.31 32.61 -44.07
C PRO A 863 -10.74 32.08 -44.05
N ILE A 864 -11.58 32.68 -43.21
CA ILE A 864 -12.95 32.25 -43.03
C ILE A 864 -13.87 33.33 -43.57
N ILE A 865 -14.74 32.95 -44.50
CA ILE A 865 -15.74 33.87 -45.03
C ILE A 865 -17.12 33.23 -44.92
N PRO A 866 -18.18 34.02 -44.78
CA PRO A 866 -19.52 33.50 -45.02
C PRO A 866 -19.73 33.22 -46.50
N GLY A 867 -20.70 32.36 -46.79
CA GLY A 867 -20.88 31.85 -48.12
C GLY A 867 -19.99 30.68 -48.47
N PHE A 868 -19.13 30.25 -47.55
CA PHE A 868 -18.31 29.07 -47.76
C PHE A 868 -19.19 27.83 -47.82
N GLY A 869 -18.93 26.98 -48.79
CA GLY A 869 -19.69 25.76 -48.81
C GLY A 869 -20.83 26.11 -49.67
N GLY A 870 -21.15 27.40 -49.70
CA GLY A 870 -22.25 27.85 -50.48
C GLY A 870 -23.42 26.95 -50.21
N ASP A 871 -23.68 26.03 -51.13
CA ASP A 871 -24.78 25.13 -50.97
C ASP A 871 -24.71 24.36 -49.70
N PHE A 872 -23.54 24.14 -49.18
CA PHE A 872 -23.50 23.35 -48.01
C PHE A 872 -23.77 24.25 -46.85
N ASN A 873 -24.96 24.13 -46.24
CA ASN A 873 -25.22 24.88 -45.01
C ASN A 873 -24.28 24.37 -43.94
N LEU A 874 -23.23 25.13 -43.67
CA LEU A 874 -22.15 24.74 -42.76
C LEU A 874 -22.02 25.76 -41.63
N THR A 875 -23.17 26.22 -41.12
CA THR A 875 -23.18 27.34 -40.18
C THR A 875 -22.54 26.99 -38.85
N LEU A 876 -22.54 25.71 -38.48
CA LEU A 876 -21.87 25.30 -37.26
C LEU A 876 -20.37 25.49 -37.38
N LEU A 877 -19.85 25.41 -38.59
CA LEU A 877 -18.40 25.43 -38.80
C LEU A 877 -17.84 26.84 -38.61
N GLU A 878 -18.58 27.85 -39.04
CA GLU A 878 -18.03 29.19 -39.15
C GLU A 878 -17.85 29.81 -37.77
N PRO A 879 -16.66 30.31 -37.42
CA PRO A 879 -16.49 31.05 -36.18
C PRO A 879 -17.01 32.47 -36.31
N VAL A 880 -18.02 32.80 -35.51
CA VAL A 880 -18.63 34.11 -35.55
C VAL A 880 -17.72 35.15 -34.90
N ALA A 889 -15.43 35.11 -30.97
CA ALA A 889 -14.03 34.80 -31.23
C ALA A 889 -13.81 33.28 -31.26
N ARG A 890 -14.90 32.54 -31.27
CA ARG A 890 -14.90 31.09 -31.28
C ARG A 890 -15.93 30.57 -32.28
N SER A 891 -15.94 29.24 -32.46
CA SER A 891 -16.83 28.63 -33.43
C SER A 891 -18.20 28.34 -32.82
N ALA A 892 -19.21 28.34 -33.68
CA ALA A 892 -20.58 28.10 -33.24
C ALA A 892 -20.75 26.66 -32.76
N ILE A 893 -20.18 25.69 -33.48
CA ILE A 893 -20.24 24.31 -33.05
C ILE A 893 -19.44 24.12 -31.77
N GLU A 894 -18.39 24.94 -31.58
CA GLU A 894 -17.66 24.93 -30.31
C GLU A 894 -18.54 25.42 -29.18
N ASP A 895 -19.35 26.44 -29.42
CA ASP A 895 -20.28 26.91 -28.39
C ASP A 895 -21.30 25.82 -28.06
N LEU A 896 -21.92 25.25 -29.09
CA LEU A 896 -22.94 24.23 -28.85
C LEU A 896 -22.36 22.98 -28.23
N LEU A 897 -21.06 22.76 -28.37
CA LEU A 897 -20.41 21.73 -27.58
C LEU A 897 -20.19 22.20 -26.15
N PHE A 898 -19.37 23.24 -25.98
CA PHE A 898 -18.81 23.60 -24.68
C PHE A 898 -19.88 24.03 -23.70
N ASP A 899 -20.87 24.79 -24.18
CA ASP A 899 -21.95 25.24 -23.32
C ASP A 899 -22.80 24.07 -22.84
N LYS A 900 -23.07 23.12 -23.72
CA LYS A 900 -23.81 21.93 -23.33
C LYS A 900 -22.97 20.99 -22.48
N VAL A 901 -21.64 21.10 -22.55
CA VAL A 901 -20.80 20.37 -21.61
C VAL A 901 -21.06 20.89 -20.20
N THR A 902 -21.33 19.98 -19.29
CA THR A 902 -21.53 20.35 -17.90
C THR A 902 -20.17 20.80 -17.36
N ILE A 903 -19.95 22.11 -17.38
CA ILE A 903 -18.71 22.70 -16.93
C ILE A 903 -18.94 23.29 -15.55
N ALA A 904 -17.86 23.73 -14.90
CA ALA A 904 -17.96 24.24 -13.53
C ALA A 904 -17.03 25.43 -13.32
N ASP A 905 -17.56 26.64 -13.58
CA ASP A 905 -17.11 27.95 -13.08
C ASP A 905 -15.60 28.18 -13.12
N PRO A 906 -15.03 28.50 -14.28
CA PRO A 906 -13.57 28.67 -14.39
C PRO A 906 -12.98 29.74 -13.48
N GLY A 907 -13.46 30.97 -13.59
CA GLY A 907 -12.95 32.07 -12.79
C GLY A 907 -11.49 32.39 -13.07
N TYR A 908 -11.14 32.51 -14.34
CA TYR A 908 -9.75 32.71 -14.75
C TYR A 908 -9.25 34.13 -14.54
N MET A 909 -10.12 35.08 -14.30
CA MET A 909 -9.68 36.41 -13.89
C MET A 909 -10.41 36.90 -12.65
N GLN A 910 -11.69 36.59 -12.54
CA GLN A 910 -12.53 37.04 -11.42
C GLN A 910 -12.87 35.89 -10.47
N GLY A 911 -11.99 34.89 -10.37
CA GLY A 911 -12.19 33.80 -9.45
C GLY A 911 -12.17 34.23 -7.99
N TYR A 912 -11.18 35.05 -7.65
CA TYR A 912 -11.17 35.73 -6.36
C TYR A 912 -12.39 36.64 -6.22
N ASP A 913 -12.75 37.33 -7.30
CA ASP A 913 -13.97 38.12 -7.31
C ASP A 913 -15.21 37.25 -7.28
N ASP A 914 -15.15 36.02 -7.81
CA ASP A 914 -16.28 35.10 -7.66
C ASP A 914 -16.45 34.67 -6.21
N CYS A 915 -15.34 34.46 -5.51
CA CYS A 915 -15.42 34.22 -4.07
C CYS A 915 -15.90 35.45 -3.32
N MET A 916 -15.63 36.63 -3.86
CA MET A 916 -16.19 37.87 -3.34
C MET A 916 -17.59 38.16 -3.86
N GLN A 917 -18.14 37.30 -4.71
CA GLN A 917 -19.48 37.49 -5.26
C GLN A 917 -20.54 36.84 -4.37
N GLN A 918 -20.44 35.53 -4.17
CA GLN A 918 -21.43 34.80 -3.38
C GLN A 918 -20.75 33.72 -2.55
N LEU A 926 -16.48 25.93 -6.74
CA LEU A 926 -15.72 24.82 -7.31
C LEU A 926 -14.26 25.21 -7.48
N ILE A 927 -14.01 26.09 -8.45
CA ILE A 927 -12.68 26.66 -8.64
C ILE A 927 -12.48 27.94 -7.83
N CYS A 928 -13.58 28.49 -7.28
CA CYS A 928 -13.45 29.48 -6.21
C CYS A 928 -12.68 28.89 -5.03
N ALA A 929 -12.89 27.61 -4.75
CA ALA A 929 -11.93 26.87 -3.93
C ALA A 929 -10.58 26.90 -4.62
N GLN A 930 -9.62 27.58 -3.99
CA GLN A 930 -8.24 27.62 -4.46
C GLN A 930 -7.27 27.14 -3.40
N TYR A 931 -7.41 27.64 -2.18
CA TYR A 931 -6.76 27.04 -1.01
C TYR A 931 -7.62 25.96 -0.40
N VAL A 932 -8.94 26.11 -0.50
CA VAL A 932 -9.85 25.02 -0.18
C VAL A 932 -9.62 23.85 -1.13
N ALA A 933 -9.47 24.15 -2.43
CA ALA A 933 -8.98 23.14 -3.35
C ALA A 933 -7.52 22.82 -3.08
N GLY A 934 -6.75 23.82 -2.63
CA GLY A 934 -5.39 23.59 -2.22
C GLY A 934 -4.37 23.55 -3.33
N TYR A 935 -4.78 23.74 -4.57
CA TYR A 935 -3.86 23.65 -5.68
C TYR A 935 -4.13 24.78 -6.67
N LYS A 936 -3.22 24.94 -7.62
CA LYS A 936 -3.39 25.89 -8.70
C LYS A 936 -3.75 25.17 -9.99
N VAL A 937 -4.86 25.57 -10.57
CA VAL A 937 -5.17 25.17 -11.94
C VAL A 937 -4.24 25.93 -12.88
N LEU A 938 -3.48 25.19 -13.67
CA LEU A 938 -2.58 25.83 -14.63
C LEU A 938 -3.40 26.33 -15.81
N PRO A 939 -3.27 27.58 -16.20
CA PRO A 939 -3.93 28.05 -17.42
C PRO A 939 -3.42 27.29 -18.63
N PRO A 940 -4.27 27.10 -19.63
CA PRO A 940 -3.86 26.34 -20.82
C PRO A 940 -2.75 27.05 -21.59
N LEU A 941 -2.01 26.24 -22.35
CA LEU A 941 -0.78 26.70 -22.97
C LEU A 941 -1.02 27.75 -24.05
N MET A 942 -2.18 27.76 -24.68
CA MET A 942 -2.53 28.77 -25.68
C MET A 942 -3.66 29.65 -25.17
N ASP A 943 -4.01 30.64 -25.98
CA ASP A 943 -5.32 31.27 -25.87
C ASP A 943 -6.40 30.32 -26.35
N VAL A 944 -7.61 30.49 -25.82
CA VAL A 944 -8.77 29.91 -26.44
C VAL A 944 -8.91 30.44 -27.86
N ASN A 945 -8.59 31.72 -28.04
CA ASN A 945 -8.47 32.29 -29.37
C ASN A 945 -7.45 31.54 -30.22
N MET A 946 -6.39 31.02 -29.60
CA MET A 946 -5.40 30.31 -30.40
C MET A 946 -5.84 28.90 -30.80
N GLU A 947 -6.57 28.17 -29.95
CA GLU A 947 -7.10 26.90 -30.45
C GLU A 947 -8.18 27.15 -31.49
N ALA A 948 -8.92 28.26 -31.34
CA ALA A 948 -9.83 28.67 -32.40
C ALA A 948 -9.09 28.94 -33.68
N ALA A 949 -7.92 29.59 -33.59
CA ALA A 949 -7.11 29.85 -34.77
C ALA A 949 -6.55 28.56 -35.36
N TYR A 950 -6.20 27.60 -34.49
CA TYR A 950 -5.72 26.30 -34.96
C TYR A 950 -6.80 25.59 -35.75
N THR A 951 -8.01 25.54 -35.19
CA THR A 951 -9.13 24.95 -35.90
C THR A 951 -9.49 25.72 -37.15
N SER A 952 -9.28 27.04 -37.13
CA SER A 952 -9.53 27.86 -38.31
C SER A 952 -8.57 27.51 -39.44
N SER A 953 -7.29 27.37 -39.09
CA SER A 953 -6.30 26.92 -40.05
C SER A 953 -6.64 25.53 -40.57
N LEU A 954 -7.16 24.68 -39.70
CA LEU A 954 -7.57 23.35 -40.13
C LEU A 954 -8.75 23.40 -41.09
N LEU A 955 -9.73 24.24 -40.78
CA LEU A 955 -10.90 24.37 -41.65
C LEU A 955 -10.49 24.91 -43.01
N GLY A 956 -9.58 25.87 -43.04
CA GLY A 956 -9.02 26.31 -44.30
C GLY A 956 -8.21 25.23 -44.99
N SER A 957 -7.52 24.39 -44.22
CA SER A 957 -6.62 23.40 -44.78
C SER A 957 -7.40 22.30 -45.50
N ILE A 958 -8.41 21.74 -44.84
CA ILE A 958 -9.08 20.54 -45.33
C ILE A 958 -9.80 20.81 -46.64
N ALA A 959 -10.24 22.06 -46.86
CA ALA A 959 -10.86 22.42 -48.12
C ALA A 959 -9.89 22.31 -49.30
N GLY A 960 -8.59 22.29 -49.07
CA GLY A 960 -7.66 22.27 -50.17
C GLY A 960 -6.66 21.14 -50.21
N VAL A 961 -6.35 20.56 -49.06
CA VAL A 961 -5.31 19.52 -49.02
C VAL A 961 -5.80 18.24 -49.70
N GLY A 962 -7.10 17.95 -49.61
CA GLY A 962 -7.60 16.65 -50.02
C GLY A 962 -7.77 16.44 -51.51
N TRP A 963 -6.78 16.82 -52.32
CA TRP A 963 -6.83 16.48 -53.72
C TRP A 963 -5.51 15.90 -54.20
N THR A 964 -4.43 16.27 -53.54
CA THR A 964 -3.10 15.88 -53.99
C THR A 964 -2.32 15.29 -52.83
N ALA A 965 -1.68 14.15 -53.08
CA ALA A 965 -0.79 13.57 -52.10
C ALA A 965 0.43 14.47 -51.92
N GLY A 966 0.90 14.58 -50.68
CA GLY A 966 2.07 15.38 -50.39
C GLY A 966 1.74 16.75 -49.80
N LEU A 967 2.44 17.12 -48.74
CA LEU A 967 2.22 18.38 -48.05
C LEU A 967 3.01 19.54 -48.67
N SER A 968 3.39 19.41 -49.94
CA SER A 968 4.30 20.40 -50.53
C SER A 968 3.60 21.73 -50.76
N SER A 969 2.41 21.70 -51.35
CA SER A 969 1.71 22.91 -51.77
C SER A 969 0.36 23.01 -51.09
N PHE A 970 -0.41 24.01 -51.49
CA PHE A 970 -1.79 24.15 -51.05
C PHE A 970 -2.67 24.54 -52.22
N ALA A 971 -3.85 23.94 -52.28
CA ALA A 971 -4.71 23.95 -53.46
C ALA A 971 -6.16 24.21 -53.06
N ALA A 972 -6.41 25.30 -52.32
CA ALA A 972 -7.72 25.52 -51.72
C ALA A 972 -8.81 25.82 -52.75
N ILE A 973 -9.20 24.78 -53.49
CA ILE A 973 -10.28 24.78 -54.46
C ILE A 973 -11.60 25.03 -53.72
N PRO A 974 -12.61 25.64 -54.35
CA PRO A 974 -13.94 25.71 -53.74
C PRO A 974 -14.44 24.35 -53.28
N PHE A 975 -15.13 24.36 -52.15
CA PHE A 975 -15.34 23.16 -51.35
C PHE A 975 -16.20 22.13 -52.07
N ALA A 976 -17.15 22.58 -52.88
CA ALA A 976 -18.07 21.65 -53.54
C ALA A 976 -17.33 20.75 -54.51
N GLN A 977 -16.42 21.33 -55.30
CA GLN A 977 -15.62 20.53 -56.21
C GLN A 977 -14.72 19.57 -55.46
N SER A 978 -14.20 20.00 -54.31
CA SER A 978 -13.38 19.12 -53.48
C SER A 978 -14.18 17.93 -52.99
N ILE A 979 -15.40 18.17 -52.52
CA ILE A 979 -16.26 17.10 -52.06
C ILE A 979 -16.58 16.15 -53.20
N PHE A 980 -16.81 16.71 -54.39
CA PHE A 980 -17.12 15.89 -55.55
C PHE A 980 -15.95 15.00 -55.94
N TYR A 981 -14.74 15.54 -55.93
CA TYR A 981 -13.59 14.73 -56.27
C TYR A 981 -13.30 13.68 -55.21
N ARG A 982 -13.56 14.02 -53.94
CA ARG A 982 -13.38 13.05 -52.87
C ARG A 982 -14.39 11.92 -52.98
N LEU A 983 -15.62 12.22 -53.41
CA LEU A 983 -16.58 11.16 -53.68
C LEU A 983 -16.19 10.35 -54.91
N ASN A 984 -15.57 10.99 -55.90
CA ASN A 984 -15.05 10.25 -57.04
C ASN A 984 -13.94 9.30 -56.63
N GLY A 985 -13.20 9.65 -55.57
CA GLY A 985 -12.13 8.77 -55.11
C GLY A 985 -12.62 7.45 -54.56
N VAL A 986 -13.68 7.49 -53.74
CA VAL A 986 -14.11 6.28 -53.03
C VAL A 986 -14.97 5.36 -53.88
N GLY A 987 -15.15 5.66 -55.16
CA GLY A 987 -15.82 4.74 -56.05
C GLY A 987 -17.22 5.15 -56.47
N ILE A 988 -17.42 6.45 -56.64
CA ILE A 988 -18.69 6.99 -57.11
C ILE A 988 -18.41 7.74 -58.41
N THR A 989 -19.20 7.44 -59.45
CA THR A 989 -18.94 8.03 -60.75
C THR A 989 -19.31 9.51 -60.76
N GLN A 990 -18.67 10.24 -61.67
CA GLN A 990 -18.90 11.68 -61.78
C GLN A 990 -20.31 12.00 -62.26
N GLN A 991 -20.97 11.07 -62.94
CA GLN A 991 -22.29 11.33 -63.50
C GLN A 991 -23.32 11.55 -62.41
N VAL A 992 -23.41 10.60 -61.46
CA VAL A 992 -24.40 10.69 -60.40
C VAL A 992 -24.12 11.89 -59.51
N LEU A 993 -22.86 12.29 -59.39
CA LEU A 993 -22.53 13.57 -58.80
C LEU A 993 -23.09 14.71 -59.63
N SER A 994 -23.01 14.60 -60.95
CA SER A 994 -23.38 15.71 -61.82
C SER A 994 -24.88 15.98 -61.82
N GLU A 995 -25.71 14.95 -61.68
CA GLU A 995 -27.15 15.22 -61.63
C GLU A 995 -27.73 15.23 -60.23
N ASN A 996 -26.93 14.98 -59.19
CA ASN A 996 -27.51 14.91 -57.85
C ASN A 996 -26.67 15.68 -56.84
N GLN A 997 -26.17 16.84 -57.26
CA GLN A 997 -25.47 17.72 -56.32
C GLN A 997 -26.40 18.22 -55.22
N LYS A 998 -27.63 18.62 -55.58
CA LYS A 998 -28.55 19.12 -54.59
C LYS A 998 -29.02 18.01 -53.65
N LEU A 999 -29.18 16.80 -54.17
CA LEU A 999 -29.66 15.69 -53.35
C LEU A 999 -28.62 15.33 -52.28
N ILE A 1000 -27.37 15.17 -52.69
CA ILE A 1000 -26.34 14.86 -51.72
C ILE A 1000 -26.08 16.04 -50.80
N ALA A 1001 -26.31 17.26 -51.29
CA ALA A 1001 -26.19 18.43 -50.43
C ALA A 1001 -27.24 18.41 -49.34
N ASN A 1002 -28.48 18.06 -49.70
CA ASN A 1002 -29.55 17.99 -48.72
C ASN A 1002 -29.32 16.88 -47.72
N LYS A 1003 -28.81 15.73 -48.19
CA LYS A 1003 -28.50 14.65 -47.27
C LYS A 1003 -27.37 15.03 -46.34
N PHE A 1004 -26.37 15.75 -46.85
CA PHE A 1004 -25.29 16.27 -46.02
C PHE A 1004 -25.81 17.21 -44.96
N ASN A 1005 -26.68 18.14 -45.38
CA ASN A 1005 -27.23 19.12 -44.45
C ASN A 1005 -28.09 18.45 -43.38
N GLN A 1006 -28.87 17.43 -43.78
CA GLN A 1006 -29.69 16.70 -42.82
C GLN A 1006 -28.84 15.97 -41.81
N ALA A 1007 -27.76 15.33 -42.26
CA ALA A 1007 -26.89 14.63 -41.34
C ALA A 1007 -26.21 15.61 -40.37
N LEU A 1008 -25.80 16.77 -40.89
CA LEU A 1008 -25.20 17.77 -40.03
C LEU A 1008 -26.19 18.33 -39.02
N GLY A 1009 -27.45 18.48 -39.43
CA GLY A 1009 -28.46 18.90 -38.49
C GLY A 1009 -28.72 17.84 -37.43
N ALA A 1010 -28.73 16.58 -37.84
CA ALA A 1010 -29.00 15.49 -36.90
C ALA A 1010 -27.90 15.38 -35.85
N MET A 1011 -26.64 15.47 -36.26
CA MET A 1011 -25.57 15.51 -35.28
C MET A 1011 -25.61 16.81 -34.49
N GLN A 1012 -26.06 17.89 -35.12
CA GLN A 1012 -26.23 19.14 -34.40
C GLN A 1012 -27.34 19.05 -33.37
N THR A 1013 -28.51 18.57 -33.78
CA THR A 1013 -29.63 18.47 -32.86
C THR A 1013 -29.51 17.28 -31.92
N GLY A 1014 -28.59 16.37 -32.16
CA GLY A 1014 -28.45 15.19 -31.36
C GLY A 1014 -27.62 15.35 -30.11
N PHE A 1015 -27.32 16.59 -29.71
CA PHE A 1015 -26.42 16.84 -28.59
C PHE A 1015 -27.15 16.49 -27.30
N THR A 1016 -27.17 15.18 -27.02
CA THR A 1016 -27.90 14.63 -25.89
C THR A 1016 -27.23 13.31 -25.52
N THR A 1017 -27.92 12.51 -24.70
CA THR A 1017 -27.38 11.26 -24.20
C THR A 1017 -27.16 10.23 -25.32
N THR A 1018 -27.84 10.41 -26.45
CA THR A 1018 -27.74 9.47 -27.58
C THR A 1018 -26.35 9.43 -28.19
N ASN A 1019 -25.50 10.40 -27.91
CA ASN A 1019 -24.15 10.44 -28.46
C ASN A 1019 -23.19 9.84 -27.46
N GLU A 1020 -22.51 8.76 -27.84
CA GLU A 1020 -21.54 8.17 -26.93
C GLU A 1020 -20.30 9.07 -26.80
N ALA A 1021 -20.01 9.88 -27.81
CA ALA A 1021 -18.91 10.83 -27.70
C ALA A 1021 -19.24 11.92 -26.69
N PHE A 1022 -20.50 12.35 -26.66
CA PHE A 1022 -20.96 13.30 -25.66
C PHE A 1022 -20.82 12.70 -24.26
N GLN A 1023 -21.18 11.42 -24.12
CA GLN A 1023 -21.02 10.73 -22.86
C GLN A 1023 -19.55 10.65 -22.47
N LYS A 1024 -18.67 10.38 -23.44
CA LYS A 1024 -17.26 10.21 -23.11
C LYS A 1024 -16.57 11.52 -22.80
N VAL A 1025 -16.95 12.62 -23.44
CA VAL A 1025 -16.36 13.90 -23.04
C VAL A 1025 -16.86 14.29 -21.66
N GLN A 1026 -18.12 13.99 -21.35
CA GLN A 1026 -18.57 14.18 -19.98
C GLN A 1026 -17.85 13.26 -19.02
N ASP A 1027 -17.45 12.06 -19.49
CA ASP A 1027 -16.68 11.15 -18.66
C ASP A 1027 -15.30 11.71 -18.35
N ALA A 1028 -14.66 12.33 -19.34
CA ALA A 1028 -13.36 12.95 -19.12
C ALA A 1028 -13.48 14.11 -18.16
N VAL A 1029 -14.54 14.91 -18.32
CA VAL A 1029 -14.80 16.01 -17.39
C VAL A 1029 -15.00 15.49 -15.97
N ASN A 1030 -15.78 14.41 -15.83
CA ASN A 1030 -16.01 13.83 -14.52
C ASN A 1030 -14.75 13.17 -13.97
N ASN A 1031 -13.86 12.69 -14.84
CA ASN A 1031 -12.60 12.15 -14.38
C ASN A 1031 -11.74 13.24 -13.77
N ASN A 1032 -11.70 14.40 -14.42
CA ASN A 1032 -11.04 15.56 -13.83
C ASN A 1032 -11.69 15.95 -12.51
N ALA A 1033 -13.02 15.92 -12.47
CA ALA A 1033 -13.76 16.28 -11.26
C ALA A 1033 -13.44 15.31 -10.12
N GLN A 1034 -13.40 14.02 -10.42
CA GLN A 1034 -13.09 13.02 -9.39
C GLN A 1034 -11.64 13.16 -8.92
N ALA A 1035 -10.73 13.47 -9.85
CA ALA A 1035 -9.33 13.65 -9.48
C ALA A 1035 -9.16 14.82 -8.53
N LEU A 1036 -9.84 15.94 -8.81
CA LEU A 1036 -9.72 17.08 -7.91
C LEU A 1036 -10.45 16.84 -6.59
N SER A 1037 -11.60 16.16 -6.66
CA SER A 1037 -12.37 15.87 -5.45
C SER A 1037 -11.67 14.87 -4.56
N LYS A 1038 -10.77 14.06 -5.12
CA LYS A 1038 -9.95 13.19 -4.29
C LYS A 1038 -9.11 14.01 -3.33
N LEU A 1039 -8.44 15.04 -3.85
CA LEU A 1039 -7.69 15.93 -2.97
C LEU A 1039 -8.60 16.73 -2.07
N ALA A 1040 -9.75 17.17 -2.61
CA ALA A 1040 -10.65 18.03 -1.85
C ALA A 1040 -11.22 17.32 -0.63
N SER A 1041 -11.75 16.12 -0.81
CA SER A 1041 -12.41 15.40 0.27
C SER A 1041 -11.44 14.78 1.24
N GLU A 1042 -10.16 14.65 0.88
CA GLU A 1042 -9.23 13.98 1.77
C GLU A 1042 -8.73 14.87 2.89
N LEU A 1043 -9.07 16.17 2.87
CA LEU A 1043 -8.85 16.99 4.04
C LEU A 1043 -9.72 16.53 5.20
N SER A 1044 -10.90 16.00 4.90
CA SER A 1044 -11.78 15.48 5.94
C SER A 1044 -11.20 14.24 6.61
N ASN A 1045 -10.38 13.48 5.90
CA ASN A 1045 -9.83 12.25 6.46
C ASN A 1045 -8.83 12.59 7.55
N THR A 1046 -9.02 11.97 8.70
CA THR A 1046 -8.10 12.10 9.81
C THR A 1046 -7.16 10.92 9.95
N PHE A 1047 -7.42 9.83 9.22
CA PHE A 1047 -6.59 8.62 9.21
C PHE A 1047 -6.45 8.00 10.59
N GLY A 1048 -7.37 8.29 11.50
CA GLY A 1048 -7.25 7.91 12.88
C GLY A 1048 -7.04 9.06 13.83
N ALA A 1049 -6.80 10.27 13.34
CA ALA A 1049 -6.66 11.40 14.24
C ALA A 1049 -8.02 11.79 14.83
N ILE A 1050 -7.97 12.53 15.93
CA ILE A 1050 -9.19 12.89 16.63
C ILE A 1050 -10.03 13.90 15.85
N SER A 1051 -9.42 14.64 14.94
CA SER A 1051 -10.13 15.63 14.15
C SER A 1051 -9.30 15.90 12.89
N ALA A 1052 -9.82 16.78 12.05
CA ALA A 1052 -9.14 17.19 10.84
C ALA A 1052 -8.60 18.62 10.89
N SER A 1053 -9.24 19.50 11.65
CA SER A 1053 -8.81 20.89 11.76
C SER A 1053 -7.50 20.93 12.53
N ILE A 1054 -6.40 21.15 11.80
CA ILE A 1054 -5.07 21.14 12.39
C ILE A 1054 -4.93 22.28 13.40
N GLY A 1055 -5.57 23.41 13.12
CA GLY A 1055 -5.62 24.48 14.10
C GLY A 1055 -6.32 24.06 15.38
N ASP A 1056 -7.42 23.33 15.26
CA ASP A 1056 -8.05 22.78 16.46
C ASP A 1056 -7.18 21.71 17.09
N ILE A 1057 -6.42 20.97 16.28
CA ILE A 1057 -5.53 19.94 16.80
C ILE A 1057 -4.49 20.55 17.71
N ILE A 1058 -3.86 21.64 17.26
CA ILE A 1058 -2.88 22.30 18.11
C ILE A 1058 -3.56 23.15 19.17
N GLN A 1059 -4.83 23.49 19.00
CA GLN A 1059 -5.55 24.23 20.03
C GLN A 1059 -5.83 23.34 21.23
N ARG A 1060 -6.15 22.08 21.00
CA ARG A 1060 -6.63 21.24 22.09
C ARG A 1060 -5.56 20.36 22.71
N LEU A 1061 -4.56 19.93 21.94
CA LEU A 1061 -3.73 18.82 22.37
C LEU A 1061 -2.31 19.30 22.65
N ASP A 1062 -1.65 18.61 23.58
CA ASP A 1062 -0.28 18.93 23.96
C ASP A 1062 0.68 18.62 22.81
N PRO A 1063 1.85 19.27 22.80
CA PRO A 1063 2.86 19.01 21.74
C PRO A 1063 3.25 17.55 21.58
N PRO A 1064 3.63 16.80 22.64
CA PRO A 1064 4.25 15.48 22.39
C PRO A 1064 3.34 14.47 21.71
N GLU A 1065 2.03 14.54 21.94
CA GLU A 1065 1.11 13.62 21.28
C GLU A 1065 0.61 14.17 19.95
N GLN A 1066 0.44 15.48 19.84
CA GLN A 1066 0.03 16.04 18.57
C GLN A 1066 1.13 15.92 17.53
N ASP A 1067 2.38 15.73 17.95
CA ASP A 1067 3.43 15.37 17.01
C ASP A 1067 3.09 14.07 16.30
N ALA A 1068 2.70 13.05 17.05
CA ALA A 1068 2.32 11.78 16.46
C ALA A 1068 1.05 11.92 15.63
N GLN A 1069 0.09 12.71 16.10
CA GLN A 1069 -1.15 12.88 15.36
C GLN A 1069 -0.91 13.58 14.02
N ILE A 1070 -0.15 14.67 14.03
CA ILE A 1070 0.21 15.37 12.80
C ILE A 1070 1.03 14.47 11.90
N ASP A 1071 1.89 13.63 12.49
CA ASP A 1071 2.70 12.72 11.69
C ASP A 1071 1.81 11.74 10.95
N ARG A 1072 0.79 11.21 11.64
CA ARG A 1072 -0.16 10.33 10.99
C ARG A 1072 -0.89 11.05 9.86
N LEU A 1073 -1.30 12.30 10.12
CA LEU A 1073 -1.99 13.09 9.11
C LEU A 1073 -1.12 13.31 7.87
N ILE A 1074 0.14 13.68 8.08
CA ILE A 1074 0.97 14.03 6.94
C ILE A 1074 1.42 12.78 6.21
N ASN A 1075 1.54 11.65 6.91
CA ASN A 1075 1.84 10.40 6.21
C ASN A 1075 0.70 9.99 5.30
N GLY A 1076 -0.53 10.09 5.81
CA GLY A 1076 -1.68 9.83 4.96
C GLY A 1076 -1.74 10.79 3.78
N ARG A 1077 -1.47 12.07 4.03
CA ARG A 1077 -1.50 13.07 2.96
C ARG A 1077 -0.44 12.79 1.90
N LEU A 1078 0.78 12.49 2.32
CA LEU A 1078 1.85 12.26 1.35
C LEU A 1078 1.60 11.00 0.54
N THR A 1079 1.04 9.95 1.17
CA THR A 1079 0.70 8.76 0.40
C THR A 1079 -0.38 9.05 -0.63
N THR A 1080 -1.38 9.86 -0.25
CA THR A 1080 -2.43 10.21 -1.21
C THR A 1080 -1.87 11.02 -2.37
N LEU A 1081 -0.95 11.95 -2.08
CA LEU A 1081 -0.33 12.69 -3.17
C LEU A 1081 0.56 11.82 -4.05
N ASN A 1082 1.23 10.81 -3.46
CA ASN A 1082 1.99 9.87 -4.28
C ASN A 1082 1.07 9.12 -5.23
N ALA A 1083 -0.07 8.66 -4.71
CA ALA A 1083 -1.04 7.96 -5.55
C ALA A 1083 -1.59 8.90 -6.62
N PHE A 1084 -1.82 10.15 -6.26
CA PHE A 1084 -2.29 11.15 -7.21
C PHE A 1084 -1.27 11.38 -8.32
N VAL A 1085 0.00 11.45 -7.95
CA VAL A 1085 1.06 11.67 -8.92
C VAL A 1085 1.16 10.50 -9.88
N ALA A 1086 1.11 9.28 -9.35
CA ALA A 1086 1.15 8.10 -10.22
C ALA A 1086 -0.09 8.05 -11.12
N GLN A 1087 -1.23 8.47 -10.59
CA GLN A 1087 -2.47 8.42 -11.35
C GLN A 1087 -2.43 9.38 -12.53
N GLN A 1088 -1.99 10.62 -12.29
CA GLN A 1088 -1.84 11.52 -13.44
C GLN A 1088 -0.65 11.17 -14.30
N LEU A 1089 0.32 10.42 -13.78
CA LEU A 1089 1.37 9.92 -14.67
C LEU A 1089 0.80 8.94 -15.68
N VAL A 1090 -0.06 8.05 -15.21
CA VAL A 1090 -0.74 7.11 -16.12
C VAL A 1090 -1.65 7.88 -17.07
N ARG A 1091 -2.39 8.86 -16.54
CA ARG A 1091 -3.22 9.70 -17.38
C ARG A 1091 -2.39 10.47 -18.41
N SER A 1092 -1.18 10.87 -18.03
CA SER A 1092 -0.34 11.67 -18.90
C SER A 1092 0.22 10.84 -20.04
N GLU A 1093 0.71 9.63 -19.73
CA GLU A 1093 1.19 8.78 -20.82
C GLU A 1093 0.03 8.32 -21.70
N SER A 1094 -1.14 8.10 -21.11
CA SER A 1094 -2.34 7.80 -21.89
C SER A 1094 -2.68 8.95 -22.81
N ALA A 1095 -2.60 10.18 -22.30
CA ALA A 1095 -2.89 11.35 -23.10
C ALA A 1095 -1.83 11.57 -24.17
N ALA A 1096 -0.59 11.18 -23.90
CA ALA A 1096 0.47 11.33 -24.89
C ALA A 1096 0.25 10.38 -26.05
N LEU A 1097 -0.05 9.12 -25.74
CA LEU A 1097 -0.36 8.16 -26.80
C LEU A 1097 -1.63 8.55 -27.53
N SER A 1098 -2.61 9.07 -26.80
CA SER A 1098 -3.85 9.54 -27.42
C SER A 1098 -3.59 10.74 -28.32
N ALA A 1099 -2.70 11.62 -27.91
CA ALA A 1099 -2.34 12.77 -28.72
C ALA A 1099 -1.66 12.31 -30.00
N GLN A 1100 -0.79 11.30 -29.90
CA GLN A 1100 -0.16 10.74 -31.08
C GLN A 1100 -1.21 10.12 -32.01
N LEU A 1101 -2.16 9.40 -31.44
CA LEU A 1101 -3.21 8.77 -32.24
C LEU A 1101 -4.08 9.81 -32.92
N ALA A 1102 -4.41 10.88 -32.19
CA ALA A 1102 -5.21 11.97 -32.77
C ALA A 1102 -4.44 12.68 -33.86
N LYS A 1103 -3.13 12.83 -33.69
CA LYS A 1103 -2.30 13.42 -34.73
C LYS A 1103 -2.32 12.55 -35.98
N ASP A 1104 -2.24 11.23 -35.80
CA ASP A 1104 -2.31 10.33 -36.94
C ASP A 1104 -3.66 10.40 -37.63
N LYS A 1105 -4.74 10.48 -36.85
CA LYS A 1105 -6.07 10.51 -37.42
C LYS A 1105 -6.33 11.82 -38.15
N VAL A 1106 -5.87 12.93 -37.59
CA VAL A 1106 -6.07 14.21 -38.25
C VAL A 1106 -5.15 14.37 -39.45
N ASN A 1107 -4.03 13.64 -39.48
CA ASN A 1107 -3.18 13.64 -40.66
C ASN A 1107 -3.76 12.76 -41.76
N GLU A 1108 -4.31 11.62 -41.40
CA GLU A 1108 -4.63 10.59 -42.39
C GLU A 1108 -6.07 10.68 -42.90
N CYS A 1109 -7.04 10.56 -41.99
CA CYS A 1109 -8.44 10.54 -42.40
C CYS A 1109 -9.10 11.89 -42.26
N VAL A 1110 -8.33 12.95 -41.97
CA VAL A 1110 -8.83 14.31 -41.97
C VAL A 1110 -8.09 15.16 -43.00
N LYS A 1111 -6.77 15.23 -42.89
CA LYS A 1111 -5.99 15.93 -43.91
C LYS A 1111 -5.92 15.15 -45.21
N ALA A 1112 -6.38 13.91 -45.24
CA ALA A 1112 -6.60 13.19 -46.47
C ALA A 1112 -7.84 12.34 -46.31
N GLN A 1113 -8.20 11.62 -47.36
CA GLN A 1113 -9.33 10.68 -47.31
C GLN A 1113 -8.72 9.29 -47.24
N SER A 1114 -8.58 8.78 -46.01
CA SER A 1114 -7.85 7.54 -45.77
C SER A 1114 -8.56 6.34 -46.38
N LYS A 1115 -7.77 5.36 -46.81
CA LYS A 1115 -8.28 4.13 -47.35
C LYS A 1115 -8.28 3.00 -46.34
N ARG A 1116 -7.89 3.26 -45.10
CA ARG A 1116 -7.93 2.25 -44.06
C ARG A 1116 -9.38 1.89 -43.75
N SER A 1117 -9.65 0.60 -43.66
CA SER A 1117 -11.01 0.10 -43.50
C SER A 1117 -11.53 0.48 -42.12
N GLY A 1118 -12.29 1.58 -42.06
CA GLY A 1118 -12.87 2.01 -40.82
C GLY A 1118 -11.88 2.46 -39.77
N PHE A 1119 -10.85 3.21 -40.18
CA PHE A 1119 -9.94 3.74 -39.18
C PHE A 1119 -10.61 4.83 -38.35
N CYS A 1120 -11.28 5.77 -39.01
CA CYS A 1120 -12.03 6.79 -38.29
C CYS A 1120 -13.40 7.03 -38.90
N GLY A 1121 -13.78 6.28 -39.92
CA GLY A 1121 -15.14 6.36 -40.44
C GLY A 1121 -15.81 5.00 -40.37
N GLN A 1122 -16.89 4.90 -39.62
CA GLN A 1122 -17.62 3.64 -39.47
C GLN A 1122 -18.19 3.23 -40.82
N GLY A 1123 -17.59 2.21 -41.42
CA GLY A 1123 -17.76 1.93 -42.83
C GLY A 1123 -16.60 2.49 -43.62
N THR A 1124 -16.90 3.29 -44.64
CA THR A 1124 -15.88 4.01 -45.37
C THR A 1124 -15.97 5.51 -45.07
N HIS A 1125 -14.85 6.18 -45.24
CA HIS A 1125 -14.73 7.58 -44.86
C HIS A 1125 -14.94 8.47 -46.07
N ILE A 1126 -15.66 9.58 -45.87
CA ILE A 1126 -15.78 10.58 -46.91
C ILE A 1126 -15.05 11.84 -46.48
N VAL A 1127 -15.51 12.47 -45.42
CA VAL A 1127 -14.92 13.70 -44.92
C VAL A 1127 -14.96 13.67 -43.40
N SER A 1128 -14.25 14.62 -42.80
CA SER A 1128 -14.26 14.77 -41.36
C SER A 1128 -13.99 16.22 -41.02
N PHE A 1129 -14.45 16.66 -39.85
CA PHE A 1129 -14.07 17.95 -39.31
C PHE A 1129 -13.67 17.80 -37.86
N VAL A 1130 -12.82 18.72 -37.43
CA VAL A 1130 -12.12 18.64 -36.16
C VAL A 1130 -12.38 19.92 -35.38
N VAL A 1131 -12.63 19.79 -34.07
CA VAL A 1131 -12.80 20.94 -33.19
C VAL A 1131 -12.12 20.63 -31.87
N ASN A 1132 -11.86 21.68 -31.11
CA ASN A 1132 -11.32 21.53 -29.77
C ASN A 1132 -12.37 20.96 -28.82
N ALA A 1133 -11.91 20.61 -27.63
CA ALA A 1133 -12.74 20.07 -26.58
C ALA A 1133 -12.04 20.42 -25.28
N PRO A 1134 -12.80 20.68 -24.20
CA PRO A 1134 -12.18 21.22 -22.98
C PRO A 1134 -11.16 20.31 -22.34
N ASN A 1135 -11.10 19.04 -22.73
CA ASN A 1135 -10.11 18.13 -22.20
C ASN A 1135 -9.48 17.37 -23.37
N GLY A 1136 -9.70 17.80 -24.61
CA GLY A 1136 -9.17 17.06 -25.74
C GLY A 1136 -9.56 17.59 -27.10
N LEU A 1137 -9.69 16.69 -28.08
CA LEU A 1137 -10.09 17.05 -29.44
C LEU A 1137 -11.27 16.21 -29.86
N TYR A 1138 -12.34 16.87 -30.32
CA TYR A 1138 -13.53 16.20 -30.80
C TYR A 1138 -13.56 16.21 -32.32
N PHE A 1139 -14.13 15.16 -32.88
CA PHE A 1139 -14.13 14.96 -34.32
C PHE A 1139 -15.51 14.48 -34.71
N MET A 1140 -15.99 14.93 -35.87
CA MET A 1140 -17.07 14.19 -36.51
C MET A 1140 -16.63 13.80 -37.91
N HIS A 1141 -17.13 12.67 -38.36
CA HIS A 1141 -16.73 12.07 -39.63
C HIS A 1141 -17.98 11.71 -40.39
N VAL A 1142 -18.16 12.32 -41.55
CA VAL A 1142 -19.24 11.96 -42.45
C VAL A 1142 -18.71 10.85 -43.35
N GLY A 1143 -19.41 9.73 -43.35
CA GLY A 1143 -19.02 8.60 -44.16
C GLY A 1143 -20.20 8.10 -44.99
N TYR A 1144 -19.85 7.44 -46.08
CA TYR A 1144 -20.85 6.85 -46.95
C TYR A 1144 -21.52 5.68 -46.24
N TYR A 1145 -22.85 5.64 -46.29
CA TYR A 1145 -23.59 4.55 -45.69
C TYR A 1145 -24.48 3.94 -46.75
N PRO A 1146 -24.28 2.68 -47.12
CA PRO A 1146 -25.10 2.07 -48.16
C PRO A 1146 -26.33 1.37 -47.59
N SER A 1147 -27.26 1.08 -48.49
CA SER A 1147 -28.55 0.50 -48.11
C SER A 1147 -29.22 -0.07 -49.36
N ASN A 1148 -30.11 -1.02 -49.12
CA ASN A 1148 -30.93 -1.68 -50.14
C ASN A 1148 -30.04 -2.36 -51.19
N HIS A 1149 -29.32 -3.36 -50.71
CA HIS A 1149 -28.34 -4.06 -51.53
C HIS A 1149 -29.03 -5.17 -52.31
N ILE A 1150 -28.88 -5.14 -53.62
CA ILE A 1150 -29.53 -6.11 -54.49
C ILE A 1150 -28.46 -6.99 -55.13
N GLU A 1151 -28.92 -8.02 -55.83
CA GLU A 1151 -28.05 -8.89 -56.59
C GLU A 1151 -28.02 -8.44 -58.04
N VAL A 1152 -26.82 -8.48 -58.62
CA VAL A 1152 -26.61 -8.36 -60.05
C VAL A 1152 -25.69 -9.49 -60.48
N VAL A 1153 -25.61 -9.70 -61.78
CA VAL A 1153 -24.76 -10.75 -62.34
C VAL A 1153 -23.58 -10.09 -63.02
N SER A 1154 -22.38 -10.61 -62.76
CA SER A 1154 -21.15 -9.98 -63.21
C SER A 1154 -20.19 -11.00 -63.78
N ALA A 1155 -19.27 -10.49 -64.60
CA ALA A 1155 -18.15 -11.25 -65.13
C ALA A 1155 -16.85 -10.58 -64.73
N TYR A 1156 -15.76 -11.33 -64.83
CA TYR A 1156 -14.45 -10.86 -64.37
C TYR A 1156 -13.56 -10.44 -65.53
N GLY A 1157 -14.13 -10.23 -66.70
CA GLY A 1157 -13.34 -9.88 -67.87
C GLY A 1157 -13.89 -10.53 -69.12
N LEU A 1158 -13.99 -9.76 -70.19
CA LEU A 1158 -14.51 -10.25 -71.45
C LEU A 1158 -13.38 -10.40 -72.44
N CYS A 1159 -13.45 -11.43 -73.26
CA CYS A 1159 -12.45 -11.68 -74.29
C CYS A 1159 -13.14 -11.92 -75.61
N ASP A 1160 -12.60 -11.33 -76.68
CA ASP A 1160 -13.15 -11.58 -78.00
C ASP A 1160 -12.78 -12.97 -78.46
N ALA A 1161 -13.74 -13.67 -79.07
CA ALA A 1161 -13.42 -14.95 -79.67
C ALA A 1161 -12.50 -14.79 -80.86
N ALA A 1162 -12.76 -13.79 -81.72
CA ALA A 1162 -11.92 -13.57 -82.89
C ALA A 1162 -10.56 -12.99 -82.51
N ASN A 1163 -10.49 -12.25 -81.40
CA ASN A 1163 -9.24 -11.71 -80.89
C ASN A 1163 -9.13 -12.08 -79.42
N PRO A 1164 -8.70 -13.30 -79.12
CA PRO A 1164 -8.55 -13.71 -77.71
C PRO A 1164 -7.49 -12.94 -76.96
N THR A 1165 -6.53 -12.33 -77.66
CA THR A 1165 -5.43 -11.63 -76.99
C THR A 1165 -5.92 -10.44 -76.19
N ASN A 1166 -6.86 -9.68 -76.74
CA ASN A 1166 -7.31 -8.44 -76.11
C ASN A 1166 -8.46 -8.76 -75.16
N CYS A 1167 -8.22 -8.56 -73.87
CA CYS A 1167 -9.24 -8.74 -72.85
C CYS A 1167 -9.19 -7.57 -71.89
N ILE A 1168 -10.30 -7.35 -71.19
CA ILE A 1168 -10.49 -6.16 -70.39
C ILE A 1168 -10.68 -6.54 -68.92
N ALA A 1169 -10.45 -5.57 -68.06
CA ALA A 1169 -10.52 -5.73 -66.62
C ALA A 1169 -11.11 -4.47 -66.02
N PRO A 1170 -12.10 -4.61 -65.14
CA PRO A 1170 -12.74 -3.42 -64.57
C PRO A 1170 -11.83 -2.72 -63.58
N VAL A 1171 -11.83 -1.40 -63.65
CA VAL A 1171 -11.08 -0.56 -62.72
C VAL A 1171 -12.08 0.30 -61.97
N ASN A 1172 -12.13 0.13 -60.64
CA ASN A 1172 -13.04 0.86 -59.76
C ASN A 1172 -14.50 0.67 -60.17
N GLY A 1173 -14.84 -0.55 -60.59
CA GLY A 1173 -16.19 -0.82 -61.01
C GLY A 1173 -16.36 -2.29 -61.33
N TYR A 1174 -17.51 -2.60 -61.90
CA TYR A 1174 -17.88 -3.98 -62.23
C TYR A 1174 -18.64 -4.03 -63.54
N PHE A 1175 -18.45 -5.16 -64.23
CA PHE A 1175 -19.10 -5.45 -65.50
C PHE A 1175 -20.43 -6.11 -65.17
N ILE A 1176 -21.54 -5.46 -65.48
CA ILE A 1176 -22.84 -5.89 -64.99
C ILE A 1176 -23.78 -6.10 -66.17
N LYS A 1177 -24.41 -7.27 -66.23
CA LYS A 1177 -25.51 -7.48 -67.16
C LYS A 1177 -26.78 -6.87 -66.60
N THR A 1178 -27.58 -6.27 -67.48
CA THR A 1178 -28.86 -5.71 -67.06
C THR A 1178 -29.82 -5.68 -68.25
N ASN A 1179 -31.08 -5.43 -67.95
CA ASN A 1179 -32.10 -5.30 -68.97
C ASN A 1179 -32.32 -3.84 -69.31
N ASN A 1180 -32.66 -3.58 -70.57
CA ASN A 1180 -32.96 -2.23 -71.03
C ASN A 1180 -34.23 -1.69 -70.39
N GLU A 1186 -27.81 -6.84 -71.61
CA GLU A 1186 -26.60 -6.23 -72.13
C GLU A 1186 -25.61 -5.93 -71.03
N TRP A 1187 -24.34 -5.85 -71.41
CA TRP A 1187 -23.28 -5.53 -70.46
C TRP A 1187 -23.22 -4.02 -70.23
N SER A 1188 -22.70 -3.65 -69.07
CA SER A 1188 -22.59 -2.25 -68.68
C SER A 1188 -21.57 -2.13 -67.57
N TYR A 1189 -21.31 -0.90 -67.16
CA TYR A 1189 -20.39 -0.59 -66.09
C TYR A 1189 -21.13 -0.10 -64.86
N THR A 1190 -20.64 -0.47 -63.69
CA THR A 1190 -21.00 0.23 -62.47
C THR A 1190 -19.72 0.56 -61.71
N GLY A 1191 -19.85 1.45 -60.75
CA GLY A 1191 -18.74 1.79 -59.88
C GLY A 1191 -18.51 0.72 -58.85
N SER A 1192 -17.91 1.13 -57.73
CA SER A 1192 -17.62 0.23 -56.64
C SER A 1192 -18.23 0.69 -55.33
N SER A 1193 -19.16 1.63 -55.37
CA SER A 1193 -19.84 2.06 -54.16
C SER A 1193 -21.34 2.25 -54.33
N PHE A 1194 -21.88 2.07 -55.52
CA PHE A 1194 -23.28 2.33 -55.78
C PHE A 1194 -23.69 1.68 -57.09
N TYR A 1195 -24.93 1.22 -57.16
CA TYR A 1195 -25.47 0.68 -58.40
C TYR A 1195 -25.66 1.80 -59.40
N ALA A 1196 -24.65 2.03 -60.22
CA ALA A 1196 -24.62 3.15 -61.16
C ALA A 1196 -24.40 2.59 -62.56
N PRO A 1197 -25.47 2.18 -63.24
CA PRO A 1197 -25.32 1.62 -64.58
C PRO A 1197 -24.94 2.71 -65.58
N GLU A 1198 -23.92 2.41 -66.40
CA GLU A 1198 -23.49 3.33 -67.44
C GLU A 1198 -22.73 2.51 -68.48
N PRO A 1199 -22.68 2.98 -69.74
CA PRO A 1199 -22.02 2.17 -70.78
C PRO A 1199 -20.52 2.08 -70.58
N ILE A 1200 -20.00 0.86 -70.72
CA ILE A 1200 -18.60 0.61 -70.43
C ILE A 1200 -17.72 1.20 -71.52
N THR A 1201 -16.71 1.97 -71.10
CA THR A 1201 -15.72 2.55 -72.00
C THR A 1201 -14.33 2.20 -71.52
N SER A 1202 -13.33 2.55 -72.34
CA SER A 1202 -11.94 2.36 -71.96
C SER A 1202 -11.52 3.31 -70.85
N LEU A 1203 -12.30 4.36 -70.61
CA LEU A 1203 -11.94 5.41 -69.69
C LEU A 1203 -12.00 4.96 -68.23
N ASN A 1204 -12.53 3.77 -67.96
CA ASN A 1204 -12.61 3.28 -66.59
C ASN A 1204 -12.24 1.80 -66.48
N THR A 1205 -11.60 1.23 -67.49
CA THR A 1205 -11.14 -0.15 -67.47
C THR A 1205 -9.69 -0.19 -67.94
N LYS A 1206 -9.10 -1.39 -67.92
CA LYS A 1206 -7.77 -1.57 -68.46
C LYS A 1206 -7.71 -2.85 -69.26
N TYR A 1207 -6.74 -2.91 -70.17
CA TYR A 1207 -6.55 -4.13 -70.94
C TYR A 1207 -5.96 -5.23 -70.05
N VAL A 1208 -6.13 -6.47 -70.47
CA VAL A 1208 -5.52 -7.60 -69.78
C VAL A 1208 -5.32 -8.74 -70.77
N ALA A 1209 -4.25 -9.50 -70.57
CA ALA A 1209 -4.04 -10.71 -71.34
C ALA A 1209 -5.09 -11.76 -70.92
N PRO A 1210 -5.45 -12.66 -71.83
CA PRO A 1210 -6.57 -13.58 -71.54
C PRO A 1210 -6.29 -14.56 -70.43
N GLN A 1211 -7.37 -14.98 -69.78
CA GLN A 1211 -7.40 -16.17 -68.94
C GLN A 1211 -8.55 -17.05 -69.41
N VAL A 1212 -8.34 -18.37 -69.36
CA VAL A 1212 -9.37 -19.30 -69.79
C VAL A 1212 -10.60 -19.26 -68.89
N THR A 1213 -10.44 -18.72 -67.67
CA THR A 1213 -11.55 -18.67 -66.73
C THR A 1213 -12.61 -17.65 -67.14
N TYR A 1214 -12.20 -16.57 -67.78
CA TYR A 1214 -13.10 -15.44 -68.00
C TYR A 1214 -14.07 -15.75 -69.13
N GLN A 1215 -14.92 -14.77 -69.44
CA GLN A 1215 -16.04 -14.94 -70.35
C GLN A 1215 -15.76 -14.27 -71.68
N ASN A 1216 -16.65 -14.55 -72.62
CA ASN A 1216 -16.54 -14.06 -73.97
C ASN A 1216 -17.88 -13.49 -74.42
N ILE A 1217 -17.82 -12.51 -75.32
CA ILE A 1217 -19.01 -11.97 -75.95
C ILE A 1217 -18.71 -11.81 -77.44
N SER A 1218 -19.74 -11.98 -78.27
CA SER A 1218 -19.51 -12.04 -79.71
C SER A 1218 -20.61 -11.35 -80.50
N THR A 1219 -21.21 -10.29 -79.95
CA THR A 1219 -22.26 -9.57 -80.66
C THR A 1219 -22.09 -8.07 -80.69
N ASN A 1220 -21.35 -7.47 -79.76
CA ASN A 1220 -21.19 -6.02 -79.71
C ASN A 1220 -19.85 -5.72 -79.06
N LEU A 1221 -18.86 -5.38 -79.87
CA LEU A 1221 -17.52 -5.13 -79.35
C LEU A 1221 -17.48 -3.74 -78.71
N PRO A 1222 -17.12 -3.63 -77.43
CA PRO A 1222 -17.00 -2.33 -76.80
C PRO A 1222 -15.81 -1.57 -77.37
N PRO A 1223 -15.82 -0.24 -77.25
CA PRO A 1223 -14.66 0.56 -77.64
C PRO A 1223 -13.39 0.19 -76.88
N PRO A 1224 -13.48 -0.36 -75.64
CA PRO A 1224 -12.30 -1.07 -75.14
C PRO A 1224 -11.80 -2.17 -76.06
N LEU A 1225 -12.70 -2.91 -76.69
CA LEU A 1225 -12.27 -4.06 -77.47
C LEU A 1225 -11.88 -3.64 -78.90
N LEU A 1226 -12.67 -2.80 -79.52
CA LEU A 1226 -12.32 -2.33 -80.86
C LEU A 1226 -11.26 -1.26 -80.78
N VAL B 22 10.24 -41.33 39.33
CA VAL B 22 10.91 -42.30 40.18
C VAL B 22 10.29 -43.69 39.97
N ASP B 23 11.12 -44.73 40.06
CA ASP B 23 10.68 -46.09 39.85
C ASP B 23 11.52 -46.99 40.75
N VAL B 24 11.51 -48.29 40.47
CA VAL B 24 12.33 -49.26 41.19
C VAL B 24 13.21 -50.00 40.19
N GLY B 25 14.33 -50.53 40.66
CA GLY B 25 15.21 -51.31 39.83
C GLY B 25 16.25 -52.08 40.61
N PRO B 26 16.33 -53.38 40.36
CA PRO B 26 17.35 -54.20 41.03
C PRO B 26 18.72 -54.06 40.39
N ASP B 27 19.67 -54.88 40.86
CA ASP B 27 20.99 -54.96 40.28
C ASP B 27 21.26 -56.39 39.83
N SER B 28 21.78 -56.54 38.61
CA SER B 28 21.89 -57.84 37.96
C SER B 28 22.84 -58.80 38.68
N VAL B 29 24.14 -58.50 38.66
CA VAL B 29 25.15 -59.41 39.19
C VAL B 29 26.11 -58.61 40.08
N LYS B 30 27.16 -59.27 40.56
CA LYS B 30 28.18 -58.59 41.33
C LYS B 30 29.00 -57.67 40.42
N SER B 31 29.61 -56.66 41.04
CA SER B 31 30.36 -55.64 40.30
C SER B 31 31.71 -56.20 39.92
N ALA B 32 31.76 -56.91 38.79
CA ALA B 32 33.01 -57.31 38.17
C ALA B 32 32.76 -57.46 36.68
N CYS B 33 33.02 -56.40 35.91
CA CYS B 33 32.80 -56.43 34.47
C CYS B 33 33.86 -57.28 33.79
N ILE B 34 33.51 -57.81 32.62
CA ILE B 34 34.49 -58.57 31.84
C ILE B 34 35.39 -57.61 31.07
N GLU B 35 36.50 -58.15 30.58
CA GLU B 35 37.54 -57.32 30.00
C GLU B 35 37.11 -56.76 28.65
N VAL B 36 37.37 -55.48 28.44
CA VAL B 36 36.98 -54.76 27.23
C VAL B 36 38.24 -54.24 26.56
N ASP B 37 38.31 -54.40 25.24
CA ASP B 37 39.47 -54.01 24.45
C ASP B 37 39.21 -52.71 23.71
N ILE B 38 40.23 -52.23 23.01
CA ILE B 38 40.13 -51.15 22.04
C ILE B 38 40.87 -51.61 20.79
N GLN B 39 40.12 -51.96 19.75
CA GLN B 39 40.70 -52.46 18.51
C GLN B 39 40.00 -51.83 17.32
N GLN B 40 39.88 -50.50 17.35
CA GLN B 40 39.23 -49.78 16.26
C GLN B 40 40.02 -49.80 14.96
N THR B 41 41.29 -50.24 14.99
CA THR B 41 42.09 -50.31 13.79
C THR B 41 41.52 -51.34 12.81
N PHE B 42 41.07 -52.48 13.33
CA PHE B 42 40.39 -53.46 12.49
C PHE B 42 39.06 -52.91 11.96
N PHE B 43 38.42 -52.03 12.73
CA PHE B 43 37.12 -51.47 12.35
C PHE B 43 37.23 -50.53 11.16
N ASP B 44 38.43 -50.07 10.83
CA ASP B 44 38.61 -49.12 9.74
C ASP B 44 38.30 -49.79 8.41
N LYS B 45 37.16 -49.47 7.83
CA LYS B 45 36.79 -49.97 6.52
C LYS B 45 35.80 -48.98 5.90
N THR B 46 35.97 -48.75 4.61
CA THR B 46 35.21 -47.71 3.91
C THR B 46 34.09 -48.34 3.10
N TRP B 47 32.85 -48.03 3.47
CA TRP B 47 31.66 -48.41 2.72
C TRP B 47 30.87 -47.14 2.49
N PRO B 48 31.29 -46.28 1.56
CA PRO B 48 30.66 -44.96 1.43
C PRO B 48 29.24 -45.03 0.89
N ARG B 49 28.26 -44.73 1.75
CA ARG B 49 26.85 -44.72 1.38
C ARG B 49 26.23 -43.41 1.86
N PRO B 50 26.24 -42.38 1.03
CA PRO B 50 25.60 -41.12 1.38
C PRO B 50 24.09 -41.20 1.17
N ILE B 51 23.43 -40.07 1.33
CA ILE B 51 21.99 -39.97 1.16
C ILE B 51 21.68 -39.39 -0.21
N ASP B 52 20.51 -39.72 -0.73
CA ASP B 52 20.06 -39.23 -2.04
C ASP B 52 18.63 -38.71 -1.89
N VAL B 53 18.51 -37.39 -1.81
CA VAL B 53 17.19 -36.78 -1.68
C VAL B 53 16.40 -36.95 -2.96
N SER B 54 17.08 -36.99 -4.10
CA SER B 54 16.41 -37.29 -5.37
C SER B 54 15.84 -38.69 -5.36
N LYS B 55 16.57 -39.64 -4.81
CA LYS B 55 16.04 -40.97 -4.58
C LYS B 55 15.20 -41.04 -3.30
N ALA B 56 15.18 -39.96 -2.52
CA ALA B 56 14.36 -39.80 -1.32
C ALA B 56 14.66 -40.90 -0.30
N ASP B 57 15.88 -40.84 0.22
CA ASP B 57 16.38 -41.82 1.18
C ASP B 57 16.52 -41.16 2.54
N GLY B 58 15.73 -41.61 3.51
CA GLY B 58 15.88 -41.18 4.88
C GLY B 58 15.55 -39.72 5.14
N ILE B 59 14.27 -39.37 5.05
CA ILE B 59 13.82 -38.00 5.29
C ILE B 59 12.76 -38.04 6.38
N ILE B 60 12.86 -37.09 7.31
CA ILE B 60 11.91 -36.99 8.42
C ILE B 60 10.52 -36.65 7.86
N TYR B 61 9.49 -36.93 8.65
CA TYR B 61 8.17 -36.63 8.13
C TYR B 61 7.51 -35.52 8.94
N PRO B 62 6.70 -34.68 8.31
CA PRO B 62 5.92 -33.70 9.07
C PRO B 62 4.83 -34.38 9.87
N GLN B 63 4.35 -33.67 10.89
CA GLN B 63 3.30 -34.20 11.75
C GLN B 63 1.99 -33.43 11.63
N GLY B 64 2.00 -32.27 10.99
CA GLY B 64 0.82 -31.42 10.98
C GLY B 64 -0.32 -31.94 10.14
N ARG B 65 -0.04 -32.18 8.86
CA ARG B 65 -1.11 -32.46 7.91
C ARG B 65 -0.51 -33.15 6.69
N THR B 66 -1.28 -34.06 6.10
CA THR B 66 -0.82 -34.83 4.96
C THR B 66 -1.39 -34.25 3.67
N TYR B 67 -0.78 -34.65 2.56
CA TYR B 67 -1.09 -34.09 1.25
C TYR B 67 -1.22 -35.22 0.24
N SER B 68 -1.37 -34.83 -1.03
CA SER B 68 -1.51 -35.81 -2.09
C SER B 68 -1.16 -35.16 -3.42
N ASN B 69 -0.31 -35.85 -4.18
CA ASN B 69 -0.08 -35.57 -5.61
C ASN B 69 0.51 -34.18 -5.83
N ILE B 70 1.15 -33.61 -4.82
CA ILE B 70 1.60 -32.22 -4.88
C ILE B 70 3.02 -32.14 -4.30
N THR B 71 3.87 -31.34 -4.94
CA THR B 71 5.15 -30.99 -4.36
C THR B 71 4.98 -29.73 -3.51
N ILE B 72 5.41 -29.82 -2.25
CA ILE B 72 5.27 -28.75 -1.27
C ILE B 72 6.65 -28.39 -0.74
N THR B 73 6.92 -27.09 -0.64
CA THR B 73 8.12 -26.63 0.02
C THR B 73 7.91 -26.69 1.52
N TYR B 74 8.58 -27.64 2.17
CA TYR B 74 8.50 -27.76 3.62
C TYR B 74 9.78 -27.25 4.24
N GLN B 75 9.67 -26.86 5.51
CA GLN B 75 10.72 -26.13 6.20
C GLN B 75 10.90 -26.77 7.57
N GLY B 76 11.97 -27.56 7.73
CA GLY B 76 12.16 -28.29 8.97
C GLY B 76 13.59 -28.65 9.25
N LEU B 77 13.80 -29.87 9.73
CA LEU B 77 15.12 -30.36 10.11
C LEU B 77 15.57 -31.38 9.08
N PHE B 78 16.74 -31.15 8.49
CA PHE B 78 17.28 -31.99 7.44
C PHE B 78 18.77 -32.19 7.66
N PRO B 79 19.33 -33.26 7.12
CA PRO B 79 20.78 -33.31 6.91
C PRO B 79 21.15 -32.81 5.52
N TYR B 80 22.42 -32.41 5.39
CA TYR B 80 22.93 -32.01 4.09
C TYR B 80 23.02 -33.20 3.16
N GLN B 81 22.66 -32.99 1.90
CA GLN B 81 22.56 -34.09 0.95
C GLN B 81 23.94 -34.61 0.58
N GLY B 82 24.05 -35.93 0.51
CA GLY B 82 25.27 -36.57 0.05
C GLY B 82 26.46 -36.42 0.97
N ASP B 83 26.25 -36.57 2.27
CA ASP B 83 27.36 -36.56 3.21
C ASP B 83 27.85 -37.97 3.48
N HIS B 84 29.13 -38.08 3.80
CA HIS B 84 29.67 -39.37 4.20
C HIS B 84 29.28 -39.74 5.62
N GLY B 85 28.85 -38.76 6.42
CA GLY B 85 28.22 -39.05 7.68
C GLY B 85 29.19 -39.48 8.76
N ASP B 86 28.68 -40.35 9.65
CA ASP B 86 29.31 -40.72 10.90
C ASP B 86 29.29 -42.22 11.07
N MET B 87 29.85 -42.91 10.08
CA MET B 87 30.01 -44.37 10.06
C MET B 87 30.46 -44.97 11.38
N TYR B 88 29.60 -45.84 11.92
CA TYR B 88 29.91 -46.75 13.01
C TYR B 88 29.48 -48.15 12.60
N VAL B 89 30.07 -49.17 13.24
CA VAL B 89 29.74 -50.55 12.91
C VAL B 89 30.06 -51.41 14.14
N TYR B 90 29.28 -52.48 14.30
CA TYR B 90 29.47 -53.44 15.38
C TYR B 90 30.10 -54.74 14.88
N SER B 91 30.61 -55.51 15.84
CA SER B 91 31.26 -56.79 15.58
C SER B 91 31.23 -57.62 16.85
N ALA B 92 31.54 -58.91 16.70
CA ALA B 92 31.54 -59.84 17.82
C ALA B 92 32.92 -59.91 18.47
N GLY B 93 32.94 -60.41 19.70
CA GLY B 93 34.18 -60.57 20.43
C GLY B 93 34.99 -61.76 19.95
N HIS B 94 36.19 -61.89 20.52
CA HIS B 94 37.04 -63.02 20.20
C HIS B 94 36.46 -64.31 20.76
N ALA B 95 36.83 -65.43 20.15
CA ALA B 95 36.31 -66.73 20.55
C ALA B 95 37.29 -67.81 20.13
N THR B 96 37.48 -68.80 20.99
CA THR B 96 38.24 -70.00 20.69
C THR B 96 37.30 -71.19 20.83
N GLY B 97 36.82 -71.70 19.69
CA GLY B 97 35.83 -72.76 19.72
C GLY B 97 34.54 -72.25 20.30
N THR B 98 33.98 -73.03 21.22
CA THR B 98 32.74 -72.67 21.90
C THR B 98 32.97 -71.72 23.07
N THR B 99 34.21 -71.37 23.37
CA THR B 99 34.51 -70.50 24.49
C THR B 99 34.35 -69.05 24.06
N PRO B 100 33.45 -68.28 24.68
CA PRO B 100 33.39 -66.84 24.39
C PRO B 100 34.58 -66.14 25.02
N GLN B 101 35.55 -65.77 24.19
CA GLN B 101 36.79 -65.17 24.68
C GLN B 101 36.61 -63.66 24.83
N LYS B 102 37.73 -62.95 24.93
CA LYS B 102 37.80 -61.51 25.11
C LYS B 102 36.93 -60.75 24.10
N LEU B 103 36.35 -59.65 24.56
CA LEU B 103 35.52 -58.81 23.71
C LEU B 103 36.35 -58.17 22.61
N PHE B 104 35.66 -57.74 21.55
CA PHE B 104 36.29 -57.08 20.41
C PHE B 104 35.39 -55.93 20.00
N VAL B 105 35.80 -54.70 20.33
CA VAL B 105 35.05 -53.50 20.05
C VAL B 105 36.01 -52.41 19.58
N ALA B 106 35.46 -51.24 19.26
CA ALA B 106 36.21 -50.13 18.72
C ALA B 106 36.32 -49.01 19.76
N ASN B 107 36.86 -47.87 19.34
CA ASN B 107 37.19 -46.76 20.23
C ASN B 107 36.05 -45.77 20.40
N TYR B 108 34.80 -46.20 20.22
CA TYR B 108 33.68 -45.27 20.17
C TYR B 108 33.37 -44.65 21.52
N SER B 109 33.75 -45.30 22.62
CA SER B 109 33.51 -44.72 23.94
C SER B 109 34.36 -43.48 24.17
N GLN B 110 35.57 -43.46 23.60
CA GLN B 110 36.45 -42.30 23.73
C GLN B 110 35.94 -41.10 22.95
N ASP B 111 35.10 -41.32 21.94
CA ASP B 111 34.66 -40.26 21.05
C ASP B 111 33.23 -39.87 21.36
N VAL B 112 33.00 -38.58 21.57
CA VAL B 112 31.69 -38.05 21.93
C VAL B 112 31.46 -36.78 21.10
N LYS B 113 30.23 -36.62 20.60
CA LYS B 113 29.92 -35.56 19.66
C LYS B 113 28.66 -34.81 20.08
N GLN B 114 28.38 -33.76 19.33
CA GLN B 114 27.25 -32.89 19.62
C GLN B 114 25.93 -33.58 19.30
N PHE B 115 24.94 -33.39 20.16
CA PHE B 115 23.57 -33.70 19.75
C PHE B 115 23.06 -32.70 18.73
N ALA B 116 23.38 -31.41 18.95
CA ALA B 116 22.91 -30.28 18.14
C ALA B 116 21.38 -30.34 18.11
N ASN B 117 20.75 -30.49 16.96
CA ASN B 117 19.31 -30.62 16.90
C ASN B 117 18.85 -32.07 16.97
N GLY B 118 19.65 -33.00 16.47
CA GLY B 118 19.27 -34.39 16.39
C GLY B 118 20.02 -35.10 15.29
N PHE B 119 19.75 -36.38 15.06
CA PHE B 119 20.41 -37.10 13.97
C PHE B 119 19.57 -38.31 13.59
N VAL B 120 19.99 -38.99 12.53
CA VAL B 120 19.30 -40.16 11.99
C VAL B 120 20.32 -41.24 11.71
N VAL B 121 19.98 -42.47 12.09
CA VAL B 121 20.81 -43.65 11.83
C VAL B 121 20.08 -44.54 10.83
N ARG B 122 20.76 -44.88 9.74
CA ARG B 122 20.26 -45.85 8.77
C ARG B 122 20.55 -47.25 9.29
N ILE B 123 19.59 -48.16 9.12
CA ILE B 123 19.67 -49.50 9.67
C ILE B 123 19.53 -50.50 8.53
N GLY B 124 20.44 -51.48 8.49
CA GLY B 124 20.31 -52.58 7.56
C GLY B 124 20.97 -52.38 6.22
N ALA B 125 22.03 -51.56 6.17
CA ALA B 125 22.69 -51.29 4.90
C ALA B 125 23.45 -52.52 4.40
N ALA B 126 24.22 -53.16 5.28
CA ALA B 126 25.07 -54.26 4.88
C ALA B 126 24.37 -55.62 4.93
N ALA B 127 23.21 -55.72 5.57
CA ALA B 127 22.57 -57.01 5.79
C ALA B 127 22.00 -57.56 4.49
N ASN B 128 21.52 -58.81 4.58
CA ASN B 128 20.99 -59.57 3.44
C ASN B 128 22.02 -59.71 2.33
N SER B 129 23.27 -59.88 2.71
CA SER B 129 24.36 -60.13 1.78
C SER B 129 25.50 -60.78 2.56
N THR B 130 26.54 -61.19 1.84
CA THR B 130 27.73 -61.79 2.44
C THR B 130 28.91 -60.84 2.27
N GLY B 131 29.52 -60.47 3.39
CA GLY B 131 30.69 -59.61 3.37
C GLY B 131 31.72 -60.14 4.35
N THR B 132 32.86 -59.45 4.39
CA THR B 132 33.96 -59.90 5.23
C THR B 132 33.60 -59.74 6.72
N VAL B 133 34.07 -60.70 7.52
CA VAL B 133 33.90 -60.59 8.97
C VAL B 133 34.86 -59.54 9.48
N ILE B 134 34.36 -58.70 10.41
CA ILE B 134 35.16 -57.60 10.91
C ILE B 134 36.33 -58.12 11.74
N ILE B 135 36.05 -59.03 12.67
CA ILE B 135 37.10 -59.54 13.55
C ILE B 135 38.01 -60.51 12.79
N SER B 136 37.49 -61.15 11.75
CA SER B 136 38.25 -62.08 10.91
C SER B 136 38.15 -61.59 9.48
N PRO B 137 39.00 -60.64 9.07
CA PRO B 137 38.93 -60.13 7.69
C PRO B 137 39.19 -61.18 6.63
N SER B 138 39.93 -62.24 6.97
CA SER B 138 40.09 -63.36 6.05
C SER B 138 38.79 -64.14 5.86
N THR B 139 37.86 -64.02 6.80
CA THR B 139 36.60 -64.74 6.74
C THR B 139 35.52 -63.82 6.19
N SER B 140 34.71 -64.36 5.27
CA SER B 140 33.55 -63.65 4.73
C SER B 140 32.31 -64.50 4.96
N ALA B 141 31.32 -63.92 5.64
CA ALA B 141 30.10 -64.61 6.00
C ALA B 141 28.90 -63.72 5.70
N THR B 142 27.71 -64.30 5.85
CA THR B 142 26.48 -63.57 5.62
C THR B 142 26.31 -62.49 6.67
N ILE B 143 25.85 -61.32 6.25
CA ILE B 143 25.74 -60.15 7.10
C ILE B 143 24.32 -60.07 7.65
N ARG B 144 24.20 -59.94 8.96
CA ARG B 144 22.92 -59.79 9.62
C ARG B 144 22.82 -58.44 10.32
N LYS B 145 21.58 -57.99 10.49
CA LYS B 145 21.33 -56.66 11.04
C LYS B 145 21.60 -56.62 12.53
N ILE B 146 21.87 -55.42 13.02
CA ILE B 146 22.09 -55.18 14.44
C ILE B 146 21.52 -53.80 14.75
N TYR B 147 21.36 -53.50 16.03
CA TYR B 147 20.77 -52.22 16.34
C TYR B 147 21.71 -51.39 17.21
N PRO B 148 21.64 -50.06 17.11
CA PRO B 148 22.49 -49.22 17.95
C PRO B 148 21.82 -48.81 19.24
N ALA B 149 22.65 -48.69 20.27
CA ALA B 149 22.19 -48.31 21.60
C ALA B 149 22.58 -46.86 21.88
N PHE B 150 21.70 -46.14 22.55
CA PHE B 150 21.74 -44.69 22.59
C PHE B 150 21.87 -44.19 24.02
N MET B 151 22.66 -43.14 24.22
CA MET B 151 22.71 -42.45 25.51
C MET B 151 22.78 -40.96 25.23
N LEU B 152 21.78 -40.23 25.70
CA LEU B 152 21.62 -38.82 25.41
C LEU B 152 21.78 -38.02 26.68
N GLY B 153 22.68 -37.03 26.64
CA GLY B 153 22.92 -36.19 27.79
C GLY B 153 23.22 -34.75 27.41
N SER B 154 23.68 -33.97 28.39
CA SER B 154 23.96 -32.56 28.16
C SER B 154 25.33 -32.16 28.70
N SER B 155 26.13 -33.10 29.17
CA SER B 155 27.45 -32.81 29.69
C SER B 155 28.36 -33.98 29.35
N VAL B 156 29.65 -33.69 29.25
CA VAL B 156 30.66 -34.72 29.01
C VAL B 156 31.74 -34.58 30.06
N GLY B 157 32.06 -35.70 30.72
CA GLY B 157 33.12 -35.73 31.72
C GLY B 157 34.11 -36.84 31.41
N ASN B 158 35.14 -36.89 32.25
CA ASN B 158 36.16 -37.91 32.13
C ASN B 158 35.88 -39.03 33.13
N PHE B 159 36.42 -40.21 32.84
CA PHE B 159 36.25 -41.36 33.71
C PHE B 159 37.28 -41.31 34.83
N SER B 160 37.41 -42.41 35.57
CA SER B 160 38.41 -42.48 36.65
C SER B 160 39.82 -42.37 36.10
N ASP B 161 40.07 -42.98 34.95
CA ASP B 161 41.36 -42.91 34.28
C ASP B 161 41.46 -41.70 33.35
N GLY B 162 40.50 -40.80 33.39
CA GLY B 162 40.50 -39.62 32.54
C GLY B 162 39.98 -39.84 31.14
N LYS B 163 39.53 -41.05 30.82
CA LYS B 163 39.01 -41.33 29.49
C LYS B 163 37.68 -40.60 29.26
N MET B 164 37.46 -40.21 28.02
CA MET B 164 36.24 -39.50 27.65
C MET B 164 35.07 -40.46 27.58
N GLY B 165 33.87 -39.90 27.73
CA GLY B 165 32.65 -40.70 27.62
C GLY B 165 31.77 -40.64 28.85
N ARG B 166 32.36 -40.23 29.98
CA ARG B 166 31.58 -40.11 31.21
C ARG B 166 30.59 -38.95 31.09
N PHE B 167 29.36 -39.19 31.53
CA PHE B 167 28.31 -38.20 31.50
C PHE B 167 27.77 -37.97 32.91
N PHE B 168 27.15 -36.81 33.11
CA PHE B 168 26.51 -36.46 34.36
C PHE B 168 25.06 -36.11 34.11
N ASN B 169 24.32 -35.94 35.21
CA ASN B 169 22.90 -35.55 35.23
C ASN B 169 22.01 -36.63 34.62
N HIS B 170 20.70 -36.40 34.61
CA HIS B 170 19.76 -37.38 34.05
C HIS B 170 19.98 -37.53 32.56
N THR B 171 20.04 -38.78 32.11
CA THR B 171 20.34 -39.11 30.73
C THR B 171 19.36 -40.16 30.22
N LEU B 172 19.15 -40.15 28.91
CA LEU B 172 18.21 -41.07 28.27
C LEU B 172 18.98 -42.18 27.56
N VAL B 173 18.80 -43.40 28.03
CA VAL B 173 19.48 -44.57 27.47
C VAL B 173 18.43 -45.44 26.81
N LEU B 174 18.63 -45.70 25.52
CA LEU B 174 17.87 -46.69 24.77
C LEU B 174 18.75 -47.93 24.64
N LEU B 175 18.19 -49.07 25.00
CA LEU B 175 18.88 -50.33 24.79
C LEU B 175 18.01 -51.25 23.96
N PRO B 176 18.49 -51.72 22.80
CA PRO B 176 17.82 -52.80 22.11
C PRO B 176 18.25 -54.15 22.65
N ASP B 177 17.29 -55.01 22.89
CA ASP B 177 17.53 -56.30 23.51
C ASP B 177 16.66 -57.35 22.83
N GLY B 178 16.95 -58.61 23.13
CA GLY B 178 16.20 -59.71 22.55
C GLY B 178 16.37 -59.87 21.05
N CYS B 179 17.62 -59.88 20.57
CA CYS B 179 17.96 -60.08 19.16
C CYS B 179 17.28 -59.04 18.26
N GLY B 180 17.25 -57.80 18.70
CA GLY B 180 16.69 -56.73 17.90
C GLY B 180 15.19 -56.56 18.00
N THR B 181 14.60 -56.77 19.17
CA THR B 181 13.15 -56.67 19.33
C THR B 181 12.75 -55.61 20.35
N LEU B 182 13.30 -55.67 21.55
CA LEU B 182 12.95 -54.78 22.65
C LEU B 182 13.74 -53.49 22.53
N LEU B 183 13.08 -52.36 22.73
CA LEU B 183 13.71 -51.06 22.61
C LEU B 183 13.63 -50.31 23.93
N ARG B 184 14.03 -50.96 25.02
CA ARG B 184 13.65 -50.47 26.34
C ARG B 184 14.57 -49.30 26.71
N ALA B 185 13.96 -48.16 27.05
CA ALA B 185 14.68 -46.92 27.26
C ALA B 185 14.25 -46.27 28.57
N PHE B 186 15.11 -45.38 29.06
CA PHE B 186 14.90 -44.77 30.37
C PHE B 186 15.68 -43.47 30.49
N TYR B 187 15.03 -42.44 31.03
CA TYR B 187 15.69 -41.16 31.28
C TYR B 187 15.96 -41.07 32.78
N CYS B 188 17.07 -41.67 33.19
CA CYS B 188 17.36 -41.86 34.60
C CYS B 188 18.80 -41.45 34.88
N ILE B 189 19.26 -41.74 36.10
CA ILE B 189 20.60 -41.38 36.54
C ILE B 189 21.47 -42.62 36.44
N LEU B 190 22.53 -42.52 35.64
CA LEU B 190 23.53 -43.58 35.55
C LEU B 190 24.42 -43.60 36.79
N GLU B 191 24.91 -44.79 37.13
CA GLU B 191 26.04 -44.82 38.05
C GLU B 191 26.91 -46.02 37.69
N PRO B 192 28.19 -45.83 37.44
CA PRO B 192 29.07 -46.94 37.07
C PRO B 192 29.40 -47.79 38.29
N ARG B 193 29.91 -48.98 38.02
CA ARG B 193 30.28 -49.92 39.07
C ARG B 193 31.77 -49.86 39.35
N SER B 194 32.14 -50.28 40.56
CA SER B 194 33.51 -50.19 41.05
C SER B 194 34.26 -51.52 40.96
N GLY B 195 34.00 -52.30 39.92
CA GLY B 195 34.62 -53.60 39.76
C GLY B 195 35.70 -53.60 38.71
N ASN B 196 36.22 -54.80 38.45
CA ASN B 196 37.24 -54.98 37.42
C ASN B 196 36.66 -54.70 36.04
N HIS B 197 37.42 -53.94 35.24
CA HIS B 197 37.03 -53.54 33.88
C HIS B 197 35.72 -52.75 33.86
N CYS B 198 35.42 -52.06 34.95
CA CYS B 198 34.21 -51.27 35.08
C CYS B 198 34.55 -49.78 35.11
N PRO B 199 33.67 -48.90 34.61
CA PRO B 199 34.03 -47.48 34.48
C PRO B 199 34.38 -46.78 35.78
N ALA B 200 33.77 -47.15 36.90
CA ALA B 200 34.14 -46.59 38.20
C ALA B 200 35.03 -47.53 38.99
N GLY B 201 35.63 -48.53 38.34
CA GLY B 201 36.46 -49.50 39.01
C GLY B 201 37.86 -49.58 38.43
N ASN B 202 38.67 -50.44 39.04
CA ASN B 202 40.06 -50.62 38.67
C ASN B 202 40.18 -51.39 37.35
N SER B 203 41.32 -51.19 36.69
CA SER B 203 41.66 -51.81 35.41
C SER B 203 40.60 -51.54 34.35
N TYR B 204 40.13 -50.30 34.30
CA TYR B 204 39.09 -49.91 33.36
C TYR B 204 39.71 -49.53 32.02
N THR B 205 39.20 -50.14 30.95
CA THR B 205 39.62 -49.81 29.60
C THR B 205 38.49 -49.16 28.80
N SER B 206 37.37 -49.85 28.65
CA SER B 206 36.20 -49.32 27.94
C SER B 206 34.99 -50.14 28.37
N PHE B 207 33.88 -49.96 27.65
CA PHE B 207 32.63 -50.60 28.03
C PHE B 207 31.82 -50.92 26.79
N ALA B 208 30.95 -51.92 26.93
CA ALA B 208 29.99 -52.34 25.91
C ALA B 208 28.99 -53.26 26.60
N THR B 209 28.16 -53.92 25.79
CA THR B 209 27.31 -55.01 26.26
C THR B 209 27.50 -56.20 25.33
N TYR B 210 27.33 -57.40 25.89
CA TYR B 210 27.62 -58.62 25.16
C TYR B 210 26.33 -59.34 24.80
N HIS B 211 26.34 -59.96 23.61
CA HIS B 211 25.20 -60.70 23.10
C HIS B 211 25.53 -62.19 23.14
N THR B 212 24.63 -62.99 23.72
CA THR B 212 24.81 -64.43 23.79
C THR B 212 23.73 -65.08 22.92
N PRO B 213 24.00 -65.31 21.63
CA PRO B 213 22.93 -65.75 20.72
C PRO B 213 22.46 -67.17 20.96
N ALA B 214 23.29 -68.01 21.58
CA ALA B 214 22.89 -69.38 21.87
C ALA B 214 21.79 -69.42 22.92
N THR B 215 21.85 -68.52 23.90
CA THR B 215 20.88 -68.52 24.99
C THR B 215 19.76 -67.51 24.77
N ASP B 216 20.06 -66.38 24.12
CA ASP B 216 19.03 -65.36 23.90
C ASP B 216 18.20 -65.68 22.66
N CYS B 217 18.86 -65.77 21.50
CA CYS B 217 18.15 -65.93 20.22
C CYS B 217 17.53 -67.35 20.04
N SER B 218 17.45 -68.17 21.09
CA SER B 218 16.70 -69.41 21.03
C SER B 218 15.20 -69.12 20.91
N ASP B 219 14.43 -70.19 20.76
CA ASP B 219 12.98 -70.07 20.58
C ASP B 219 12.33 -69.51 21.83
N GLY B 220 11.56 -68.44 21.65
CA GLY B 220 11.06 -67.69 22.79
C GLY B 220 12.22 -67.09 23.55
N ASN B 221 12.20 -67.27 24.88
CA ASN B 221 13.33 -66.99 25.76
C ASN B 221 13.76 -65.53 25.73
N TYR B 222 14.74 -65.23 24.87
CA TYR B 222 15.40 -63.93 24.78
C TYR B 222 16.07 -63.54 26.09
N ASN B 223 16.48 -64.56 26.85
CA ASN B 223 17.26 -64.46 28.08
C ASN B 223 16.73 -63.52 29.16
N ARG B 224 15.47 -63.06 29.04
CA ARG B 224 14.93 -61.99 29.88
C ARG B 224 15.89 -60.80 29.89
N ASN B 225 15.99 -60.11 28.75
CA ASN B 225 16.74 -58.86 28.64
C ASN B 225 18.24 -59.04 28.88
N ALA B 226 18.90 -59.83 28.03
CA ALA B 226 20.32 -60.15 28.23
C ALA B 226 21.19 -58.91 28.15
N SER B 227 21.02 -58.10 27.11
CA SER B 227 21.84 -56.91 26.96
C SER B 227 21.49 -55.84 27.99
N LEU B 228 20.23 -55.82 28.46
CA LEU B 228 19.86 -54.88 29.51
C LEU B 228 20.59 -55.20 30.82
N ASN B 229 20.64 -56.48 31.18
CA ASN B 229 21.41 -56.87 32.36
C ASN B 229 22.91 -56.76 32.11
N SER B 230 23.33 -56.89 30.86
CA SER B 230 24.73 -56.66 30.49
C SER B 230 25.10 -55.20 30.65
N PHE B 231 24.14 -54.29 30.48
CA PHE B 231 24.36 -52.90 30.82
C PHE B 231 24.24 -52.69 32.32
N LYS B 232 23.34 -53.44 32.98
CA LYS B 232 23.31 -53.49 34.43
C LYS B 232 24.56 -54.14 34.99
N GLU B 233 25.23 -54.97 34.18
CA GLU B 233 26.54 -55.51 34.53
C GLU B 233 27.60 -54.42 34.62
N TYR B 234 27.32 -53.23 34.07
CA TYR B 234 28.22 -52.10 34.15
C TYR B 234 27.70 -50.94 34.98
N PHE B 235 26.38 -50.73 35.01
CA PHE B 235 25.82 -49.53 35.60
C PHE B 235 24.61 -49.88 36.46
N ASN B 236 24.19 -48.91 37.26
CA ASN B 236 22.98 -48.98 38.07
C ASN B 236 22.21 -47.68 37.93
N LEU B 237 21.00 -47.64 38.50
CA LEU B 237 20.00 -46.64 38.20
C LEU B 237 19.67 -45.79 39.43
N ARG B 238 19.29 -44.54 39.17
CA ARG B 238 18.78 -43.69 40.24
C ARG B 238 17.74 -42.73 39.69
N ASN B 239 16.71 -42.46 40.51
CA ASN B 239 15.64 -41.48 40.26
C ASN B 239 15.00 -41.69 38.89
N CYS B 240 14.54 -42.91 38.66
CA CYS B 240 14.37 -43.41 37.30
C CYS B 240 12.95 -43.16 36.81
N THR B 241 12.84 -42.42 35.70
CA THR B 241 11.55 -41.85 35.32
C THR B 241 10.64 -42.90 34.70
N PHE B 242 11.09 -43.57 33.64
CA PHE B 242 10.27 -44.56 32.96
C PHE B 242 11.16 -45.72 32.54
N MET B 243 10.56 -46.74 31.93
CA MET B 243 11.35 -47.84 31.39
C MET B 243 10.42 -48.52 30.38
N TYR B 244 10.54 -48.17 29.10
CA TYR B 244 9.58 -48.63 28.08
C TYR B 244 10.19 -49.50 26.97
N THR B 245 9.87 -50.79 26.97
CA THR B 245 9.95 -51.54 25.73
C THR B 245 8.88 -51.09 24.75
N TYR B 246 9.05 -51.53 23.50
CA TYR B 246 8.05 -51.40 22.47
C TYR B 246 8.11 -52.66 21.60
N ASN B 247 6.96 -53.30 21.39
CA ASN B 247 6.91 -54.57 20.67
C ASN B 247 7.21 -54.34 19.20
N ILE B 248 8.44 -54.63 18.80
CA ILE B 248 8.87 -54.52 17.41
C ILE B 248 9.50 -55.85 17.03
N THR B 249 8.90 -56.55 16.08
CA THR B 249 9.33 -57.91 15.76
C THR B 249 10.69 -57.90 15.09
N GLU B 250 11.33 -59.07 15.09
CA GLU B 250 12.48 -59.25 14.22
C GLU B 250 12.03 -59.18 12.76
N ASP B 251 12.92 -58.66 11.92
CA ASP B 251 12.66 -58.62 10.49
C ASP B 251 13.98 -58.74 9.75
N GLU B 252 13.86 -58.86 8.44
CA GLU B 252 14.98 -58.98 7.52
C GLU B 252 15.07 -57.78 6.59
N ILE B 253 14.48 -56.66 7.00
CA ILE B 253 14.19 -55.52 6.13
C ILE B 253 14.87 -54.29 6.72
N LEU B 254 15.54 -53.52 5.85
CA LEU B 254 16.24 -52.31 6.28
C LEU B 254 15.24 -51.21 6.64
N GLU B 255 15.75 -50.17 7.28
CA GLU B 255 14.93 -49.06 7.74
C GLU B 255 15.83 -47.86 8.06
N TRP B 256 15.22 -46.82 8.60
CA TRP B 256 15.92 -45.69 9.18
C TRP B 256 15.34 -45.42 10.55
N PHE B 257 16.04 -44.62 11.35
CA PHE B 257 15.48 -44.18 12.61
C PHE B 257 16.05 -42.83 12.98
N GLY B 258 15.18 -41.90 13.35
CA GLY B 258 15.60 -40.55 13.70
C GLY B 258 15.33 -40.23 15.15
N ILE B 259 16.28 -39.50 15.75
CA ILE B 259 16.19 -39.03 17.12
C ILE B 259 16.30 -37.51 17.10
N THR B 260 15.37 -36.85 17.79
CA THR B 260 15.35 -35.39 17.86
C THR B 260 14.68 -34.98 19.17
N GLN B 261 14.56 -33.67 19.37
CA GLN B 261 13.83 -33.18 20.53
C GLN B 261 13.30 -31.79 20.23
N THR B 262 12.32 -31.39 21.03
CA THR B 262 11.80 -30.03 21.06
C THR B 262 11.51 -29.78 22.54
N ALA B 263 11.06 -28.57 22.89
CA ALA B 263 10.84 -28.21 24.29
C ALA B 263 9.78 -29.08 24.96
N GLN B 264 8.84 -29.63 24.19
CA GLN B 264 7.87 -30.55 24.78
C GLN B 264 8.50 -31.91 25.09
N GLY B 265 9.52 -32.31 24.37
CA GLY B 265 10.18 -33.56 24.69
C GLY B 265 11.01 -34.10 23.55
N VAL B 266 11.66 -35.24 23.85
CA VAL B 266 12.40 -36.01 22.88
C VAL B 266 11.43 -36.77 21.98
N HIS B 267 11.72 -36.80 20.68
CA HIS B 267 10.90 -37.50 19.71
C HIS B 267 11.74 -38.52 18.95
N LEU B 268 11.25 -39.75 18.91
CA LEU B 268 11.84 -40.85 18.17
C LEU B 268 10.91 -41.21 17.04
N PHE B 269 11.43 -41.14 15.81
CA PHE B 269 10.63 -41.42 14.62
C PHE B 269 11.24 -42.61 13.89
N SER B 270 10.42 -43.63 13.65
CA SER B 270 10.87 -44.81 12.92
C SER B 270 9.64 -45.37 12.25
N SER B 271 9.73 -45.65 10.97
CA SER B 271 8.53 -46.09 10.25
C SER B 271 8.54 -47.54 10.09
N ARG B 272 8.60 -48.23 11.17
CA ARG B 272 8.69 -49.62 10.98
C ARG B 272 7.28 -49.95 10.80
N TYR B 273 6.47 -49.51 11.75
CA TYR B 273 5.09 -49.87 11.74
C TYR B 273 4.48 -49.24 10.62
N VAL B 274 5.04 -48.12 10.26
CA VAL B 274 4.36 -47.42 9.29
C VAL B 274 5.02 -47.26 7.96
N ASP B 275 6.14 -47.94 7.72
CA ASP B 275 6.73 -47.93 6.37
C ASP B 275 7.83 -48.87 6.25
N LEU B 276 7.58 -50.05 6.70
CA LEU B 276 8.56 -51.04 6.55
C LEU B 276 8.94 -50.99 5.11
N TYR B 277 7.96 -50.91 4.23
CA TYR B 277 8.33 -51.01 2.82
C TYR B 277 8.57 -49.65 2.18
N GLY B 278 9.69 -48.99 2.51
CA GLY B 278 10.09 -47.80 1.79
C GLY B 278 10.61 -46.66 2.63
N GLY B 279 10.04 -46.43 3.81
CA GLY B 279 10.75 -45.63 4.80
C GLY B 279 10.46 -44.15 4.78
N ASN B 280 9.66 -43.66 5.73
CA ASN B 280 9.48 -42.24 5.96
C ASN B 280 9.24 -42.07 7.46
N MET B 281 10.09 -41.29 8.12
CA MET B 281 10.20 -41.32 9.57
C MET B 281 8.99 -40.67 10.21
N PHE B 282 8.03 -41.51 10.61
CA PHE B 282 6.77 -41.11 11.19
C PHE B 282 6.90 -41.06 12.71
N GLN B 283 6.03 -40.26 13.32
CA GLN B 283 5.99 -40.17 14.78
C GLN B 283 5.55 -41.50 15.38
N PHE B 284 6.39 -42.07 16.24
CA PHE B 284 5.93 -43.16 17.08
C PHE B 284 6.23 -42.97 18.56
N ALA B 285 7.32 -42.27 18.93
CA ALA B 285 7.64 -42.11 20.34
C ALA B 285 7.85 -40.63 20.65
N THR B 286 7.17 -40.15 21.68
CA THR B 286 7.38 -38.80 22.20
C THR B 286 7.55 -38.94 23.71
N LEU B 287 8.80 -38.96 24.15
CA LEU B 287 9.08 -39.03 25.57
C LEU B 287 9.37 -37.62 26.06
N PRO B 288 8.54 -37.06 26.93
CA PRO B 288 8.66 -35.63 27.25
C PRO B 288 9.88 -35.33 28.11
N VAL B 289 11.03 -35.12 27.47
CA VAL B 289 12.24 -34.78 28.19
C VAL B 289 12.07 -33.41 28.86
N TYR B 290 12.78 -33.23 29.97
CA TYR B 290 12.62 -32.03 30.79
C TYR B 290 13.69 -30.97 30.54
N ASP B 291 14.86 -31.35 30.03
CA ASP B 291 15.95 -30.42 29.85
C ASP B 291 16.33 -30.34 28.38
N THR B 292 17.43 -29.63 28.11
CA THR B 292 17.93 -29.44 26.76
C THR B 292 19.14 -30.33 26.54
N ILE B 293 19.12 -31.08 25.46
CA ILE B 293 20.11 -32.12 25.20
C ILE B 293 21.25 -31.53 24.38
N LYS B 294 22.49 -31.77 24.83
CA LYS B 294 23.66 -31.24 24.15
C LYS B 294 24.51 -32.30 23.46
N TYR B 295 24.53 -33.53 23.96
CA TYR B 295 25.43 -34.53 23.41
C TYR B 295 24.72 -35.88 23.31
N TYR B 296 25.21 -36.71 22.40
CA TYR B 296 24.75 -38.07 22.26
C TYR B 296 25.93 -39.02 22.42
N SER B 297 25.62 -40.30 22.51
CA SER B 297 26.63 -41.34 22.63
C SER B 297 26.07 -42.65 22.08
N ILE B 298 26.74 -43.18 21.05
CA ILE B 298 26.41 -44.47 20.49
C ILE B 298 27.08 -45.53 21.35
N ILE B 299 26.29 -46.29 22.08
CA ILE B 299 26.84 -47.21 23.09
C ILE B 299 27.38 -48.44 22.38
N PRO B 300 28.62 -48.85 22.67
CA PRO B 300 29.18 -50.04 22.03
C PRO B 300 28.47 -51.30 22.48
N HIS B 301 28.53 -52.32 21.62
CA HIS B 301 27.96 -53.61 21.94
C HIS B 301 28.70 -54.69 21.16
N SER B 302 28.88 -55.84 21.79
CA SER B 302 29.56 -56.97 21.17
C SER B 302 28.70 -58.23 21.35
N ILE B 303 29.19 -59.34 20.81
CA ILE B 303 28.47 -60.60 20.78
C ILE B 303 29.39 -61.69 21.32
N ARG B 304 28.88 -62.52 22.22
CA ARG B 304 29.62 -63.69 22.69
C ARG B 304 29.44 -64.87 21.73
N SER B 305 29.69 -64.66 20.45
CA SER B 305 29.58 -65.72 19.47
C SER B 305 30.75 -66.68 19.59
N ILE B 306 30.56 -67.89 19.07
CA ILE B 306 31.60 -68.91 19.06
C ILE B 306 32.50 -68.68 17.84
N GLN B 307 33.63 -69.37 17.80
CA GLN B 307 34.59 -69.17 16.71
C GLN B 307 34.03 -69.64 15.38
N SER B 308 33.33 -70.77 15.36
CA SER B 308 32.73 -71.27 14.12
C SER B 308 31.58 -70.41 13.63
N ASP B 309 31.08 -69.49 14.47
CA ASP B 309 30.05 -68.55 14.07
C ASP B 309 30.58 -67.13 14.17
N ARG B 310 31.75 -66.88 13.60
CA ARG B 310 32.27 -65.51 13.57
C ARG B 310 31.37 -64.71 12.63
N LYS B 311 30.36 -64.08 13.21
CA LYS B 311 29.24 -63.58 12.43
C LYS B 311 29.53 -62.20 11.85
N ALA B 312 29.22 -62.03 10.57
CA ALA B 312 29.23 -60.72 9.97
C ALA B 312 28.00 -59.95 10.41
N TRP B 313 28.19 -58.68 10.72
CA TRP B 313 27.12 -57.84 11.22
C TRP B 313 27.03 -56.56 10.41
N ALA B 314 25.87 -55.91 10.50
CA ALA B 314 25.50 -54.83 9.60
C ALA B 314 26.37 -53.59 9.83
N ALA B 315 26.48 -52.80 8.77
CA ALA B 315 27.20 -51.54 8.77
C ALA B 315 26.18 -50.41 8.66
N PHE B 316 26.32 -49.39 9.51
CA PHE B 316 25.29 -48.38 9.63
C PHE B 316 25.87 -46.97 9.68
N TYR B 317 25.02 -46.00 9.35
CA TYR B 317 25.42 -44.64 9.06
C TYR B 317 24.62 -43.65 9.88
N VAL B 318 25.24 -42.53 10.21
CA VAL B 318 24.64 -41.50 11.04
C VAL B 318 24.78 -40.16 10.33
N TYR B 319 23.69 -39.39 10.28
CA TYR B 319 23.69 -38.07 9.67
C TYR B 319 23.00 -37.09 10.61
N LYS B 320 23.65 -35.94 10.82
CA LYS B 320 23.19 -34.95 11.79
C LYS B 320 22.14 -34.04 11.17
N LEU B 321 21.32 -33.44 12.03
CA LEU B 321 20.10 -32.75 11.63
C LEU B 321 20.22 -31.27 11.97
N GLN B 322 19.89 -30.43 11.01
CA GLN B 322 20.02 -28.97 11.11
C GLN B 322 18.88 -28.34 10.32
N PRO B 323 18.44 -27.13 10.72
CA PRO B 323 17.21 -26.59 10.13
C PRO B 323 17.39 -25.97 8.74
N LEU B 324 16.78 -26.57 7.73
CA LEU B 324 16.75 -26.01 6.39
C LEU B 324 15.35 -26.21 5.81
N THR B 325 15.24 -26.05 4.50
CA THR B 325 14.00 -26.25 3.76
C THR B 325 14.25 -27.26 2.66
N PHE B 326 13.27 -28.14 2.45
CA PHE B 326 13.27 -29.07 1.32
C PHE B 326 12.03 -28.82 0.47
N LEU B 327 12.01 -29.46 -0.70
CA LEU B 327 10.80 -29.60 -1.49
C LEU B 327 10.47 -31.08 -1.59
N LEU B 328 9.24 -31.44 -1.23
CA LEU B 328 8.83 -32.83 -1.14
C LEU B 328 7.72 -33.11 -2.14
N ASP B 329 7.62 -34.36 -2.56
CA ASP B 329 6.65 -34.78 -3.57
C ASP B 329 5.68 -35.74 -2.92
N PHE B 330 4.64 -35.20 -2.28
CA PHE B 330 3.64 -36.02 -1.62
C PHE B 330 2.74 -36.64 -2.68
N SER B 331 2.91 -37.94 -2.90
CA SER B 331 2.07 -38.63 -3.88
C SER B 331 0.69 -38.88 -3.28
N VAL B 332 -0.18 -39.50 -4.08
CA VAL B 332 -1.54 -39.77 -3.64
C VAL B 332 -1.56 -40.79 -2.51
N ASP B 333 -0.54 -41.63 -2.42
CA ASP B 333 -0.47 -42.62 -1.35
C ASP B 333 -0.27 -41.97 0.01
N GLY B 334 0.62 -40.97 0.10
CA GLY B 334 0.89 -40.29 1.34
C GLY B 334 2.30 -40.44 1.86
N TYR B 335 3.14 -41.26 1.23
CA TYR B 335 4.52 -41.40 1.68
C TYR B 335 5.34 -40.23 1.13
N ILE B 336 6.65 -40.36 1.22
CA ILE B 336 7.57 -39.48 0.49
C ILE B 336 8.44 -40.37 -0.38
N ARG B 337 8.37 -40.17 -1.70
CA ARG B 337 9.11 -40.98 -2.65
C ARG B 337 9.99 -40.16 -3.59
N ARG B 338 9.89 -38.84 -3.56
CA ARG B 338 10.83 -37.99 -4.29
C ARG B 338 10.89 -36.62 -3.62
N ALA B 339 12.09 -36.06 -3.57
CA ALA B 339 12.30 -34.80 -2.87
C ALA B 339 13.57 -34.15 -3.42
N ILE B 340 13.83 -32.93 -2.95
CA ILE B 340 15.02 -32.20 -3.35
C ILE B 340 15.38 -31.21 -2.25
N ASP B 341 16.69 -30.99 -2.10
CA ASP B 341 17.23 -29.97 -1.22
C ASP B 341 16.99 -28.58 -1.81
N CYS B 342 17.18 -27.57 -0.98
CA CYS B 342 17.14 -26.18 -1.42
C CYS B 342 18.49 -25.51 -1.44
N GLY B 343 19.50 -26.10 -0.81
CA GLY B 343 20.79 -25.46 -0.73
C GLY B 343 21.97 -26.40 -0.90
N PHE B 344 21.71 -27.64 -1.33
CA PHE B 344 22.81 -28.56 -1.58
C PHE B 344 23.58 -28.16 -2.83
N ASN B 345 22.94 -27.46 -3.76
CA ASN B 345 23.65 -26.93 -4.92
C ASN B 345 22.85 -25.76 -5.49
N ASP B 346 23.34 -25.22 -6.60
CA ASP B 346 22.61 -24.15 -7.28
C ASP B 346 21.26 -24.62 -7.78
N LEU B 347 21.21 -25.82 -8.37
CA LEU B 347 19.95 -26.35 -8.87
C LEU B 347 18.99 -26.67 -7.74
N SER B 348 19.50 -26.92 -6.53
CA SER B 348 18.63 -27.05 -5.37
C SER B 348 17.87 -25.76 -5.13
N GLN B 349 18.58 -24.63 -5.16
CA GLN B 349 17.94 -23.33 -5.03
C GLN B 349 17.00 -23.06 -6.19
N LEU B 350 17.40 -23.42 -7.40
CA LEU B 350 16.62 -23.09 -8.59
C LEU B 350 15.32 -23.88 -8.63
N HIS B 351 15.40 -25.19 -8.40
CA HIS B 351 14.19 -26.00 -8.37
C HIS B 351 13.33 -25.68 -7.16
N CYS B 352 13.94 -25.29 -6.04
CA CYS B 352 13.15 -24.85 -4.89
C CYS B 352 12.68 -23.41 -5.01
N SER B 353 13.20 -22.65 -5.97
CA SER B 353 12.61 -21.35 -6.28
C SER B 353 11.32 -21.49 -7.06
N TYR B 354 11.15 -22.58 -7.80
CA TYR B 354 9.94 -22.83 -8.57
C TYR B 354 8.99 -23.78 -7.88
N GLU B 355 9.36 -24.30 -6.70
CA GLU B 355 8.60 -25.29 -5.95
C GLU B 355 8.28 -26.53 -6.79
N SER B 356 9.20 -26.92 -7.67
CA SER B 356 8.94 -28.05 -8.55
C SER B 356 10.25 -28.74 -8.90
N PHE B 357 10.13 -29.98 -9.34
CA PHE B 357 11.27 -30.72 -9.86
C PHE B 357 11.62 -30.27 -11.28
N ASP B 358 10.68 -29.62 -11.96
CA ASP B 358 10.79 -29.38 -13.39
C ASP B 358 10.91 -27.88 -13.64
N VAL B 359 12.02 -27.49 -14.27
CA VAL B 359 12.28 -26.08 -14.54
C VAL B 359 12.47 -25.89 -16.03
N GLU B 360 12.82 -24.68 -16.45
CA GLU B 360 13.08 -24.36 -17.85
C GLU B 360 14.58 -24.18 -18.06
N SER B 361 15.06 -24.66 -19.21
CA SER B 361 16.41 -24.36 -19.67
C SER B 361 16.62 -22.85 -19.72
N GLY B 362 17.51 -22.33 -18.88
CA GLY B 362 17.57 -20.89 -18.71
C GLY B 362 18.94 -20.41 -18.29
N VAL B 363 19.28 -19.20 -18.72
CA VAL B 363 20.38 -18.45 -18.13
C VAL B 363 19.84 -17.89 -16.82
N TYR B 364 20.25 -18.47 -15.71
CA TYR B 364 19.69 -18.14 -14.41
C TYR B 364 20.72 -17.44 -13.55
N SER B 365 20.34 -16.29 -13.02
CA SER B 365 21.10 -15.64 -11.96
C SER B 365 20.79 -16.37 -10.66
N VAL B 366 21.84 -16.81 -9.98
CA VAL B 366 21.69 -17.60 -8.77
C VAL B 366 22.30 -16.83 -7.61
N SER B 367 22.29 -17.45 -6.43
CA SER B 367 22.95 -16.86 -5.28
C SER B 367 24.44 -16.70 -5.56
N SER B 368 24.95 -15.50 -5.32
CA SER B 368 26.32 -15.16 -5.63
C SER B 368 27.25 -15.70 -4.54
N PHE B 369 28.48 -15.19 -4.51
CA PHE B 369 29.38 -15.50 -3.42
C PHE B 369 30.25 -14.29 -3.11
N GLU B 370 30.79 -14.29 -1.90
CA GLU B 370 31.76 -13.30 -1.46
C GLU B 370 32.96 -14.01 -0.87
N ALA B 371 34.15 -13.57 -1.27
CA ALA B 371 35.40 -14.13 -0.76
C ALA B 371 35.54 -13.82 0.74
N LYS B 372 36.22 -14.70 1.45
CA LYS B 372 36.57 -14.39 2.82
C LYS B 372 37.55 -13.21 2.87
N PRO B 373 37.44 -12.35 3.87
CA PRO B 373 38.42 -11.27 4.02
C PRO B 373 39.80 -11.81 4.39
N SER B 374 40.83 -11.09 3.93
CA SER B 374 42.20 -11.51 4.19
C SER B 374 42.60 -11.30 5.65
N GLY B 375 41.96 -10.37 6.35
CA GLY B 375 42.32 -10.08 7.72
C GLY B 375 41.66 -8.83 8.25
N SER B 376 42.37 -8.07 9.07
CA SER B 376 41.79 -6.89 9.69
C SER B 376 42.91 -5.94 10.11
N VAL B 377 42.54 -4.67 10.27
CA VAL B 377 43.38 -3.66 10.90
C VAL B 377 42.62 -3.05 12.07
N VAL B 378 43.29 -2.91 13.20
CA VAL B 378 42.73 -2.25 14.38
C VAL B 378 43.65 -1.05 14.63
N GLU B 379 43.32 0.09 14.02
CA GLU B 379 44.27 1.19 14.00
C GLU B 379 43.57 2.53 14.15
N GLN B 380 43.92 3.24 15.23
CA GLN B 380 43.75 4.68 15.37
C GLN B 380 44.64 5.11 16.52
N ALA B 381 45.00 6.40 16.49
CA ALA B 381 45.91 6.93 17.50
C ALA B 381 45.26 6.92 18.88
N GLU B 382 45.88 6.22 19.82
CA GLU B 382 45.39 6.11 21.18
C GLU B 382 46.42 6.71 22.12
N GLY B 383 45.98 7.62 22.97
CA GLY B 383 46.84 8.23 23.95
C GLY B 383 46.76 7.55 25.30
N VAL B 384 46.17 8.25 26.27
CA VAL B 384 46.08 7.74 27.62
C VAL B 384 44.69 7.14 27.84
N GLU B 385 44.55 6.39 28.91
CA GLU B 385 43.27 5.78 29.24
C GLU B 385 42.33 6.80 29.86
N CYS B 386 41.03 6.52 29.78
CA CYS B 386 40.03 7.35 30.44
C CYS B 386 40.16 7.19 31.95
N ASP B 387 39.84 8.26 32.68
CA ASP B 387 39.89 8.25 34.13
C ASP B 387 38.47 8.31 34.67
N PHE B 388 38.18 7.44 35.64
CA PHE B 388 36.89 7.43 36.30
C PHE B 388 37.04 7.52 37.81
N SER B 389 38.16 8.04 38.29
CA SER B 389 38.26 8.39 39.70
C SER B 389 37.26 9.46 40.13
N PRO B 390 37.01 10.56 39.38
CA PRO B 390 35.90 11.44 39.80
C PRO B 390 34.54 10.77 39.73
N LEU B 391 34.38 9.80 38.82
CA LEU B 391 33.22 8.93 38.87
C LEU B 391 33.21 8.13 40.17
N LEU B 392 34.37 7.63 40.57
CA LEU B 392 34.45 6.91 41.84
C LEU B 392 34.35 7.86 43.02
N SER B 393 35.06 8.97 42.99
CA SER B 393 35.12 9.84 44.16
C SER B 393 33.91 10.75 44.22
N GLY B 394 33.77 11.42 45.37
CA GLY B 394 32.72 12.40 45.56
C GLY B 394 31.36 11.78 45.86
N THR B 395 30.55 12.47 46.63
CA THR B 395 29.18 12.01 46.84
C THR B 395 28.38 12.27 45.57
N PRO B 396 27.64 11.28 45.07
CA PRO B 396 26.81 11.51 43.89
C PRO B 396 25.67 12.46 44.21
N PRO B 397 25.32 13.32 43.29
CA PRO B 397 24.29 14.32 43.56
C PRO B 397 22.90 13.71 43.37
N GLN B 398 21.89 14.55 43.52
CA GLN B 398 20.52 14.10 43.31
C GLN B 398 20.23 14.08 41.80
N VAL B 399 19.05 13.58 41.45
CA VAL B 399 18.74 13.39 40.04
C VAL B 399 18.34 14.69 39.36
N TYR B 400 17.92 15.69 40.11
CA TYR B 400 17.65 16.99 39.50
C TYR B 400 18.91 17.82 39.34
N ASN B 401 20.04 17.34 39.84
CA ASN B 401 21.30 18.04 39.70
C ASN B 401 22.45 17.05 39.43
N PHE B 402 22.19 16.10 38.54
CA PHE B 402 23.12 15.05 38.18
C PHE B 402 24.41 15.63 37.60
N LYS B 403 25.46 14.81 37.59
CA LYS B 403 26.74 15.24 37.07
C LYS B 403 27.08 14.50 35.79
N ARG B 404 27.65 15.23 34.83
CA ARG B 404 28.08 14.65 33.56
C ARG B 404 29.57 14.32 33.62
N LEU B 405 29.98 13.38 32.78
CA LEU B 405 31.39 13.10 32.52
C LEU B 405 31.51 12.77 31.04
N VAL B 406 32.27 13.57 30.33
CA VAL B 406 32.46 13.39 28.90
C VAL B 406 33.82 12.74 28.67
N PHE B 407 33.90 11.90 27.64
CA PHE B 407 35.14 11.22 27.32
C PHE B 407 35.31 11.15 25.81
N THR B 408 36.42 11.70 25.33
CA THR B 408 36.86 11.65 23.95
C THR B 408 38.37 11.47 23.94
N ASN B 409 38.85 10.62 23.03
CA ASN B 409 40.28 10.34 22.85
C ASN B 409 40.91 9.78 24.14
N CYS B 410 40.29 8.73 24.67
CA CYS B 410 40.88 8.00 25.77
C CYS B 410 40.43 6.54 25.69
N ASN B 411 40.81 5.75 26.68
CA ASN B 411 40.65 4.31 26.65
C ASN B 411 40.12 3.82 27.99
N TYR B 412 39.42 2.70 27.98
CA TYR B 412 38.77 2.21 29.19
C TYR B 412 38.81 0.69 29.20
N ASN B 413 38.14 0.12 30.21
CA ASN B 413 37.87 -1.32 30.26
C ASN B 413 36.75 -1.52 31.27
N LEU B 414 35.59 -1.98 30.80
CA LEU B 414 34.50 -2.28 31.72
C LEU B 414 34.84 -3.47 32.60
N THR B 415 35.67 -4.40 32.10
CA THR B 415 36.19 -5.47 32.95
C THR B 415 37.03 -4.91 34.09
N LYS B 416 37.61 -3.73 33.89
CA LYS B 416 38.23 -2.99 34.96
C LYS B 416 37.32 -1.89 35.51
N LEU B 417 36.08 -1.79 35.03
CA LEU B 417 35.17 -0.75 35.52
C LEU B 417 33.91 -1.30 36.17
N LEU B 418 33.18 -2.18 35.50
CA LEU B 418 31.93 -2.65 36.10
C LEU B 418 32.13 -3.67 37.20
N SER B 419 33.33 -4.27 37.27
CA SER B 419 33.62 -5.23 38.32
C SER B 419 33.61 -4.56 39.69
N LEU B 420 34.26 -3.40 39.80
CA LEU B 420 34.25 -2.65 41.05
C LEU B 420 32.89 -2.03 41.32
N PHE B 421 32.04 -1.90 40.30
CA PHE B 421 30.65 -1.53 40.53
C PHE B 421 29.94 -2.69 41.22
N SER B 422 29.10 -2.37 42.20
CA SER B 422 28.13 -3.32 42.72
C SER B 422 26.78 -3.07 42.03
N VAL B 423 26.76 -3.43 40.75
CA VAL B 423 25.57 -3.21 39.93
C VAL B 423 24.46 -4.13 40.42
N ASN B 424 23.32 -3.54 40.77
CA ASN B 424 22.19 -4.32 41.22
C ASN B 424 21.06 -4.37 40.21
N ASP B 425 21.04 -3.48 39.23
CA ASP B 425 20.11 -3.60 38.12
C ASP B 425 20.74 -3.05 36.85
N PHE B 426 20.34 -3.60 35.72
CA PHE B 426 20.99 -3.34 34.44
C PHE B 426 19.92 -3.20 33.37
N THR B 427 19.92 -2.07 32.65
CA THR B 427 19.11 -1.93 31.45
C THR B 427 19.93 -1.19 30.41
N CYS B 428 19.82 -1.62 29.17
CA CYS B 428 20.47 -0.91 28.06
C CYS B 428 19.49 -0.90 26.89
N SER B 429 18.90 0.25 26.64
CA SER B 429 17.89 0.39 25.62
C SER B 429 18.52 0.90 24.33
N GLN B 430 17.95 0.41 23.21
CA GLN B 430 18.44 0.54 21.84
C GLN B 430 19.95 0.32 21.72
N ILE B 431 20.49 -0.57 22.56
CA ILE B 431 21.90 -0.94 22.53
C ILE B 431 22.07 -2.21 23.35
N SER B 432 23.09 -3.01 23.04
CA SER B 432 23.36 -4.21 23.82
C SER B 432 24.21 -3.89 25.04
N PRO B 433 24.12 -4.72 26.08
CA PRO B 433 25.07 -4.60 27.20
C PRO B 433 26.52 -4.81 26.82
N ALA B 434 26.77 -5.64 25.82
CA ALA B 434 28.15 -5.96 25.48
C ALA B 434 28.83 -4.81 24.74
N ALA B 435 28.04 -3.96 24.07
CA ALA B 435 28.62 -2.92 23.23
C ALA B 435 29.40 -1.88 24.03
N ILE B 436 29.02 -1.68 25.28
CA ILE B 436 29.74 -0.75 26.13
C ILE B 436 31.13 -1.26 26.43
N ALA B 437 31.24 -2.56 26.72
CA ALA B 437 32.53 -3.17 26.97
C ALA B 437 33.27 -3.54 25.69
N SER B 438 32.64 -3.38 24.53
CA SER B 438 33.26 -3.77 23.26
C SER B 438 33.44 -2.61 22.28
N ASN B 439 32.37 -1.89 21.97
CA ASN B 439 32.41 -1.01 20.82
C ASN B 439 33.12 0.31 21.13
N CYS B 440 33.57 0.97 20.07
CA CYS B 440 34.16 2.30 20.15
C CYS B 440 33.29 3.30 19.42
N TYR B 441 33.41 4.57 19.84
CA TYR B 441 32.48 5.61 19.43
C TYR B 441 33.28 6.89 19.19
N SER B 442 32.60 7.94 18.73
CA SER B 442 33.24 9.24 18.68
C SER B 442 33.47 9.79 20.08
N SER B 443 32.44 9.74 20.92
CA SER B 443 32.60 10.21 22.29
C SER B 443 31.60 9.50 23.18
N LEU B 444 31.66 9.81 24.47
CA LEU B 444 30.75 9.18 25.42
C LEU B 444 30.40 10.17 26.52
N ILE B 445 29.11 10.22 26.87
CA ILE B 445 28.65 10.99 28.02
C ILE B 445 28.09 10.01 29.06
N LEU B 446 28.46 10.26 30.31
CA LEU B 446 28.02 9.48 31.45
C LEU B 446 27.43 10.44 32.46
N ASP B 447 26.12 10.37 32.67
CA ASP B 447 25.46 11.24 33.62
C ASP B 447 24.96 10.43 34.83
N TYR B 448 25.38 10.82 36.02
CA TYR B 448 25.21 10.01 37.20
C TYR B 448 24.64 10.83 38.34
N PHE B 449 23.99 10.12 39.27
CA PHE B 449 23.32 10.74 40.40
C PHE B 449 23.11 9.69 41.48
N SER B 450 22.75 10.15 42.67
CA SER B 450 22.30 9.24 43.71
C SER B 450 20.90 8.76 43.37
N TYR B 451 20.67 7.46 43.50
CA TYR B 451 19.38 6.87 43.15
C TYR B 451 19.21 5.55 43.88
N PRO B 452 18.48 5.53 44.99
CA PRO B 452 18.24 4.29 45.72
C PRO B 452 17.13 3.48 45.07
N LEU B 453 16.76 2.38 45.74
CA LEU B 453 15.83 1.40 45.20
C LEU B 453 14.37 1.72 45.44
N SER B 454 14.07 2.77 46.22
CA SER B 454 12.68 3.05 46.57
C SER B 454 11.89 3.52 45.36
N MET B 455 12.47 4.40 44.55
CA MET B 455 11.87 4.83 43.29
C MET B 455 12.45 4.10 42.08
N LYS B 456 12.93 2.87 42.30
CA LYS B 456 13.36 2.01 41.20
C LYS B 456 12.24 1.78 40.20
N SER B 457 11.01 1.59 40.69
CA SER B 457 9.86 1.41 39.79
C SER B 457 9.60 2.64 38.93
N ASP B 458 10.13 3.81 39.32
CA ASP B 458 10.07 5.01 38.51
C ASP B 458 11.20 5.08 37.49
N LEU B 459 11.80 3.94 37.15
CA LEU B 459 12.87 3.91 36.16
C LEU B 459 12.37 4.16 34.75
N SER B 460 11.08 3.95 34.51
CA SER B 460 10.57 3.86 33.15
C SER B 460 10.68 5.19 32.42
N VAL B 461 10.86 5.10 31.11
CA VAL B 461 10.99 6.28 30.27
C VAL B 461 9.68 7.04 30.22
N SER B 462 8.56 6.33 30.07
CA SER B 462 7.25 6.94 29.95
C SER B 462 6.51 7.01 31.29
N SER B 463 7.23 6.86 32.41
CA SER B 463 6.60 6.84 33.71
C SER B 463 6.02 8.21 34.06
N ALA B 464 4.96 8.18 34.88
CA ALA B 464 4.28 9.39 35.33
C ALA B 464 4.98 10.04 36.51
N GLY B 465 6.13 9.52 36.91
CA GLY B 465 6.90 10.07 38.02
C GLY B 465 7.35 11.48 37.75
N PRO B 466 7.22 12.34 38.77
CA PRO B 466 7.63 13.74 38.62
C PRO B 466 9.12 13.93 38.47
N ILE B 467 9.93 12.88 38.72
CA ILE B 467 11.35 12.98 38.41
C ILE B 467 11.56 13.03 36.90
N SER B 468 10.65 12.41 36.14
CA SER B 468 10.72 12.43 34.69
C SER B 468 10.10 13.68 34.10
N GLN B 469 9.52 14.55 34.92
CA GLN B 469 8.91 15.78 34.46
C GLN B 469 9.61 17.02 34.98
N PHE B 470 10.27 16.93 36.14
CA PHE B 470 10.86 18.09 36.78
C PHE B 470 12.30 17.88 37.21
N ASN B 471 12.84 16.66 37.11
CA ASN B 471 14.17 16.37 37.62
C ASN B 471 15.13 15.90 36.53
N TYR B 472 14.75 14.93 35.72
CA TYR B 472 15.62 14.46 34.66
C TYR B 472 14.81 13.76 33.57
N LYS B 473 15.25 13.93 32.33
CA LYS B 473 14.81 13.10 31.22
C LYS B 473 15.99 12.81 30.32
N GLN B 474 16.06 11.58 29.83
CA GLN B 474 17.11 11.13 28.94
C GLN B 474 16.84 11.58 27.50
N SER B 475 17.61 11.02 26.57
CA SER B 475 17.53 11.40 25.16
C SER B 475 16.77 10.34 24.39
N PHE B 476 15.69 10.76 23.74
CA PHE B 476 14.91 9.84 22.92
C PHE B 476 15.67 9.40 21.67
N SER B 477 16.68 10.15 21.26
CA SER B 477 17.34 9.95 19.98
C SER B 477 18.71 9.29 20.11
N ASN B 478 19.08 8.81 21.28
CA ASN B 478 20.44 8.34 21.49
C ASN B 478 20.43 6.98 22.16
N PRO B 479 21.45 6.15 21.93
CA PRO B 479 21.50 4.84 22.59
C PRO B 479 21.79 4.99 24.07
N THR B 480 20.97 4.34 24.89
CA THR B 480 20.99 4.66 26.31
C THR B 480 21.22 3.43 27.16
N CYS B 481 21.78 3.66 28.33
CA CYS B 481 21.89 2.62 29.34
C CYS B 481 21.57 3.21 30.69
N LEU B 482 20.65 2.56 31.41
CA LEU B 482 20.30 2.95 32.77
C LEU B 482 20.71 1.82 33.69
N ILE B 483 21.70 2.07 34.53
CA ILE B 483 22.27 1.06 35.40
C ILE B 483 22.13 1.53 36.84
N LEU B 484 21.60 0.66 37.69
CA LEU B 484 21.51 0.92 39.12
C LEU B 484 22.64 0.15 39.78
N ALA B 485 23.65 0.86 40.25
CA ALA B 485 24.80 0.28 40.93
C ALA B 485 24.73 0.60 42.41
N THR B 486 25.68 0.06 43.17
CA THR B 486 25.67 0.21 44.61
C THR B 486 27.10 0.38 45.09
N VAL B 487 27.25 1.06 46.22
CA VAL B 487 28.55 1.08 46.90
C VAL B 487 28.86 -0.30 47.46
N PRO B 488 30.05 -0.83 47.24
CA PRO B 488 30.48 -2.03 47.96
C PRO B 488 30.83 -1.69 49.41
N HIS B 489 30.78 -2.72 50.26
CA HIS B 489 31.15 -2.54 51.65
C HIS B 489 32.64 -2.20 51.79
N ASN B 490 33.49 -2.86 51.01
CA ASN B 490 34.92 -2.56 51.01
C ASN B 490 35.25 -1.48 49.98
N LEU B 491 34.51 -0.38 50.02
CA LEU B 491 34.73 0.74 49.10
C LEU B 491 34.18 1.98 49.79
N THR B 492 35.06 2.80 50.35
CA THR B 492 34.69 4.07 50.97
C THR B 492 35.19 5.27 50.19
N THR B 493 35.72 5.05 48.98
CA THR B 493 36.18 6.16 48.15
C THR B 493 35.02 7.06 47.76
N ILE B 494 33.88 6.47 47.39
CA ILE B 494 32.68 7.25 47.17
C ILE B 494 32.11 7.63 48.53
N THR B 495 31.31 8.68 48.55
CA THR B 495 30.70 9.15 49.78
C THR B 495 29.19 9.26 49.60
N LYS B 496 28.48 9.37 50.71
CA LYS B 496 27.03 9.37 50.67
C LYS B 496 26.49 10.74 51.07
N PRO B 497 25.38 11.16 50.47
CA PRO B 497 24.77 12.43 50.85
C PRO B 497 24.08 12.32 52.21
N LEU B 498 23.76 13.48 52.79
CA LEU B 498 23.14 13.52 54.10
C LEU B 498 21.71 12.99 54.04
N LYS B 499 20.91 13.48 53.10
CA LYS B 499 19.58 12.94 52.88
C LYS B 499 19.25 13.01 51.41
N TYR B 500 18.43 12.07 50.95
CA TYR B 500 18.06 12.04 49.54
C TYR B 500 16.95 13.04 49.27
N SER B 501 17.05 13.75 48.15
CA SER B 501 16.07 14.76 47.83
C SER B 501 15.70 14.68 46.35
N TYR B 502 14.44 14.96 46.06
CA TYR B 502 13.97 15.02 44.68
C TYR B 502 12.81 15.98 44.60
N ILE B 503 12.45 16.35 43.37
CA ILE B 503 11.50 17.42 43.11
C ILE B 503 10.24 16.81 42.51
N ASN B 504 9.09 17.14 43.09
CA ASN B 504 7.82 16.65 42.59
C ASN B 504 7.00 17.71 41.87
N LYS B 505 7.52 18.93 41.75
CA LYS B 505 6.78 20.00 41.08
C LYS B 505 7.73 21.08 40.61
N CYS B 506 7.57 21.47 39.34
CA CYS B 506 8.22 22.65 38.77
C CYS B 506 7.17 23.43 38.01
N SER B 507 6.73 24.55 38.56
CA SER B 507 5.85 25.47 37.87
C SER B 507 6.39 26.88 38.06
N ARG B 508 5.67 27.86 37.53
CA ARG B 508 6.17 29.23 37.51
C ARG B 508 4.98 30.17 37.53
N LEU B 509 5.19 31.37 38.04
CA LEU B 509 4.13 32.37 38.11
C LEU B 509 4.43 33.54 37.19
N LEU B 510 3.37 34.03 36.54
CA LEU B 510 3.38 35.37 35.97
C LEU B 510 3.23 36.39 37.09
N SER B 511 3.18 37.67 36.72
CA SER B 511 2.90 38.70 37.70
C SER B 511 1.42 38.83 38.02
N ASP B 512 0.55 38.12 37.29
CA ASP B 512 -0.88 38.24 37.51
C ASP B 512 -1.35 37.48 38.75
N ASP B 513 -0.60 36.44 39.14
CA ASP B 513 -0.96 35.50 40.22
C ASP B 513 -2.33 34.86 39.92
N ARG B 514 -2.59 34.65 38.63
CA ARG B 514 -3.79 33.98 38.15
C ARG B 514 -3.46 32.85 37.18
N THR B 515 -2.42 33.01 36.37
CA THR B 515 -2.01 32.02 35.38
C THR B 515 -0.65 31.46 35.76
N GLU B 516 -0.51 30.14 35.66
CA GLU B 516 0.69 29.43 36.06
C GLU B 516 1.31 28.76 34.84
N VAL B 517 2.62 28.95 34.66
CA VAL B 517 3.37 28.39 33.54
C VAL B 517 3.98 27.05 33.94
N PRO B 518 3.69 25.98 33.20
CA PRO B 518 4.34 24.70 33.49
C PRO B 518 5.73 24.62 32.88
N GLN B 519 6.52 23.68 33.39
CA GLN B 519 7.85 23.42 32.89
C GLN B 519 8.02 21.94 32.56
N LEU B 520 8.87 21.66 31.58
CA LEU B 520 9.17 20.32 31.14
C LEU B 520 10.68 20.15 31.03
N VAL B 521 11.14 18.93 31.26
CA VAL B 521 12.55 18.60 31.20
C VAL B 521 12.86 17.95 29.86
N ASN B 522 14.12 18.06 29.44
CA ASN B 522 14.58 17.51 28.17
C ASN B 522 15.91 16.80 28.39
N ALA B 523 16.45 16.28 27.29
CA ALA B 523 17.73 15.60 27.31
C ALA B 523 18.84 16.60 27.59
N ASN B 524 19.53 16.41 28.72
CA ASN B 524 20.68 17.23 29.12
C ASN B 524 20.30 18.70 29.26
N GLN B 525 19.03 18.98 29.51
CA GLN B 525 18.54 20.33 29.71
C GLN B 525 18.12 20.46 31.15
N TYR B 526 18.70 21.44 31.85
CA TYR B 526 18.42 21.61 33.27
C TYR B 526 17.30 22.61 33.48
N SER B 527 16.45 22.32 34.46
CA SER B 527 15.28 23.14 34.72
C SER B 527 15.70 24.50 35.28
N PRO B 528 14.87 25.53 35.08
CA PRO B 528 15.02 26.75 35.89
C PRO B 528 14.87 26.48 37.38
N CYS B 529 14.02 25.52 37.76
CA CYS B 529 13.93 25.13 39.16
C CYS B 529 15.25 24.61 39.71
N VAL B 530 16.08 24.02 38.85
CA VAL B 530 17.41 23.57 39.27
C VAL B 530 18.27 24.75 39.71
N SER B 531 18.02 25.95 39.17
CA SER B 531 18.72 27.12 39.65
C SER B 531 18.43 27.39 41.12
N ILE B 532 17.17 27.27 41.54
CA ILE B 532 16.78 27.68 42.88
C ILE B 532 16.83 26.54 43.90
N VAL B 533 16.77 25.29 43.49
CA VAL B 533 16.81 24.18 44.45
C VAL B 533 18.25 23.77 44.70
N PRO B 534 18.73 23.82 45.94
CA PRO B 534 20.06 23.28 46.23
C PRO B 534 20.05 21.76 46.23
N SER B 535 21.23 21.19 46.48
CA SER B 535 21.35 19.74 46.53
C SER B 535 20.57 19.17 47.71
N THR B 536 20.60 19.86 48.84
CA THR B 536 19.94 19.39 50.05
C THR B 536 18.64 20.18 50.24
N VAL B 537 17.54 19.46 50.34
CA VAL B 537 16.27 20.03 50.75
C VAL B 537 16.08 19.72 52.22
N TRP B 538 15.77 20.77 53.02
CA TRP B 538 15.90 20.65 54.47
C TRP B 538 14.86 19.70 55.05
N GLU B 539 13.70 19.57 54.39
CA GLU B 539 12.71 18.59 54.80
C GLU B 539 11.80 18.27 53.62
N ASP B 540 11.03 17.21 53.78
CA ASP B 540 10.04 16.82 52.78
C ASP B 540 8.94 17.86 52.70
N GLY B 541 8.30 17.93 51.53
CA GLY B 541 7.21 18.86 51.34
C GLY B 541 7.63 20.31 51.33
N ASP B 542 8.88 20.60 51.01
CA ASP B 542 9.34 21.98 51.03
C ASP B 542 8.89 22.71 49.78
N TYR B 543 8.54 23.98 49.95
CA TYR B 543 8.11 24.84 48.86
C TYR B 543 9.15 25.94 48.65
N TYR B 544 9.64 26.04 47.42
CA TYR B 544 10.62 27.06 47.05
C TYR B 544 9.95 28.06 46.12
N ARG B 545 10.32 29.32 46.26
CA ARG B 545 9.69 30.39 45.50
C ARG B 545 10.64 31.58 45.43
N LYS B 546 10.89 32.04 44.21
CA LYS B 546 11.75 33.21 43.99
C LYS B 546 11.09 34.13 42.99
N GLN B 547 11.03 35.42 43.32
CA GLN B 547 10.46 36.40 42.42
C GLN B 547 11.36 36.59 41.21
N LEU B 548 10.75 36.69 40.03
CA LEU B 548 11.46 36.80 38.78
C LEU B 548 11.31 38.21 38.20
N SER B 549 12.20 38.55 37.28
CA SER B 549 12.25 39.88 36.68
C SER B 549 11.51 39.90 35.36
N PRO B 550 11.05 41.08 34.91
CA PRO B 550 10.32 41.16 33.63
C PRO B 550 11.15 40.75 32.42
N LEU B 551 12.47 40.71 32.53
CA LEU B 551 13.28 40.22 31.44
C LEU B 551 13.03 38.75 31.15
N GLU B 552 12.64 37.97 32.17
CA GLU B 552 12.09 36.65 31.97
C GLU B 552 10.58 36.61 32.20
N GLY B 553 9.94 37.76 32.30
CA GLY B 553 8.50 37.84 32.41
C GLY B 553 7.96 38.11 33.80
N GLY B 554 8.84 38.33 34.78
CA GLY B 554 8.34 38.66 36.10
C GLY B 554 7.77 37.45 36.83
N GLY B 555 6.99 37.75 37.86
CA GLY B 555 6.34 36.70 38.62
C GLY B 555 7.33 35.90 39.45
N TRP B 556 6.98 34.64 39.69
CA TRP B 556 7.75 33.79 40.57
C TRP B 556 8.04 32.45 39.92
N LEU B 557 9.21 31.91 40.24
CA LEU B 557 9.54 30.53 39.98
C LEU B 557 9.35 29.74 41.26
N VAL B 558 8.56 28.66 41.19
CA VAL B 558 8.19 27.90 42.37
C VAL B 558 8.48 26.43 42.14
N ALA B 559 8.65 25.72 43.25
CA ALA B 559 8.97 24.29 43.21
C ALA B 559 8.48 23.66 44.49
N SER B 560 8.25 22.35 44.42
CA SER B 560 7.90 21.56 45.59
C SER B 560 8.77 20.32 45.61
N GLY B 561 9.34 20.01 46.77
CA GLY B 561 10.32 18.96 46.89
C GLY B 561 10.05 18.04 48.06
N SER B 562 10.39 16.77 47.85
CA SER B 562 10.22 15.72 48.84
C SER B 562 11.56 15.00 49.03
N THR B 563 11.65 14.22 50.11
CA THR B 563 12.90 13.61 50.53
C THR B 563 12.72 12.12 50.76
N VAL B 564 13.80 11.38 50.53
CA VAL B 564 13.86 9.94 50.76
C VAL B 564 15.12 9.64 51.56
N ALA B 565 14.98 8.83 52.61
CA ALA B 565 16.10 8.44 53.46
C ALA B 565 16.91 7.33 52.80
N MET B 566 17.86 6.80 53.57
CA MET B 566 18.81 5.84 53.02
C MET B 566 18.19 4.46 52.88
N THR B 567 18.72 3.70 51.93
CA THR B 567 18.69 2.25 52.04
C THR B 567 19.94 1.82 52.81
N GLU B 568 20.00 0.55 53.19
CA GLU B 568 21.20 0.05 53.87
C GLU B 568 22.39 0.07 52.93
N GLN B 569 22.24 -0.50 51.74
CA GLN B 569 23.23 -0.38 50.69
C GLN B 569 22.84 0.79 49.81
N LEU B 570 23.60 1.88 49.90
CA LEU B 570 23.26 3.11 49.20
C LEU B 570 23.51 2.94 47.71
N GLN B 571 22.52 3.30 46.90
CA GLN B 571 22.51 2.97 45.49
C GLN B 571 22.58 4.22 44.63
N MET B 572 23.16 4.05 43.45
CA MET B 572 23.43 5.14 42.52
C MET B 572 22.84 4.83 41.16
N GLY B 573 22.36 5.87 40.48
CA GLY B 573 21.83 5.75 39.14
C GLY B 573 22.81 6.30 38.12
N PHE B 574 23.07 5.51 37.09
CA PHE B 574 24.01 5.84 36.04
C PHE B 574 23.31 5.79 34.70
N GLY B 575 23.55 6.80 33.86
CA GLY B 575 23.06 6.82 32.50
C GLY B 575 24.24 6.95 31.55
N ILE B 576 24.22 6.16 30.50
CA ILE B 576 25.35 6.01 29.59
C ILE B 576 24.84 6.26 28.18
N THR B 577 25.50 7.17 27.46
CA THR B 577 25.07 7.49 26.11
C THR B 577 26.29 7.77 25.24
N VAL B 578 26.44 7.02 24.18
CA VAL B 578 27.58 7.17 23.30
C VAL B 578 27.20 8.07 22.13
N GLN B 579 28.22 8.60 21.47
CA GLN B 579 28.06 9.49 20.34
C GLN B 579 28.88 8.93 19.20
N TYR B 580 28.23 8.72 18.06
CA TYR B 580 28.73 7.84 17.01
C TYR B 580 29.76 8.50 16.11
N GLY B 581 29.37 9.54 15.39
CA GLY B 581 30.22 10.10 14.37
C GLY B 581 30.43 11.59 14.52
N THR B 582 30.27 12.09 15.74
CA THR B 582 30.38 13.54 15.96
C THR B 582 31.83 14.01 15.86
N ASP B 583 32.78 13.16 16.22
CA ASP B 583 34.17 13.58 16.36
C ASP B 583 35.07 12.42 15.97
N THR B 584 36.35 12.50 16.37
CA THR B 584 37.31 11.44 16.14
C THR B 584 36.93 10.20 16.94
N ASN B 585 36.77 9.08 16.24
CA ASN B 585 36.35 7.82 16.86
C ASN B 585 37.48 7.25 17.69
N SER B 586 37.47 7.59 18.98
CA SER B 586 38.67 7.43 19.79
C SER B 586 38.40 7.00 21.23
N VAL B 587 37.30 6.31 21.50
CA VAL B 587 37.01 5.80 22.84
C VAL B 587 36.80 4.30 22.74
N CYS B 588 37.87 3.54 22.90
CA CYS B 588 37.85 2.10 22.83
C CYS B 588 38.13 1.46 24.19
N PRO B 589 37.71 0.21 24.38
CA PRO B 589 38.21 -0.56 25.51
C PRO B 589 39.67 -0.94 25.33
N LYS B 590 40.26 -1.63 26.30
CA LYS B 590 41.67 -2.01 26.20
C LYS B 590 41.86 -3.00 25.06
N LEU B 591 42.88 -2.76 24.24
CA LEU B 591 43.11 -3.53 23.02
C LEU B 591 44.55 -3.98 22.96
N GLU B 592 44.75 -5.26 22.64
CA GLU B 592 46.09 -5.76 22.33
C GLU B 592 46.39 -5.49 20.86
N PHE B 593 47.66 -5.18 20.58
CA PHE B 593 48.07 -4.70 19.25
C PHE B 593 48.82 -5.80 18.51
N ALA B 594 48.45 -6.02 17.25
CA ALA B 594 49.05 -7.03 16.40
C ALA B 594 49.89 -6.39 15.31
N ASN B 595 50.85 -7.17 14.80
CA ASN B 595 51.71 -6.69 13.71
C ASN B 595 50.91 -6.46 12.45
N ASP B 596 49.97 -7.36 12.14
CA ASP B 596 49.19 -7.26 10.91
C ASP B 596 47.88 -6.49 11.18
N THR B 597 48.04 -5.31 11.77
CA THR B 597 46.94 -4.38 11.98
C THR B 597 47.24 -3.03 11.34
N LYS B 598 47.96 -3.03 10.23
CA LYS B 598 48.39 -1.81 9.58
C LYS B 598 48.00 -1.84 8.11
N ILE B 599 47.87 -0.66 7.51
CA ILE B 599 47.41 -0.55 6.13
C ILE B 599 48.41 -1.16 5.17
N ALA B 600 49.69 -0.78 5.32
CA ALA B 600 50.74 -1.29 4.44
C ALA B 600 50.95 -2.79 4.61
N SER B 601 50.58 -3.34 5.77
CA SER B 601 50.63 -4.79 5.94
C SER B 601 49.57 -5.50 5.12
N GLN B 602 48.47 -4.82 4.80
CA GLN B 602 47.31 -5.48 4.19
C GLN B 602 46.81 -4.69 2.99
N LEU B 603 47.74 -4.23 2.14
CA LEU B 603 47.34 -3.46 0.96
C LEU B 603 46.79 -4.37 -0.13
N GLY B 604 45.76 -3.87 -0.83
CA GLY B 604 45.17 -4.60 -1.93
C GLY B 604 44.44 -5.86 -1.56
N ASN B 605 44.11 -6.03 -0.28
CA ASN B 605 43.45 -7.23 0.22
C ASN B 605 42.13 -6.84 0.86
N CYS B 606 41.09 -7.63 0.60
CA CYS B 606 39.84 -7.46 1.35
C CYS B 606 40.10 -7.77 2.81
N VAL B 607 40.01 -6.75 3.67
CA VAL B 607 40.25 -6.91 5.08
C VAL B 607 39.19 -6.15 5.85
N GLU B 608 39.02 -6.54 7.11
CA GLU B 608 38.10 -5.87 8.00
C GLU B 608 38.76 -4.58 8.49
N TYR B 609 38.42 -3.46 7.85
CA TYR B 609 38.86 -2.18 8.36
C TYR B 609 38.16 -1.87 9.66
N SER B 610 38.91 -1.30 10.60
CA SER B 610 38.34 -0.85 11.87
C SER B 610 39.17 0.34 12.34
N LEU B 611 38.69 1.54 12.01
CA LEU B 611 39.22 2.78 12.57
C LEU B 611 38.47 3.10 13.87
N TYR B 612 38.77 2.28 14.88
CA TYR B 612 38.42 2.45 16.30
C TYR B 612 37.00 2.98 16.49
N GLY B 613 36.05 2.25 15.92
CA GLY B 613 34.69 2.71 15.78
C GLY B 613 34.24 2.87 14.35
N VAL B 614 35.11 2.60 13.38
CA VAL B 614 34.71 2.51 11.97
C VAL B 614 34.98 1.09 11.52
N SER B 615 33.96 0.24 11.55
CA SER B 615 34.14 -1.17 11.21
C SER B 615 33.59 -1.45 9.83
N GLY B 616 34.11 -2.52 9.24
CA GLY B 616 33.56 -3.02 7.99
C GLY B 616 34.63 -3.80 7.24
N ARG B 617 34.33 -4.08 5.98
CA ARG B 617 35.25 -4.78 5.10
C ARG B 617 35.54 -3.92 3.87
N GLY B 618 36.78 -3.96 3.40
CA GLY B 618 37.15 -3.14 2.26
C GLY B 618 38.56 -3.41 1.82
N VAL B 619 38.98 -2.66 0.79
CA VAL B 619 40.30 -2.77 0.20
C VAL B 619 40.98 -1.40 0.28
N PHE B 620 42.14 -1.36 0.92
CA PHE B 620 42.96 -0.15 1.00
C PHE B 620 43.88 -0.08 -0.20
N GLN B 621 44.07 1.13 -0.72
CA GLN B 621 44.86 1.30 -1.93
C GLN B 621 45.45 2.70 -1.95
N ASN B 622 46.62 2.84 -2.57
CA ASN B 622 47.32 4.11 -2.57
C ASN B 622 46.68 5.10 -3.53
N CYS B 623 46.57 6.35 -3.09
CA CYS B 623 45.90 7.39 -3.87
C CYS B 623 46.67 8.69 -3.70
N THR B 624 46.01 9.79 -4.01
CA THR B 624 46.54 11.12 -3.76
C THR B 624 45.64 11.85 -2.78
N ALA B 625 46.24 12.82 -2.08
CA ALA B 625 45.60 13.49 -0.95
C ALA B 625 44.37 14.26 -1.41
N VAL B 626 43.20 13.88 -0.89
CA VAL B 626 41.93 14.50 -1.23
C VAL B 626 41.17 14.78 0.06
N GLY B 627 40.76 16.03 0.26
CA GLY B 627 39.90 16.38 1.38
C GLY B 627 40.67 16.96 2.55
N VAL B 628 39.92 17.22 3.63
CA VAL B 628 40.47 17.83 4.82
C VAL B 628 41.39 16.85 5.54
N ARG B 629 42.61 17.31 5.85
CA ARG B 629 43.55 16.48 6.58
C ARG B 629 43.06 16.16 7.98
N GLN B 630 42.55 17.17 8.69
CA GLN B 630 42.26 17.01 10.11
C GLN B 630 41.02 16.14 10.34
N GLN B 631 40.06 16.17 9.41
CA GLN B 631 38.77 15.57 9.68
C GLN B 631 38.87 14.04 9.77
N ARG B 632 39.82 13.45 9.02
CA ARG B 632 40.28 12.07 9.14
C ARG B 632 39.25 11.04 8.65
N PHE B 633 38.06 11.44 8.26
CA PHE B 633 37.02 10.52 7.80
C PHE B 633 36.28 11.19 6.65
N VAL B 634 36.29 10.57 5.48
CA VAL B 634 35.67 11.15 4.30
C VAL B 634 34.65 10.18 3.71
N TYR B 635 33.49 10.73 3.35
CA TYR B 635 32.37 9.95 2.85
C TYR B 635 31.91 10.50 1.49
N ASP B 636 31.15 9.67 0.78
CA ASP B 636 30.63 10.05 -0.52
C ASP B 636 29.28 10.74 -0.35
N ALA B 637 28.55 10.89 -1.45
CA ALA B 637 27.19 11.44 -1.40
C ALA B 637 26.19 10.49 -0.76
N TYR B 638 26.54 9.23 -0.58
CA TYR B 638 25.60 8.22 -0.12
C TYR B 638 26.01 7.64 1.23
N GLN B 639 26.71 8.44 2.03
CA GLN B 639 27.11 8.12 3.41
C GLN B 639 27.92 6.81 3.47
N ASN B 640 28.91 6.73 2.58
CA ASN B 640 29.82 5.59 2.55
C ASN B 640 31.24 6.10 2.40
N LEU B 641 32.16 5.41 3.06
CA LEU B 641 33.56 5.85 3.15
C LEU B 641 34.22 5.88 1.78
N VAL B 642 34.98 6.93 1.54
CA VAL B 642 35.78 7.05 0.32
C VAL B 642 37.23 6.69 0.56
N GLY B 643 37.84 7.31 1.56
CA GLY B 643 39.22 7.04 1.86
C GLY B 643 39.56 7.51 3.25
N TYR B 644 40.86 7.66 3.49
CA TYR B 644 41.34 7.96 4.82
C TYR B 644 42.77 8.48 4.73
N TYR B 645 43.03 9.56 5.47
CA TYR B 645 44.36 10.15 5.57
C TYR B 645 45.14 9.37 6.62
N SER B 646 45.97 8.43 6.18
CA SER B 646 46.65 7.55 7.11
C SER B 646 47.76 8.28 7.85
N ASP B 647 48.24 7.62 8.92
CA ASP B 647 49.23 8.19 9.80
C ASP B 647 50.55 8.48 9.10
N ASP B 648 50.86 7.75 8.02
CA ASP B 648 52.10 7.98 7.30
C ASP B 648 52.10 9.30 6.53
N GLY B 649 50.94 9.92 6.37
CA GLY B 649 50.79 11.02 5.45
C GLY B 649 50.42 10.58 4.06
N ASN B 650 50.45 9.28 3.77
CA ASN B 650 50.00 8.74 2.49
C ASN B 650 48.50 8.52 2.58
N TYR B 651 47.73 9.37 1.93
CA TYR B 651 46.30 9.17 1.81
C TYR B 651 46.00 7.89 1.05
N TYR B 652 44.96 7.18 1.51
CA TYR B 652 44.57 5.94 0.86
C TYR B 652 43.08 5.98 0.56
N CYS B 653 42.69 5.19 -0.42
CA CYS B 653 41.30 4.97 -0.77
C CYS B 653 40.84 3.62 -0.24
N LEU B 654 39.59 3.56 0.20
CA LEU B 654 38.94 2.33 0.60
C LEU B 654 37.73 2.16 -0.31
N ARG B 655 37.86 1.32 -1.32
CA ARG B 655 36.78 1.20 -2.29
C ARG B 655 35.66 0.31 -1.77
N ALA B 656 35.95 -0.98 -1.59
CA ALA B 656 35.00 -1.98 -1.07
C ALA B 656 35.75 -3.29 -0.90
N CYS B 657 35.05 -4.27 -0.33
CA CYS B 657 35.45 -5.67 -0.45
C CYS B 657 34.59 -6.24 -1.55
N VAL B 658 35.02 -6.03 -2.77
CA VAL B 658 34.24 -6.36 -3.96
C VAL B 658 34.38 -7.86 -4.23
N SER B 659 33.30 -8.47 -4.73
CA SER B 659 33.33 -9.90 -5.04
C SER B 659 32.70 -10.20 -6.39
N VAL B 660 32.50 -11.47 -6.68
CA VAL B 660 32.05 -11.92 -7.99
C VAL B 660 30.70 -12.60 -7.82
N PRO B 661 29.73 -12.29 -8.67
CA PRO B 661 28.48 -13.05 -8.68
C PRO B 661 28.63 -14.38 -9.42
N VAL B 662 27.57 -15.18 -9.33
CA VAL B 662 27.51 -16.51 -9.96
C VAL B 662 26.31 -16.56 -10.91
N SER B 663 26.55 -17.07 -12.12
CA SER B 663 25.49 -17.25 -13.11
C SER B 663 25.56 -18.67 -13.64
N VAL B 664 24.41 -19.20 -14.10
CA VAL B 664 24.37 -20.59 -14.54
C VAL B 664 23.59 -20.71 -15.84
N ILE B 665 23.93 -21.74 -16.62
CA ILE B 665 23.15 -22.17 -17.76
C ILE B 665 22.80 -23.63 -17.56
N TYR B 666 21.56 -23.98 -17.86
CA TYR B 666 21.07 -25.33 -17.59
C TYR B 666 19.96 -25.67 -18.58
N ASP B 667 19.99 -26.92 -19.03
CA ASP B 667 18.94 -27.45 -19.89
C ASP B 667 18.25 -28.60 -19.20
N LYS B 668 16.92 -28.59 -19.22
CA LYS B 668 16.15 -29.73 -18.75
C LYS B 668 16.11 -30.81 -19.81
N GLU B 669 15.56 -31.98 -19.44
CA GLU B 669 15.38 -33.23 -20.19
C GLU B 669 16.70 -33.80 -20.72
N THR B 670 17.80 -33.11 -20.46
CA THR B 670 19.16 -33.52 -20.77
C THR B 670 20.00 -32.83 -19.70
N LYS B 671 20.42 -33.57 -18.69
CA LYS B 671 21.02 -32.95 -17.51
C LYS B 671 22.35 -32.33 -17.91
N THR B 672 22.30 -31.05 -18.26
CA THR B 672 23.44 -30.33 -18.80
C THR B 672 23.48 -28.96 -18.17
N HIS B 673 24.56 -28.69 -17.44
CA HIS B 673 24.71 -27.47 -16.67
C HIS B 673 26.14 -26.95 -16.83
N ALA B 674 26.28 -25.63 -16.74
CA ALA B 674 27.60 -25.00 -16.74
C ALA B 674 27.50 -23.69 -15.97
N THR B 675 28.61 -23.31 -15.33
CA THR B 675 28.59 -22.15 -14.45
C THR B 675 29.60 -21.10 -14.91
N LEU B 676 29.27 -19.85 -14.61
CA LEU B 676 29.99 -18.70 -15.14
C LEU B 676 30.12 -17.63 -14.08
N PHE B 677 31.34 -17.16 -13.87
CA PHE B 677 31.62 -16.03 -13.01
C PHE B 677 31.82 -14.80 -13.88
N GLY B 678 31.02 -13.76 -13.63
CA GLY B 678 30.86 -12.67 -14.58
C GLY B 678 31.93 -11.60 -14.45
N SER B 679 32.51 -11.22 -15.60
CA SER B 679 33.39 -10.06 -15.74
C SER B 679 34.62 -10.15 -14.84
N VAL B 680 35.15 -11.35 -14.69
CA VAL B 680 36.29 -11.59 -13.81
C VAL B 680 37.31 -12.44 -14.56
N ALA B 681 38.59 -12.15 -14.33
CA ALA B 681 39.64 -13.02 -14.82
C ALA B 681 39.58 -14.36 -14.09
N CYS B 682 40.11 -15.39 -14.75
CA CYS B 682 40.14 -16.71 -14.12
C CYS B 682 41.17 -16.72 -13.00
N GLU B 683 40.83 -16.06 -11.90
CA GLU B 683 41.68 -15.98 -10.73
C GLU B 683 41.09 -16.71 -9.54
N HIS B 684 39.83 -17.12 -9.61
CA HIS B 684 39.14 -17.72 -8.50
C HIS B 684 38.81 -19.19 -8.77
N ILE B 685 39.18 -20.05 -7.83
CA ILE B 685 38.86 -21.46 -7.78
C ILE B 685 38.11 -21.60 -6.46
N SER B 686 37.87 -22.82 -5.98
CA SER B 686 37.03 -23.10 -4.83
C SER B 686 37.57 -22.52 -3.49
N SER B 687 38.61 -21.67 -3.49
CA SER B 687 39.22 -21.21 -2.24
C SER B 687 38.26 -20.36 -1.40
N THR B 688 37.93 -19.17 -1.88
CA THR B 688 37.24 -18.18 -1.05
C THR B 688 35.82 -17.96 -1.55
N MET B 689 34.91 -18.80 -1.07
CA MET B 689 33.49 -18.80 -1.41
C MET B 689 32.70 -18.24 -0.24
N SER B 690 31.38 -18.16 -0.41
CA SER B 690 30.43 -18.00 0.68
C SER B 690 29.23 -18.90 0.39
N GLN B 691 28.12 -18.64 1.10
CA GLN B 691 26.91 -19.49 1.19
C GLN B 691 27.28 -20.98 1.27
N TYR B 692 26.55 -21.83 0.57
CA TYR B 692 26.90 -23.25 0.61
C TYR B 692 27.98 -23.52 -0.44
N SER B 693 28.71 -24.62 -0.25
CA SER B 693 29.82 -25.02 -1.11
C SER B 693 29.38 -25.32 -2.54
N ARG B 694 30.37 -25.57 -3.38
CA ARG B 694 30.22 -25.75 -4.82
C ARG B 694 29.91 -27.20 -5.16
N SER B 695 29.19 -27.39 -6.26
CA SER B 695 28.81 -28.71 -6.77
C SER B 695 29.46 -28.93 -8.13
N THR B 696 30.46 -29.80 -8.19
CA THR B 696 31.16 -30.08 -9.43
C THR B 696 31.52 -31.56 -9.48
N ARG B 697 31.27 -32.19 -10.63
CA ARG B 697 31.57 -33.61 -10.81
C ARG B 697 32.46 -33.91 -12.02
N SER B 698 32.25 -33.22 -13.13
CA SER B 698 32.72 -33.70 -14.44
C SER B 698 34.20 -33.33 -14.69
N MET B 699 35.07 -33.87 -13.85
CA MET B 699 36.51 -33.67 -14.06
C MET B 699 37.04 -34.66 -15.10
N TYR B 707 39.68 -29.97 -18.08
CA TYR B 707 38.55 -29.38 -17.37
C TYR B 707 38.97 -28.10 -16.67
N GLY B 708 39.97 -27.42 -17.22
CA GLY B 708 40.38 -26.14 -16.72
C GLY B 708 39.34 -25.08 -16.99
N PRO B 709 39.32 -24.03 -16.17
CA PRO B 709 38.42 -22.91 -16.43
C PRO B 709 38.80 -22.19 -17.72
N LEU B 710 37.80 -21.65 -18.40
CA LEU B 710 38.03 -20.98 -19.67
C LEU B 710 37.66 -19.51 -19.56
N GLN B 711 38.55 -18.65 -20.04
CA GLN B 711 38.33 -17.23 -20.01
C GLN B 711 37.51 -16.81 -21.23
N THR B 712 36.32 -16.31 -20.97
CA THR B 712 35.36 -15.85 -21.96
C THR B 712 35.27 -14.34 -21.86
N PRO B 713 34.81 -13.66 -22.92
CA PRO B 713 34.59 -12.21 -22.82
C PRO B 713 33.59 -11.82 -21.73
N VAL B 714 32.62 -12.67 -21.42
CA VAL B 714 31.75 -12.38 -20.30
C VAL B 714 32.38 -12.71 -18.95
N GLY B 715 33.45 -13.50 -18.93
CA GLY B 715 34.09 -13.79 -17.65
C GLY B 715 34.94 -15.04 -17.59
N CYS B 716 34.70 -15.89 -16.59
CA CYS B 716 35.43 -17.15 -16.44
C CYS B 716 34.43 -18.28 -16.23
N VAL B 717 34.57 -19.35 -17.01
CA VAL B 717 33.53 -20.37 -17.10
C VAL B 717 34.10 -21.72 -16.66
N LEU B 718 33.22 -22.53 -16.06
CA LEU B 718 33.50 -23.90 -15.66
C LEU B 718 32.38 -24.79 -16.18
N GLY B 719 32.75 -26.02 -16.54
CA GLY B 719 31.81 -26.96 -17.11
C GLY B 719 31.63 -26.86 -18.60
N LEU B 720 32.57 -26.22 -19.30
CA LEU B 720 32.43 -26.00 -20.74
C LEU B 720 33.68 -26.45 -21.46
N VAL B 721 33.53 -26.69 -22.76
CA VAL B 721 34.60 -27.12 -23.64
C VAL B 721 34.80 -26.07 -24.72
N ASN B 722 36.06 -25.78 -25.03
CA ASN B 722 36.36 -24.87 -26.12
C ASN B 722 35.97 -25.51 -27.45
N SER B 723 35.22 -24.76 -28.26
CA SER B 723 34.82 -25.23 -29.59
C SER B 723 34.51 -24.03 -30.46
N SER B 724 35.23 -23.90 -31.57
CA SER B 724 35.03 -22.80 -32.50
C SER B 724 33.92 -23.19 -33.47
N LEU B 725 32.69 -23.12 -32.99
CA LEU B 725 31.53 -23.51 -33.77
C LEU B 725 30.52 -22.36 -33.77
N PHE B 726 29.71 -22.30 -34.81
CA PHE B 726 28.80 -21.18 -35.04
C PHE B 726 27.39 -21.70 -35.23
N VAL B 727 26.45 -21.22 -34.41
CA VAL B 727 25.05 -21.62 -34.47
C VAL B 727 24.19 -20.37 -34.48
N GLU B 728 23.30 -20.28 -35.47
CA GLU B 728 22.43 -19.11 -35.61
C GLU B 728 21.34 -19.05 -34.55
N ASP B 729 20.79 -20.20 -34.17
CA ASP B 729 19.47 -20.25 -33.55
C ASP B 729 19.50 -20.82 -32.15
N CYS B 730 20.40 -20.31 -31.31
CA CYS B 730 20.60 -20.86 -29.97
C CYS B 730 19.34 -20.73 -29.13
N LYS B 731 18.81 -21.89 -28.70
CA LYS B 731 17.65 -21.89 -27.83
C LYS B 731 17.96 -21.21 -26.51
N LEU B 732 19.15 -21.45 -25.97
CA LEU B 732 19.61 -20.87 -24.72
C LEU B 732 20.93 -20.16 -24.99
N PRO B 733 20.90 -18.92 -25.49
CA PRO B 733 22.15 -18.18 -25.69
C PRO B 733 22.75 -17.78 -24.36
N LEU B 734 24.04 -18.09 -24.21
CA LEU B 734 24.77 -17.81 -22.96
C LEU B 734 24.86 -16.32 -22.69
N GLY B 735 25.17 -15.55 -23.71
CA GLY B 735 25.46 -14.14 -23.58
C GLY B 735 26.52 -13.71 -24.57
N GLN B 736 26.83 -12.41 -24.52
CA GLN B 736 27.75 -11.74 -25.44
C GLN B 736 27.32 -12.03 -26.87
N SER B 737 28.01 -12.96 -27.53
CA SER B 737 27.48 -13.62 -28.72
C SER B 737 27.87 -15.09 -28.70
N LEU B 738 27.73 -15.74 -27.56
CA LEU B 738 28.16 -17.12 -27.43
C LEU B 738 26.97 -18.00 -27.05
N CYS B 739 27.05 -19.28 -27.39
CA CYS B 739 25.92 -20.19 -27.33
C CYS B 739 26.34 -21.52 -26.75
N ALA B 740 25.34 -22.34 -26.42
CA ALA B 740 25.53 -23.61 -25.75
C ALA B 740 24.80 -24.71 -26.51
N LEU B 741 25.42 -25.88 -26.64
CA LEU B 741 24.87 -26.94 -27.47
C LEU B 741 25.12 -28.33 -26.91
N PRO B 742 24.09 -29.19 -26.85
CA PRO B 742 24.25 -30.54 -26.29
C PRO B 742 25.12 -31.43 -27.17
N ASP B 743 25.61 -32.50 -26.56
CA ASP B 743 26.43 -33.47 -27.28
C ASP B 743 25.64 -34.17 -28.38
N THR B 744 24.49 -34.73 -28.03
CA THR B 744 23.64 -35.43 -28.99
C THR B 744 22.22 -35.54 -28.43
N PRO B 757 25.97 -37.87 -22.43
CA PRO B 757 25.87 -36.96 -21.29
C PRO B 757 27.23 -36.53 -20.76
N GLY B 758 28.04 -35.93 -21.62
CA GLY B 758 29.37 -35.51 -21.23
C GLY B 758 29.40 -34.08 -20.73
N GLU B 759 30.09 -33.20 -21.44
CA GLU B 759 30.15 -31.79 -21.09
C GLU B 759 29.37 -30.99 -22.11
N MET B 760 28.85 -29.84 -21.66
CA MET B 760 28.08 -28.95 -22.51
C MET B 760 29.03 -28.31 -23.52
N ARG B 761 28.60 -28.20 -24.78
CA ARG B 761 29.48 -27.62 -25.79
C ARG B 761 29.29 -26.11 -25.84
N LEU B 762 30.40 -25.38 -25.83
CA LEU B 762 30.38 -23.92 -25.97
C LEU B 762 30.71 -23.55 -27.41
N ALA B 763 29.72 -23.04 -28.12
CA ALA B 763 29.88 -22.56 -29.49
C ALA B 763 29.59 -21.06 -29.50
N SER B 764 29.52 -20.50 -30.70
CA SER B 764 29.29 -19.07 -30.88
C SER B 764 27.98 -18.84 -31.62
N ILE B 765 27.37 -17.68 -31.36
CA ILE B 765 26.24 -17.23 -32.16
C ILE B 765 26.71 -16.96 -33.57
N ALA B 766 26.28 -17.80 -34.50
CA ALA B 766 26.46 -17.46 -35.90
C ALA B 766 25.63 -16.25 -36.26
N PHE B 767 26.21 -15.35 -37.04
CA PHE B 767 25.48 -14.25 -37.62
C PHE B 767 24.99 -14.68 -38.99
N ASN B 768 23.70 -14.53 -39.23
CA ASN B 768 23.15 -14.88 -40.53
C ASN B 768 23.66 -13.89 -41.54
N HIS B 769 24.64 -14.30 -42.33
CA HIS B 769 25.10 -13.46 -43.41
C HIS B 769 24.02 -13.40 -44.47
N PRO B 770 23.52 -12.23 -44.82
CA PRO B 770 22.54 -12.13 -45.91
C PRO B 770 23.22 -12.39 -47.24
N ILE B 771 22.41 -12.66 -48.26
CA ILE B 771 22.95 -12.92 -49.59
C ILE B 771 23.66 -11.68 -50.11
N GLN B 772 24.93 -11.85 -50.45
CA GLN B 772 25.78 -10.71 -50.73
C GLN B 772 25.61 -10.30 -52.20
N VAL B 773 25.64 -9.00 -52.47
CA VAL B 773 25.44 -8.50 -53.82
C VAL B 773 26.50 -7.44 -54.13
N ASP B 774 27.02 -7.46 -55.35
CA ASP B 774 28.05 -6.52 -55.80
C ASP B 774 27.43 -5.41 -56.63
N GLN B 775 27.88 -4.18 -56.40
CA GLN B 775 27.52 -3.05 -57.24
C GLN B 775 28.48 -2.95 -58.43
N LEU B 776 28.09 -2.15 -59.41
CA LEU B 776 28.86 -1.96 -60.62
C LEU B 776 29.02 -0.47 -60.90
N ASN B 777 30.12 -0.12 -61.55
CA ASN B 777 30.32 1.27 -61.96
C ASN B 777 29.65 1.60 -63.28
N SER B 778 29.00 0.64 -63.93
CA SER B 778 28.25 0.88 -65.15
C SER B 778 26.77 0.80 -64.86
N SER B 779 25.96 0.89 -65.91
CA SER B 779 24.51 0.84 -65.77
C SER B 779 23.97 -0.57 -65.57
N TYR B 780 24.78 -1.60 -65.79
CA TYR B 780 24.36 -2.96 -65.49
C TYR B 780 24.19 -3.14 -63.99
N PHE B 781 23.38 -4.13 -63.62
CA PHE B 781 23.19 -4.41 -62.20
C PHE B 781 23.09 -5.91 -61.95
N LYS B 782 23.65 -6.34 -60.82
CA LYS B 782 23.52 -7.72 -60.35
C LYS B 782 22.21 -7.87 -59.59
N LEU B 783 21.17 -8.33 -60.27
CA LEU B 783 19.88 -8.51 -59.63
C LEU B 783 19.82 -9.84 -58.89
N SER B 784 19.24 -9.80 -57.70
CA SER B 784 19.02 -11.00 -56.89
C SER B 784 17.57 -11.42 -57.00
N ILE B 785 17.35 -12.67 -57.39
CA ILE B 785 15.99 -13.18 -57.53
C ILE B 785 15.90 -14.61 -57.02
N PRO B 786 14.91 -14.91 -56.19
CA PRO B 786 14.66 -16.31 -55.84
C PRO B 786 14.01 -17.04 -57.02
N THR B 787 14.38 -18.32 -57.16
CA THR B 787 13.80 -19.17 -58.20
C THR B 787 12.95 -20.28 -57.63
N ASN B 788 12.81 -20.36 -56.32
CA ASN B 788 11.91 -21.32 -55.69
C ASN B 788 11.13 -20.61 -54.60
N PHE B 789 9.90 -21.06 -54.40
CA PHE B 789 8.99 -20.35 -53.52
C PHE B 789 8.32 -21.33 -52.57
N SER B 790 7.95 -20.81 -51.40
CA SER B 790 7.34 -21.64 -50.37
C SER B 790 6.24 -20.86 -49.67
N PHE B 791 5.22 -21.59 -49.25
CA PHE B 791 4.14 -21.03 -48.45
C PHE B 791 4.48 -21.23 -46.99
N GLY B 792 4.59 -20.14 -46.24
CA GLY B 792 4.94 -20.20 -44.83
C GLY B 792 3.75 -19.84 -43.97
N VAL B 793 3.72 -20.41 -42.76
CA VAL B 793 2.70 -20.13 -41.78
C VAL B 793 3.34 -19.34 -40.63
N THR B 794 2.66 -18.27 -40.23
CA THR B 794 3.00 -17.56 -39.00
C THR B 794 1.73 -17.49 -38.18
N GLN B 795 1.78 -18.03 -36.98
CA GLN B 795 0.63 -18.06 -36.12
C GLN B 795 0.78 -17.00 -35.05
N GLU B 796 -0.23 -16.16 -34.91
CA GLU B 796 -0.18 -14.99 -34.05
C GLU B 796 -1.44 -14.96 -33.21
N TYR B 797 -1.33 -14.34 -32.03
CA TYR B 797 -2.48 -14.25 -31.15
C TYR B 797 -2.50 -12.86 -30.53
N ILE B 798 -3.69 -12.28 -30.45
CA ILE B 798 -3.85 -10.97 -29.82
C ILE B 798 -4.86 -11.12 -28.70
N GLN B 799 -4.46 -10.75 -27.49
CA GLN B 799 -5.36 -10.79 -26.34
C GLN B 799 -6.34 -9.64 -26.45
N THR B 800 -7.54 -9.92 -26.93
CA THR B 800 -8.52 -8.85 -27.13
C THR B 800 -9.20 -8.43 -25.84
N THR B 801 -9.12 -9.24 -24.79
CA THR B 801 -9.78 -8.93 -23.53
C THR B 801 -9.13 -9.72 -22.41
N ILE B 802 -9.37 -9.27 -21.21
CA ILE B 802 -9.08 -10.08 -20.05
C ILE B 802 -10.40 -10.63 -19.54
N GLN B 803 -10.33 -11.63 -18.68
CA GLN B 803 -11.54 -12.25 -18.14
C GLN B 803 -12.14 -11.32 -17.10
N LYS B 804 -13.29 -10.75 -17.42
CA LYS B 804 -14.00 -9.89 -16.48
C LYS B 804 -14.44 -10.69 -15.27
N VAL B 805 -14.31 -10.07 -14.10
CA VAL B 805 -14.57 -10.76 -12.86
C VAL B 805 -15.00 -9.72 -11.83
N THR B 806 -15.98 -10.10 -11.02
CA THR B 806 -16.47 -9.24 -9.96
C THR B 806 -16.33 -9.94 -8.61
N VAL B 807 -16.14 -9.13 -7.57
CA VAL B 807 -16.07 -9.62 -6.21
C VAL B 807 -16.94 -8.73 -5.34
N ASP B 808 -17.88 -9.34 -4.64
CA ASP B 808 -18.61 -8.64 -3.60
C ASP B 808 -17.65 -8.21 -2.52
N CYS B 809 -17.55 -6.90 -2.30
CA CYS B 809 -16.56 -6.38 -1.36
C CYS B 809 -16.83 -6.85 0.06
N LYS B 810 -18.10 -6.82 0.47
CA LYS B 810 -18.46 -7.14 1.85
C LYS B 810 -18.15 -8.59 2.18
N GLN B 811 -18.48 -9.51 1.29
CA GLN B 811 -18.21 -10.92 1.57
C GLN B 811 -16.72 -11.22 1.54
N TYR B 812 -15.98 -10.55 0.67
CA TYR B 812 -14.53 -10.72 0.65
C TYR B 812 -13.91 -10.24 1.95
N VAL B 813 -14.26 -9.01 2.36
CA VAL B 813 -13.62 -8.43 3.53
C VAL B 813 -14.15 -9.07 4.80
N CYS B 814 -15.28 -9.72 4.73
CA CYS B 814 -15.99 -9.98 5.96
C CYS B 814 -16.35 -11.44 6.16
N ASN B 815 -16.71 -12.15 5.09
CA ASN B 815 -17.14 -13.55 5.15
C ASN B 815 -18.34 -13.74 6.07
N GLY B 816 -19.24 -12.75 6.07
CA GLY B 816 -20.53 -12.87 6.71
C GLY B 816 -20.54 -13.03 8.22
N PHE B 817 -19.83 -12.16 8.93
CA PHE B 817 -19.85 -12.16 10.39
C PHE B 817 -20.30 -10.80 10.89
N GLN B 818 -21.14 -10.80 11.92
CA GLN B 818 -21.90 -9.59 12.27
C GLN B 818 -21.00 -8.50 12.82
N LYS B 819 -20.11 -8.83 13.75
CA LYS B 819 -19.19 -7.84 14.30
C LYS B 819 -18.23 -7.34 13.23
N CYS B 820 -17.79 -8.24 12.36
CA CYS B 820 -17.12 -7.86 11.13
C CYS B 820 -17.93 -6.86 10.30
N GLU B 821 -19.22 -7.12 10.12
CA GLU B 821 -20.06 -6.23 9.31
C GLU B 821 -20.15 -4.85 9.95
N GLN B 822 -20.19 -4.81 11.28
CA GLN B 822 -20.19 -3.53 11.96
C GLN B 822 -18.85 -2.83 11.81
N LEU B 823 -17.76 -3.58 11.91
CA LEU B 823 -16.44 -3.01 11.91
C LEU B 823 -15.99 -2.56 10.53
N LEU B 824 -16.56 -3.11 9.47
CA LEU B 824 -16.19 -2.63 8.15
C LEU B 824 -16.81 -1.29 7.82
N ARG B 825 -17.85 -0.89 8.55
CA ARG B 825 -18.56 0.34 8.22
C ARG B 825 -17.75 1.59 8.49
N GLU B 826 -16.68 1.48 9.28
CA GLU B 826 -15.81 2.63 9.52
C GLU B 826 -15.14 3.08 8.24
N TYR B 827 -14.69 2.13 7.42
CA TYR B 827 -14.22 2.48 6.08
C TYR B 827 -15.40 2.79 5.17
N GLY B 828 -16.47 2.01 5.27
CA GLY B 828 -17.72 2.31 4.60
C GLY B 828 -17.67 2.27 3.09
N GLN B 829 -17.71 3.47 2.50
CA GLN B 829 -17.82 3.69 1.06
C GLN B 829 -16.63 3.19 0.26
N PHE B 830 -15.58 2.67 0.89
CA PHE B 830 -14.47 2.08 0.13
C PHE B 830 -14.92 0.86 -0.66
N CYS B 831 -15.80 0.05 -0.07
CA CYS B 831 -16.39 -1.06 -0.80
C CYS B 831 -17.16 -0.58 -2.02
N SER B 832 -17.94 0.48 -1.85
CA SER B 832 -18.68 1.05 -2.98
C SER B 832 -17.71 1.60 -4.02
N LYS B 833 -16.61 2.20 -3.57
CA LYS B 833 -15.62 2.76 -4.48
C LYS B 833 -14.99 1.68 -5.33
N ILE B 834 -14.56 0.58 -4.70
CA ILE B 834 -13.90 -0.46 -5.46
C ILE B 834 -14.90 -1.21 -6.33
N ASN B 835 -16.16 -1.34 -5.87
CA ASN B 835 -17.18 -1.95 -6.70
C ASN B 835 -17.48 -1.11 -7.92
N GLN B 836 -17.53 0.22 -7.74
CA GLN B 836 -17.69 1.12 -8.87
C GLN B 836 -16.52 1.00 -9.83
N ALA B 837 -15.30 0.90 -9.30
CA ALA B 837 -14.12 0.81 -10.14
C ALA B 837 -14.15 -0.47 -10.97
N LEU B 838 -14.44 -1.61 -10.35
CA LEU B 838 -14.44 -2.85 -11.09
C LEU B 838 -15.61 -2.93 -12.06
N HIS B 839 -16.76 -2.37 -11.67
CA HIS B 839 -17.91 -2.35 -12.57
C HIS B 839 -17.62 -1.50 -13.80
N GLY B 840 -17.00 -0.34 -13.59
CA GLY B 840 -16.61 0.48 -14.72
C GLY B 840 -15.58 -0.20 -15.59
N ALA B 841 -14.65 -0.92 -14.97
CA ALA B 841 -13.65 -1.65 -15.75
C ALA B 841 -14.30 -2.71 -16.62
N ASN B 842 -15.24 -3.46 -16.05
CA ASN B 842 -15.97 -4.45 -16.83
C ASN B 842 -16.80 -3.78 -17.91
N LEU B 843 -17.36 -2.61 -17.61
CA LEU B 843 -18.14 -1.89 -18.61
C LEU B 843 -17.29 -1.43 -19.78
N ARG B 844 -16.08 -0.94 -19.50
CA ARG B 844 -15.16 -0.60 -20.59
C ARG B 844 -14.76 -1.83 -21.38
N GLN B 845 -14.53 -2.96 -20.71
CA GLN B 845 -14.21 -4.19 -21.45
C GLN B 845 -15.35 -4.57 -22.37
N ASP B 846 -16.58 -4.54 -21.87
CA ASP B 846 -17.74 -4.89 -22.67
C ASP B 846 -17.95 -3.91 -23.81
N ASP B 847 -17.73 -2.62 -23.54
CA ASP B 847 -17.87 -1.61 -24.57
C ASP B 847 -16.88 -1.82 -25.69
N SER B 848 -15.62 -2.11 -25.34
CA SER B 848 -14.60 -2.39 -26.33
C SER B 848 -14.95 -3.63 -27.13
N VAL B 849 -15.42 -4.68 -26.45
CA VAL B 849 -15.75 -5.93 -27.14
C VAL B 849 -16.90 -5.72 -28.11
N ARG B 850 -17.94 -5.00 -27.67
CA ARG B 850 -19.07 -4.71 -28.53
C ARG B 850 -18.65 -3.88 -29.73
N ASN B 851 -17.81 -2.86 -29.51
CA ASN B 851 -17.37 -2.01 -30.60
C ASN B 851 -16.56 -2.79 -31.62
N LEU B 852 -15.68 -3.69 -31.15
CA LEU B 852 -14.83 -4.38 -32.10
C LEU B 852 -15.61 -5.47 -32.82
N PHE B 853 -16.54 -6.12 -32.12
CA PHE B 853 -17.36 -7.13 -32.78
C PHE B 853 -18.27 -6.51 -33.81
N ALA B 854 -18.79 -5.31 -33.53
CA ALA B 854 -19.49 -4.55 -34.56
C ALA B 854 -18.54 -4.18 -35.69
N SER B 855 -17.29 -3.87 -35.35
CA SER B 855 -16.31 -3.52 -36.36
C SER B 855 -15.97 -4.71 -37.24
N VAL B 856 -15.79 -5.89 -36.63
CA VAL B 856 -15.48 -7.08 -37.43
C VAL B 856 -16.71 -7.66 -38.10
N LYS B 857 -17.90 -7.16 -37.76
CA LYS B 857 -19.12 -7.68 -38.37
C LYS B 857 -19.18 -7.30 -39.83
N SER B 858 -19.03 -8.29 -40.70
CA SER B 858 -19.17 -8.04 -42.13
C SER B 858 -20.59 -7.65 -42.45
N SER B 859 -20.73 -6.70 -43.37
CA SER B 859 -22.07 -6.24 -43.75
C SER B 859 -22.82 -7.31 -44.52
N GLN B 860 -22.11 -8.09 -45.33
CA GLN B 860 -22.73 -9.24 -45.98
C GLN B 860 -21.70 -10.35 -46.09
N SER B 861 -22.19 -11.58 -46.25
CA SER B 861 -21.32 -12.75 -46.25
C SER B 861 -22.02 -13.91 -46.96
N SER B 862 -21.24 -14.95 -47.26
CA SER B 862 -21.71 -16.18 -47.87
C SER B 862 -21.72 -17.31 -46.84
N PRO B 863 -22.66 -18.25 -46.94
CA PRO B 863 -22.67 -19.38 -46.02
C PRO B 863 -21.53 -20.34 -46.29
N ILE B 864 -21.39 -21.29 -45.38
CA ILE B 864 -20.32 -22.29 -45.42
C ILE B 864 -20.95 -23.61 -45.83
N ILE B 865 -20.38 -24.24 -46.86
CA ILE B 865 -20.86 -25.54 -47.31
C ILE B 865 -19.68 -26.51 -47.30
N PRO B 866 -19.92 -27.81 -47.19
CA PRO B 866 -18.84 -28.77 -47.44
C PRO B 866 -18.40 -28.70 -48.89
N GLY B 867 -17.14 -29.04 -49.12
CA GLY B 867 -16.55 -28.88 -50.42
C GLY B 867 -16.06 -27.48 -50.72
N PHE B 868 -16.13 -26.59 -49.74
CA PHE B 868 -15.63 -25.23 -49.92
C PHE B 868 -14.11 -25.23 -50.06
N GLY B 869 -13.62 -24.26 -50.82
CA GLY B 869 -12.20 -24.17 -51.10
C GLY B 869 -11.75 -24.86 -52.35
N GLY B 870 -12.67 -25.52 -53.06
CA GLY B 870 -12.32 -26.22 -54.29
C GLY B 870 -11.34 -27.35 -54.03
N ASP B 871 -10.11 -27.17 -54.49
CA ASP B 871 -9.05 -28.14 -54.21
C ASP B 871 -8.40 -27.91 -52.85
N PHE B 872 -8.65 -26.78 -52.21
CA PHE B 872 -7.99 -26.47 -50.94
C PHE B 872 -8.70 -27.22 -49.83
N ASN B 873 -7.98 -28.16 -49.21
CA ASN B 873 -8.54 -28.93 -48.09
C ASN B 873 -8.41 -28.13 -46.80
N LEU B 874 -9.15 -27.02 -46.75
CA LEU B 874 -9.13 -26.06 -45.65
C LEU B 874 -10.11 -26.44 -44.54
N THR B 875 -10.45 -27.72 -44.44
CA THR B 875 -11.48 -28.21 -43.52
C THR B 875 -11.15 -27.90 -42.06
N LEU B 876 -9.88 -27.73 -41.74
CA LEU B 876 -9.51 -27.28 -40.39
C LEU B 876 -10.09 -25.91 -40.09
N LEU B 877 -10.12 -25.05 -41.10
CA LEU B 877 -10.80 -23.76 -40.95
C LEU B 877 -12.31 -23.93 -40.97
N GLU B 878 -12.74 -24.94 -41.70
CA GLU B 878 -14.17 -25.08 -41.84
C GLU B 878 -14.83 -25.37 -40.55
N PRO B 879 -15.97 -24.73 -40.36
CA PRO B 879 -16.66 -25.15 -39.17
C PRO B 879 -17.91 -25.85 -39.63
N VAL B 880 -18.23 -26.96 -39.00
CA VAL B 880 -19.39 -27.75 -39.41
C VAL B 880 -20.72 -27.31 -38.81
N ALA B 889 -21.02 -26.40 -35.54
CA ALA B 889 -20.00 -26.53 -34.53
C ALA B 889 -19.14 -25.34 -34.63
N ARG B 890 -17.87 -25.55 -34.36
CA ARG B 890 -16.97 -24.47 -34.52
C ARG B 890 -15.99 -25.08 -35.41
N SER B 891 -14.90 -24.40 -35.55
CA SER B 891 -13.84 -24.90 -36.40
C SER B 891 -13.04 -25.97 -35.68
N ALA B 892 -12.41 -26.85 -36.48
CA ALA B 892 -11.57 -27.90 -35.92
C ALA B 892 -10.35 -27.31 -35.22
N ILE B 893 -9.78 -26.26 -35.81
CA ILE B 893 -8.65 -25.61 -35.16
C ILE B 893 -9.06 -25.00 -33.83
N GLU B 894 -10.31 -24.54 -33.72
CA GLU B 894 -10.79 -23.90 -32.50
C GLU B 894 -10.80 -24.88 -31.34
N ASP B 895 -11.48 -26.01 -31.49
CA ASP B 895 -11.52 -26.92 -30.36
C ASP B 895 -10.23 -27.70 -30.21
N LEU B 896 -9.41 -27.82 -31.26
CA LEU B 896 -8.08 -28.38 -31.07
C LEU B 896 -7.22 -27.49 -30.19
N LEU B 897 -7.26 -26.17 -30.42
CA LEU B 897 -6.48 -25.31 -29.55
C LEU B 897 -7.11 -25.22 -28.17
N PHE B 898 -8.43 -25.35 -28.08
CA PHE B 898 -9.09 -25.35 -26.78
C PHE B 898 -8.66 -26.54 -25.94
N ASP B 899 -8.63 -27.73 -26.55
CA ASP B 899 -8.22 -28.91 -25.80
C ASP B 899 -6.72 -28.95 -25.58
N LYS B 900 -5.94 -28.40 -26.52
CA LYS B 900 -4.50 -28.41 -26.37
C LYS B 900 -3.99 -27.40 -25.35
N VAL B 901 -4.84 -26.50 -24.89
CA VAL B 901 -4.47 -25.51 -23.89
C VAL B 901 -5.24 -25.81 -22.62
N THR B 902 -4.55 -25.82 -21.48
CA THR B 902 -5.15 -26.12 -20.19
C THR B 902 -6.11 -25.01 -19.82
N ILE B 903 -7.41 -25.26 -20.00
CA ILE B 903 -8.46 -24.29 -19.71
C ILE B 903 -9.47 -24.95 -18.79
N ALA B 904 -9.89 -24.21 -17.76
CA ALA B 904 -10.87 -24.70 -16.81
C ALA B 904 -12.26 -24.19 -17.17
N ASP B 905 -13.26 -25.04 -17.01
CA ASP B 905 -14.64 -24.68 -17.36
C ASP B 905 -15.19 -23.66 -16.37
N PRO B 906 -15.72 -22.54 -16.83
CA PRO B 906 -16.22 -21.52 -15.90
C PRO B 906 -17.65 -21.75 -15.42
N GLY B 907 -18.00 -23.01 -15.11
CA GLY B 907 -19.26 -23.42 -14.51
C GLY B 907 -20.54 -22.74 -14.97
N TYR B 908 -20.75 -22.71 -16.29
CA TYR B 908 -21.79 -21.85 -16.85
C TYR B 908 -23.21 -22.35 -16.56
N MET B 909 -23.39 -23.64 -16.29
CA MET B 909 -24.73 -24.12 -15.98
C MET B 909 -24.72 -24.88 -14.66
N GLN B 910 -23.63 -25.59 -14.39
CA GLN B 910 -23.38 -26.22 -13.09
C GLN B 910 -22.01 -25.76 -12.65
N GLY B 911 -21.94 -24.64 -11.93
CA GLY B 911 -20.67 -24.31 -11.34
C GLY B 911 -20.55 -24.80 -9.92
N TYR B 912 -21.42 -24.31 -9.05
CA TYR B 912 -21.43 -24.85 -7.71
C TYR B 912 -22.41 -26.00 -7.55
N ASP B 913 -23.29 -26.21 -8.52
CA ASP B 913 -23.91 -27.51 -8.65
C ASP B 913 -22.87 -28.57 -8.93
N ASP B 914 -21.88 -28.25 -9.78
CA ASP B 914 -20.75 -29.15 -9.97
C ASP B 914 -19.91 -29.26 -8.70
N CYS B 915 -19.76 -28.16 -7.96
CA CYS B 915 -18.99 -28.21 -6.72
C CYS B 915 -19.64 -29.15 -5.71
N MET B 916 -20.94 -28.96 -5.45
CA MET B 916 -21.61 -29.82 -4.48
C MET B 916 -21.80 -31.23 -5.03
N GLN B 917 -21.91 -31.37 -6.34
CA GLN B 917 -22.07 -32.68 -6.95
C GLN B 917 -20.77 -33.46 -6.93
N GLN B 918 -19.65 -32.77 -7.20
CA GLN B 918 -18.36 -33.43 -7.24
C GLN B 918 -17.55 -33.09 -5.99
N LEU B 926 -10.14 -23.82 -7.21
CA LEU B 926 -9.90 -23.00 -8.39
C LEU B 926 -11.20 -22.34 -8.85
N ILE B 927 -11.78 -22.86 -9.93
CA ILE B 927 -13.09 -22.40 -10.35
C ILE B 927 -14.13 -22.77 -9.31
N CYS B 928 -13.98 -23.94 -8.69
CA CYS B 928 -14.82 -24.30 -7.56
C CYS B 928 -14.59 -23.39 -6.37
N ALA B 929 -13.40 -22.79 -6.25
CA ALA B 929 -13.11 -21.84 -5.18
C ALA B 929 -13.62 -20.44 -5.49
N GLN B 930 -14.49 -20.27 -6.48
CA GLN B 930 -14.98 -18.94 -6.80
C GLN B 930 -15.89 -18.40 -5.70
N TYR B 931 -16.73 -19.25 -5.11
CA TYR B 931 -17.70 -18.72 -4.17
C TYR B 931 -17.06 -18.49 -2.80
N VAL B 932 -15.88 -19.07 -2.57
CA VAL B 932 -15.23 -19.04 -1.25
C VAL B 932 -15.01 -17.61 -0.80
N ALA B 933 -14.72 -16.71 -1.73
CA ALA B 933 -14.73 -15.28 -1.45
C ALA B 933 -15.38 -14.53 -2.61
N GLY B 934 -16.36 -15.14 -3.26
CA GLY B 934 -17.20 -14.46 -4.23
C GLY B 934 -16.49 -14.05 -5.51
N TYR B 935 -15.90 -15.00 -6.20
CA TYR B 935 -15.10 -14.72 -7.39
C TYR B 935 -15.95 -14.95 -8.63
N LYS B 936 -17.01 -14.16 -8.75
CA LYS B 936 -17.97 -14.38 -9.82
C LYS B 936 -17.35 -14.00 -11.15
N VAL B 937 -17.43 -14.91 -12.11
CA VAL B 937 -16.89 -14.70 -13.43
C VAL B 937 -18.05 -14.37 -14.36
N LEU B 938 -18.04 -13.16 -14.92
CA LEU B 938 -19.01 -12.82 -15.93
C LEU B 938 -18.71 -13.60 -17.21
N PRO B 939 -19.67 -14.33 -17.75
CA PRO B 939 -19.46 -14.94 -19.05
C PRO B 939 -19.32 -13.87 -20.11
N PRO B 940 -18.58 -14.12 -21.18
CA PRO B 940 -18.50 -13.16 -22.27
C PRO B 940 -19.88 -12.91 -22.85
N LEU B 941 -20.15 -11.65 -23.19
CA LEU B 941 -21.54 -11.24 -23.44
C LEU B 941 -22.08 -11.72 -24.71
N MET B 942 -21.37 -12.59 -25.42
CA MET B 942 -21.95 -13.42 -26.46
C MET B 942 -21.76 -14.87 -26.08
N ASP B 943 -22.80 -15.68 -26.31
CA ASP B 943 -22.65 -17.12 -26.26
C ASP B 943 -21.69 -17.56 -27.36
N VAL B 944 -21.09 -18.74 -27.17
CA VAL B 944 -20.05 -19.26 -28.04
C VAL B 944 -20.50 -19.33 -29.49
N ASN B 945 -21.77 -19.66 -29.71
CA ASN B 945 -22.31 -19.73 -31.06
C ASN B 945 -22.33 -18.37 -31.74
N MET B 946 -22.40 -17.29 -30.96
CA MET B 946 -22.50 -15.96 -31.55
C MET B 946 -21.20 -15.55 -32.23
N GLU B 947 -20.07 -15.66 -31.54
CA GLU B 947 -18.83 -15.35 -32.25
C GLU B 947 -18.42 -16.49 -33.15
N ALA B 948 -18.99 -17.67 -32.95
CA ALA B 948 -18.86 -18.70 -33.98
C ALA B 948 -19.44 -18.24 -35.29
N ALA B 949 -20.63 -17.63 -35.25
CA ALA B 949 -21.24 -17.10 -36.46
C ALA B 949 -20.49 -15.88 -36.96
N TYR B 950 -19.89 -15.11 -36.06
CA TYR B 950 -19.02 -14.00 -36.47
C TYR B 950 -17.83 -14.53 -37.28
N THR B 951 -17.18 -15.56 -36.76
CA THR B 951 -16.08 -16.18 -37.49
C THR B 951 -16.57 -16.79 -38.79
N SER B 952 -17.80 -17.31 -38.79
CA SER B 952 -18.39 -17.83 -40.01
C SER B 952 -18.57 -16.73 -41.05
N SER B 953 -19.04 -15.56 -40.62
CA SER B 953 -19.25 -14.45 -41.53
C SER B 953 -17.93 -13.95 -42.11
N LEU B 954 -16.90 -13.83 -41.28
CA LEU B 954 -15.63 -13.38 -41.81
C LEU B 954 -14.99 -14.45 -42.69
N LEU B 955 -15.21 -15.74 -42.37
CA LEU B 955 -14.74 -16.80 -43.24
C LEU B 955 -15.45 -16.79 -44.58
N GLY B 956 -16.70 -16.37 -44.61
CA GLY B 956 -17.40 -16.22 -45.87
C GLY B 956 -17.03 -14.96 -46.62
N SER B 957 -16.50 -13.96 -45.92
CA SER B 957 -16.23 -12.67 -46.53
C SER B 957 -14.76 -12.39 -46.78
N ILE B 958 -13.86 -13.32 -46.42
CA ILE B 958 -12.44 -13.11 -46.70
C ILE B 958 -12.21 -12.94 -48.19
N ALA B 959 -12.82 -13.79 -49.00
CA ALA B 959 -12.81 -13.53 -50.43
C ALA B 959 -13.75 -12.39 -50.77
N GLY B 960 -14.79 -12.19 -49.96
CA GLY B 960 -15.85 -11.26 -50.30
C GLY B 960 -15.47 -9.80 -50.18
N VAL B 961 -14.35 -9.50 -49.53
CA VAL B 961 -13.86 -8.13 -49.45
C VAL B 961 -12.65 -7.99 -50.36
N GLY B 962 -11.92 -9.09 -50.54
CA GLY B 962 -10.61 -9.02 -51.15
C GLY B 962 -10.55 -8.83 -52.66
N TRP B 963 -11.27 -7.85 -53.19
CA TRP B 963 -11.03 -7.48 -54.58
C TRP B 963 -11.01 -5.97 -54.78
N THR B 964 -11.73 -5.25 -53.93
CA THR B 964 -11.90 -3.81 -54.12
C THR B 964 -11.84 -3.13 -52.76
N ALA B 965 -11.24 -1.94 -52.74
CA ALA B 965 -11.17 -1.15 -51.53
C ALA B 965 -12.55 -0.70 -51.08
N GLY B 966 -12.69 -0.49 -49.78
CA GLY B 966 -13.96 -0.10 -49.19
C GLY B 966 -14.79 -1.30 -48.78
N LEU B 967 -15.93 -1.01 -48.16
CA LEU B 967 -16.86 -2.02 -47.70
C LEU B 967 -18.23 -1.84 -48.33
N SER B 968 -18.24 -1.59 -49.64
CA SER B 968 -19.48 -1.28 -50.33
C SER B 968 -20.11 -2.52 -50.96
N SER B 969 -19.38 -3.19 -51.85
CA SER B 969 -19.91 -4.32 -52.60
C SER B 969 -19.58 -5.63 -51.89
N PHE B 970 -19.77 -6.74 -52.57
CA PHE B 970 -19.28 -8.03 -52.10
C PHE B 970 -18.61 -8.78 -53.24
N ALA B 971 -17.71 -9.67 -52.87
CA ALA B 971 -16.84 -10.36 -53.81
C ALA B 971 -16.81 -11.85 -53.53
N ALA B 972 -18.00 -12.47 -53.44
CA ALA B 972 -18.07 -13.90 -53.20
C ALA B 972 -17.63 -14.69 -54.44
N ILE B 973 -16.35 -14.57 -54.78
CA ILE B 973 -15.76 -15.17 -55.96
C ILE B 973 -15.43 -16.60 -55.55
N PRO B 974 -15.23 -17.53 -56.47
CA PRO B 974 -14.55 -18.77 -56.13
C PRO B 974 -13.24 -18.50 -55.40
N PHE B 975 -13.07 -19.14 -54.24
CA PHE B 975 -12.02 -18.79 -53.30
C PHE B 975 -10.63 -19.05 -53.86
N ALA B 976 -10.47 -20.10 -54.66
CA ALA B 976 -9.21 -20.35 -55.33
C ALA B 976 -8.85 -19.21 -56.26
N GLN B 977 -9.85 -18.63 -56.93
CA GLN B 977 -9.59 -17.51 -57.82
C GLN B 977 -9.18 -16.27 -57.02
N SER B 978 -9.72 -16.12 -55.81
CA SER B 978 -9.26 -15.05 -54.92
C SER B 978 -7.81 -15.25 -54.54
N ILE B 979 -7.42 -16.49 -54.26
CA ILE B 979 -6.02 -16.80 -54.00
C ILE B 979 -5.17 -16.46 -55.23
N PHE B 980 -5.70 -16.73 -56.42
CA PHE B 980 -4.96 -16.45 -57.64
C PHE B 980 -4.73 -14.96 -57.83
N TYR B 981 -5.77 -14.15 -57.59
CA TYR B 981 -5.60 -12.70 -57.62
C TYR B 981 -4.60 -12.23 -56.59
N ARG B 982 -4.68 -12.79 -55.38
CA ARG B 982 -3.81 -12.35 -54.29
C ARG B 982 -2.35 -12.67 -54.59
N LEU B 983 -2.10 -13.83 -55.18
CA LEU B 983 -0.73 -14.17 -55.58
C LEU B 983 -0.29 -13.37 -56.81
N ASN B 984 -1.22 -13.03 -57.69
CA ASN B 984 -0.83 -12.32 -58.90
C ASN B 984 -0.45 -10.88 -58.59
N GLY B 985 -1.12 -10.26 -57.63
CA GLY B 985 -0.91 -8.85 -57.38
C GLY B 985 0.39 -8.50 -56.69
N VAL B 986 1.17 -9.50 -56.29
CA VAL B 986 2.36 -9.24 -55.49
C VAL B 986 3.61 -9.67 -56.23
N GLY B 987 3.59 -9.55 -57.55
CA GLY B 987 4.78 -9.79 -58.35
C GLY B 987 4.90 -11.14 -58.99
N ILE B 988 3.78 -11.86 -59.17
CA ILE B 988 3.78 -13.16 -59.81
C ILE B 988 2.84 -13.08 -61.00
N THR B 989 3.33 -13.48 -62.17
CA THR B 989 2.50 -13.34 -63.36
C THR B 989 1.38 -14.37 -63.36
N GLN B 990 0.32 -14.02 -64.09
CA GLN B 990 -0.80 -14.94 -64.27
C GLN B 990 -0.43 -16.11 -65.15
N GLN B 991 0.64 -16.01 -65.93
CA GLN B 991 1.05 -17.13 -66.77
C GLN B 991 1.48 -18.33 -65.93
N VAL B 992 2.39 -18.11 -64.99
CA VAL B 992 2.90 -19.21 -64.20
C VAL B 992 1.83 -19.73 -63.25
N LEU B 993 0.92 -18.85 -62.82
CA LEU B 993 -0.16 -19.30 -61.96
C LEU B 993 -1.14 -20.15 -62.76
N SER B 994 -1.53 -19.68 -63.93
CA SER B 994 -2.47 -20.37 -64.79
C SER B 994 -1.89 -21.66 -65.35
N GLU B 995 -0.57 -21.81 -65.35
CA GLU B 995 0.03 -23.05 -65.81
C GLU B 995 0.40 -24.00 -64.68
N ASN B 996 0.39 -23.54 -63.43
CA ASN B 996 0.86 -24.40 -62.34
C ASN B 996 -0.03 -24.24 -61.12
N GLN B 997 -1.35 -24.33 -61.31
CA GLN B 997 -2.27 -24.28 -60.18
C GLN B 997 -2.09 -25.46 -59.25
N LYS B 998 -1.70 -26.61 -59.79
CA LYS B 998 -1.62 -27.83 -59.00
C LYS B 998 -0.52 -27.74 -57.95
N LEU B 999 0.67 -27.30 -58.34
CA LEU B 999 1.78 -27.25 -57.39
C LEU B 999 1.54 -26.22 -56.30
N ILE B 1000 1.01 -25.05 -56.67
CA ILE B 1000 0.76 -24.03 -55.67
C ILE B 1000 -0.37 -24.46 -54.74
N ALA B 1001 -1.37 -25.18 -55.28
CA ALA B 1001 -2.42 -25.72 -54.43
C ALA B 1001 -1.87 -26.76 -53.47
N ASN B 1002 -1.00 -27.63 -53.98
CA ASN B 1002 -0.39 -28.66 -53.13
C ASN B 1002 0.48 -28.03 -52.05
N LYS B 1003 1.21 -26.97 -52.40
CA LYS B 1003 2.07 -26.31 -51.43
C LYS B 1003 1.25 -25.62 -50.35
N PHE B 1004 0.14 -24.98 -50.74
CA PHE B 1004 -0.70 -24.35 -49.73
C PHE B 1004 -1.36 -25.39 -48.83
N ASN B 1005 -1.80 -26.51 -49.42
CA ASN B 1005 -2.36 -27.57 -48.61
C ASN B 1005 -1.31 -28.16 -47.68
N GLN B 1006 -0.07 -28.26 -48.16
CA GLN B 1006 1.03 -28.74 -47.33
C GLN B 1006 1.30 -27.80 -46.18
N ALA B 1007 1.24 -26.49 -46.42
CA ALA B 1007 1.45 -25.53 -45.35
C ALA B 1007 0.33 -25.57 -44.32
N LEU B 1008 -0.91 -25.67 -44.78
CA LEU B 1008 -2.01 -25.75 -43.83
C LEU B 1008 -2.10 -27.12 -43.16
N GLY B 1009 -1.39 -28.13 -43.67
CA GLY B 1009 -1.24 -29.36 -42.93
C GLY B 1009 -0.09 -29.24 -41.96
N ALA B 1010 0.86 -28.38 -42.29
CA ALA B 1010 1.98 -28.14 -41.37
C ALA B 1010 1.51 -27.40 -40.13
N MET B 1011 0.56 -26.47 -40.29
CA MET B 1011 -0.02 -25.87 -39.10
C MET B 1011 -0.89 -26.85 -38.34
N GLN B 1012 -1.42 -27.87 -39.02
CA GLN B 1012 -2.29 -28.84 -38.38
C GLN B 1012 -1.58 -29.63 -37.31
N THR B 1013 -0.29 -29.91 -37.49
CA THR B 1013 0.54 -30.46 -36.44
C THR B 1013 1.25 -29.38 -35.65
N GLY B 1014 0.95 -28.11 -35.90
CA GLY B 1014 1.60 -27.01 -35.23
C GLY B 1014 1.29 -26.89 -33.75
N PHE B 1015 0.33 -27.66 -33.26
CA PHE B 1015 -0.07 -27.62 -31.86
C PHE B 1015 1.02 -28.22 -31.00
N THR B 1016 2.10 -27.47 -30.81
CA THR B 1016 3.29 -27.97 -30.14
C THR B 1016 4.09 -26.78 -29.62
N THR B 1017 5.28 -27.08 -29.09
CA THR B 1017 6.11 -26.04 -28.51
C THR B 1017 6.70 -25.13 -29.59
N THR B 1018 6.84 -25.64 -30.81
CA THR B 1018 7.56 -24.94 -31.87
C THR B 1018 6.84 -23.70 -32.37
N ASN B 1019 5.60 -23.46 -31.97
CA ASN B 1019 4.88 -22.24 -32.31
C ASN B 1019 4.87 -21.31 -31.11
N GLU B 1020 5.19 -20.04 -31.36
CA GLU B 1020 5.21 -19.05 -30.29
C GLU B 1020 3.79 -18.75 -29.79
N ALA B 1021 2.82 -18.79 -30.71
CA ALA B 1021 1.47 -18.33 -30.39
C ALA B 1021 0.80 -19.20 -29.34
N PHE B 1022 1.07 -20.50 -29.33
CA PHE B 1022 0.50 -21.35 -28.30
C PHE B 1022 1.04 -20.98 -26.92
N GLN B 1023 2.34 -20.69 -26.84
CA GLN B 1023 2.87 -20.23 -25.56
C GLN B 1023 2.29 -18.87 -25.18
N LYS B 1024 2.05 -18.00 -26.15
CA LYS B 1024 1.48 -16.70 -25.82
C LYS B 1024 0.04 -16.82 -25.33
N VAL B 1025 -0.72 -17.73 -25.93
CA VAL B 1025 -2.08 -18.02 -25.46
C VAL B 1025 -2.04 -18.56 -24.05
N GLN B 1026 -1.10 -19.49 -23.79
CA GLN B 1026 -0.90 -19.97 -22.44
C GLN B 1026 -0.46 -18.87 -21.50
N ASP B 1027 0.30 -17.89 -22.00
CA ASP B 1027 0.70 -16.75 -21.19
C ASP B 1027 -0.51 -15.95 -20.77
N ALA B 1028 -1.44 -15.72 -21.69
CA ALA B 1028 -2.68 -15.04 -21.35
C ALA B 1028 -3.47 -15.82 -20.32
N VAL B 1029 -3.57 -17.13 -20.51
CA VAL B 1029 -4.32 -17.99 -19.61
C VAL B 1029 -3.69 -17.97 -18.22
N ASN B 1030 -2.37 -18.10 -18.17
CA ASN B 1030 -1.65 -18.08 -16.91
C ASN B 1030 -1.74 -16.73 -16.23
N ASN B 1031 -1.73 -15.65 -17.00
CA ASN B 1031 -1.86 -14.32 -16.42
C ASN B 1031 -3.22 -14.15 -15.76
N ASN B 1032 -4.28 -14.60 -16.44
CA ASN B 1032 -5.60 -14.55 -15.82
C ASN B 1032 -5.66 -15.46 -14.59
N ALA B 1033 -5.06 -16.64 -14.69
CA ALA B 1033 -5.08 -17.59 -13.58
C ALA B 1033 -4.35 -17.03 -12.36
N GLN B 1034 -3.20 -16.40 -12.57
CA GLN B 1034 -2.47 -15.85 -11.43
C GLN B 1034 -3.15 -14.59 -10.92
N ALA B 1035 -3.86 -13.86 -11.79
CA ALA B 1035 -4.65 -12.74 -11.32
C ALA B 1035 -5.73 -13.21 -10.35
N LEU B 1036 -6.37 -14.33 -10.66
CA LEU B 1036 -7.31 -14.93 -9.71
C LEU B 1036 -6.59 -15.41 -8.46
N SER B 1037 -5.47 -16.11 -8.64
CA SER B 1037 -4.83 -16.85 -7.56
C SER B 1037 -4.13 -15.94 -6.57
N LYS B 1038 -3.64 -14.78 -6.99
CA LYS B 1038 -3.06 -13.83 -6.05
C LYS B 1038 -4.09 -13.39 -5.03
N LEU B 1039 -5.25 -12.93 -5.51
CA LEU B 1039 -6.33 -12.54 -4.61
C LEU B 1039 -6.82 -13.71 -3.77
N ALA B 1040 -6.84 -14.91 -4.35
CA ALA B 1040 -7.21 -16.09 -3.58
C ALA B 1040 -6.19 -16.36 -2.48
N SER B 1041 -4.94 -16.00 -2.71
CA SER B 1041 -3.86 -16.41 -1.80
C SER B 1041 -3.92 -15.65 -0.48
N GLU B 1042 -4.23 -14.36 -0.51
CA GLU B 1042 -4.13 -13.57 0.71
C GLU B 1042 -5.25 -13.87 1.71
N LEU B 1043 -6.24 -14.68 1.32
CA LEU B 1043 -7.14 -15.25 2.31
C LEU B 1043 -6.36 -16.07 3.34
N SER B 1044 -5.30 -16.73 2.90
CA SER B 1044 -4.39 -17.39 3.82
C SER B 1044 -3.44 -16.41 4.49
N ASN B 1045 -3.13 -15.28 3.85
CA ASN B 1045 -2.23 -14.31 4.46
C ASN B 1045 -2.90 -13.63 5.64
N THR B 1046 -2.16 -13.53 6.75
CA THR B 1046 -2.69 -12.94 7.96
C THR B 1046 -2.33 -11.47 8.12
N PHE B 1047 -1.38 -10.97 7.32
CA PHE B 1047 -0.98 -9.55 7.32
C PHE B 1047 -0.57 -9.07 8.71
N GLY B 1048 0.20 -9.90 9.42
CA GLY B 1048 0.65 -9.56 10.74
C GLY B 1048 -0.31 -9.87 11.85
N ALA B 1049 -1.48 -10.42 11.54
CA ALA B 1049 -2.42 -10.82 12.58
C ALA B 1049 -2.09 -12.23 13.06
N ILE B 1050 -3.00 -12.80 13.86
CA ILE B 1050 -2.79 -14.11 14.46
C ILE B 1050 -3.29 -15.24 13.57
N SER B 1051 -4.48 -15.11 13.00
CA SER B 1051 -5.08 -16.20 12.25
C SER B 1051 -5.58 -15.68 10.92
N ALA B 1052 -5.60 -16.56 9.93
CA ALA B 1052 -6.14 -16.22 8.63
C ALA B 1052 -7.66 -16.25 8.59
N SER B 1053 -8.30 -16.79 9.63
CA SER B 1053 -9.75 -16.85 9.70
C SER B 1053 -10.26 -15.73 10.60
N ILE B 1054 -11.27 -15.01 10.11
CA ILE B 1054 -11.89 -13.97 10.91
C ILE B 1054 -12.59 -14.58 12.11
N GLY B 1055 -13.19 -15.75 11.92
CA GLY B 1055 -13.85 -16.43 13.02
C GLY B 1055 -12.90 -16.83 14.13
N ASP B 1056 -11.71 -17.30 13.75
CA ASP B 1056 -10.69 -17.59 14.76
C ASP B 1056 -10.34 -16.36 15.56
N ILE B 1057 -10.29 -15.21 14.90
CA ILE B 1057 -10.04 -13.95 15.59
C ILE B 1057 -11.18 -13.63 16.56
N ILE B 1058 -12.42 -13.86 16.13
CA ILE B 1058 -13.53 -13.44 16.99
C ILE B 1058 -13.75 -14.40 18.16
N GLN B 1059 -13.42 -15.68 18.04
CA GLN B 1059 -13.54 -16.56 19.20
C GLN B 1059 -12.22 -17.05 19.75
N ARG B 1060 -11.11 -16.33 19.54
CA ARG B 1060 -9.90 -16.64 20.27
C ARG B 1060 -9.31 -15.46 21.02
N LEU B 1061 -9.88 -14.26 20.91
CA LEU B 1061 -9.26 -13.09 21.48
C LEU B 1061 -10.26 -12.24 22.27
N ASP B 1062 -9.70 -11.28 23.00
CA ASP B 1062 -10.48 -10.23 23.65
C ASP B 1062 -11.15 -9.38 22.57
N PRO B 1063 -12.42 -9.02 22.75
CA PRO B 1063 -13.14 -8.23 21.73
C PRO B 1063 -12.46 -6.95 21.29
N PRO B 1064 -11.85 -6.13 22.18
CA PRO B 1064 -11.16 -4.95 21.62
C PRO B 1064 -9.93 -5.30 20.80
N GLU B 1065 -9.09 -6.22 21.28
CA GLU B 1065 -7.89 -6.56 20.52
C GLU B 1065 -8.23 -7.41 19.30
N GLN B 1066 -9.33 -8.18 19.35
CA GLN B 1066 -9.73 -8.88 18.13
C GLN B 1066 -10.31 -7.90 17.13
N ASP B 1067 -10.92 -6.81 17.60
CA ASP B 1067 -11.29 -5.73 16.69
C ASP B 1067 -10.06 -5.11 16.06
N ALA B 1068 -9.00 -4.93 16.84
CA ALA B 1068 -7.76 -4.37 16.30
C ALA B 1068 -7.12 -5.29 15.26
N GLN B 1069 -7.08 -6.59 15.54
CA GLN B 1069 -6.53 -7.54 14.58
C GLN B 1069 -7.41 -7.64 13.35
N ILE B 1070 -8.73 -7.52 13.53
CA ILE B 1070 -9.64 -7.48 12.40
C ILE B 1070 -9.36 -6.24 11.56
N ASP B 1071 -9.06 -5.12 12.21
CA ASP B 1071 -8.70 -3.89 11.49
C ASP B 1071 -7.45 -4.09 10.66
N ARG B 1072 -6.44 -4.74 11.25
CA ARG B 1072 -5.21 -5.05 10.52
C ARG B 1072 -5.50 -5.91 9.31
N LEU B 1073 -6.29 -6.96 9.48
CA LEU B 1073 -6.50 -7.89 8.39
C LEU B 1073 -7.37 -7.27 7.30
N ILE B 1074 -8.34 -6.45 7.68
CA ILE B 1074 -9.17 -5.84 6.63
C ILE B 1074 -8.39 -4.75 5.93
N ASN B 1075 -7.41 -4.13 6.60
CA ASN B 1075 -6.50 -3.23 5.90
C ASN B 1075 -5.72 -4.00 4.85
N GLY B 1076 -5.22 -5.19 5.22
CA GLY B 1076 -4.57 -6.04 4.22
C GLY B 1076 -5.50 -6.41 3.08
N ARG B 1077 -6.75 -6.76 3.41
CA ARG B 1077 -7.73 -7.13 2.40
C ARG B 1077 -8.00 -5.97 1.44
N LEU B 1078 -8.19 -4.77 2.00
CA LEU B 1078 -8.52 -3.62 1.17
C LEU B 1078 -7.35 -3.22 0.30
N THR B 1079 -6.12 -3.32 0.82
CA THR B 1079 -4.96 -3.03 0.00
C THR B 1079 -4.83 -4.03 -1.15
N THR B 1080 -5.08 -5.30 -0.86
CA THR B 1080 -5.03 -6.30 -1.92
C THR B 1080 -6.11 -6.05 -2.97
N LEU B 1081 -7.30 -5.64 -2.54
CA LEU B 1081 -8.34 -5.32 -3.50
C LEU B 1081 -7.98 -4.09 -4.31
N ASN B 1082 -7.32 -3.11 -3.69
CA ASN B 1082 -6.84 -1.94 -4.43
C ASN B 1082 -5.84 -2.36 -5.50
N ALA B 1083 -4.92 -3.26 -5.13
CA ALA B 1083 -3.96 -3.78 -6.10
C ALA B 1083 -4.66 -4.53 -7.21
N PHE B 1084 -5.71 -5.27 -6.87
CA PHE B 1084 -6.50 -5.98 -7.87
C PHE B 1084 -7.15 -5.01 -8.85
N VAL B 1085 -7.72 -3.92 -8.33
CA VAL B 1085 -8.31 -2.90 -9.17
C VAL B 1085 -7.24 -2.31 -10.09
N ALA B 1086 -6.08 -2.01 -9.53
CA ALA B 1086 -5.01 -1.38 -10.31
C ALA B 1086 -4.55 -2.29 -11.44
N GLN B 1087 -4.27 -3.55 -11.13
CA GLN B 1087 -3.78 -4.46 -12.16
C GLN B 1087 -4.86 -4.77 -13.19
N GLN B 1088 -6.12 -4.86 -12.77
CA GLN B 1088 -7.18 -5.15 -13.72
C GLN B 1088 -7.44 -3.97 -14.63
N LEU B 1089 -7.36 -2.75 -14.11
CA LEU B 1089 -7.57 -1.60 -14.98
C LEU B 1089 -6.41 -1.42 -15.94
N VAL B 1090 -5.18 -1.67 -15.46
CA VAL B 1090 -4.01 -1.60 -16.35
C VAL B 1090 -4.13 -2.62 -17.46
N ARG B 1091 -4.49 -3.86 -17.12
CA ARG B 1091 -4.80 -4.85 -18.12
C ARG B 1091 -5.99 -4.45 -18.98
N SER B 1092 -6.89 -3.61 -18.45
CA SER B 1092 -8.04 -3.19 -19.24
C SER B 1092 -7.62 -2.27 -20.38
N GLU B 1093 -6.80 -1.24 -20.11
CA GLU B 1093 -6.44 -0.46 -21.30
C GLU B 1093 -5.41 -1.19 -22.12
N SER B 1094 -4.66 -2.12 -21.51
CA SER B 1094 -3.78 -2.98 -22.29
C SER B 1094 -4.58 -3.79 -23.29
N ALA B 1095 -5.69 -4.36 -22.84
CA ALA B 1095 -6.58 -5.10 -23.73
C ALA B 1095 -7.26 -4.16 -24.72
N ALA B 1096 -7.51 -2.91 -24.32
CA ALA B 1096 -8.15 -1.97 -25.24
C ALA B 1096 -7.23 -1.63 -26.41
N LEU B 1097 -5.97 -1.32 -26.11
CA LEU B 1097 -5.00 -1.05 -27.17
C LEU B 1097 -4.73 -2.30 -27.99
N SER B 1098 -4.64 -3.46 -27.34
CA SER B 1098 -4.45 -4.71 -28.06
C SER B 1098 -5.63 -5.00 -28.97
N ALA B 1099 -6.83 -4.69 -28.49
CA ALA B 1099 -8.04 -4.94 -29.26
C ALA B 1099 -8.15 -3.97 -30.43
N GLN B 1100 -7.72 -2.74 -30.24
CA GLN B 1100 -7.66 -1.80 -31.34
C GLN B 1100 -6.66 -2.26 -32.39
N LEU B 1101 -5.53 -2.79 -31.95
CA LEU B 1101 -4.56 -3.37 -32.87
C LEU B 1101 -5.14 -4.58 -33.57
N ALA B 1102 -5.94 -5.38 -32.85
CA ALA B 1102 -6.61 -6.52 -33.46
C ALA B 1102 -7.59 -6.07 -34.53
N LYS B 1103 -8.33 -5.01 -34.25
CA LYS B 1103 -9.22 -4.42 -35.24
C LYS B 1103 -8.43 -3.95 -36.45
N ASP B 1104 -7.27 -3.35 -36.21
CA ASP B 1104 -6.40 -2.91 -37.28
C ASP B 1104 -5.95 -4.08 -38.15
N LYS B 1105 -5.56 -5.18 -37.52
CA LYS B 1105 -5.06 -6.31 -38.29
C LYS B 1105 -6.19 -7.03 -39.01
N VAL B 1106 -7.40 -7.01 -38.45
CA VAL B 1106 -8.47 -7.74 -39.10
C VAL B 1106 -9.09 -6.90 -40.21
N ASN B 1107 -8.95 -5.58 -40.19
CA ASN B 1107 -9.46 -4.83 -41.32
C ASN B 1107 -8.38 -4.39 -42.30
N GLU B 1108 -7.10 -4.63 -42.01
CA GLU B 1108 -6.04 -4.26 -42.94
C GLU B 1108 -5.61 -5.41 -43.83
N CYS B 1109 -5.12 -6.51 -43.24
CA CYS B 1109 -4.61 -7.62 -44.03
C CYS B 1109 -5.40 -8.90 -43.80
N VAL B 1110 -6.63 -8.81 -43.31
CA VAL B 1110 -7.53 -9.95 -43.25
C VAL B 1110 -8.65 -9.82 -44.26
N LYS B 1111 -9.42 -8.72 -44.21
CA LYS B 1111 -10.39 -8.48 -45.26
C LYS B 1111 -9.73 -8.00 -46.54
N ALA B 1112 -8.50 -7.50 -46.47
CA ALA B 1112 -7.77 -7.05 -47.64
C ALA B 1112 -6.40 -7.70 -47.64
N GLN B 1113 -5.57 -7.31 -48.61
CA GLN B 1113 -4.18 -7.74 -48.69
C GLN B 1113 -3.32 -6.49 -48.55
N SER B 1114 -2.79 -6.28 -47.36
CA SER B 1114 -2.04 -5.06 -47.07
C SER B 1114 -0.70 -5.06 -47.80
N LYS B 1115 -0.18 -3.86 -48.04
CA LYS B 1115 1.15 -3.68 -48.58
C LYS B 1115 2.17 -3.33 -47.50
N ARG B 1116 1.77 -3.35 -46.23
CA ARG B 1116 2.70 -3.08 -45.15
C ARG B 1116 3.63 -4.27 -44.97
N SER B 1117 4.91 -4.07 -45.26
CA SER B 1117 5.88 -5.15 -45.20
C SER B 1117 6.12 -5.56 -43.77
N GLY B 1118 5.86 -6.83 -43.46
CA GLY B 1118 6.17 -7.36 -42.16
C GLY B 1118 5.24 -6.94 -41.05
N PHE B 1119 4.15 -6.24 -41.36
CA PHE B 1119 3.22 -5.85 -40.31
C PHE B 1119 2.43 -7.05 -39.82
N CYS B 1120 2.03 -7.94 -40.73
CA CYS B 1120 1.28 -9.14 -40.36
C CYS B 1120 1.76 -10.38 -41.11
N GLY B 1121 2.92 -10.33 -41.75
CA GLY B 1121 3.47 -11.50 -42.39
C GLY B 1121 4.91 -11.30 -42.82
N GLN B 1122 5.78 -12.24 -42.48
CA GLN B 1122 7.18 -12.12 -42.87
C GLN B 1122 7.32 -12.34 -44.37
N GLY B 1123 8.10 -11.48 -45.00
CA GLY B 1123 8.06 -11.43 -46.44
C GLY B 1123 6.73 -10.86 -46.90
N THR B 1124 6.28 -11.32 -48.07
CA THR B 1124 5.01 -10.87 -48.59
C THR B 1124 3.90 -11.66 -47.93
N HIS B 1125 3.18 -11.01 -47.03
CA HIS B 1125 1.97 -11.60 -46.48
C HIS B 1125 0.93 -11.77 -47.59
N ILE B 1126 0.31 -12.93 -47.63
CA ILE B 1126 -0.68 -13.26 -48.66
C ILE B 1126 -2.08 -13.24 -48.10
N VAL B 1127 -2.38 -14.15 -47.17
CA VAL B 1127 -3.71 -14.25 -46.59
C VAL B 1127 -3.60 -14.41 -45.09
N SER B 1128 -4.72 -14.16 -44.41
CA SER B 1128 -4.82 -14.34 -42.98
C SER B 1128 -6.20 -14.88 -42.63
N PHE B 1129 -6.27 -15.60 -41.50
CA PHE B 1129 -7.51 -16.20 -41.06
C PHE B 1129 -7.63 -16.05 -39.55
N VAL B 1130 -8.80 -15.62 -39.08
CA VAL B 1130 -9.01 -15.29 -37.68
C VAL B 1130 -10.01 -16.26 -37.09
N VAL B 1131 -9.72 -16.76 -35.90
CA VAL B 1131 -10.66 -17.54 -35.12
C VAL B 1131 -10.62 -17.04 -33.68
N ASN B 1132 -11.51 -17.60 -32.87
CA ASN B 1132 -11.59 -17.22 -31.48
C ASN B 1132 -10.43 -17.81 -30.70
N ALA B 1133 -10.16 -17.25 -29.52
CA ALA B 1133 -9.16 -17.76 -28.60
C ALA B 1133 -9.72 -17.57 -27.20
N PRO B 1134 -9.34 -18.44 -26.25
CA PRO B 1134 -10.04 -18.45 -24.94
C PRO B 1134 -9.97 -17.14 -24.16
N ASN B 1135 -9.06 -16.24 -24.50
CA ASN B 1135 -9.20 -14.88 -24.02
C ASN B 1135 -8.81 -13.86 -25.09
N GLY B 1136 -8.97 -14.18 -26.37
CA GLY B 1136 -8.61 -13.25 -27.42
C GLY B 1136 -8.95 -13.71 -28.82
N LEU B 1137 -8.15 -13.29 -29.80
CA LEU B 1137 -8.33 -13.70 -31.18
C LEU B 1137 -7.03 -14.31 -31.69
N TYR B 1138 -7.16 -15.27 -32.60
CA TYR B 1138 -6.03 -16.06 -33.06
C TYR B 1138 -5.98 -16.07 -34.59
N PHE B 1139 -4.77 -16.17 -35.12
CA PHE B 1139 -4.48 -15.65 -36.45
C PHE B 1139 -3.54 -16.59 -37.18
N MET B 1140 -4.01 -17.13 -38.30
CA MET B 1140 -3.14 -17.64 -39.34
C MET B 1140 -2.68 -16.50 -40.24
N HIS B 1141 -1.39 -16.50 -40.56
CA HIS B 1141 -0.81 -15.62 -41.55
C HIS B 1141 -0.09 -16.53 -42.53
N VAL B 1142 -0.69 -16.79 -43.67
CA VAL B 1142 -0.04 -17.58 -44.71
C VAL B 1142 0.61 -16.61 -45.66
N GLY B 1143 1.92 -16.77 -45.86
CA GLY B 1143 2.71 -15.76 -46.53
C GLY B 1143 3.71 -16.36 -47.49
N TYR B 1144 4.27 -15.48 -48.31
CA TYR B 1144 5.21 -15.84 -49.34
C TYR B 1144 6.62 -15.91 -48.75
N TYR B 1145 7.38 -16.95 -49.10
CA TYR B 1145 8.74 -17.09 -48.61
C TYR B 1145 9.66 -17.54 -49.73
N PRO B 1146 10.86 -16.99 -49.79
CA PRO B 1146 11.76 -17.25 -50.92
C PRO B 1146 12.73 -18.40 -50.64
N SER B 1147 13.33 -18.89 -51.74
CA SER B 1147 14.39 -19.89 -51.70
C SER B 1147 15.01 -19.98 -53.09
N ASN B 1148 16.17 -20.63 -53.16
CA ASN B 1148 16.94 -20.83 -54.39
C ASN B 1148 17.26 -19.50 -55.05
N HIS B 1149 18.01 -18.68 -54.32
CA HIS B 1149 18.32 -17.34 -54.75
C HIS B 1149 19.47 -17.36 -55.75
N ILE B 1150 19.30 -16.67 -56.87
CA ILE B 1150 20.32 -16.57 -57.90
C ILE B 1150 20.55 -15.09 -58.22
N GLU B 1151 21.58 -14.85 -59.00
CA GLU B 1151 21.95 -13.51 -59.43
C GLU B 1151 22.01 -13.47 -60.95
N VAL B 1152 21.47 -12.39 -61.50
CA VAL B 1152 21.36 -12.20 -62.94
C VAL B 1152 21.79 -10.77 -63.27
N VAL B 1153 21.72 -10.42 -64.55
CA VAL B 1153 22.05 -9.08 -65.02
C VAL B 1153 20.75 -8.35 -65.31
N SER B 1154 20.69 -7.09 -64.89
CA SER B 1154 19.48 -6.29 -65.00
C SER B 1154 19.81 -4.89 -65.51
N ALA B 1155 18.82 -4.31 -66.17
CA ALA B 1155 18.89 -2.98 -66.76
C ALA B 1155 17.70 -2.16 -66.27
N TYR B 1156 17.45 -1.00 -66.89
CA TYR B 1156 16.26 -0.22 -66.60
C TYR B 1156 15.32 -0.16 -67.79
N GLY B 1157 15.85 0.09 -68.97
CA GLY B 1157 15.03 0.24 -70.15
C GLY B 1157 15.87 0.20 -71.40
N LEU B 1158 15.21 0.14 -72.54
CA LEU B 1158 15.89 0.24 -73.82
C LEU B 1158 15.16 1.30 -74.64
N CYS B 1159 15.92 2.20 -75.24
CA CYS B 1159 15.33 3.19 -76.11
C CYS B 1159 16.05 3.16 -77.44
N ASP B 1160 15.36 3.64 -78.47
CA ASP B 1160 15.88 3.54 -79.82
C ASP B 1160 17.08 4.45 -80.00
N ALA B 1161 18.04 4.00 -80.81
CA ALA B 1161 19.15 4.87 -81.18
C ALA B 1161 18.65 6.07 -81.97
N ALA B 1162 17.77 5.83 -82.94
CA ALA B 1162 17.18 6.92 -83.71
C ALA B 1162 16.12 7.67 -82.91
N ASN B 1163 15.49 7.00 -81.95
CA ASN B 1163 14.45 7.62 -81.12
C ASN B 1163 14.80 7.41 -79.66
N PRO B 1164 15.75 8.20 -79.13
CA PRO B 1164 16.02 8.13 -77.69
C PRO B 1164 14.92 8.75 -76.86
N THR B 1165 14.01 9.50 -77.47
CA THR B 1165 12.91 10.10 -76.73
C THR B 1165 11.95 9.04 -76.21
N ASN B 1166 11.54 8.11 -77.07
CA ASN B 1166 10.60 7.08 -76.68
C ASN B 1166 11.31 6.07 -75.78
N CYS B 1167 10.82 5.93 -74.55
CA CYS B 1167 11.45 5.07 -73.57
C CYS B 1167 10.38 4.41 -72.71
N ILE B 1168 10.69 3.21 -72.24
CA ILE B 1168 9.75 2.44 -71.42
C ILE B 1168 10.42 2.05 -70.11
N ALA B 1169 9.58 1.78 -69.13
CA ALA B 1169 9.98 1.41 -67.78
C ALA B 1169 9.17 0.19 -67.34
N PRO B 1170 9.80 -0.74 -66.63
CA PRO B 1170 9.10 -1.95 -66.22
C PRO B 1170 8.03 -1.64 -65.18
N VAL B 1171 6.91 -2.36 -65.28
CA VAL B 1171 5.84 -2.27 -64.30
C VAL B 1171 5.71 -3.63 -63.64
N ASN B 1172 6.09 -3.69 -62.37
CA ASN B 1172 6.05 -4.90 -61.54
C ASN B 1172 6.88 -6.01 -62.18
N GLY B 1173 8.14 -5.70 -62.44
CA GLY B 1173 9.03 -6.66 -63.05
C GLY B 1173 10.39 -6.03 -63.32
N TYR B 1174 11.20 -6.79 -64.04
CA TYR B 1174 12.57 -6.39 -64.35
C TYR B 1174 12.95 -6.85 -65.75
N PHE B 1175 14.01 -6.23 -66.28
CA PHE B 1175 14.53 -6.55 -67.60
C PHE B 1175 15.78 -7.40 -67.41
N ILE B 1176 15.71 -8.66 -67.82
CA ILE B 1176 16.77 -9.63 -67.62
C ILE B 1176 17.07 -10.27 -68.97
N LYS B 1177 18.35 -10.39 -69.31
CA LYS B 1177 18.74 -10.96 -70.59
C LYS B 1177 19.09 -12.43 -70.40
N THR B 1178 18.48 -13.29 -71.20
CA THR B 1178 18.73 -14.72 -71.16
C THR B 1178 19.69 -15.11 -72.28
N ASN B 1179 19.92 -16.42 -72.39
CA ASN B 1179 20.70 -16.98 -73.49
C ASN B 1179 19.91 -18.04 -74.25
N ASN B 1180 18.59 -18.11 -74.04
CA ASN B 1180 17.69 -19.07 -74.67
C ASN B 1180 18.12 -20.52 -74.45
N GLU B 1186 18.85 -12.47 -74.81
CA GLU B 1186 17.81 -11.51 -75.14
C GLU B 1186 17.22 -10.89 -73.88
N TRP B 1187 17.09 -9.57 -73.90
CA TRP B 1187 16.40 -8.85 -72.84
C TRP B 1187 14.95 -9.29 -72.79
N SER B 1188 14.43 -9.44 -71.57
CA SER B 1188 13.13 -10.08 -71.39
C SER B 1188 12.51 -9.62 -70.07
N TYR B 1189 11.19 -9.62 -70.04
CA TYR B 1189 10.46 -9.23 -68.85
C TYR B 1189 10.41 -10.36 -67.83
N THR B 1190 10.51 -9.99 -66.56
CA THR B 1190 10.22 -10.90 -65.47
C THR B 1190 9.37 -10.18 -64.44
N GLY B 1191 8.67 -10.95 -63.63
CA GLY B 1191 7.94 -10.39 -62.52
C GLY B 1191 8.86 -9.93 -61.42
N SER B 1192 8.31 -9.15 -60.50
CA SER B 1192 9.07 -8.57 -59.42
C SER B 1192 9.22 -9.48 -58.22
N SER B 1193 8.66 -10.68 -58.26
CA SER B 1193 8.72 -11.56 -57.11
C SER B 1193 9.14 -12.98 -57.41
N PHE B 1194 9.46 -13.30 -58.66
CA PHE B 1194 9.88 -14.66 -58.99
C PHE B 1194 10.74 -14.63 -60.23
N TYR B 1195 11.66 -15.57 -60.32
CA TYR B 1195 12.39 -15.73 -61.56
C TYR B 1195 11.44 -16.31 -62.60
N ALA B 1196 10.76 -15.45 -63.33
CA ALA B 1196 9.82 -15.89 -64.34
C ALA B 1196 10.28 -15.40 -65.70
N PRO B 1197 10.69 -16.28 -66.58
CA PRO B 1197 11.10 -15.85 -67.93
C PRO B 1197 9.88 -15.63 -68.81
N GLU B 1198 9.69 -14.39 -69.25
CA GLU B 1198 8.61 -14.05 -70.16
C GLU B 1198 9.09 -13.06 -71.20
N PRO B 1199 8.46 -13.05 -72.38
CA PRO B 1199 8.80 -12.04 -73.39
C PRO B 1199 8.28 -10.67 -72.98
N ILE B 1200 8.59 -9.69 -73.82
CA ILE B 1200 8.21 -8.31 -73.58
C ILE B 1200 7.02 -7.95 -74.44
N THR B 1201 5.97 -7.42 -73.81
CA THR B 1201 4.80 -6.89 -74.49
C THR B 1201 4.56 -5.47 -73.97
N SER B 1202 3.45 -4.89 -74.40
CA SER B 1202 3.04 -3.60 -73.88
C SER B 1202 2.19 -3.73 -72.62
N LEU B 1203 1.76 -4.94 -72.28
CA LEU B 1203 0.83 -5.15 -71.19
C LEU B 1203 1.52 -5.29 -69.85
N ASN B 1204 2.82 -5.09 -69.81
CA ASN B 1204 3.59 -5.28 -68.59
C ASN B 1204 4.50 -4.11 -68.24
N THR B 1205 4.51 -3.05 -69.05
CA THR B 1205 5.41 -1.92 -68.85
C THR B 1205 4.63 -0.63 -69.03
N LYS B 1206 5.30 0.48 -68.75
CA LYS B 1206 4.76 1.81 -69.00
C LYS B 1206 5.76 2.60 -69.82
N TYR B 1207 5.34 3.77 -70.28
CA TYR B 1207 6.30 4.66 -70.93
C TYR B 1207 7.02 5.51 -69.89
N VAL B 1208 8.16 6.08 -70.30
CA VAL B 1208 8.97 6.88 -69.40
C VAL B 1208 9.79 7.86 -70.23
N ALA B 1209 10.23 8.94 -69.59
CA ALA B 1209 11.04 9.99 -70.18
C ALA B 1209 12.44 9.48 -70.48
N PRO B 1210 13.16 10.13 -71.38
CA PRO B 1210 14.57 9.79 -71.59
C PRO B 1210 15.43 9.95 -70.35
N GLN B 1211 16.44 9.09 -70.22
CA GLN B 1211 17.42 9.20 -69.13
C GLN B 1211 18.72 8.52 -69.54
N VAL B 1212 19.85 9.22 -69.40
CA VAL B 1212 21.13 8.73 -69.89
C VAL B 1212 21.63 7.54 -69.08
N THR B 1213 21.07 7.32 -67.89
CA THR B 1213 21.66 6.43 -66.91
C THR B 1213 21.37 4.95 -67.15
N TYR B 1214 20.87 4.58 -68.33
CA TYR B 1214 20.62 3.16 -68.60
C TYR B 1214 20.88 2.88 -70.07
N GLN B 1215 20.41 1.71 -70.52
CA GLN B 1215 20.88 1.05 -71.72
C GLN B 1215 19.97 1.37 -72.91
N ASN B 1216 20.40 0.90 -74.07
CA ASN B 1216 19.77 1.26 -75.33
C ASN B 1216 19.98 0.12 -76.32
N ILE B 1217 18.99 -0.11 -77.17
CA ILE B 1217 19.07 -1.19 -78.16
C ILE B 1217 18.66 -0.61 -79.50
N SER B 1218 19.00 -1.30 -80.59
CA SER B 1218 18.64 -0.81 -81.91
C SER B 1218 18.06 -1.87 -82.84
N THR B 1219 18.10 -3.16 -82.48
CA THR B 1219 17.62 -4.19 -83.40
C THR B 1219 16.59 -5.11 -82.78
N ASN B 1220 16.71 -5.41 -81.48
CA ASN B 1220 15.76 -6.27 -80.79
C ASN B 1220 14.78 -5.37 -80.06
N LEU B 1221 13.90 -4.74 -80.84
CA LEU B 1221 13.00 -3.73 -80.33
C LEU B 1221 11.78 -4.40 -79.70
N PRO B 1222 11.48 -4.13 -78.44
CA PRO B 1222 10.16 -4.51 -77.90
C PRO B 1222 9.06 -3.77 -78.62
N PRO B 1223 7.89 -4.39 -78.77
CA PRO B 1223 6.76 -3.70 -79.39
C PRO B 1223 6.20 -2.54 -78.57
N PRO B 1224 6.55 -2.37 -77.27
CA PRO B 1224 6.45 -1.01 -76.73
C PRO B 1224 7.28 0.00 -77.51
N LEU B 1225 8.47 -0.39 -77.96
CA LEU B 1225 9.32 0.54 -78.68
C LEU B 1225 9.00 0.58 -80.16
N LEU B 1226 8.03 -0.20 -80.61
CA LEU B 1226 7.65 -0.21 -82.02
C LEU B 1226 6.35 0.54 -82.23
N VAL C 22 37.19 25.49 42.25
CA VAL C 22 38.36 24.68 42.58
C VAL C 22 39.59 25.28 41.92
N ASP C 23 39.64 26.61 41.85
CA ASP C 23 40.65 27.31 41.08
C ASP C 23 41.41 28.29 41.97
N VAL C 24 42.46 28.87 41.39
CA VAL C 24 43.27 29.86 42.07
C VAL C 24 43.59 30.99 41.08
N GLY C 25 43.60 32.21 41.59
CA GLY C 25 43.82 33.40 40.79
C GLY C 25 43.83 34.65 41.64
N PRO C 26 44.61 35.65 41.22
CA PRO C 26 44.82 36.84 42.06
C PRO C 26 43.63 37.78 42.15
N ASP C 27 43.85 38.94 42.75
CA ASP C 27 42.96 40.08 42.66
C ASP C 27 43.82 41.31 42.39
N SER C 28 43.22 42.34 41.82
CA SER C 28 44.01 43.38 41.20
C SER C 28 44.38 44.56 42.10
N VAL C 29 43.38 45.35 42.50
CA VAL C 29 43.64 46.59 43.24
C VAL C 29 42.58 46.80 44.31
N LYS C 30 42.68 47.93 45.00
CA LYS C 30 41.66 48.43 45.91
C LYS C 30 40.38 48.71 45.13
N SER C 31 39.25 48.65 45.84
CA SER C 31 37.95 48.85 45.22
C SER C 31 37.80 50.32 44.86
N ALA C 32 38.33 50.69 43.70
CA ALA C 32 38.13 52.00 43.12
C ALA C 32 38.22 51.89 41.60
N CYS C 33 37.08 51.75 40.94
CA CYS C 33 37.08 51.52 39.51
C CYS C 33 37.38 52.80 38.76
N ILE C 34 38.03 52.64 37.60
CA ILE C 34 38.27 53.79 36.73
C ILE C 34 36.94 54.29 36.19
N GLU C 35 36.86 55.59 35.92
CA GLU C 35 35.58 56.23 35.65
C GLU C 35 35.10 55.86 34.25
N VAL C 36 34.11 54.99 34.19
CA VAL C 36 33.50 54.61 32.93
C VAL C 36 32.32 55.53 32.63
N ASP C 37 32.21 55.95 31.38
CA ASP C 37 31.09 56.79 30.97
C ASP C 37 30.08 55.95 30.17
N ILE C 38 28.98 56.59 29.80
CA ILE C 38 27.99 56.01 28.90
C ILE C 38 27.81 57.01 27.76
N GLN C 39 28.50 56.78 26.65
CA GLN C 39 28.49 57.71 25.52
C GLN C 39 28.29 56.92 24.24
N GLN C 40 27.23 56.10 24.22
CA GLN C 40 26.87 55.33 23.04
C GLN C 40 26.50 56.23 21.86
N THR C 41 26.15 57.50 22.10
CA THR C 41 25.71 58.40 21.05
C THR C 41 26.80 58.60 20.00
N PHE C 42 28.05 58.74 20.45
CA PHE C 42 29.16 58.72 19.51
C PHE C 42 29.34 57.35 18.88
N PHE C 43 29.11 56.28 19.64
CA PHE C 43 29.35 54.94 19.12
C PHE C 43 28.28 54.48 18.13
N ASP C 44 27.15 55.19 18.03
CA ASP C 44 26.08 54.78 17.14
C ASP C 44 26.28 55.38 15.75
N LYS C 45 27.32 54.88 15.08
CA LYS C 45 27.54 55.17 13.67
C LYS C 45 27.34 53.89 12.88
N THR C 46 27.56 53.92 11.57
CA THR C 46 27.24 52.77 10.73
C THR C 46 28.41 52.41 9.84
N TRP C 47 28.50 51.13 9.54
CA TRP C 47 29.32 50.52 8.50
C TRP C 47 28.60 49.27 8.05
N PRO C 48 27.56 49.38 7.23
CA PRO C 48 26.68 48.24 6.97
C PRO C 48 27.35 47.13 6.17
N ARG C 49 27.43 45.96 6.80
CA ARG C 49 27.98 44.78 6.16
C ARG C 49 27.14 43.56 6.52
N PRO C 50 26.19 43.19 5.68
CA PRO C 50 25.43 41.96 5.94
C PRO C 50 26.23 40.73 5.59
N ILE C 51 25.67 39.56 5.86
CA ILE C 51 26.37 38.30 5.66
C ILE C 51 25.98 37.71 4.32
N ASP C 52 26.79 36.78 3.82
CA ASP C 52 26.51 36.11 2.57
C ASP C 52 26.98 34.67 2.63
N VAL C 53 26.02 33.74 2.57
CA VAL C 53 26.34 32.32 2.55
C VAL C 53 27.03 31.91 1.26
N SER C 54 26.74 32.57 0.13
CA SER C 54 27.45 32.30 -1.11
C SER C 54 28.86 32.88 -1.10
N LYS C 55 29.13 33.83 -0.21
CA LYS C 55 30.49 34.20 0.13
C LYS C 55 31.01 33.40 1.31
N ALA C 56 30.18 32.49 1.85
CA ALA C 56 30.51 31.63 2.99
C ALA C 56 30.94 32.48 4.19
N ASP C 57 30.06 33.36 4.60
CA ASP C 57 30.39 34.32 5.66
C ASP C 57 30.07 33.73 7.02
N GLY C 58 31.05 33.08 7.63
CA GLY C 58 30.91 32.56 8.97
C GLY C 58 29.84 31.50 9.16
N ILE C 59 30.05 30.33 8.57
CA ILE C 59 29.14 29.21 8.69
C ILE C 59 29.93 28.03 9.25
N ILE C 60 29.36 27.37 10.26
CA ILE C 60 29.89 26.09 10.73
C ILE C 60 29.96 25.04 9.63
N TYR C 61 31.08 24.42 9.52
CA TYR C 61 31.49 23.25 8.78
C TYR C 61 30.84 22.02 9.42
N PRO C 62 30.55 20.98 8.64
CA PRO C 62 30.05 19.74 9.24
C PRO C 62 31.03 19.18 10.25
N GLN C 63 30.63 19.19 11.52
CA GLN C 63 31.52 18.87 12.62
C GLN C 63 31.86 17.39 12.69
N GLY C 64 31.17 16.54 11.96
CA GLY C 64 31.33 15.11 12.14
C GLY C 64 32.18 14.41 11.10
N ARG C 65 32.13 14.86 9.85
CA ARG C 65 32.81 14.19 8.75
C ARG C 65 32.98 15.15 7.59
N THR C 66 33.84 14.80 6.66
CA THR C 66 34.10 15.63 5.49
C THR C 66 33.78 14.89 4.20
N TYR C 67 33.64 15.67 3.13
CA TYR C 67 33.25 15.19 1.81
C TYR C 67 34.23 15.79 0.82
N SER C 68 33.97 15.62 -0.47
CA SER C 68 34.84 16.22 -1.47
C SER C 68 34.11 16.38 -2.79
N ASN C 69 34.16 17.61 -3.32
CA ASN C 69 33.78 17.93 -4.70
C ASN C 69 32.31 17.62 -4.97
N ILE C 70 31.48 17.65 -3.93
CA ILE C 70 30.09 17.22 -4.03
C ILE C 70 29.20 18.19 -3.24
N THR C 71 27.91 18.18 -3.57
CA THR C 71 26.96 19.13 -2.99
C THR C 71 25.93 18.35 -2.19
N ILE C 72 25.77 18.72 -0.92
CA ILE C 72 24.98 17.96 0.04
C ILE C 72 24.11 18.91 0.86
N THR C 73 22.87 18.50 1.11
CA THR C 73 22.03 19.18 2.07
C THR C 73 22.51 18.91 3.49
N TYR C 74 22.17 19.82 4.39
CA TYR C 74 22.57 19.66 5.78
C TYR C 74 21.63 20.46 6.66
N GLN C 75 21.17 19.85 7.74
CA GLN C 75 20.41 20.53 8.77
C GLN C 75 21.37 21.00 9.86
N GLY C 76 21.49 22.31 10.02
CA GLY C 76 22.43 22.84 10.99
C GLY C 76 22.07 24.22 11.50
N LEU C 77 22.89 24.76 12.40
CA LEU C 77 22.66 26.05 13.01
C LEU C 77 23.28 27.13 12.16
N PHE C 78 22.46 28.06 11.69
CA PHE C 78 22.85 29.04 10.69
C PHE C 78 22.30 30.39 11.11
N PRO C 79 22.80 31.47 10.54
CA PRO C 79 22.06 32.73 10.57
C PRO C 79 21.18 32.88 9.34
N TYR C 80 20.15 33.71 9.42
CA TYR C 80 19.37 34.04 8.24
C TYR C 80 20.22 34.84 7.27
N GLN C 81 20.05 34.55 5.98
CA GLN C 81 20.87 35.19 4.96
C GLN C 81 20.47 36.65 4.81
N GLY C 82 21.46 37.53 4.82
CA GLY C 82 21.23 38.95 4.63
C GLY C 82 20.89 39.73 5.87
N ASP C 83 21.10 39.17 7.07
CA ASP C 83 20.85 39.91 8.29
C ASP C 83 21.86 41.04 8.43
N HIS C 84 21.47 42.06 9.19
CA HIS C 84 22.35 43.18 9.43
C HIS C 84 23.10 43.09 10.75
N GLY C 85 22.73 42.15 11.61
CA GLY C 85 23.55 41.79 12.75
C GLY C 85 23.54 42.84 13.85
N ASP C 86 24.47 42.67 14.78
CA ASP C 86 24.59 43.46 16.00
C ASP C 86 25.98 44.08 16.06
N MET C 87 26.36 44.77 14.99
CA MET C 87 27.68 45.38 14.87
C MET C 87 27.94 46.37 16.00
N TYR C 88 29.05 46.18 16.70
CA TYR C 88 29.56 47.12 17.68
C TYR C 88 31.01 47.46 17.34
N VAL C 89 31.62 48.30 18.20
CA VAL C 89 32.99 48.76 18.01
C VAL C 89 33.49 49.28 19.35
N TYR C 90 34.80 49.17 19.57
CA TYR C 90 35.45 49.69 20.77
C TYR C 90 36.27 50.92 20.43
N SER C 91 36.61 51.68 21.47
CA SER C 91 37.41 52.88 21.31
C SER C 91 38.11 53.22 22.63
N ALA C 92 39.14 54.05 22.53
CA ALA C 92 39.88 54.50 23.70
C ALA C 92 39.12 55.58 24.45
N GLY C 93 39.55 55.88 25.68
CA GLY C 93 38.91 56.88 26.51
C GLY C 93 39.47 58.27 26.30
N HIS C 94 39.08 59.18 27.19
CA HIS C 94 39.63 60.52 27.16
C HIS C 94 41.09 60.51 27.59
N ALA C 95 41.84 61.49 27.09
CA ALA C 95 43.24 61.65 27.41
C ALA C 95 43.64 63.07 27.05
N THR C 96 44.61 63.61 27.78
CA THR C 96 45.14 64.93 27.52
C THR C 96 46.66 64.83 27.46
N GLY C 97 47.23 65.05 26.27
CA GLY C 97 48.65 64.87 26.10
C GLY C 97 49.06 63.42 26.31
N THR C 98 49.74 63.16 27.43
CA THR C 98 50.18 61.82 27.79
C THR C 98 49.59 61.34 29.10
N THR C 99 48.45 61.90 29.52
CA THR C 99 47.82 61.52 30.78
C THR C 99 46.47 60.90 30.50
N PRO C 100 46.34 59.58 30.54
CA PRO C 100 45.03 58.95 30.33
C PRO C 100 44.07 59.25 31.48
N GLN C 101 42.79 59.26 31.16
CA GLN C 101 41.74 59.61 32.12
C GLN C 101 40.45 58.87 31.76
N LYS C 102 39.32 59.41 32.22
CA LYS C 102 37.97 58.85 32.10
C LYS C 102 37.70 58.26 30.72
N LEU C 103 37.00 57.13 30.70
CA LEU C 103 36.87 56.28 29.53
C LEU C 103 35.92 56.90 28.50
N PHE C 104 35.71 56.17 27.41
CA PHE C 104 34.82 56.62 26.35
C PHE C 104 34.24 55.40 25.65
N VAL C 105 33.04 54.97 26.07
CA VAL C 105 32.43 53.74 25.61
C VAL C 105 30.93 53.90 25.44
N ALA C 106 30.25 52.81 25.06
CA ALA C 106 28.82 52.75 24.86
C ALA C 106 28.13 52.09 26.07
N ASN C 107 26.85 51.79 25.92
CA ASN C 107 26.07 51.03 26.89
C ASN C 107 25.83 49.61 26.38
N TYR C 108 26.86 49.02 25.77
CA TYR C 108 26.77 47.64 25.30
C TYR C 108 26.48 46.67 26.43
N SER C 109 27.05 46.90 27.61
CA SER C 109 26.71 46.12 28.79
C SER C 109 25.29 46.39 29.28
N GLN C 110 24.63 47.43 28.78
CA GLN C 110 23.25 47.74 29.11
C GLN C 110 22.31 47.23 28.03
N ASP C 111 22.77 46.26 27.25
CA ASP C 111 21.93 45.51 26.33
C ASP C 111 22.17 44.04 26.55
N VAL C 112 21.09 43.28 26.60
CA VAL C 112 21.15 41.83 26.63
C VAL C 112 20.25 41.29 25.54
N LYS C 113 20.66 40.17 24.95
CA LYS C 113 19.85 39.42 24.03
C LYS C 113 19.85 37.96 24.47
N GLN C 114 18.79 37.25 24.13
CA GLN C 114 18.63 35.86 24.53
C GLN C 114 19.58 34.99 23.72
N PHE C 115 20.12 33.95 24.36
CA PHE C 115 21.20 33.16 23.76
C PHE C 115 20.72 32.42 22.52
N ALA C 116 19.55 31.79 22.59
CA ALA C 116 18.93 30.98 21.52
C ALA C 116 19.92 29.87 21.14
N ASN C 117 20.42 29.84 19.90
CA ASN C 117 21.29 28.77 19.45
C ASN C 117 22.70 29.29 19.15
N GLY C 118 23.20 30.22 19.95
CA GLY C 118 24.56 30.68 19.77
C GLY C 118 24.71 31.68 18.65
N PHE C 119 25.96 32.09 18.44
CA PHE C 119 26.23 33.11 17.44
C PHE C 119 27.69 32.99 17.01
N VAL C 120 27.99 33.67 15.90
CA VAL C 120 29.32 33.77 15.35
C VAL C 120 29.64 35.24 15.14
N VAL C 121 30.92 35.59 15.34
CA VAL C 121 31.38 36.96 15.29
C VAL C 121 32.38 37.11 14.15
N ARG C 122 32.18 38.15 13.35
CA ARG C 122 33.17 38.63 12.40
C ARG C 122 34.15 39.56 13.11
N ILE C 123 35.43 39.23 13.03
CA ILE C 123 36.52 39.95 13.67
C ILE C 123 37.53 40.37 12.61
N GLY C 124 37.89 41.65 12.61
CA GLY C 124 38.84 42.17 11.66
C GLY C 124 38.14 42.77 10.47
N ALA C 125 36.81 42.93 10.60
CA ALA C 125 36.01 43.45 9.51
C ALA C 125 36.38 44.88 9.17
N ALA C 126 36.57 45.73 10.17
CA ALA C 126 37.03 47.08 9.91
C ALA C 126 38.54 47.19 9.84
N ALA C 127 39.26 46.16 10.28
CA ALA C 127 40.71 46.23 10.37
C ALA C 127 41.36 46.24 8.99
N ASN C 128 42.69 46.34 9.00
CA ASN C 128 43.54 46.24 7.81
C ASN C 128 43.22 47.35 6.82
N SER C 129 42.75 48.47 7.38
CA SER C 129 42.26 49.63 6.67
C SER C 129 42.30 50.80 7.65
N THR C 130 41.82 51.96 7.22
CA THR C 130 41.80 53.13 8.09
C THR C 130 40.35 53.51 8.37
N GLY C 131 40.19 54.32 9.42
CA GLY C 131 38.89 54.75 9.85
C GLY C 131 39.01 55.74 10.99
N THR C 132 37.88 56.35 11.33
CA THR C 132 37.87 57.47 12.25
C THR C 132 38.21 57.02 13.67
N VAL C 133 38.99 57.85 14.36
CA VAL C 133 39.05 57.77 15.81
C VAL C 133 37.70 58.21 16.35
N ILE C 134 37.15 57.44 17.28
CA ILE C 134 35.77 57.67 17.67
C ILE C 134 35.65 58.91 18.57
N ILE C 135 36.51 59.01 19.58
CA ILE C 135 36.43 60.13 20.51
C ILE C 135 36.85 61.43 19.83
N SER C 136 37.77 61.34 18.88
CA SER C 136 38.14 62.48 18.05
C SER C 136 37.73 62.17 16.62
N PRO C 137 36.47 62.47 16.25
CA PRO C 137 35.96 62.04 14.93
C PRO C 137 36.68 62.65 13.75
N SER C 138 37.33 63.81 13.92
CA SER C 138 38.22 64.33 12.89
C SER C 138 39.43 63.43 12.70
N THR C 139 39.97 62.93 13.80
CA THR C 139 41.15 62.07 13.74
C THR C 139 40.78 60.71 13.15
N SER C 140 41.63 60.22 12.27
CA SER C 140 41.49 58.89 11.70
C SER C 140 42.83 58.17 11.81
N ALA C 141 42.77 56.88 12.08
CA ALA C 141 43.95 56.04 12.19
C ALA C 141 43.71 54.75 11.42
N THR C 142 44.78 54.02 11.16
CA THR C 142 44.67 52.70 10.56
C THR C 142 44.02 51.76 11.55
N ILE C 143 43.00 51.05 11.08
CA ILE C 143 42.23 50.19 11.96
C ILE C 143 42.96 48.87 12.17
N ARG C 144 43.16 48.52 13.44
CA ARG C 144 43.85 47.30 13.83
C ARG C 144 42.83 46.35 14.46
N LYS C 145 43.00 45.06 14.17
CA LYS C 145 42.07 44.04 14.63
C LYS C 145 42.12 43.92 16.15
N ILE C 146 41.01 43.45 16.71
CA ILE C 146 40.89 43.28 18.15
C ILE C 146 39.81 42.23 18.41
N TYR C 147 39.98 41.48 19.48
CA TYR C 147 39.08 40.41 19.85
C TYR C 147 38.12 40.86 20.93
N PRO C 148 36.88 40.35 20.93
CA PRO C 148 35.88 40.83 21.89
C PRO C 148 35.75 39.93 23.11
N ALA C 149 34.97 40.39 24.08
CA ALA C 149 34.75 39.62 25.29
C ALA C 149 33.27 39.35 25.50
N PHE C 150 32.91 38.10 25.75
CA PHE C 150 31.52 37.69 25.84
C PHE C 150 31.29 37.07 27.22
N MET C 151 30.23 37.51 27.90
CA MET C 151 29.89 36.96 29.20
C MET C 151 28.48 36.39 29.12
N LEU C 152 28.35 35.14 29.55
CA LEU C 152 27.12 34.38 29.30
C LEU C 152 26.63 33.79 30.61
N GLY C 153 25.31 33.84 30.81
CA GLY C 153 24.68 33.27 31.99
C GLY C 153 23.20 33.00 31.79
N SER C 154 22.54 32.62 32.88
CA SER C 154 21.14 32.25 32.82
C SER C 154 20.35 33.27 33.62
N SER C 155 20.70 33.53 34.88
CA SER C 155 20.01 34.56 35.66
C SER C 155 20.35 35.94 35.12
N VAL C 156 19.34 36.81 35.08
CA VAL C 156 19.51 38.22 34.73
C VAL C 156 18.87 39.05 35.84
N GLY C 157 19.59 40.09 36.29
CA GLY C 157 19.09 41.04 37.26
C GLY C 157 19.43 42.46 36.89
N ASN C 158 18.78 43.40 37.56
CA ASN C 158 19.04 44.82 37.34
C ASN C 158 19.99 45.36 38.41
N PHE C 159 20.66 46.46 38.09
CA PHE C 159 21.65 46.98 39.03
C PHE C 159 20.99 47.63 40.24
N SER C 160 21.82 48.22 41.10
CA SER C 160 21.30 48.88 42.28
C SER C 160 20.51 50.12 41.89
N ASP C 161 21.03 50.90 40.92
CA ASP C 161 20.31 52.09 40.49
C ASP C 161 19.10 51.76 39.64
N GLY C 162 18.92 50.49 39.26
CA GLY C 162 17.72 50.04 38.57
C GLY C 162 17.94 49.62 37.13
N LYS C 163 19.04 50.02 36.50
CA LYS C 163 19.32 49.60 35.13
C LYS C 163 19.64 48.12 35.13
N MET C 164 19.24 47.42 34.07
CA MET C 164 19.37 45.97 34.01
C MET C 164 20.84 45.58 33.92
N GLY C 165 21.23 44.36 34.25
CA GLY C 165 22.63 44.01 34.02
C GLY C 165 23.32 43.04 34.89
N ARG C 166 22.85 42.95 36.10
CA ARG C 166 23.39 41.93 36.93
C ARG C 166 23.00 40.59 36.35
N PHE C 167 23.63 39.53 36.80
CA PHE C 167 23.27 38.20 36.36
C PHE C 167 23.24 37.46 37.68
N PHE C 168 23.19 36.12 37.71
CA PHE C 168 23.31 35.36 39.00
C PHE C 168 23.79 33.89 38.92
N ASN C 169 24.27 33.30 40.03
CA ASN C 169 24.85 31.94 40.07
C ASN C 169 26.03 31.73 39.09
N HIS C 170 26.42 30.50 38.80
CA HIS C 170 27.59 30.23 37.93
C HIS C 170 27.51 30.81 36.49
N THR C 171 28.54 31.49 35.99
CA THR C 171 28.47 32.15 34.67
C THR C 171 29.83 32.18 34.04
N LEU C 172 29.91 32.54 32.78
CA LEU C 172 31.20 32.43 32.09
C LEU C 172 31.55 33.76 31.43
N VAL C 173 32.84 34.05 31.35
CA VAL C 173 33.32 35.09 30.44
C VAL C 173 34.70 34.70 29.89
N LEU C 174 34.98 35.17 28.68
CA LEU C 174 36.24 35.00 27.96
C LEU C 174 36.93 36.34 27.83
N LEU C 175 38.26 36.36 27.91
CA LEU C 175 39.00 37.60 27.93
C LEU C 175 40.17 37.53 26.96
N PRO C 176 40.28 38.48 26.03
CA PRO C 176 41.46 38.53 25.16
C PRO C 176 42.54 39.40 25.75
N ASP C 177 43.78 38.96 25.54
CA ASP C 177 44.94 39.74 25.97
C ASP C 177 46.12 39.34 25.12
N GLY C 178 47.33 39.71 25.55
CA GLY C 178 48.52 39.45 24.76
C GLY C 178 48.54 40.22 23.47
N CYS C 179 47.82 41.34 23.41
CA CYS C 179 47.65 42.20 22.25
C CYS C 179 47.05 41.40 21.08
N GLY C 180 46.25 40.38 21.40
CA GLY C 180 45.59 39.60 20.37
C GLY C 180 46.03 38.15 20.24
N THR C 181 46.46 37.53 21.35
CA THR C 181 46.76 36.10 21.33
C THR C 181 46.15 35.30 22.47
N LEU C 182 45.91 35.91 23.62
CA LEU C 182 45.59 35.20 24.85
C LEU C 182 44.09 35.12 25.02
N LEU C 183 43.56 33.90 25.06
CA LEU C 183 42.13 33.66 25.24
C LEU C 183 41.96 33.02 26.62
N ARG C 184 41.77 33.84 27.64
CA ARG C 184 41.57 33.35 28.99
C ARG C 184 40.08 33.15 29.23
N ALA C 185 39.67 31.89 29.38
CA ALA C 185 38.25 31.56 29.39
C ALA C 185 37.88 30.92 30.71
N PHE C 186 36.76 31.31 31.27
CA PHE C 186 36.31 30.64 32.48
C PHE C 186 34.84 30.74 32.69
N TYR C 187 34.35 29.94 33.62
CA TYR C 187 32.97 29.94 33.94
C TYR C 187 33.10 29.87 35.39
N CYS C 188 33.20 31.02 36.01
CA CYS C 188 33.23 30.98 37.43
C CYS C 188 32.12 31.80 37.97
N ILE C 189 32.40 32.51 39.04
CA ILE C 189 31.37 33.32 39.64
C ILE C 189 31.94 34.69 39.91
N LEU C 190 31.17 35.71 39.61
CA LEU C 190 31.59 37.08 39.84
C LEU C 190 31.40 37.49 41.27
N GLU C 191 31.96 38.64 41.64
CA GLU C 191 31.73 39.16 42.96
C GLU C 191 31.80 40.67 42.81
N PRO C 192 30.63 41.36 42.71
CA PRO C 192 30.80 42.79 42.44
C PRO C 192 31.54 43.52 43.56
N ARG C 193 32.46 44.39 43.18
CA ARG C 193 33.18 45.24 44.12
C ARG C 193 32.40 46.53 44.37
N SER C 194 32.57 47.08 45.56
CA SER C 194 31.71 48.14 46.07
C SER C 194 32.47 49.44 46.27
N GLY C 195 33.31 49.82 45.30
CA GLY C 195 34.04 51.06 45.40
C GLY C 195 33.53 52.17 44.49
N ASN C 196 34.38 53.15 44.21
CA ASN C 196 33.99 54.25 43.34
C ASN C 196 33.91 53.80 41.90
N HIS C 197 32.79 54.15 41.25
CA HIS C 197 32.46 53.75 39.88
C HIS C 197 32.42 52.24 39.71
N CYS C 198 32.11 51.52 40.79
CA CYS C 198 32.18 50.08 40.83
C CYS C 198 30.77 49.50 40.94
N PRO C 199 30.52 48.28 40.38
CA PRO C 199 29.15 47.76 40.25
C PRO C 199 28.36 47.65 41.55
N ALA C 200 29.00 47.23 42.63
CA ALA C 200 28.34 47.22 43.93
C ALA C 200 28.54 48.52 44.69
N GLY C 201 29.23 49.50 44.09
CA GLY C 201 29.51 50.76 44.75
C GLY C 201 28.80 51.94 44.12
N ASN C 202 29.27 53.12 44.47
CA ASN C 202 28.66 54.37 44.05
C ASN C 202 29.22 54.86 42.73
N SER C 203 28.50 55.79 42.11
CA SER C 203 28.86 56.45 40.85
C SER C 203 29.10 55.45 39.72
N TYR C 204 28.32 54.38 39.70
CA TYR C 204 28.55 53.27 38.78
C TYR C 204 27.75 53.46 37.50
N THR C 205 28.45 53.54 36.38
CA THR C 205 27.79 53.60 35.08
C THR C 205 27.74 52.20 34.46
N SER C 206 28.91 51.64 34.19
CA SER C 206 29.02 50.31 33.59
C SER C 206 30.44 49.83 33.78
N PHE C 207 30.66 48.55 33.48
CA PHE C 207 31.93 47.88 33.74
C PHE C 207 32.60 47.48 32.44
N ALA C 208 33.92 47.53 32.44
CA ALA C 208 34.71 47.30 31.22
C ALA C 208 36.13 46.87 31.55
N THR C 209 37.02 46.98 30.56
CA THR C 209 38.42 46.62 30.73
C THR C 209 39.31 47.54 29.90
N TYR C 210 40.32 48.15 30.52
CA TYR C 210 41.12 49.15 29.84
C TYR C 210 42.31 48.49 29.15
N HIS C 211 43.19 49.32 28.60
CA HIS C 211 44.34 48.83 27.84
C HIS C 211 45.39 49.93 27.85
N THR C 212 46.63 49.59 28.18
CA THR C 212 47.69 50.59 28.11
C THR C 212 48.82 50.04 27.26
N PRO C 213 48.62 49.96 25.94
CA PRO C 213 49.53 49.20 25.07
C PRO C 213 50.93 49.78 24.94
N ALA C 214 51.12 51.05 25.29
CA ALA C 214 52.48 51.58 25.39
C ALA C 214 53.25 50.84 26.49
N THR C 215 52.57 50.57 27.60
CA THR C 215 53.15 49.77 28.66
C THR C 215 52.89 48.28 28.50
N ASP C 216 52.07 47.88 27.52
CA ASP C 216 51.61 46.51 27.42
C ASP C 216 51.98 45.85 26.09
N CYS C 217 51.71 46.51 24.96
CA CYS C 217 51.99 45.91 23.65
C CYS C 217 53.45 46.01 23.23
N SER C 218 54.36 46.30 24.15
CA SER C 218 55.79 46.26 23.83
C SER C 218 56.25 44.82 23.67
N ASP C 219 57.48 44.66 23.18
CA ASP C 219 58.07 43.35 22.93
C ASP C 219 58.17 42.54 24.21
N GLY C 220 57.77 41.27 24.13
CA GLY C 220 57.69 40.43 25.30
C GLY C 220 56.59 40.90 26.23
N ASN C 221 56.78 40.67 27.53
CA ASN C 221 55.84 41.10 28.56
C ASN C 221 54.45 40.64 28.37
N TYR C 222 53.64 41.46 27.72
CA TYR C 222 52.26 41.12 27.49
C TYR C 222 51.67 40.75 28.79
N ASN C 223 51.65 41.71 29.72
CA ASN C 223 51.10 41.53 31.02
C ASN C 223 50.19 40.41 31.05
N ARG C 224 50.68 39.33 31.62
CA ARG C 224 49.90 38.15 31.68
C ARG C 224 48.62 38.55 32.15
N ASN C 225 47.70 38.43 31.26
CA ASN C 225 46.39 38.67 31.65
C ASN C 225 46.12 40.02 32.28
N ALA C 226 46.67 41.10 31.71
CA ALA C 226 46.23 42.37 32.28
C ALA C 226 44.74 42.62 32.10
N SER C 227 44.14 42.04 31.06
CA SER C 227 42.70 42.13 30.90
C SER C 227 41.97 41.48 32.07
N LEU C 228 42.50 40.34 32.52
CA LEU C 228 42.04 39.72 33.76
C LEU C 228 42.19 40.67 34.94
N ASN C 229 43.29 41.41 34.98
CA ASN C 229 43.54 42.33 36.08
C ASN C 229 42.51 43.46 36.08
N SER C 230 42.32 44.09 34.93
CA SER C 230 41.39 45.21 34.85
C SER C 230 39.95 44.75 35.02
N PHE C 231 39.66 43.50 34.63
CA PHE C 231 38.32 42.98 34.84
C PHE C 231 38.09 42.63 36.30
N LYS C 232 39.16 42.27 37.01
CA LYS C 232 39.04 42.01 38.44
C LYS C 232 39.02 43.27 39.27
N GLU C 233 39.18 44.44 38.64
CA GLU C 233 38.97 45.70 39.32
C GLU C 233 37.49 45.93 39.59
N TYR C 234 36.64 45.16 38.91
CA TYR C 234 35.20 45.25 39.07
C TYR C 234 34.61 44.05 39.81
N PHE C 235 35.06 42.84 39.49
CA PHE C 235 34.54 41.61 40.07
C PHE C 235 35.63 40.83 40.78
N ASN C 236 35.19 39.78 41.48
CA ASN C 236 36.03 38.82 42.17
C ASN C 236 35.52 37.42 41.86
N LEU C 237 36.42 36.44 41.90
CA LEU C 237 36.11 35.07 41.49
C LEU C 237 35.77 34.20 42.69
N ARG C 238 34.70 33.40 42.56
CA ARG C 238 34.25 32.52 43.63
C ARG C 238 33.82 31.18 43.03
N ASN C 239 33.85 30.13 43.88
CA ASN C 239 33.28 28.79 43.65
C ASN C 239 33.38 28.25 42.24
N CYS C 240 34.59 28.05 41.75
CA CYS C 240 34.82 28.04 40.31
C CYS C 240 35.19 26.67 39.77
N THR C 241 35.14 26.57 38.43
CA THR C 241 35.37 25.30 37.73
C THR C 241 36.73 25.21 37.04
N PHE C 242 36.97 26.08 36.06
CA PHE C 242 38.15 25.93 35.20
C PHE C 242 38.70 27.30 34.81
N MET C 243 39.82 27.27 34.09
CA MET C 243 40.49 28.49 33.63
C MET C 243 41.42 28.07 32.51
N TYR C 244 41.17 28.53 31.28
CA TYR C 244 41.86 27.98 30.11
C TYR C 244 42.59 29.06 29.33
N THR C 245 43.72 28.66 28.73
CA THR C 245 44.62 29.55 28.01
C THR C 245 44.80 29.06 26.58
N TYR C 246 44.85 30.00 25.63
CA TYR C 246 45.01 29.67 24.22
C TYR C 246 45.83 30.75 23.54
N ASN C 247 46.45 30.41 22.40
CA ASN C 247 47.31 31.30 21.64
C ASN C 247 46.75 31.57 20.26
N ILE C 248 47.04 32.76 19.74
CA ILE C 248 46.72 33.13 18.36
C ILE C 248 47.90 33.90 17.79
N THR C 249 48.52 33.38 16.74
CA THR C 249 49.54 34.15 16.04
C THR C 249 48.90 35.35 15.35
N GLU C 250 49.52 36.51 15.52
CA GLU C 250 48.92 37.76 15.08
C GLU C 250 49.11 37.96 13.57
N ASP C 251 48.15 38.67 12.98
CA ASP C 251 48.20 39.05 11.57
C ASP C 251 47.30 40.27 11.40
N GLU C 252 46.99 40.60 10.16
CA GLU C 252 46.01 41.63 9.87
C GLU C 252 44.92 41.05 8.99
N ILE C 253 44.53 39.82 9.28
CA ILE C 253 43.70 39.02 8.41
C ILE C 253 42.36 38.79 9.07
N LEU C 254 41.28 38.92 8.29
CA LEU C 254 39.92 38.73 8.75
C LEU C 254 39.72 37.33 9.31
N GLU C 255 38.79 37.20 10.26
CA GLU C 255 38.61 35.95 10.97
C GLU C 255 37.19 35.90 11.54
N TRP C 256 36.76 34.70 11.90
CA TRP C 256 35.50 34.50 12.56
C TRP C 256 35.72 33.74 13.86
N PHE C 257 34.72 33.79 14.73
CA PHE C 257 34.72 32.93 15.90
C PHE C 257 33.29 32.56 16.23
N GLY C 258 33.01 31.27 16.33
CA GLY C 258 31.67 30.80 16.63
C GLY C 258 31.62 30.16 18.01
N ILE C 259 30.45 30.27 18.64
CA ILE C 259 30.22 29.57 19.90
C ILE C 259 28.80 29.04 19.90
N THR C 260 28.63 27.84 20.42
CA THR C 260 27.31 27.21 20.43
C THR C 260 27.16 26.34 21.67
N GLN C 261 25.92 25.94 21.92
CA GLN C 261 25.59 25.05 23.02
C GLN C 261 24.83 23.86 22.49
N THR C 262 25.27 22.66 22.87
CA THR C 262 24.72 21.40 22.39
C THR C 262 24.74 20.47 23.60
N ALA C 263 24.13 19.28 23.47
CA ALA C 263 24.09 18.34 24.58
C ALA C 263 25.47 17.90 25.05
N GLN C 264 26.47 17.94 24.15
CA GLN C 264 27.83 17.66 24.57
C GLN C 264 28.39 18.76 25.46
N GLY C 265 27.96 20.00 25.25
CA GLY C 265 28.44 21.11 26.05
C GLY C 265 28.50 22.37 25.20
N VAL C 266 29.35 23.29 25.64
CA VAL C 266 29.65 24.46 24.83
C VAL C 266 30.68 24.05 23.79
N HIS C 267 30.57 24.60 22.58
CA HIS C 267 31.52 24.32 21.53
C HIS C 267 32.04 25.62 20.96
N LEU C 268 33.36 25.75 20.90
CA LEU C 268 34.03 26.97 20.47
C LEU C 268 34.84 26.68 19.21
N PHE C 269 34.68 27.59 18.25
CA PHE C 269 34.80 27.36 16.82
C PHE C 269 35.73 28.42 16.25
N SER C 270 36.86 28.00 15.69
CA SER C 270 37.86 28.97 15.25
C SER C 270 38.39 28.61 13.88
N SER C 271 38.61 29.64 13.06
CA SER C 271 39.34 29.49 11.81
C SER C 271 40.84 29.63 11.99
N ARG C 272 41.28 30.08 13.17
CA ARG C 272 42.71 30.31 13.40
C ARG C 272 43.48 29.00 13.41
N TYR C 273 42.86 27.92 13.89
CA TYR C 273 43.56 26.65 14.01
C TYR C 273 43.95 26.09 12.65
N VAL C 274 43.07 26.19 11.67
CA VAL C 274 43.34 25.60 10.37
C VAL C 274 43.24 26.64 9.25
N ASP C 275 42.07 27.25 9.12
CA ASP C 275 41.71 27.93 7.87
C ASP C 275 42.00 29.43 7.96
N LEU C 276 43.29 29.75 8.04
CA LEU C 276 43.73 31.13 8.16
C LEU C 276 43.38 31.97 6.94
N TYR C 277 43.97 31.65 5.80
CA TYR C 277 43.80 32.44 4.60
C TYR C 277 42.54 32.09 3.84
N GLY C 278 41.78 31.11 4.33
CA GLY C 278 40.45 30.79 3.87
C GLY C 278 39.43 31.38 4.83
N GLY C 279 39.00 30.57 5.79
CA GLY C 279 38.05 31.01 6.79
C GLY C 279 36.83 30.12 6.83
N ASN C 280 36.70 29.38 7.92
CA ASN C 280 35.62 28.44 8.13
C ASN C 280 35.58 28.14 9.62
N MET C 281 34.48 27.55 10.05
CA MET C 281 34.26 27.35 11.47
C MET C 281 34.55 25.89 11.76
N PHE C 282 35.70 25.64 12.39
CA PHE C 282 36.10 24.32 12.85
C PHE C 282 36.15 24.35 14.36
N GLN C 283 35.70 23.27 14.99
CA GLN C 283 35.71 23.22 16.45
C GLN C 283 37.12 23.07 16.98
N PHE C 284 37.47 23.91 17.96
CA PHE C 284 38.71 23.72 18.69
C PHE C 284 38.49 23.49 20.18
N ALA C 285 37.34 23.87 20.73
CA ALA C 285 37.14 23.71 22.16
C ALA C 285 35.78 23.09 22.45
N THR C 286 35.74 22.21 23.44
CA THR C 286 34.50 21.62 23.95
C THR C 286 34.50 21.81 25.46
N LEU C 287 33.56 22.58 25.94
CA LEU C 287 33.49 22.98 27.33
C LEU C 287 32.37 22.24 28.04
N PRO C 288 32.65 21.64 29.18
CA PRO C 288 31.63 20.88 29.90
C PRO C 288 30.65 21.79 30.62
N VAL C 289 29.63 22.27 29.91
CA VAL C 289 28.63 23.12 30.53
C VAL C 289 27.78 22.27 31.48
N TYR C 290 27.11 22.94 32.42
CA TYR C 290 26.12 22.29 33.25
C TYR C 290 24.71 22.59 32.75
N ASP C 291 24.33 23.85 32.67
CA ASP C 291 22.99 24.25 32.30
C ASP C 291 22.95 24.67 30.84
N THR C 292 21.86 24.29 30.18
CA THR C 292 21.55 24.88 28.88
C THR C 292 21.30 26.38 29.08
N ILE C 293 22.11 27.20 28.42
CA ILE C 293 22.20 28.60 28.80
C ILE C 293 21.26 29.42 27.93
N LYS C 294 20.76 30.53 28.48
CA LYS C 294 19.74 31.30 27.80
C LYS C 294 20.06 32.79 27.64
N TYR C 295 21.17 33.29 28.17
CA TYR C 295 21.49 34.69 27.91
C TYR C 295 22.98 34.90 27.68
N TYR C 296 23.28 35.77 26.73
CA TYR C 296 24.65 36.13 26.39
C TYR C 296 24.78 37.66 26.44
N SER C 297 26.02 38.13 26.51
CA SER C 297 26.27 39.56 26.61
C SER C 297 27.66 39.87 26.08
N ILE C 298 27.81 41.10 25.61
CA ILE C 298 29.08 41.61 25.09
C ILE C 298 29.69 42.51 26.17
N ILE C 299 31.00 42.41 26.34
CA ILE C 299 31.69 43.08 27.45
C ILE C 299 32.61 44.15 26.87
N PRO C 300 32.50 45.40 27.32
CA PRO C 300 33.28 46.47 26.70
C PRO C 300 34.77 46.38 27.01
N HIS C 301 35.57 46.72 26.00
CA HIS C 301 37.00 46.92 26.14
C HIS C 301 37.36 48.32 25.71
N SER C 302 38.06 49.05 26.56
CA SER C 302 38.55 50.38 26.25
C SER C 302 40.08 50.38 26.35
N ILE C 303 40.66 51.55 26.12
CA ILE C 303 42.12 51.70 26.05
C ILE C 303 42.50 52.96 26.82
N ARG C 304 43.46 52.82 27.74
CA ARG C 304 44.01 53.98 28.45
C ARG C 304 45.19 54.57 27.67
N SER C 305 44.89 54.97 26.45
CA SER C 305 45.92 55.54 25.58
C SER C 305 46.17 57.00 25.95
N ILE C 306 47.24 57.55 25.36
CA ILE C 306 47.51 58.97 25.44
C ILE C 306 46.66 59.66 24.38
N GLN C 307 46.61 60.99 24.43
CA GLN C 307 45.80 61.74 23.48
C GLN C 307 46.27 61.55 22.05
N SER C 308 47.59 61.66 21.82
CA SER C 308 48.10 61.67 20.46
C SER C 308 48.12 60.27 19.83
N ASP C 309 48.56 59.26 20.57
CA ASP C 309 48.88 57.95 19.99
C ASP C 309 47.77 56.93 20.19
N ARG C 310 46.52 57.34 20.13
CA ARG C 310 45.44 56.38 20.01
C ARG C 310 45.51 55.70 18.64
N LYS C 311 44.90 54.53 18.55
CA LYS C 311 44.85 53.81 17.30
C LYS C 311 43.41 53.37 17.01
N ALA C 312 43.04 53.36 15.73
CA ALA C 312 41.71 52.92 15.35
C ALA C 312 41.55 51.42 15.56
N TRP C 313 40.41 51.02 16.10
CA TRP C 313 40.16 49.63 16.47
C TRP C 313 39.00 49.06 15.67
N ALA C 314 38.93 47.74 15.66
CA ALA C 314 38.06 47.01 14.75
C ALA C 314 36.59 47.16 15.13
N ALA C 315 35.74 47.25 14.11
CA ALA C 315 34.31 47.19 14.25
C ALA C 315 33.86 45.79 13.86
N PHE C 316 33.30 45.06 14.81
CA PHE C 316 33.03 43.64 14.67
C PHE C 316 31.54 43.40 14.49
N TYR C 317 31.21 42.19 14.03
CA TYR C 317 29.82 41.88 13.67
C TYR C 317 29.34 40.63 14.40
N VAL C 318 28.10 40.67 14.88
CA VAL C 318 27.51 39.59 15.66
C VAL C 318 26.35 39.01 14.86
N TYR C 319 26.30 37.69 14.74
CA TYR C 319 25.20 37.06 14.00
C TYR C 319 24.78 35.77 14.70
N LYS C 320 23.51 35.72 15.13
CA LYS C 320 22.95 34.61 15.88
C LYS C 320 22.70 33.41 14.98
N LEU C 321 22.52 32.26 15.61
CA LEU C 321 22.30 30.99 14.89
C LEU C 321 20.99 30.37 15.33
N GLN C 322 20.50 29.46 14.49
CA GLN C 322 19.16 28.90 14.60
C GLN C 322 19.07 27.71 13.64
N PRO C 323 18.21 26.73 13.91
CA PRO C 323 18.22 25.49 13.11
C PRO C 323 17.53 25.66 11.76
N LEU C 324 18.32 25.70 10.68
CA LEU C 324 17.79 25.66 9.32
C LEU C 324 18.46 24.57 8.48
N THR C 325 18.21 24.60 7.18
CA THR C 325 18.78 23.65 6.24
C THR C 325 19.50 24.39 5.13
N PHE C 326 20.72 23.97 4.84
CA PHE C 326 21.57 24.58 3.83
C PHE C 326 21.96 23.53 2.80
N LEU C 327 22.50 24.02 1.68
CA LEU C 327 23.16 23.18 0.69
C LEU C 327 24.61 23.63 0.60
N LEU C 328 25.52 22.66 0.61
CA LEU C 328 26.95 22.93 0.73
C LEU C 328 27.68 22.29 -0.45
N ASP C 329 28.65 23.01 -1.00
CA ASP C 329 29.47 22.51 -2.11
C ASP C 329 30.89 22.33 -1.58
N PHE C 330 31.28 21.08 -1.37
CA PHE C 330 32.63 20.77 -0.93
C PHE C 330 33.52 20.60 -2.15
N SER C 331 34.65 21.30 -2.14
CA SER C 331 35.59 21.27 -3.24
C SER C 331 36.46 20.02 -3.12
N VAL C 332 37.54 19.97 -3.90
CA VAL C 332 38.44 18.82 -3.85
C VAL C 332 39.13 18.75 -2.49
N ASP C 333 39.64 19.88 -2.02
CA ASP C 333 40.18 19.95 -0.67
C ASP C 333 39.08 19.94 0.38
N GLY C 334 37.85 20.26 -0.02
CA GLY C 334 36.75 20.31 0.91
C GLY C 334 36.50 21.65 1.55
N TYR C 335 37.26 22.69 1.19
CA TYR C 335 36.98 24.02 1.71
C TYR C 335 35.64 24.53 1.20
N ILE C 336 34.88 25.12 2.11
CA ILE C 336 33.57 25.65 1.79
C ILE C 336 33.76 26.98 1.08
N ARG C 337 33.44 27.02 -0.20
CA ARG C 337 33.39 28.25 -0.95
C ARG C 337 32.03 28.54 -1.54
N ARG C 338 31.15 27.53 -1.63
CA ARG C 338 29.80 27.73 -2.12
C ARG C 338 28.83 27.07 -1.15
N ALA C 339 27.84 27.83 -0.68
CA ALA C 339 26.80 27.31 0.18
C ALA C 339 25.60 28.23 0.07
N ILE C 340 24.41 27.65 0.21
CA ILE C 340 23.17 28.38 0.01
C ILE C 340 22.10 27.94 1.02
N ASP C 341 21.10 28.81 1.16
CA ASP C 341 19.98 28.66 2.07
C ASP C 341 18.84 27.92 1.39
N CYS C 342 17.91 27.43 2.20
CA CYS C 342 16.61 26.98 1.72
C CYS C 342 15.52 28.03 1.89
N GLY C 343 15.61 28.87 2.91
CA GLY C 343 14.53 29.79 3.22
C GLY C 343 14.92 31.26 3.16
N PHE C 344 15.70 31.64 2.15
CA PHE C 344 16.08 33.04 1.97
C PHE C 344 15.17 33.74 0.98
N ASN C 345 15.06 33.22 -0.23
CA ASN C 345 14.22 33.80 -1.26
C ASN C 345 13.61 32.65 -2.06
N ASP C 346 13.00 33.00 -3.20
CA ASP C 346 12.47 32.00 -4.11
C ASP C 346 13.57 31.09 -4.65
N LEU C 347 14.70 31.68 -5.03
CA LEU C 347 15.80 30.92 -5.61
C LEU C 347 16.36 29.90 -4.64
N SER C 348 16.23 30.15 -3.33
CA SER C 348 16.70 29.20 -2.33
C SER C 348 15.96 27.87 -2.43
N GLN C 349 14.63 27.92 -2.41
CA GLN C 349 13.85 26.70 -2.55
C GLN C 349 13.95 26.14 -3.96
N LEU C 350 14.15 27.00 -4.95
CA LEU C 350 14.36 26.51 -6.31
C LEU C 350 15.62 25.67 -6.40
N HIS C 351 16.70 26.14 -5.80
CA HIS C 351 17.96 25.39 -5.82
C HIS C 351 17.86 24.15 -4.95
N CYS C 352 17.10 24.22 -3.86
CA CYS C 352 16.95 23.04 -3.00
C CYS C 352 16.11 21.96 -3.64
N SER C 353 15.34 22.28 -4.67
CA SER C 353 14.47 21.33 -5.33
C SER C 353 15.18 20.51 -6.39
N TYR C 354 16.45 20.76 -6.64
CA TYR C 354 17.17 20.06 -7.69
C TYR C 354 18.53 19.55 -7.28
N GLU C 355 19.00 19.86 -6.06
CA GLU C 355 20.31 19.48 -5.55
C GLU C 355 21.41 19.99 -6.48
N SER C 356 21.38 21.31 -6.70
CA SER C 356 22.34 21.92 -7.61
C SER C 356 22.40 23.41 -7.37
N PHE C 357 23.60 23.97 -7.57
CA PHE C 357 23.73 25.41 -7.68
C PHE C 357 23.26 25.90 -9.03
N ASP C 358 23.41 25.08 -10.07
CA ASP C 358 23.01 25.42 -11.42
C ASP C 358 21.71 24.69 -11.73
N VAL C 359 20.64 25.46 -11.92
CA VAL C 359 19.31 24.88 -12.05
C VAL C 359 18.84 24.99 -13.48
N GLU C 360 17.65 24.47 -13.76
CA GLU C 360 17.02 24.68 -15.05
C GLU C 360 16.07 25.87 -14.96
N SER C 361 16.16 26.76 -15.94
CA SER C 361 15.27 27.90 -16.03
C SER C 361 13.83 27.44 -16.25
N GLY C 362 12.87 28.25 -15.80
CA GLY C 362 11.50 27.91 -16.11
C GLY C 362 10.52 28.43 -15.09
N VAL C 363 9.26 28.52 -15.53
CA VAL C 363 8.16 28.94 -14.69
C VAL C 363 7.87 27.83 -13.70
N TYR C 364 8.28 28.01 -12.45
CA TYR C 364 8.12 26.98 -11.44
C TYR C 364 7.17 27.48 -10.37
N SER C 365 6.27 26.59 -9.94
CA SER C 365 5.38 26.91 -8.85
C SER C 365 6.16 26.98 -7.54
N VAL C 366 5.87 28.00 -6.74
CA VAL C 366 6.56 28.20 -5.48
C VAL C 366 5.51 28.20 -4.37
N SER C 367 5.96 27.90 -3.16
CA SER C 367 5.08 27.88 -1.99
C SER C 367 4.52 29.27 -1.74
N SER C 368 3.22 29.42 -1.98
CA SER C 368 2.57 30.71 -1.84
C SER C 368 2.39 31.07 -0.37
N PHE C 369 2.22 32.37 -0.12
CA PHE C 369 2.06 32.88 1.22
C PHE C 369 0.60 33.26 1.46
N GLU C 370 0.33 33.77 2.66
CA GLU C 370 -1.03 34.00 3.14
C GLU C 370 -1.16 35.41 3.68
N ALA C 371 -2.26 36.07 3.31
CA ALA C 371 -2.59 37.36 3.88
C ALA C 371 -2.89 37.22 5.37
N LYS C 372 -2.51 38.25 6.12
CA LYS C 372 -2.68 38.22 7.57
C LYS C 372 -4.16 38.33 7.94
N PRO C 373 -4.54 37.81 9.11
CA PRO C 373 -5.93 37.94 9.56
C PRO C 373 -6.32 39.39 9.82
N SER C 374 -7.58 39.70 9.56
CA SER C 374 -8.08 41.05 9.70
C SER C 374 -8.66 41.33 11.08
N GLY C 375 -8.71 40.34 11.94
CA GLY C 375 -9.33 40.46 13.25
C GLY C 375 -10.02 39.17 13.60
N SER C 376 -11.04 39.26 14.45
CA SER C 376 -11.79 38.07 14.83
C SER C 376 -13.19 38.48 15.28
N VAL C 377 -14.13 37.56 15.15
CA VAL C 377 -15.50 37.76 15.58
C VAL C 377 -15.89 36.63 16.52
N VAL C 378 -16.42 36.99 17.69
CA VAL C 378 -16.96 36.04 18.65
C VAL C 378 -18.40 36.49 18.91
N GLU C 379 -19.35 35.93 18.16
CA GLU C 379 -20.74 36.32 18.30
C GLU C 379 -21.60 35.08 18.37
N GLN C 380 -22.31 34.92 19.49
CA GLN C 380 -23.28 33.87 19.75
C GLN C 380 -23.98 34.22 21.06
N ALA C 381 -25.24 33.82 21.18
CA ALA C 381 -25.95 34.03 22.43
C ALA C 381 -25.40 33.10 23.51
N GLU C 382 -25.15 33.65 24.69
CA GLU C 382 -24.61 32.90 25.83
C GLU C 382 -25.59 32.96 26.99
N GLY C 383 -25.82 31.81 27.61
CA GLY C 383 -26.70 31.70 28.75
C GLY C 383 -26.01 32.04 30.07
N VAL C 384 -26.67 31.64 31.15
CA VAL C 384 -26.20 31.96 32.49
C VAL C 384 -25.17 30.91 32.89
N GLU C 385 -24.37 31.25 33.90
CA GLU C 385 -23.38 30.31 34.43
C GLU C 385 -24.06 29.12 35.07
N CYS C 386 -23.52 27.93 34.80
CA CYS C 386 -23.93 26.73 35.51
C CYS C 386 -23.11 26.59 36.79
N ASP C 387 -23.79 26.66 37.93
CA ASP C 387 -23.12 26.72 39.22
C ASP C 387 -22.46 25.39 39.56
N PHE C 388 -21.48 25.47 40.46
CA PHE C 388 -20.69 24.31 40.86
C PHE C 388 -20.79 24.03 42.35
N SER C 389 -21.62 24.77 43.08
CA SER C 389 -21.82 24.60 44.51
C SER C 389 -22.32 23.21 44.94
N PRO C 390 -23.21 22.51 44.20
CA PRO C 390 -23.55 21.13 44.59
C PRO C 390 -22.37 20.17 44.66
N LEU C 391 -21.29 20.42 43.90
CA LEU C 391 -20.08 19.62 44.05
C LEU C 391 -19.49 19.80 45.46
N LEU C 392 -19.45 21.03 45.95
CA LEU C 392 -18.98 21.31 47.30
C LEU C 392 -20.06 21.15 48.34
N SER C 393 -21.29 20.85 47.93
CA SER C 393 -22.39 20.64 48.86
C SER C 393 -22.58 19.15 49.08
N GLY C 394 -22.49 18.72 50.33
CA GLY C 394 -22.71 17.34 50.69
C GLY C 394 -21.47 16.47 50.50
N THR C 395 -21.58 15.25 51.01
CA THR C 395 -20.48 14.30 50.95
C THR C 395 -20.29 13.81 49.53
N PRO C 396 -19.08 13.86 48.99
CA PRO C 396 -18.78 13.14 47.74
C PRO C 396 -19.02 11.65 47.92
N PRO C 397 -19.79 11.04 47.05
CA PRO C 397 -20.29 9.69 47.30
C PRO C 397 -19.26 8.59 47.09
N GLN C 398 -19.73 7.34 47.18
CA GLN C 398 -18.85 6.20 47.04
C GLN C 398 -18.40 6.04 45.59
N VAL C 399 -17.33 5.25 45.40
CA VAL C 399 -16.75 5.06 44.08
C VAL C 399 -17.70 4.27 43.17
N TYR C 400 -18.52 3.40 43.76
CA TYR C 400 -19.58 2.74 43.01
C TYR C 400 -20.88 3.53 43.03
N ASN C 401 -20.86 4.74 43.60
CA ASN C 401 -22.04 5.58 43.69
C ASN C 401 -21.75 7.02 43.28
N PHE C 402 -20.73 7.24 42.43
CA PHE C 402 -20.26 8.59 42.14
C PHE C 402 -21.33 9.43 41.46
N LYS C 403 -21.44 10.69 41.88
CA LYS C 403 -22.53 11.56 41.46
C LYS C 403 -22.08 12.47 40.33
N ARG C 404 -22.79 12.39 39.20
CA ARG C 404 -22.47 13.19 38.03
C ARG C 404 -23.07 14.59 38.14
N LEU C 405 -22.52 15.50 37.34
CA LEU C 405 -23.05 16.85 37.19
C LEU C 405 -22.98 17.19 35.70
N VAL C 406 -24.13 17.33 35.08
CA VAL C 406 -24.22 17.62 33.66
C VAL C 406 -24.13 19.13 33.47
N PHE C 407 -23.47 19.56 32.40
CA PHE C 407 -23.32 20.97 32.08
C PHE C 407 -23.49 21.14 30.58
N THR C 408 -24.59 21.78 30.20
CA THR C 408 -24.88 22.07 28.80
C THR C 408 -25.52 23.44 28.73
N ASN C 409 -25.03 24.25 27.78
CA ASN C 409 -25.52 25.62 27.54
C ASN C 409 -25.38 26.48 28.79
N CYS C 410 -24.14 26.67 29.23
CA CYS C 410 -23.89 27.44 30.44
C CYS C 410 -22.54 28.14 30.31
N ASN C 411 -22.10 28.74 31.42
CA ASN C 411 -20.83 29.43 31.50
C ASN C 411 -20.07 28.92 32.72
N TYR C 412 -18.79 29.26 32.81
CA TYR C 412 -17.95 28.79 33.90
C TYR C 412 -16.78 29.73 34.11
N ASN C 413 -16.47 29.99 35.39
CA ASN C 413 -15.28 30.73 35.78
C ASN C 413 -14.46 29.80 36.67
N LEU C 414 -13.42 29.20 36.11
CA LEU C 414 -12.64 28.20 36.83
C LEU C 414 -11.77 28.80 37.93
N THR C 415 -11.65 30.12 37.99
CA THR C 415 -10.79 30.76 38.97
C THR C 415 -11.32 30.60 40.40
N LYS C 416 -12.60 30.36 40.57
CA LYS C 416 -13.20 30.32 41.89
C LYS C 416 -13.19 28.94 42.53
N LEU C 417 -12.64 27.93 41.86
CA LEU C 417 -12.75 26.60 42.43
C LEU C 417 -11.42 25.87 42.58
N LEU C 418 -10.50 26.01 41.62
CA LEU C 418 -9.28 25.20 41.65
C LEU C 418 -8.26 25.74 42.64
N SER C 419 -8.26 27.06 42.89
CA SER C 419 -7.38 27.62 43.90
C SER C 419 -7.80 27.24 45.31
N LEU C 420 -9.06 26.84 45.50
CA LEU C 420 -9.56 26.37 46.78
C LEU C 420 -9.68 24.85 46.85
N PHE C 421 -9.10 24.14 45.89
CA PHE C 421 -9.01 22.68 45.95
C PHE C 421 -7.58 22.29 46.29
N SER C 422 -7.42 21.47 47.33
CA SER C 422 -6.11 20.96 47.75
C SER C 422 -5.74 19.76 46.88
N VAL C 423 -5.41 20.06 45.63
CA VAL C 423 -5.24 19.02 44.62
C VAL C 423 -3.91 18.31 44.84
N ASN C 424 -3.97 16.98 45.00
CA ASN C 424 -2.79 16.15 45.03
C ASN C 424 -2.51 15.44 43.71
N ASP C 425 -3.45 15.50 42.76
CA ASP C 425 -3.23 14.84 41.47
C ASP C 425 -4.09 15.55 40.43
N PHE C 426 -3.45 16.19 39.44
CA PHE C 426 -4.16 16.87 38.36
C PHE C 426 -3.68 16.31 37.02
N THR C 427 -4.48 15.41 36.43
CA THR C 427 -4.13 14.84 35.13
C THR C 427 -5.30 15.02 34.18
N CYS C 428 -4.99 14.98 32.89
CA CYS C 428 -6.03 15.06 31.86
C CYS C 428 -5.63 14.15 30.70
N SER C 429 -6.43 13.12 30.49
CA SER C 429 -6.22 12.18 29.40
C SER C 429 -6.87 12.70 28.13
N GLN C 430 -6.19 12.49 27.00
CA GLN C 430 -6.59 12.87 25.65
C GLN C 430 -6.75 14.38 25.48
N ILE C 431 -6.20 15.17 26.40
CA ILE C 431 -6.34 16.62 26.35
C ILE C 431 -5.28 17.23 27.27
N SER C 432 -4.92 18.48 26.99
CA SER C 432 -3.93 19.19 27.80
C SER C 432 -4.56 19.65 29.10
N PRO C 433 -3.95 19.33 30.26
CA PRO C 433 -4.56 19.70 31.55
C PRO C 433 -4.63 21.19 31.81
N ALA C 434 -3.85 22.01 31.12
CA ALA C 434 -3.87 23.44 31.39
C ALA C 434 -5.00 24.14 30.63
N ALA C 435 -5.12 23.87 29.33
CA ALA C 435 -6.02 24.62 28.47
C ALA C 435 -7.43 24.03 28.43
N ILE C 436 -7.80 23.20 29.41
CA ILE C 436 -9.16 22.67 29.46
C ILE C 436 -10.17 23.76 29.74
N ALA C 437 -9.81 24.74 30.57
CA ALA C 437 -10.70 25.86 30.82
C ALA C 437 -10.77 26.84 29.65
N SER C 438 -9.86 26.71 28.68
CA SER C 438 -9.80 27.66 27.57
C SER C 438 -10.87 27.39 26.53
N ASN C 439 -10.85 26.19 25.94
CA ASN C 439 -11.71 25.91 24.80
C ASN C 439 -13.16 25.73 25.21
N CYS C 440 -14.06 25.94 24.25
CA CYS C 440 -15.49 25.72 24.42
C CYS C 440 -15.90 24.38 23.81
N TYR C 441 -16.95 23.80 24.38
CA TYR C 441 -17.33 22.42 24.10
C TYR C 441 -18.82 22.35 23.79
N SER C 442 -19.25 21.19 23.29
CA SER C 442 -20.68 20.95 23.15
C SER C 442 -21.29 20.66 24.52
N SER C 443 -20.63 19.85 25.34
CA SER C 443 -21.19 19.54 26.66
C SER C 443 -20.07 19.17 27.61
N LEU C 444 -20.44 19.01 28.88
CA LEU C 444 -19.49 18.65 29.92
C LEU C 444 -20.19 17.77 30.96
N ILE C 445 -19.45 16.79 31.49
CA ILE C 445 -19.86 16.07 32.68
C ILE C 445 -18.74 16.19 33.71
N LEU C 446 -19.14 16.32 34.97
CA LEU C 446 -18.20 16.39 36.08
C LEU C 446 -18.79 15.54 37.20
N ASP C 447 -18.23 14.35 37.40
CA ASP C 447 -18.72 13.41 38.41
C ASP C 447 -17.75 13.35 39.58
N TYR C 448 -18.27 13.51 40.79
CA TYR C 448 -17.47 13.55 41.99
C TYR C 448 -17.76 12.33 42.87
N PHE C 449 -16.75 11.97 43.66
CA PHE C 449 -16.83 10.79 44.50
C PHE C 449 -15.82 10.90 45.63
N SER C 450 -15.99 10.05 46.64
CA SER C 450 -14.99 9.89 47.69
C SER C 450 -13.96 8.86 47.24
N TYR C 451 -12.69 9.23 47.36
CA TYR C 451 -11.65 8.38 46.81
C TYR C 451 -10.30 8.63 47.49
N PRO C 452 -9.89 7.76 48.41
CA PRO C 452 -8.58 7.93 49.05
C PRO C 452 -7.45 7.63 48.08
N LEU C 453 -6.27 8.12 48.44
CA LEU C 453 -5.09 8.00 47.59
C LEU C 453 -4.52 6.59 47.56
N SER C 454 -5.02 5.69 48.41
CA SER C 454 -4.46 4.35 48.49
C SER C 454 -4.70 3.54 47.23
N MET C 455 -5.84 3.73 46.57
CA MET C 455 -6.10 3.13 45.27
C MET C 455 -6.23 4.21 44.17
N LYS C 456 -5.41 5.26 44.29
CA LYS C 456 -5.35 6.31 43.27
C LYS C 456 -4.96 5.75 41.91
N SER C 457 -4.02 4.81 41.87
CA SER C 457 -3.59 4.20 40.62
C SER C 457 -4.68 3.36 39.96
N ASP C 458 -5.76 3.04 40.68
CA ASP C 458 -6.90 2.37 40.09
C ASP C 458 -7.80 3.32 39.31
N LEU C 459 -7.50 4.62 39.29
CA LEU C 459 -8.28 5.59 38.53
C LEU C 459 -7.83 5.71 37.08
N SER C 460 -6.85 4.92 36.66
CA SER C 460 -6.33 5.01 35.30
C SER C 460 -7.36 4.50 34.29
N VAL C 461 -7.08 4.78 33.02
CA VAL C 461 -8.02 4.44 31.95
C VAL C 461 -8.15 2.94 31.80
N SER C 462 -7.02 2.23 31.80
CA SER C 462 -6.98 0.78 31.60
C SER C 462 -6.59 0.05 32.87
N SER C 463 -7.10 0.48 34.02
CA SER C 463 -6.75 -0.14 35.29
C SER C 463 -7.38 -1.53 35.41
N ALA C 464 -6.70 -2.39 36.17
CA ALA C 464 -7.13 -3.77 36.38
C ALA C 464 -7.61 -4.03 37.80
N GLY C 465 -7.85 -3.00 38.59
CA GLY C 465 -8.39 -3.16 39.91
C GLY C 465 -9.91 -3.14 39.92
N PRO C 466 -10.52 -3.27 41.10
CA PRO C 466 -11.99 -3.31 41.17
C PRO C 466 -12.67 -2.02 40.74
N ILE C 467 -11.96 -0.89 40.77
CA ILE C 467 -12.56 0.39 40.42
C ILE C 467 -12.93 0.41 38.93
N SER C 468 -12.00 -0.03 38.08
CA SER C 468 -12.21 0.02 36.64
C SER C 468 -13.00 -1.17 36.11
N GLN C 469 -13.34 -2.14 36.96
CA GLN C 469 -14.22 -3.24 36.53
C GLN C 469 -15.62 -3.19 37.12
N PHE C 470 -15.81 -2.58 38.29
CA PHE C 470 -17.15 -2.51 38.84
C PHE C 470 -17.49 -1.20 39.54
N ASN C 471 -16.60 -0.21 39.56
CA ASN C 471 -16.90 1.05 40.23
C ASN C 471 -16.83 2.25 39.30
N TYR C 472 -15.73 2.44 38.57
CA TYR C 472 -15.51 3.67 37.82
C TYR C 472 -14.55 3.39 36.68
N LYS C 473 -15.04 3.52 35.45
CA LYS C 473 -14.22 3.39 34.25
C LYS C 473 -14.39 4.63 33.38
N GLN C 474 -13.28 5.11 32.81
CA GLN C 474 -13.29 6.34 32.04
C GLN C 474 -13.88 6.12 30.64
N SER C 475 -13.87 7.17 29.83
CA SER C 475 -14.53 7.18 28.53
C SER C 475 -13.50 7.02 27.42
N PHE C 476 -13.78 6.12 26.48
CA PHE C 476 -12.87 5.91 25.34
C PHE C 476 -12.88 7.10 24.39
N SER C 477 -14.06 7.56 24.00
CA SER C 477 -14.21 8.47 22.87
C SER C 477 -14.12 9.94 23.26
N ASN C 478 -14.00 10.25 24.54
CA ASN C 478 -13.96 11.64 24.96
C ASN C 478 -12.79 11.87 25.91
N PRO C 479 -12.17 13.04 25.85
CA PRO C 479 -11.06 13.33 26.77
C PRO C 479 -11.53 13.49 28.20
N THR C 480 -10.75 12.97 29.13
CA THR C 480 -11.11 12.97 30.53
C THR C 480 -10.11 13.79 31.32
N CYS C 481 -10.46 14.09 32.57
CA CYS C 481 -9.63 14.93 33.43
C CYS C 481 -9.87 14.51 34.88
N LEU C 482 -8.85 13.94 35.49
CA LEU C 482 -8.92 13.54 36.89
C LEU C 482 -8.35 14.64 37.77
N ILE C 483 -9.12 15.03 38.78
CA ILE C 483 -8.69 15.97 39.81
C ILE C 483 -8.87 15.26 41.15
N LEU C 484 -7.78 14.71 41.70
CA LEU C 484 -7.78 14.14 43.04
C LEU C 484 -7.31 15.23 44.00
N ALA C 485 -8.21 15.69 44.87
CA ALA C 485 -7.98 16.79 45.77
C ALA C 485 -8.28 16.37 47.20
N THR C 486 -8.05 17.29 48.14
CA THR C 486 -8.28 17.07 49.56
C THR C 486 -9.26 18.13 50.04
N VAL C 487 -10.03 17.78 51.08
CA VAL C 487 -10.95 18.75 51.68
C VAL C 487 -10.14 19.84 52.36
N PRO C 488 -10.35 21.11 52.03
CA PRO C 488 -9.61 22.18 52.69
C PRO C 488 -10.00 22.31 54.16
N HIS C 489 -9.03 22.75 54.97
CA HIS C 489 -9.32 22.98 56.38
C HIS C 489 -10.18 24.20 56.59
N ASN C 490 -10.02 25.22 55.75
CA ASN C 490 -10.81 26.45 55.84
C ASN C 490 -12.09 26.33 55.01
N LEU C 491 -12.85 25.26 55.23
CA LEU C 491 -14.03 24.96 54.43
C LEU C 491 -14.85 23.93 55.17
N THR C 492 -16.17 24.15 55.25
CA THR C 492 -17.07 23.25 55.97
C THR C 492 -18.31 22.85 55.19
N THR C 493 -18.52 23.40 54.00
CA THR C 493 -19.71 23.08 53.22
C THR C 493 -19.68 21.68 52.62
N ILE C 494 -18.50 21.09 52.46
CA ILE C 494 -18.37 19.72 52.00
C ILE C 494 -18.08 18.84 53.20
N THR C 495 -18.57 17.60 53.15
CA THR C 495 -18.45 16.66 54.26
C THR C 495 -17.80 15.38 53.78
N LYS C 496 -17.48 14.51 54.74
CA LYS C 496 -16.79 13.26 54.53
C LYS C 496 -17.73 12.08 54.76
N PRO C 497 -17.54 10.97 54.05
CA PRO C 497 -18.36 9.78 54.31
C PRO C 497 -17.91 9.07 55.59
N LEU C 498 -18.69 8.06 55.98
CA LEU C 498 -18.38 7.29 57.17
C LEU C 498 -17.09 6.50 57.00
N LYS C 499 -16.98 5.76 55.92
CA LYS C 499 -15.77 5.05 55.53
C LYS C 499 -15.89 4.69 54.06
N TYR C 500 -14.74 4.54 53.40
CA TYR C 500 -14.75 4.20 51.98
C TYR C 500 -15.21 2.77 51.78
N SER C 501 -15.80 2.50 50.62
CA SER C 501 -16.30 1.16 50.35
C SER C 501 -16.41 0.95 48.83
N TYR C 502 -16.24 -0.31 48.42
CA TYR C 502 -16.40 -0.70 47.03
C TYR C 502 -16.79 -2.17 46.99
N ILE C 503 -16.76 -2.77 45.80
CA ILE C 503 -17.18 -4.15 45.57
C ILE C 503 -15.97 -4.96 45.15
N ASN C 504 -15.76 -6.11 45.80
CA ASN C 504 -14.65 -6.97 45.40
C ASN C 504 -15.08 -8.20 44.62
N LYS C 505 -16.38 -8.41 44.43
CA LYS C 505 -16.88 -9.56 43.69
C LYS C 505 -18.28 -9.24 43.17
N CYS C 506 -18.48 -9.40 41.86
CA CYS C 506 -19.77 -9.13 41.26
C CYS C 506 -19.91 -9.91 39.97
N SER C 507 -20.97 -10.72 39.87
CA SER C 507 -21.30 -11.47 38.68
C SER C 507 -22.76 -11.90 38.80
N ARG C 508 -23.28 -12.52 37.75
CA ARG C 508 -24.67 -12.98 37.75
C ARG C 508 -24.70 -14.51 37.74
N LEU C 509 -25.73 -15.06 38.38
CA LEU C 509 -25.98 -16.49 38.37
C LEU C 509 -27.38 -16.74 37.86
N LEU C 510 -27.53 -17.74 36.99
CA LEU C 510 -28.80 -18.06 36.38
C LEU C 510 -29.53 -19.13 37.20
N SER C 511 -30.60 -19.69 36.63
CA SER C 511 -31.43 -20.64 37.37
C SER C 511 -30.79 -22.02 37.47
N ASP C 512 -29.92 -22.39 36.52
CA ASP C 512 -29.26 -23.70 36.61
C ASP C 512 -28.25 -23.73 37.75
N ASP C 513 -27.67 -22.57 38.08
CA ASP C 513 -26.75 -22.40 39.22
C ASP C 513 -25.56 -23.35 39.15
N ARG C 514 -24.92 -23.39 37.99
CA ARG C 514 -23.58 -23.95 37.85
C ARG C 514 -22.65 -23.09 37.02
N THR C 515 -23.17 -22.14 36.24
CA THR C 515 -22.39 -21.35 35.29
C THR C 515 -22.57 -19.87 35.60
N GLU C 516 -21.48 -19.11 35.53
CA GLU C 516 -21.43 -17.72 35.94
C GLU C 516 -21.52 -16.81 34.71
N VAL C 517 -22.42 -15.83 34.76
CA VAL C 517 -22.58 -14.85 33.70
C VAL C 517 -21.75 -13.62 34.07
N PRO C 518 -20.83 -13.18 33.22
CA PRO C 518 -19.95 -12.06 33.57
C PRO C 518 -20.64 -10.71 33.53
N GLN C 519 -20.19 -9.82 34.40
CA GLN C 519 -20.65 -8.44 34.47
C GLN C 519 -19.45 -7.51 34.29
N LEU C 520 -19.65 -6.43 33.53
CA LEU C 520 -18.59 -5.46 33.25
C LEU C 520 -19.15 -4.06 33.36
N VAL C 521 -18.36 -3.13 33.91
CA VAL C 521 -18.77 -1.74 33.99
C VAL C 521 -18.50 -1.09 32.64
N ASN C 522 -19.28 -0.09 32.29
CA ASN C 522 -19.04 0.72 31.12
C ASN C 522 -18.43 2.06 31.55
N ALA C 523 -18.34 3.00 30.61
CA ALA C 523 -17.68 4.28 30.82
C ALA C 523 -18.47 5.11 31.83
N ASN C 524 -17.96 5.16 33.07
CA ASN C 524 -18.60 5.83 34.20
C ASN C 524 -20.03 5.33 34.41
N GLN C 525 -20.22 4.01 34.29
CA GLN C 525 -21.51 3.38 34.43
C GLN C 525 -21.57 2.58 35.73
N TYR C 526 -22.64 1.81 35.89
CA TYR C 526 -22.89 1.08 37.13
C TYR C 526 -23.39 -0.32 36.79
N SER C 527 -22.69 -1.33 37.30
CA SER C 527 -23.18 -2.70 37.21
C SER C 527 -24.40 -2.87 38.11
N PRO C 528 -25.30 -3.80 37.78
CA PRO C 528 -26.51 -3.99 38.61
C PRO C 528 -26.23 -4.50 40.02
N CYS C 529 -24.99 -4.91 40.35
CA CYS C 529 -24.66 -5.28 41.73
C CYS C 529 -24.83 -4.12 42.69
N VAL C 530 -24.68 -2.89 42.19
CA VAL C 530 -24.93 -1.69 43.00
C VAL C 530 -26.39 -1.58 43.38
N SER C 531 -27.31 -2.18 42.60
CA SER C 531 -28.74 -2.05 42.86
C SER C 531 -29.16 -2.70 44.17
N ILE C 532 -28.45 -3.73 44.62
CA ILE C 532 -28.74 -4.35 45.91
C ILE C 532 -27.78 -3.90 47.02
N VAL C 533 -26.63 -3.35 46.66
CA VAL C 533 -25.69 -2.84 47.67
C VAL C 533 -26.23 -1.50 48.18
N PRO C 534 -26.23 -1.27 49.51
CA PRO C 534 -26.70 0.03 50.04
C PRO C 534 -25.76 1.17 49.72
N SER C 535 -26.05 2.35 50.28
CA SER C 535 -25.26 3.54 50.00
C SER C 535 -23.82 3.39 50.45
N THR C 536 -23.60 2.74 51.59
CA THR C 536 -22.27 2.45 52.08
C THR C 536 -22.20 1.01 52.56
N VAL C 537 -21.18 0.28 52.13
CA VAL C 537 -20.97 -1.08 52.61
C VAL C 537 -20.51 -1.02 54.05
N TRP C 538 -21.09 -1.87 54.90
CA TRP C 538 -20.82 -1.82 56.34
C TRP C 538 -19.42 -2.30 56.67
N GLU C 539 -18.94 -3.34 55.99
CA GLU C 539 -17.67 -3.96 56.35
C GLU C 539 -17.11 -4.69 55.13
N ASP C 540 -15.93 -5.27 55.30
CA ASP C 540 -15.33 -6.08 54.25
C ASP C 540 -16.09 -7.39 54.09
N GLY C 541 -16.29 -7.78 52.83
CA GLY C 541 -16.94 -9.04 52.54
C GLY C 541 -18.41 -9.11 52.94
N ASP C 542 -19.12 -7.99 52.89
CA ASP C 542 -20.56 -8.02 53.11
C ASP C 542 -21.23 -8.75 51.96
N TYR C 543 -22.06 -9.73 52.31
CA TYR C 543 -22.69 -10.62 51.34
C TYR C 543 -24.17 -10.28 51.26
N TYR C 544 -24.63 -9.90 50.07
CA TYR C 544 -26.03 -9.61 49.84
C TYR C 544 -26.48 -10.32 48.57
N ARG C 545 -27.79 -10.57 48.46
CA ARG C 545 -28.30 -11.35 47.35
C ARG C 545 -29.74 -10.95 47.03
N LYS C 546 -30.11 -11.18 45.78
CA LYS C 546 -31.47 -10.93 45.30
C LYS C 546 -31.81 -11.95 44.23
N GLN C 547 -33.10 -12.18 44.01
CA GLN C 547 -33.59 -13.12 43.02
C GLN C 547 -34.10 -12.38 41.80
N LEU C 548 -33.71 -12.85 40.61
CA LEU C 548 -34.08 -12.23 39.34
C LEU C 548 -35.32 -12.89 38.75
N SER C 549 -35.95 -12.18 37.82
CA SER C 549 -37.17 -12.61 37.14
C SER C 549 -36.84 -13.47 35.92
N PRO C 550 -37.78 -14.31 35.47
CA PRO C 550 -37.56 -15.03 34.20
C PRO C 550 -37.38 -14.13 33.00
N LEU C 551 -38.05 -12.98 32.96
CA LEU C 551 -37.79 -12.00 31.91
C LEU C 551 -36.46 -11.28 32.10
N GLU C 552 -35.85 -11.38 33.28
CA GLU C 552 -34.50 -10.92 33.51
C GLU C 552 -33.45 -12.01 33.32
N GLY C 553 -33.87 -13.23 32.98
CA GLY C 553 -32.99 -14.36 32.82
C GLY C 553 -33.01 -15.35 33.97
N GLY C 554 -33.50 -14.94 35.14
CA GLY C 554 -33.62 -15.83 36.27
C GLY C 554 -32.34 -15.94 37.09
N GLY C 555 -32.48 -16.56 38.26
CA GLY C 555 -31.36 -16.77 39.14
C GLY C 555 -31.20 -15.69 40.18
N TRP C 556 -30.02 -15.70 40.81
CA TRP C 556 -29.70 -14.80 41.91
C TRP C 556 -28.49 -13.93 41.57
N LEU C 557 -28.54 -12.70 42.04
CA LEU C 557 -27.42 -11.77 41.99
C LEU C 557 -26.85 -11.65 43.40
N VAL C 558 -25.56 -11.92 43.54
CA VAL C 558 -24.87 -11.83 44.81
C VAL C 558 -23.82 -10.73 44.72
N ALA C 559 -23.57 -10.07 45.85
CA ALA C 559 -22.65 -8.95 45.91
C ALA C 559 -21.82 -9.06 47.19
N SER C 560 -20.50 -8.91 47.03
CA SER C 560 -19.56 -8.93 48.14
C SER C 560 -18.86 -7.57 48.20
N GLY C 561 -19.07 -6.86 49.30
CA GLY C 561 -18.59 -5.50 49.46
C GLY C 561 -17.43 -5.44 50.43
N SER C 562 -16.41 -4.66 50.07
CA SER C 562 -15.25 -4.42 50.91
C SER C 562 -15.22 -2.94 51.29
N THR C 563 -14.43 -2.62 52.31
CA THR C 563 -14.31 -1.27 52.81
C THR C 563 -12.85 -0.86 52.93
N VAL C 564 -12.62 0.44 52.83
CA VAL C 564 -11.33 1.08 53.04
C VAL C 564 -11.50 2.09 54.17
N ALA C 565 -10.58 2.06 55.13
CA ALA C 565 -10.70 2.88 56.33
C ALA C 565 -10.68 4.37 55.99
N MET C 566 -11.46 5.14 56.74
CA MET C 566 -11.69 6.54 56.39
C MET C 566 -10.48 7.40 56.75
N THR C 567 -10.08 8.25 55.80
CA THR C 567 -9.09 9.27 56.07
C THR C 567 -9.70 10.38 56.94
N GLU C 568 -8.86 10.97 57.79
CA GLU C 568 -9.33 12.03 58.68
C GLU C 568 -9.75 13.28 57.91
N GLN C 569 -8.98 13.64 56.88
CA GLN C 569 -9.41 14.61 55.89
C GLN C 569 -9.75 13.85 54.62
N LEU C 570 -10.97 14.04 54.12
CA LEU C 570 -11.45 13.24 53.00
C LEU C 570 -10.69 13.58 51.73
N GLN C 571 -10.21 12.54 51.05
CA GLN C 571 -9.62 12.67 49.73
C GLN C 571 -10.71 12.43 48.69
N MET C 572 -10.95 13.43 47.85
CA MET C 572 -12.10 13.48 46.96
C MET C 572 -11.65 13.52 45.50
N GLY C 573 -12.46 12.97 44.63
CA GLY C 573 -12.10 12.80 43.23
C GLY C 573 -13.13 13.38 42.30
N PHE C 574 -12.66 14.11 41.30
CA PHE C 574 -13.50 14.74 40.28
C PHE C 574 -13.10 14.24 38.90
N GLY C 575 -14.10 13.93 38.08
CA GLY C 575 -13.89 13.60 36.68
C GLY C 575 -14.55 14.60 35.77
N ILE C 576 -13.76 15.23 34.91
CA ILE C 576 -14.21 16.24 33.96
C ILE C 576 -14.08 15.67 32.56
N THR C 577 -15.18 15.68 31.81
CA THR C 577 -15.16 15.11 30.46
C THR C 577 -16.02 15.95 29.53
N VAL C 578 -15.43 16.37 28.42
CA VAL C 578 -16.07 17.33 27.52
C VAL C 578 -16.42 16.65 26.21
N GLN C 579 -17.36 17.27 25.50
CA GLN C 579 -17.83 16.81 24.20
C GLN C 579 -17.86 18.00 23.26
N TYR C 580 -17.43 17.79 22.00
CA TYR C 580 -17.18 18.86 21.07
C TYR C 580 -18.17 18.90 19.91
N GLY C 581 -18.22 17.83 19.11
CA GLY C 581 -19.06 17.82 17.94
C GLY C 581 -20.39 17.13 18.13
N THR C 582 -20.68 16.66 19.35
CA THR C 582 -21.89 15.88 19.60
C THR C 582 -23.13 16.75 19.52
N ASP C 583 -23.12 17.90 20.20
CA ASP C 583 -24.31 18.71 20.41
C ASP C 583 -23.94 20.17 20.23
N THR C 584 -24.82 21.05 20.72
CA THR C 584 -24.63 22.50 20.65
C THR C 584 -23.38 22.95 21.40
N ASN C 585 -22.39 23.44 20.67
CA ASN C 585 -21.20 24.01 21.27
C ASN C 585 -21.54 25.33 21.92
N SER C 586 -21.83 25.31 23.22
CA SER C 586 -22.30 26.51 23.88
C SER C 586 -21.82 26.71 25.31
N VAL C 587 -20.98 25.85 25.85
CA VAL C 587 -20.42 26.05 27.18
C VAL C 587 -19.08 26.75 27.02
N CYS C 588 -18.99 27.97 27.56
CA CYS C 588 -17.85 28.85 27.33
C CYS C 588 -17.48 29.52 28.64
N PRO C 589 -16.23 29.97 28.77
CA PRO C 589 -15.87 30.74 29.96
C PRO C 589 -16.46 32.14 29.91
N LYS C 590 -16.29 32.86 31.03
CA LYS C 590 -16.64 34.27 31.05
C LYS C 590 -15.72 35.03 30.12
N LEU C 591 -16.30 35.89 29.28
CA LEU C 591 -15.55 36.54 28.23
C LEU C 591 -15.86 38.03 28.22
N GLU C 592 -14.81 38.84 28.21
CA GLU C 592 -14.96 40.27 28.01
C GLU C 592 -15.30 40.53 26.55
N PHE C 593 -16.59 40.64 26.25
CA PHE C 593 -17.05 40.73 24.88
C PHE C 593 -16.64 42.05 24.25
N ALA C 594 -16.11 41.99 23.03
CA ALA C 594 -15.60 43.15 22.34
C ALA C 594 -16.61 43.66 21.31
N ASN C 595 -16.64 44.99 21.16
CA ASN C 595 -17.60 45.61 20.25
C ASN C 595 -17.29 45.27 18.80
N ASP C 596 -16.01 45.21 18.43
CA ASP C 596 -15.63 44.87 17.06
C ASP C 596 -15.42 43.37 16.90
N THR C 597 -16.37 42.59 17.39
CA THR C 597 -16.43 41.15 17.17
C THR C 597 -17.81 40.72 16.70
N LYS C 598 -18.67 41.66 16.38
CA LYS C 598 -19.91 41.33 15.69
C LYS C 598 -19.62 41.11 14.21
N ILE C 599 -20.49 40.32 13.58
CA ILE C 599 -20.31 40.04 12.16
C ILE C 599 -20.54 41.30 11.34
N ALA C 600 -21.50 42.13 11.73
CA ALA C 600 -21.68 43.42 11.09
C ALA C 600 -20.53 44.36 11.42
N SER C 601 -19.90 44.16 12.58
CA SER C 601 -18.78 45.00 12.99
C SER C 601 -17.55 44.76 12.12
N GLN C 602 -17.43 43.60 11.50
CA GLN C 602 -16.25 43.27 10.70
C GLN C 602 -16.66 42.68 9.36
N LEU C 603 -17.60 43.35 8.68
CA LEU C 603 -18.03 42.91 7.37
C LEU C 603 -16.96 43.15 6.31
N GLY C 604 -16.80 42.18 5.41
CA GLY C 604 -16.02 42.38 4.21
C GLY C 604 -14.54 42.04 4.33
N ASN C 605 -14.00 41.94 5.54
CA ASN C 605 -12.61 41.58 5.76
C ASN C 605 -12.56 40.27 6.49
N CYS C 606 -11.80 39.31 5.97
CA CYS C 606 -11.90 37.95 6.47
C CYS C 606 -11.21 37.85 7.83
N VAL C 607 -11.91 37.27 8.79
CA VAL C 607 -11.48 37.25 10.18
C VAL C 607 -11.71 35.83 10.72
N GLU C 608 -11.48 35.68 12.01
CA GLU C 608 -11.56 34.39 12.67
C GLU C 608 -12.84 34.33 13.49
N TYR C 609 -13.76 33.46 13.09
CA TYR C 609 -14.96 33.22 13.87
C TYR C 609 -14.66 32.19 14.96
N SER C 610 -15.14 32.48 16.17
CA SER C 610 -15.14 31.54 17.28
C SER C 610 -16.57 31.51 17.80
N LEU C 611 -17.39 30.65 17.19
CA LEU C 611 -18.79 30.53 17.58
C LEU C 611 -18.91 29.43 18.63
N TYR C 612 -18.40 29.78 19.82
CA TYR C 612 -18.64 29.09 21.09
C TYR C 612 -18.20 27.63 21.04
N GLY C 613 -17.11 27.37 20.33
CA GLY C 613 -16.64 26.03 20.08
C GLY C 613 -16.61 25.65 18.61
N VAL C 614 -17.11 26.52 17.73
CA VAL C 614 -17.02 26.31 16.29
C VAL C 614 -16.05 27.37 15.76
N SER C 615 -14.80 26.98 15.53
CA SER C 615 -13.74 27.91 15.24
C SER C 615 -13.35 27.85 13.77
N GLY C 616 -12.72 28.92 13.30
CA GLY C 616 -12.13 28.94 11.98
C GLY C 616 -11.94 30.36 11.51
N ARG C 617 -11.58 30.48 10.24
CA ARG C 617 -11.37 31.78 9.62
C ARG C 617 -12.00 31.82 8.25
N GLY C 618 -12.36 33.02 7.83
CA GLY C 618 -12.98 33.21 6.53
C GLY C 618 -13.65 34.57 6.44
N VAL C 619 -14.30 34.78 5.31
CA VAL C 619 -14.95 36.06 4.99
C VAL C 619 -16.45 35.90 5.04
N PHE C 620 -17.13 36.80 5.74
CA PHE C 620 -18.57 36.73 5.91
C PHE C 620 -19.25 37.66 4.92
N GLN C 621 -20.22 37.13 4.18
CA GLN C 621 -20.90 37.88 3.14
C GLN C 621 -22.41 37.74 3.32
N ASN C 622 -23.13 38.79 2.94
CA ASN C 622 -24.58 38.82 3.11
C ASN C 622 -25.24 37.83 2.17
N CYS C 623 -26.19 37.05 2.71
CA CYS C 623 -26.84 36.01 1.94
C CYS C 623 -28.33 35.95 2.28
N THR C 624 -29.13 35.59 1.28
CA THR C 624 -30.53 35.28 1.53
C THR C 624 -30.64 33.97 2.30
N ALA C 625 -31.67 33.88 3.14
CA ALA C 625 -31.79 32.81 4.12
C ALA C 625 -32.01 31.46 3.44
N VAL C 626 -31.12 30.52 3.73
CA VAL C 626 -31.16 29.18 3.13
C VAL C 626 -31.11 28.16 4.25
N GLY C 627 -31.96 27.13 4.16
CA GLY C 627 -31.91 26.03 5.09
C GLY C 627 -32.65 26.31 6.39
N VAL C 628 -32.36 25.46 7.38
CA VAL C 628 -33.07 25.53 8.65
C VAL C 628 -32.55 26.72 9.45
N ARG C 629 -33.46 27.58 9.88
CA ARG C 629 -33.10 28.69 10.75
C ARG C 629 -32.59 28.19 12.09
N GLN C 630 -33.25 27.17 12.66
CA GLN C 630 -32.98 26.79 14.03
C GLN C 630 -31.72 25.96 14.19
N GLN C 631 -31.25 25.32 13.13
CA GLN C 631 -29.99 24.59 13.21
C GLN C 631 -28.82 25.55 13.36
N ARG C 632 -28.90 26.69 12.67
CA ARG C 632 -27.98 27.85 12.76
C ARG C 632 -26.62 27.56 12.11
N PHE C 633 -26.34 26.31 11.75
CA PHE C 633 -25.05 25.89 11.21
C PHE C 633 -25.28 24.96 10.03
N VAL C 634 -24.71 25.30 8.88
CA VAL C 634 -24.86 24.50 7.67
C VAL C 634 -23.49 24.20 7.07
N TYR C 635 -23.28 22.93 6.70
CA TYR C 635 -22.08 22.50 6.00
C TYR C 635 -22.47 22.05 4.59
N ASP C 636 -21.50 21.50 3.87
CA ASP C 636 -21.73 20.98 2.54
C ASP C 636 -21.47 19.47 2.53
N ALA C 637 -21.50 18.88 1.33
CA ALA C 637 -21.17 17.46 1.16
C ALA C 637 -19.74 17.16 1.56
N TYR C 638 -18.82 18.11 1.38
CA TYR C 638 -17.45 17.96 1.84
C TYR C 638 -17.28 18.41 3.28
N GLN C 639 -18.38 18.59 4.00
CA GLN C 639 -18.39 18.93 5.43
C GLN C 639 -17.65 20.23 5.70
N ASN C 640 -17.76 21.17 4.77
CA ASN C 640 -17.21 22.51 4.94
C ASN C 640 -18.38 23.44 5.25
N LEU C 641 -18.24 24.22 6.31
CA LEU C 641 -19.31 25.14 6.71
C LEU C 641 -19.49 26.22 5.65
N VAL C 642 -20.74 26.44 5.24
CA VAL C 642 -21.04 27.31 4.12
C VAL C 642 -21.71 28.60 4.57
N GLY C 643 -22.67 28.51 5.50
CA GLY C 643 -23.40 29.68 5.91
C GLY C 643 -23.76 29.60 7.37
N TYR C 644 -24.33 30.71 7.86
CA TYR C 644 -24.62 30.85 9.27
C TYR C 644 -25.70 31.90 9.48
N TYR C 645 -26.69 31.55 10.30
CA TYR C 645 -27.77 32.45 10.66
C TYR C 645 -27.31 33.26 11.87
N SER C 646 -26.96 34.51 11.63
CA SER C 646 -26.47 35.36 12.71
C SER C 646 -27.61 35.72 13.65
N ASP C 647 -27.22 36.05 14.89
CA ASP C 647 -28.21 36.32 15.94
C ASP C 647 -29.05 37.55 15.65
N ASP C 648 -28.56 38.45 14.80
CA ASP C 648 -29.33 39.65 14.46
C ASP C 648 -30.58 39.33 13.66
N GLY C 649 -30.58 38.23 12.93
CA GLY C 649 -31.61 37.93 11.97
C GLY C 649 -31.18 38.03 10.53
N ASN C 650 -29.89 38.11 10.27
CA ASN C 650 -29.36 38.17 8.91
C ASN C 650 -28.53 36.93 8.63
N TYR C 651 -28.73 36.34 7.47
CA TYR C 651 -28.01 35.14 7.05
C TYR C 651 -26.74 35.51 6.31
N TYR C 652 -25.72 34.68 6.47
CA TYR C 652 -24.43 34.99 5.86
C TYR C 652 -23.80 33.72 5.32
N CYS C 653 -22.83 33.90 4.43
CA CYS C 653 -22.06 32.80 3.85
C CYS C 653 -20.56 33.09 4.00
N LEU C 654 -19.77 32.04 3.80
CA LEU C 654 -18.34 32.10 3.96
C LEU C 654 -17.67 31.04 3.10
N ARG C 655 -16.48 31.37 2.58
CA ARG C 655 -15.63 30.40 1.93
C ARG C 655 -14.32 30.18 2.67
N ALA C 656 -13.49 31.22 2.81
CA ALA C 656 -12.18 31.15 3.45
C ALA C 656 -11.52 32.52 3.47
N CYS C 657 -10.35 32.61 4.11
CA CYS C 657 -9.41 33.73 3.88
C CYS C 657 -8.58 33.39 2.65
N VAL C 658 -9.21 33.54 1.49
CA VAL C 658 -8.55 33.20 0.24
C VAL C 658 -7.54 34.28 -0.12
N SER C 659 -6.33 33.85 -0.47
CA SER C 659 -5.36 34.74 -1.08
C SER C 659 -4.85 34.09 -2.35
N VAL C 660 -3.81 34.63 -2.96
CA VAL C 660 -3.43 34.22 -4.30
C VAL C 660 -2.36 33.12 -4.23
N PRO C 661 -2.36 32.19 -5.18
CA PRO C 661 -1.16 31.39 -5.39
C PRO C 661 -0.04 32.24 -5.96
N VAL C 662 1.19 31.82 -5.66
CA VAL C 662 2.39 32.55 -6.05
C VAL C 662 3.28 31.59 -6.83
N SER C 663 3.84 32.06 -7.94
CA SER C 663 4.78 31.27 -8.71
C SER C 663 5.92 32.17 -9.16
N VAL C 664 6.98 31.56 -9.71
CA VAL C 664 8.17 32.30 -10.09
C VAL C 664 8.55 31.95 -11.52
N ILE C 665 9.20 32.89 -12.19
CA ILE C 665 9.89 32.63 -13.45
C ILE C 665 11.33 33.04 -13.27
N TYR C 666 12.22 32.34 -13.96
CA TYR C 666 13.65 32.56 -13.81
C TYR C 666 14.36 32.03 -15.03
N ASP C 667 15.39 32.75 -15.47
CA ASP C 667 16.22 32.34 -16.59
C ASP C 667 17.64 32.07 -16.09
N LYS C 668 18.23 30.97 -16.57
CA LYS C 668 19.62 30.67 -16.29
C LYS C 668 20.52 31.57 -17.14
N GLU C 669 21.77 31.73 -16.66
CA GLU C 669 22.90 32.45 -17.26
C GLU C 669 22.65 33.94 -17.44
N THR C 670 21.45 34.39 -17.10
CA THR C 670 21.12 35.80 -16.94
C THR C 670 20.24 35.84 -15.70
N LYS C 671 20.78 36.36 -14.59
CA LYS C 671 20.13 36.17 -13.30
C LYS C 671 18.86 37.00 -13.22
N THR C 672 17.83 36.51 -13.92
CA THR C 672 16.62 37.26 -14.19
C THR C 672 15.43 36.47 -13.66
N HIS C 673 14.78 37.03 -12.65
CA HIS C 673 13.68 36.37 -11.97
C HIS C 673 12.50 37.34 -11.91
N ALA C 674 11.31 36.77 -11.81
CA ALA C 674 10.11 37.57 -11.64
C ALA C 674 9.04 36.73 -10.95
N THR C 675 8.07 37.42 -10.35
CA THR C 675 7.05 36.76 -9.56
C THR C 675 5.68 36.95 -10.19
N LEU C 676 4.84 35.92 -10.11
CA LEU C 676 3.53 35.95 -10.70
C LEU C 676 2.49 35.51 -9.67
N PHE C 677 1.32 36.12 -9.75
CA PHE C 677 0.18 35.81 -8.89
C PHE C 677 -1.00 35.47 -9.79
N GLY C 678 -1.59 34.30 -9.59
CA GLY C 678 -2.52 33.75 -10.53
C GLY C 678 -3.95 34.24 -10.45
N SER C 679 -4.47 34.74 -11.58
CA SER C 679 -5.89 35.05 -11.76
C SER C 679 -6.39 36.09 -10.75
N VAL C 680 -5.59 37.09 -10.48
CA VAL C 680 -5.89 38.06 -9.43
C VAL C 680 -5.77 39.47 -9.97
N ALA C 681 -6.54 40.38 -9.40
CA ALA C 681 -6.29 41.79 -9.60
C ALA C 681 -4.97 42.16 -8.93
N CYS C 682 -4.30 43.16 -9.49
CA CYS C 682 -3.02 43.62 -8.94
C CYS C 682 -3.31 44.42 -7.66
N GLU C 683 -3.71 43.69 -6.63
CA GLU C 683 -4.10 44.22 -5.34
C GLU C 683 -2.94 44.23 -4.36
N HIS C 684 -2.07 43.23 -4.45
CA HIS C 684 -1.27 42.81 -3.32
C HIS C 684 0.17 43.28 -3.48
N ILE C 685 0.71 43.88 -2.41
CA ILE C 685 2.09 44.34 -2.32
C ILE C 685 2.65 43.57 -1.13
N SER C 686 3.84 43.91 -0.67
CA SER C 686 4.58 43.21 0.37
C SER C 686 3.93 43.32 1.77
N SER C 687 2.68 43.78 1.94
CA SER C 687 2.15 44.01 3.27
C SER C 687 1.72 42.71 3.96
N THR C 688 0.67 42.06 3.47
CA THR C 688 0.06 40.95 4.19
C THR C 688 0.76 39.64 3.79
N MET C 689 1.72 39.23 4.61
CA MET C 689 2.67 38.17 4.30
C MET C 689 2.48 36.95 5.18
N SER C 690 3.06 35.85 4.73
CA SER C 690 3.35 34.68 5.57
C SER C 690 4.62 34.03 5.04
N GLN C 691 4.89 32.80 5.49
CA GLN C 691 6.17 32.09 5.39
C GLN C 691 7.36 33.02 5.61
N TYR C 692 8.43 32.88 4.84
CA TYR C 692 9.61 33.70 5.08
C TYR C 692 9.61 34.91 4.15
N SER C 693 10.74 35.62 4.10
CA SER C 693 10.83 36.92 3.45
C SER C 693 10.84 36.77 1.92
N ARG C 694 10.95 37.92 1.25
CA ARG C 694 10.93 38.03 -0.19
C ARG C 694 12.33 38.33 -0.72
N SER C 695 12.41 38.59 -2.02
CA SER C 695 13.64 38.99 -2.67
C SER C 695 13.53 40.44 -3.13
N THR C 696 14.63 41.18 -3.00
CA THR C 696 14.63 42.58 -3.38
C THR C 696 14.58 42.72 -4.90
N ARG C 697 14.20 43.91 -5.34
CA ARG C 697 14.20 44.22 -6.76
C ARG C 697 14.45 45.71 -6.91
N SER C 698 14.95 46.10 -8.09
CA SER C 698 15.65 47.37 -8.22
C SER C 698 14.99 48.34 -9.19
N MET C 699 13.68 48.56 -9.05
CA MET C 699 12.99 49.59 -9.80
C MET C 699 13.55 50.97 -9.48
N TYR C 707 5.38 51.01 -10.61
CA TYR C 707 6.61 50.30 -10.91
C TYR C 707 6.47 48.83 -10.52
N GLY C 708 5.71 48.59 -9.47
CA GLY C 708 5.59 47.27 -8.91
C GLY C 708 4.83 46.27 -9.76
N PRO C 709 3.52 46.44 -9.91
CA PRO C 709 2.72 45.40 -10.54
C PRO C 709 2.48 45.60 -12.02
N LEU C 710 1.92 44.58 -12.67
CA LEU C 710 1.38 44.73 -14.01
C LEU C 710 0.31 43.66 -14.20
N GLN C 711 -0.80 44.05 -14.81
CA GLN C 711 -1.93 43.15 -14.98
C GLN C 711 -1.79 42.37 -16.27
N THR C 712 -2.16 41.10 -16.22
CA THR C 712 -2.08 40.15 -17.32
C THR C 712 -3.30 39.24 -17.22
N PRO C 713 -3.67 38.57 -18.31
CA PRO C 713 -4.78 37.62 -18.23
C PRO C 713 -4.64 36.51 -17.20
N VAL C 714 -3.41 36.10 -16.84
CA VAL C 714 -3.26 35.11 -15.77
C VAL C 714 -3.17 35.76 -14.40
N GLY C 715 -3.31 37.08 -14.30
CA GLY C 715 -3.32 37.72 -13.00
C GLY C 715 -2.42 38.93 -12.90
N CYS C 716 -1.45 38.87 -12.00
CA CYS C 716 -0.56 39.99 -11.73
C CYS C 716 0.88 39.51 -11.84
N VAL C 717 1.76 40.40 -12.29
CA VAL C 717 3.18 40.07 -12.44
C VAL C 717 4.02 41.20 -11.89
N LEU C 718 4.98 40.86 -11.04
CA LEU C 718 6.06 41.76 -10.66
C LEU C 718 7.31 41.33 -11.40
N GLY C 719 7.97 42.30 -12.04
CA GLY C 719 9.22 42.03 -12.71
C GLY C 719 9.17 42.07 -14.22
N LEU C 720 8.06 42.48 -14.82
CA LEU C 720 7.96 42.61 -16.26
C LEU C 720 7.47 44.00 -16.63
N VAL C 721 7.32 44.22 -17.93
CA VAL C 721 6.87 45.49 -18.47
C VAL C 721 6.32 45.22 -19.86
N ASN C 722 5.46 46.12 -20.35
CA ASN C 722 4.84 45.98 -21.65
C ASN C 722 5.90 45.96 -22.75
N SER C 723 5.66 45.14 -23.77
CA SER C 723 6.54 45.05 -24.92
C SER C 723 5.75 44.45 -26.07
N SER C 724 5.72 45.17 -27.20
CA SER C 724 4.91 44.75 -28.35
C SER C 724 5.70 43.90 -29.35
N LEU C 725 6.36 42.87 -28.84
CA LEU C 725 6.99 41.88 -29.70
C LEU C 725 6.29 40.54 -29.51
N PHE C 726 6.56 39.62 -30.43
CA PHE C 726 5.77 38.41 -30.55
C PHE C 726 6.72 37.24 -30.80
N VAL C 727 6.71 36.27 -29.90
CA VAL C 727 7.66 35.16 -29.90
C VAL C 727 6.91 33.86 -30.15
N GLU C 728 7.33 33.12 -31.17
CA GLU C 728 6.74 31.83 -31.45
C GLU C 728 7.42 30.70 -30.71
N ASP C 729 8.70 30.85 -30.40
CA ASP C 729 9.55 29.77 -29.91
C ASP C 729 10.01 30.01 -28.48
N CYS C 730 9.09 30.47 -27.64
CA CYS C 730 9.42 30.74 -26.25
C CYS C 730 9.79 29.45 -25.52
N LYS C 731 10.76 29.55 -24.62
CA LYS C 731 11.22 28.39 -23.87
C LYS C 731 10.53 28.24 -22.53
N LEU C 732 10.16 29.36 -21.90
CA LEU C 732 9.59 29.35 -20.56
C LEU C 732 8.25 30.08 -20.63
N PRO C 733 7.21 29.41 -21.11
CA PRO C 733 5.91 30.09 -21.29
C PRO C 733 5.26 30.34 -19.95
N LEU C 734 4.82 31.58 -19.73
CA LEU C 734 4.22 32.00 -18.48
C LEU C 734 2.73 31.71 -18.42
N GLY C 735 2.24 30.83 -19.28
CA GLY C 735 0.82 30.50 -19.29
C GLY C 735 0.03 31.42 -20.19
N GLN C 736 -1.17 30.92 -20.54
CA GLN C 736 -2.08 31.55 -21.50
C GLN C 736 -1.37 31.86 -22.80
N SER C 737 -0.94 33.10 -22.99
CA SER C 737 -0.20 33.39 -24.20
C SER C 737 0.90 34.42 -23.98
N LEU C 738 1.49 34.43 -22.79
CA LEU C 738 2.51 35.42 -22.47
C LEU C 738 3.81 34.73 -22.12
N CYS C 739 4.93 35.36 -22.48
CA CYS C 739 6.24 34.82 -22.23
C CYS C 739 7.23 35.97 -22.08
N ALA C 740 8.24 35.77 -21.25
CA ALA C 740 9.22 36.81 -20.94
C ALA C 740 10.53 36.51 -21.66
N LEU C 741 11.00 37.47 -22.43
CA LEU C 741 12.29 37.34 -23.10
C LEU C 741 13.33 38.17 -22.36
N PRO C 742 14.31 37.54 -21.72
CA PRO C 742 15.41 38.30 -21.13
C PRO C 742 16.27 38.96 -22.19
N ASP C 743 16.85 40.09 -21.84
CA ASP C 743 17.68 40.83 -22.79
C ASP C 743 19.02 40.12 -22.99
N THR C 744 19.57 40.27 -24.19
CA THR C 744 20.84 39.66 -24.54
C THR C 744 22.01 40.57 -24.14
N PRO C 757 21.41 43.79 -17.54
CA PRO C 757 20.45 42.75 -17.16
C PRO C 757 19.45 43.23 -16.12
N GLY C 758 18.19 43.38 -16.53
CA GLY C 758 17.16 43.85 -15.63
C GLY C 758 15.84 43.11 -15.80
N GLU C 759 14.75 43.85 -15.94
CA GLU C 759 13.47 43.23 -16.23
C GLU C 759 13.49 42.56 -17.60
N MET C 760 12.64 41.56 -17.74
CA MET C 760 12.51 40.85 -19.00
C MET C 760 11.49 41.58 -19.87
N ARG C 761 11.26 41.07 -21.07
CA ARG C 761 10.30 41.67 -22.00
C ARG C 761 9.06 40.79 -22.03
N LEU C 762 7.94 41.31 -21.54
CA LEU C 762 6.70 40.54 -21.45
C LEU C 762 6.07 40.53 -22.83
N ALA C 763 6.59 39.68 -23.71
CA ALA C 763 6.03 39.54 -25.03
C ALA C 763 4.84 38.60 -24.97
N SER C 764 3.96 38.72 -25.95
CA SER C 764 2.89 37.75 -26.11
C SER C 764 3.40 36.57 -26.92
N ILE C 765 2.79 35.42 -26.71
CA ILE C 765 3.08 34.26 -27.54
C ILE C 765 2.59 34.57 -28.95
N ALA C 766 3.51 34.59 -29.90
CA ALA C 766 3.11 34.74 -31.29
C ALA C 766 2.39 33.49 -31.76
N PHE C 767 1.45 33.69 -32.66
CA PHE C 767 0.84 32.57 -33.37
C PHE C 767 1.40 32.55 -34.79
N ASN C 768 1.87 31.38 -35.20
CA ASN C 768 2.35 31.17 -36.56
C ASN C 768 1.19 31.13 -37.54
N HIS C 769 0.64 32.30 -37.82
CA HIS C 769 -0.46 32.42 -38.74
C HIS C 769 0.04 32.06 -40.14
N PRO C 770 -0.51 31.03 -40.77
CA PRO C 770 0.01 30.59 -42.06
C PRO C 770 -0.36 31.56 -43.16
N ILE C 771 0.24 31.33 -44.32
CA ILE C 771 -0.04 32.18 -45.49
C ILE C 771 -1.47 31.92 -45.92
N GLN C 772 -2.34 32.89 -45.66
CA GLN C 772 -3.72 32.78 -46.10
C GLN C 772 -3.79 32.83 -47.61
N VAL C 773 -4.74 32.09 -48.18
CA VAL C 773 -4.90 32.06 -49.62
C VAL C 773 -6.30 32.53 -49.97
N ASP C 774 -6.44 33.04 -51.19
CA ASP C 774 -7.67 33.68 -51.65
C ASP C 774 -8.66 32.65 -52.16
N GLN C 775 -9.88 32.70 -51.63
CA GLN C 775 -10.92 31.77 -52.01
C GLN C 775 -11.52 32.14 -53.35
N LEU C 776 -10.80 31.83 -54.44
CA LEU C 776 -11.32 32.10 -55.77
C LEU C 776 -12.53 31.23 -56.07
N ASN C 777 -13.55 31.83 -56.67
CA ASN C 777 -14.80 31.15 -56.94
C ASN C 777 -15.03 30.83 -58.40
N SER C 778 -14.21 31.37 -59.30
CA SER C 778 -14.37 31.13 -60.73
C SER C 778 -13.69 29.81 -61.09
N SER C 779 -13.75 29.42 -62.37
CA SER C 779 -13.13 28.19 -62.83
C SER C 779 -11.61 28.25 -62.80
N TYR C 780 -11.04 29.44 -62.86
CA TYR C 780 -9.62 29.59 -62.64
C TYR C 780 -9.30 29.45 -61.16
N PHE C 781 -8.01 29.28 -60.85
CA PHE C 781 -7.65 29.04 -59.46
C PHE C 781 -6.31 29.68 -59.13
N LYS C 782 -6.24 30.22 -57.91
CA LYS C 782 -5.00 30.75 -57.35
C LYS C 782 -4.33 29.63 -56.58
N LEU C 783 -3.19 29.17 -57.09
CA LEU C 783 -2.51 28.00 -56.55
C LEU C 783 -1.21 28.40 -55.83
N SER C 784 -1.05 27.88 -54.63
CA SER C 784 0.20 28.01 -53.90
C SER C 784 1.21 26.99 -54.43
N ILE C 785 2.46 27.41 -54.54
CA ILE C 785 3.51 26.53 -55.06
C ILE C 785 4.87 26.88 -54.47
N PRO C 786 5.64 25.90 -54.01
CA PRO C 786 6.99 26.21 -53.50
C PRO C 786 7.95 26.50 -54.64
N THR C 787 8.75 27.53 -54.44
CA THR C 787 9.81 27.88 -55.38
C THR C 787 11.20 27.67 -54.82
N ASN C 788 11.31 27.27 -53.55
CA ASN C 788 12.60 26.84 -53.03
C ASN C 788 12.37 25.77 -51.99
N PHE C 789 13.41 25.00 -51.69
CA PHE C 789 13.28 23.87 -50.79
C PHE C 789 14.53 23.77 -49.92
N SER C 790 14.44 22.87 -48.94
CA SER C 790 15.58 22.54 -48.11
C SER C 790 15.41 21.12 -47.59
N PHE C 791 16.52 20.53 -47.19
CA PHE C 791 16.53 19.25 -46.50
C PHE C 791 16.50 19.51 -45.00
N GLY C 792 15.58 18.84 -44.30
CA GLY C 792 15.54 18.90 -42.86
C GLY C 792 16.00 17.57 -42.29
N VAL C 793 16.96 17.64 -41.39
CA VAL C 793 17.51 16.47 -40.73
C VAL C 793 16.87 16.38 -39.34
N THR C 794 15.68 15.79 -39.32
CA THR C 794 14.97 15.60 -38.08
C THR C 794 15.53 14.36 -37.40
N GLN C 795 16.11 14.56 -36.23
CA GLN C 795 16.71 13.47 -35.47
C GLN C 795 15.68 12.95 -34.49
N GLU C 796 15.27 11.70 -34.69
CA GLU C 796 14.33 11.03 -33.81
C GLU C 796 15.06 9.93 -33.05
N TYR C 797 14.39 9.40 -32.04
CA TYR C 797 14.94 8.29 -31.29
C TYR C 797 13.79 7.53 -30.66
N ILE C 798 13.91 6.21 -30.59
CA ILE C 798 12.96 5.41 -29.85
C ILE C 798 13.71 4.53 -28.88
N GLN C 799 13.39 4.65 -27.60
CA GLN C 799 13.89 3.71 -26.60
C GLN C 799 13.28 2.34 -26.85
N THR C 800 14.13 1.33 -26.94
CA THR C 800 13.69 -0.01 -27.32
C THR C 800 13.73 -1.01 -26.18
N THR C 801 14.86 -1.12 -25.50
CA THR C 801 15.00 -2.11 -24.44
C THR C 801 15.84 -1.50 -23.33
N ILE C 802 15.29 -1.49 -22.12
CA ILE C 802 15.98 -0.92 -20.97
C ILE C 802 17.14 -1.81 -20.57
N GLN C 803 17.99 -1.29 -19.69
CA GLN C 803 19.10 -2.06 -19.17
C GLN C 803 18.59 -3.27 -18.40
N LYS C 804 18.89 -4.47 -18.90
CA LYS C 804 18.45 -5.68 -18.25
C LYS C 804 19.16 -5.84 -16.92
N VAL C 805 18.38 -6.05 -15.86
CA VAL C 805 18.92 -6.12 -14.52
C VAL C 805 18.35 -7.34 -13.81
N THR C 806 19.16 -7.89 -12.91
CA THR C 806 18.72 -8.88 -11.95
C THR C 806 19.22 -8.44 -10.59
N VAL C 807 18.72 -9.07 -9.55
CA VAL C 807 19.19 -8.81 -8.20
C VAL C 807 18.97 -10.06 -7.35
N ASP C 808 19.97 -10.38 -6.54
CA ASP C 808 19.83 -11.45 -5.57
C ASP C 808 18.96 -11.00 -4.41
N CYS C 809 18.25 -11.95 -3.84
CA CYS C 809 17.58 -11.71 -2.57
C CYS C 809 18.59 -11.36 -1.50
N LYS C 810 19.39 -12.36 -1.14
CA LYS C 810 20.03 -12.38 0.18
C LYS C 810 21.23 -11.46 0.25
N GLN C 811 21.97 -11.28 -0.84
CA GLN C 811 23.09 -10.33 -0.77
C GLN C 811 22.56 -8.91 -0.69
N TYR C 812 21.50 -8.61 -1.44
CA TYR C 812 20.92 -7.27 -1.39
C TYR C 812 20.32 -6.97 -0.02
N VAL C 813 19.47 -7.88 0.47
CA VAL C 813 18.69 -7.58 1.66
C VAL C 813 19.45 -7.92 2.94
N CYS C 814 20.49 -8.74 2.85
CA CYS C 814 20.94 -9.43 4.04
C CYS C 814 22.44 -9.28 4.24
N ASN C 815 23.19 -9.24 3.13
CA ASN C 815 24.65 -9.02 3.12
C ASN C 815 25.38 -10.09 3.93
N GLY C 816 24.90 -11.33 3.84
CA GLY C 816 25.60 -12.47 4.39
C GLY C 816 25.76 -12.49 5.89
N PHE C 817 24.68 -12.20 6.62
CA PHE C 817 24.71 -12.25 8.08
C PHE C 817 23.72 -13.30 8.52
N GLN C 818 24.16 -14.17 9.45
CA GLN C 818 23.50 -15.47 9.62
C GLN C 818 22.10 -15.34 10.22
N LYS C 819 21.95 -14.54 11.28
CA LYS C 819 20.63 -14.40 11.89
C LYS C 819 19.64 -13.79 10.92
N CYS C 820 20.09 -12.78 10.16
CA CYS C 820 19.39 -12.33 8.97
C CYS C 820 19.07 -13.47 8.00
N GLU C 821 19.99 -14.42 7.83
CA GLU C 821 19.78 -15.49 6.87
C GLU C 821 18.64 -16.42 7.30
N GLN C 822 18.55 -16.77 8.59
CA GLN C 822 17.34 -17.49 8.99
C GLN C 822 16.10 -16.59 8.93
N LEU C 823 16.24 -15.31 9.27
CA LEU C 823 15.08 -14.44 9.30
C LEU C 823 14.52 -14.14 7.91
N LEU C 824 15.31 -14.37 6.86
CA LEU C 824 14.86 -14.05 5.51
C LEU C 824 13.79 -15.02 5.02
N ARG C 825 13.90 -16.31 5.39
CA ARG C 825 13.01 -17.33 4.86
C ARG C 825 11.56 -17.15 5.28
N GLU C 826 11.31 -16.47 6.40
CA GLU C 826 9.92 -16.21 6.79
C GLU C 826 9.21 -15.35 5.76
N TYR C 827 9.91 -14.35 5.22
CA TYR C 827 9.46 -13.75 3.98
C TYR C 827 9.76 -14.68 2.82
N GLY C 828 11.05 -14.90 2.55
CA GLY C 828 11.47 -15.95 1.63
C GLY C 828 10.98 -15.78 0.22
N GLN C 829 9.95 -16.57 -0.10
CA GLN C 829 9.38 -16.72 -1.44
C GLN C 829 8.97 -15.41 -2.11
N PHE C 830 8.86 -14.30 -1.39
CA PHE C 830 8.58 -13.02 -2.02
C PHE C 830 9.69 -12.64 -2.99
N CYS C 831 10.95 -12.78 -2.56
CA CYS C 831 12.04 -12.38 -3.42
C CYS C 831 12.21 -13.37 -4.55
N SER C 832 11.89 -14.64 -4.29
CA SER C 832 11.85 -15.62 -5.37
C SER C 832 10.81 -15.24 -6.41
N LYS C 833 9.66 -14.75 -5.96
CA LYS C 833 8.61 -14.32 -6.87
C LYS C 833 9.03 -13.11 -7.69
N ILE C 834 9.70 -12.15 -7.05
CA ILE C 834 10.08 -10.98 -7.84
C ILE C 834 11.26 -11.32 -8.74
N ASN C 835 12.07 -12.30 -8.36
CA ASN C 835 13.11 -12.81 -9.25
C ASN C 835 12.45 -13.44 -10.47
N GLN C 836 11.38 -14.19 -10.25
CA GLN C 836 10.62 -14.76 -11.34
C GLN C 836 10.06 -13.68 -12.25
N ALA C 837 9.53 -12.61 -11.65
CA ALA C 837 8.93 -11.53 -12.42
C ALA C 837 9.98 -10.81 -13.26
N LEU C 838 11.14 -10.50 -12.66
CA LEU C 838 12.17 -9.79 -13.40
C LEU C 838 12.78 -10.67 -14.48
N HIS C 839 12.93 -11.97 -14.21
CA HIS C 839 13.44 -12.85 -15.25
C HIS C 839 12.43 -13.03 -16.37
N GLY C 840 11.14 -13.05 -16.06
CA GLY C 840 10.13 -13.12 -17.10
C GLY C 840 10.09 -11.88 -17.94
N ALA C 841 10.24 -10.71 -17.32
CA ALA C 841 10.36 -9.47 -18.07
C ALA C 841 11.63 -9.48 -18.91
N ASN C 842 12.70 -10.05 -18.36
CA ASN C 842 13.95 -10.19 -19.10
C ASN C 842 13.74 -11.07 -20.32
N LEU C 843 13.01 -12.17 -20.16
CA LEU C 843 12.71 -13.05 -21.27
C LEU C 843 11.84 -12.35 -22.31
N ARG C 844 10.90 -11.53 -21.84
CA ARG C 844 9.99 -10.84 -22.75
C ARG C 844 10.75 -9.81 -23.59
N GLN C 845 11.62 -9.03 -22.96
CA GLN C 845 12.41 -8.08 -23.74
C GLN C 845 13.43 -8.81 -24.60
N ASP C 846 13.89 -9.99 -24.16
CA ASP C 846 14.76 -10.82 -24.97
C ASP C 846 14.07 -11.22 -26.26
N ASP C 847 12.84 -11.71 -26.14
CA ASP C 847 12.09 -12.10 -27.33
C ASP C 847 11.72 -10.88 -28.17
N SER C 848 11.51 -9.73 -27.53
CA SER C 848 11.31 -8.49 -28.27
C SER C 848 12.54 -8.15 -29.10
N VAL C 849 13.72 -8.29 -28.49
CA VAL C 849 14.98 -8.03 -29.17
C VAL C 849 15.16 -8.97 -30.35
N ARG C 850 14.87 -10.26 -30.12
CA ARG C 850 15.00 -11.24 -31.19
C ARG C 850 14.01 -10.96 -32.33
N ASN C 851 12.79 -10.56 -31.98
CA ASN C 851 11.78 -10.25 -32.99
C ASN C 851 12.19 -9.05 -33.82
N LEU C 852 12.64 -7.98 -33.16
CA LEU C 852 12.99 -6.77 -33.89
C LEU C 852 14.22 -7.00 -34.76
N PHE C 853 15.20 -7.75 -34.24
CA PHE C 853 16.42 -7.95 -35.00
C PHE C 853 16.24 -8.96 -36.11
N ALA C 854 15.34 -9.93 -35.93
CA ALA C 854 14.98 -10.81 -37.04
C ALA C 854 14.21 -10.06 -38.10
N SER C 855 13.32 -9.15 -37.70
CA SER C 855 12.51 -8.41 -38.65
C SER C 855 13.36 -7.45 -39.47
N VAL C 856 14.36 -6.84 -38.85
CA VAL C 856 15.17 -5.87 -39.58
C VAL C 856 16.17 -6.59 -40.48
N LYS C 857 16.49 -7.85 -40.19
CA LYS C 857 17.48 -8.56 -40.99
C LYS C 857 16.86 -8.89 -42.33
N SER C 858 17.17 -8.08 -43.34
CA SER C 858 16.81 -8.42 -44.70
C SER C 858 17.60 -9.63 -45.15
N SER C 859 17.02 -10.39 -46.08
CA SER C 859 17.66 -11.62 -46.51
C SER C 859 18.90 -11.39 -47.36
N GLN C 860 19.08 -10.21 -47.93
CA GLN C 860 20.23 -9.98 -48.81
C GLN C 860 20.72 -8.55 -48.65
N SER C 861 22.02 -8.35 -48.89
CA SER C 861 22.63 -7.05 -48.67
C SER C 861 23.92 -6.92 -49.47
N SER C 862 24.48 -5.69 -49.46
CA SER C 862 25.58 -5.09 -50.20
C SER C 862 26.72 -4.73 -49.25
N PRO C 863 27.97 -4.71 -49.71
CA PRO C 863 29.09 -4.48 -48.79
C PRO C 863 29.21 -3.00 -48.41
N ILE C 864 30.21 -2.73 -47.60
CA ILE C 864 30.60 -1.37 -47.24
C ILE C 864 31.91 -1.08 -47.94
N ILE C 865 31.91 -0.15 -48.89
CA ILE C 865 33.03 0.05 -49.80
C ILE C 865 33.49 1.49 -49.69
N PRO C 866 34.76 1.76 -50.03
CA PRO C 866 35.20 3.15 -50.19
C PRO C 866 34.53 3.79 -51.40
N GLY C 867 34.37 5.11 -51.32
CA GLY C 867 33.65 5.81 -52.36
C GLY C 867 32.18 5.47 -52.43
N PHE C 868 31.61 5.03 -51.32
CA PHE C 868 30.21 4.65 -51.28
C PHE C 868 29.31 5.86 -51.47
N GLY C 869 28.20 5.66 -52.17
CA GLY C 869 27.26 6.73 -52.41
C GLY C 869 27.59 7.63 -53.58
N GLY C 870 28.72 7.41 -54.24
CA GLY C 870 29.07 8.23 -55.40
C GLY C 870 29.37 9.67 -55.01
N ASP C 871 28.66 10.59 -55.65
CA ASP C 871 28.90 12.01 -55.39
C ASP C 871 28.36 12.46 -54.05
N PHE C 872 27.43 11.71 -53.46
CA PHE C 872 26.74 12.14 -52.25
C PHE C 872 27.56 11.71 -51.04
N ASN C 873 28.20 12.67 -50.38
CA ASN C 873 28.97 12.39 -49.17
C ASN C 873 28.04 11.97 -48.04
N LEU C 874 28.25 10.75 -47.56
CA LEU C 874 27.37 10.21 -46.53
C LEU C 874 28.16 9.34 -45.54
N THR C 875 29.48 9.48 -45.55
CA THR C 875 30.40 8.49 -44.98
C THR C 875 30.35 8.40 -43.46
N LEU C 876 29.51 9.15 -42.75
CA LEU C 876 29.44 9.01 -41.30
C LEU C 876 28.91 7.66 -40.89
N LEU C 877 28.04 7.07 -41.72
CA LEU C 877 27.52 5.74 -41.51
C LEU C 877 28.55 4.64 -41.70
N GLU C 878 29.63 4.95 -42.37
CA GLU C 878 30.57 3.90 -42.64
C GLU C 878 31.08 3.46 -41.31
N PRO C 879 31.02 2.16 -41.05
CA PRO C 879 31.57 1.63 -39.82
C PRO C 879 33.03 1.46 -40.06
N VAL C 880 33.82 2.49 -39.82
CA VAL C 880 35.22 2.40 -40.16
C VAL C 880 35.93 1.37 -39.31
N ALA C 889 33.59 -0.98 -38.07
CA ALA C 889 33.18 -1.33 -36.72
C ALA C 889 32.05 -0.44 -36.29
N ARG C 890 32.26 0.36 -35.27
CA ARG C 890 31.20 1.27 -34.93
C ARG C 890 31.25 2.34 -35.95
N SER C 891 30.11 2.64 -36.50
CA SER C 891 29.99 3.71 -37.48
C SER C 891 30.38 5.04 -36.88
N ALA C 892 30.90 5.92 -37.73
CA ALA C 892 31.39 7.22 -37.27
C ALA C 892 30.26 8.07 -36.73
N ILE C 893 29.07 7.97 -37.33
CA ILE C 893 27.91 8.66 -36.78
C ILE C 893 27.58 8.14 -35.39
N GLU C 894 27.58 6.82 -35.21
CA GLU C 894 27.35 6.30 -33.87
C GLU C 894 28.59 6.42 -33.00
N ASP C 895 29.77 6.58 -33.59
CA ASP C 895 30.94 6.92 -32.79
C ASP C 895 30.75 8.27 -32.10
N LEU C 896 30.31 9.27 -32.88
CA LEU C 896 30.00 10.58 -32.32
C LEU C 896 28.87 10.48 -31.33
N LEU C 897 27.83 9.70 -31.67
CA LEU C 897 26.68 9.57 -30.78
C LEU C 897 27.07 8.94 -29.45
N PHE C 898 27.91 7.92 -29.48
CA PHE C 898 28.31 7.23 -28.26
C PHE C 898 29.26 8.07 -27.43
N ASP C 899 30.23 8.73 -28.06
CA ASP C 899 31.21 9.49 -27.29
C ASP C 899 30.62 10.76 -26.70
N LYS C 900 29.73 11.42 -27.46
CA LYS C 900 29.18 12.68 -26.99
C LYS C 900 28.26 12.48 -25.79
N VAL C 901 27.49 11.40 -25.77
CA VAL C 901 26.60 11.16 -24.64
C VAL C 901 27.41 10.58 -23.49
N THR C 902 26.99 10.89 -22.26
CA THR C 902 27.70 10.43 -21.08
C THR C 902 27.35 8.96 -20.83
N ILE C 903 28.31 8.07 -21.06
CA ILE C 903 28.14 6.65 -20.83
C ILE C 903 29.14 6.21 -19.77
N ALA C 904 28.63 5.59 -18.70
CA ALA C 904 29.47 4.86 -17.76
C ALA C 904 29.37 3.38 -18.11
N ASP C 905 30.53 2.73 -18.27
CA ASP C 905 30.59 1.38 -18.82
C ASP C 905 30.48 0.33 -17.72
N PRO C 906 29.50 -0.58 -17.77
CA PRO C 906 29.40 -1.58 -16.70
C PRO C 906 30.29 -2.80 -16.89
N GLY C 907 31.53 -2.60 -17.33
CA GLY C 907 32.55 -3.64 -17.35
C GLY C 907 32.22 -4.98 -17.99
N TYR C 908 32.11 -5.01 -19.32
CA TYR C 908 31.76 -6.25 -20.02
C TYR C 908 32.81 -7.32 -19.81
N MET C 909 34.08 -6.95 -19.86
CA MET C 909 35.15 -7.95 -19.90
C MET C 909 35.79 -8.20 -18.54
N GLN C 910 36.33 -7.17 -17.89
CA GLN C 910 36.99 -7.33 -16.59
C GLN C 910 36.71 -6.14 -15.70
N GLY C 911 35.48 -5.62 -15.74
CA GLY C 911 35.15 -4.42 -14.99
C GLY C 911 35.16 -4.61 -13.49
N TYR C 912 34.93 -5.84 -13.03
CA TYR C 912 35.15 -6.16 -11.62
C TYR C 912 36.61 -5.98 -11.24
N ASP C 913 37.51 -6.42 -12.11
CA ASP C 913 38.94 -6.30 -11.85
C ASP C 913 39.34 -4.83 -11.85
N ASP C 914 38.72 -4.05 -12.73
CA ASP C 914 38.91 -2.62 -12.94
C ASP C 914 38.59 -1.79 -11.73
N CYS C 915 37.92 -2.33 -10.72
CA CYS C 915 37.80 -1.62 -9.46
C CYS C 915 38.34 -2.42 -8.28
N MET C 916 38.65 -3.72 -8.44
CA MET C 916 39.34 -4.36 -7.32
C MET C 916 40.75 -3.79 -7.22
N GLN C 917 41.43 -3.64 -8.37
CA GLN C 917 42.82 -3.21 -8.36
C GLN C 917 43.05 -1.83 -8.97
N GLN C 918 42.00 -1.04 -9.17
CA GLN C 918 42.16 0.32 -9.66
C GLN C 918 41.31 1.30 -8.86
N LEU C 926 27.75 5.17 -9.98
CA LEU C 926 28.98 4.50 -10.37
C LEU C 926 28.75 3.00 -10.46
N ILE C 927 29.61 2.30 -11.20
CA ILE C 927 29.41 0.88 -11.47
C ILE C 927 30.55 0.10 -10.84
N CYS C 928 31.12 0.63 -9.77
CA CYS C 928 31.98 -0.16 -8.90
C CYS C 928 31.26 -0.59 -7.63
N ALA C 929 30.54 0.32 -6.99
CA ALA C 929 29.68 -0.01 -5.87
C ALA C 929 28.33 -0.52 -6.34
N GLN C 930 28.39 -1.43 -7.29
CA GLN C 930 27.26 -2.18 -7.80
C GLN C 930 27.34 -3.64 -7.45
N TYR C 931 28.56 -4.18 -7.32
CA TYR C 931 28.75 -5.44 -6.63
C TYR C 931 28.37 -5.27 -5.17
N VAL C 932 28.64 -4.07 -4.64
CA VAL C 932 28.12 -3.68 -3.33
C VAL C 932 26.61 -3.65 -3.36
N ALA C 933 26.03 -3.21 -4.49
CA ALA C 933 24.58 -3.16 -4.61
C ALA C 933 23.94 -4.53 -4.82
N GLY C 934 24.70 -5.62 -4.67
CA GLY C 934 24.16 -6.96 -4.54
C GLY C 934 23.38 -7.44 -5.74
N TYR C 935 23.85 -7.14 -6.94
CA TYR C 935 23.08 -7.44 -8.14
C TYR C 935 24.04 -7.56 -9.32
N LYS C 936 23.53 -8.10 -10.42
CA LYS C 936 24.29 -8.26 -11.64
C LYS C 936 23.75 -7.36 -12.72
N VAL C 937 24.64 -6.59 -13.34
CA VAL C 937 24.32 -5.94 -14.60
C VAL C 937 24.34 -7.02 -15.68
N LEU C 938 23.21 -7.25 -16.32
CA LEU C 938 23.16 -8.29 -17.33
C LEU C 938 23.92 -7.85 -18.58
N PRO C 939 24.79 -8.70 -19.11
CA PRO C 939 25.38 -8.43 -20.40
C PRO C 939 24.32 -8.47 -21.48
N PRO C 940 24.27 -7.48 -22.35
CA PRO C 940 23.34 -7.54 -23.48
C PRO C 940 23.66 -8.70 -24.39
N LEU C 941 22.60 -9.36 -24.88
CA LEU C 941 22.76 -10.52 -25.74
C LEU C 941 23.26 -10.14 -27.13
N MET C 942 23.29 -8.87 -27.46
CA MET C 942 23.43 -8.43 -28.83
C MET C 942 24.77 -7.67 -28.88
N ASP C 943 25.81 -8.31 -29.41
CA ASP C 943 27.16 -7.78 -29.27
C ASP C 943 27.40 -6.56 -30.15
N VAL C 944 28.42 -5.79 -29.76
CA VAL C 944 28.74 -4.54 -30.43
C VAL C 944 29.12 -4.77 -31.88
N ASN C 945 29.95 -5.77 -32.14
CA ASN C 945 30.21 -6.19 -33.50
C ASN C 945 28.95 -6.72 -34.17
N MET C 946 27.99 -7.20 -33.39
CA MET C 946 26.80 -7.77 -34.01
C MET C 946 25.68 -6.75 -34.16
N GLU C 947 25.60 -5.68 -33.32
CA GLU C 947 24.85 -4.52 -33.81
C GLU C 947 25.51 -3.92 -35.03
N ALA C 948 26.85 -3.97 -35.10
CA ALA C 948 27.53 -3.46 -36.28
C ALA C 948 27.15 -4.25 -37.53
N ALA C 949 27.10 -5.57 -37.39
CA ALA C 949 26.72 -6.42 -38.53
C ALA C 949 25.27 -6.19 -38.92
N TYR C 950 24.37 -6.07 -37.94
CA TYR C 950 22.97 -5.88 -38.28
C TYR C 950 22.72 -4.50 -38.87
N THR C 951 23.44 -3.49 -38.39
CA THR C 951 23.34 -2.17 -38.99
C THR C 951 23.90 -2.17 -40.40
N SER C 952 24.98 -2.92 -40.63
CA SER C 952 25.50 -3.07 -41.98
C SER C 952 24.48 -3.75 -42.88
N SER C 953 23.80 -4.76 -42.34
CA SER C 953 22.78 -5.47 -43.08
C SER C 953 21.63 -4.56 -43.48
N LEU C 954 21.11 -3.79 -42.51
CA LEU C 954 20.01 -2.90 -42.84
C LEU C 954 20.44 -1.77 -43.73
N LEU C 955 21.68 -1.28 -43.57
CA LEU C 955 22.22 -0.28 -44.47
C LEU C 955 22.24 -0.78 -45.91
N GLY C 956 22.79 -1.98 -46.12
CA GLY C 956 22.81 -2.54 -47.45
C GLY C 956 21.43 -2.85 -47.98
N SER C 957 20.49 -3.14 -47.09
CA SER C 957 19.10 -3.32 -47.50
C SER C 957 18.53 -2.03 -48.04
N ILE C 958 18.64 -0.93 -47.28
CA ILE C 958 18.04 0.34 -47.67
C ILE C 958 18.76 0.95 -48.86
N ALA C 959 19.98 0.49 -49.12
CA ALA C 959 20.69 0.92 -50.32
C ALA C 959 19.90 0.58 -51.59
N GLY C 960 19.09 -0.48 -51.55
CA GLY C 960 18.37 -0.83 -52.76
C GLY C 960 16.91 -1.20 -52.65
N VAL C 961 16.38 -1.30 -51.42
CA VAL C 961 15.05 -1.88 -51.26
C VAL C 961 13.96 -0.95 -51.78
N GLY C 962 14.17 0.36 -51.73
CA GLY C 962 13.09 1.29 -51.97
C GLY C 962 12.78 1.57 -53.43
N TRP C 963 12.46 0.55 -54.19
CA TRP C 963 12.07 0.85 -55.56
C TRP C 963 10.76 0.19 -55.98
N THR C 964 10.54 -1.06 -55.60
CA THR C 964 9.35 -1.77 -56.04
C THR C 964 8.86 -2.61 -54.87
N ALA C 965 7.53 -2.74 -54.77
CA ALA C 965 6.89 -3.35 -53.61
C ALA C 965 7.27 -4.83 -53.46
N GLY C 966 7.29 -5.29 -52.21
CA GLY C 966 7.69 -6.64 -51.93
C GLY C 966 9.17 -6.74 -51.62
N LEU C 967 9.53 -7.66 -50.75
CA LEU C 967 10.92 -7.88 -50.35
C LEU C 967 11.60 -8.95 -51.17
N SER C 968 11.01 -9.36 -52.30
CA SER C 968 11.44 -10.57 -52.97
C SER C 968 12.78 -10.37 -53.67
N SER C 969 12.86 -9.38 -54.54
CA SER C 969 14.06 -9.17 -55.34
C SER C 969 15.08 -8.35 -54.55
N PHE C 970 16.11 -7.88 -55.24
CA PHE C 970 16.98 -6.89 -54.63
C PHE C 970 17.56 -5.99 -55.71
N ALA C 971 17.58 -4.70 -55.43
CA ALA C 971 17.94 -3.67 -56.40
C ALA C 971 18.97 -2.72 -55.81
N ALA C 972 20.04 -3.26 -55.24
CA ALA C 972 21.07 -2.45 -54.62
C ALA C 972 21.86 -1.64 -55.66
N ILE C 973 21.18 -0.66 -56.24
CA ILE C 973 21.76 0.31 -57.15
C ILE C 973 22.69 1.18 -56.32
N PRO C 974 23.76 1.73 -56.91
CA PRO C 974 24.44 2.86 -56.30
C PRO C 974 23.46 3.94 -55.83
N PHE C 975 23.65 4.38 -54.59
CA PHE C 975 22.60 5.04 -53.82
C PHE C 975 22.25 6.42 -54.37
N ALA C 976 23.09 6.98 -55.25
CA ALA C 976 22.76 8.25 -55.90
C ALA C 976 21.50 8.12 -56.73
N GLN C 977 21.39 7.05 -57.51
CA GLN C 977 20.17 6.88 -58.28
C GLN C 977 19.01 6.43 -57.40
N SER C 978 19.30 5.84 -56.24
CA SER C 978 18.25 5.62 -55.25
C SER C 978 17.65 6.95 -54.79
N ILE C 979 18.51 7.93 -54.55
CA ILE C 979 18.04 9.27 -54.21
C ILE C 979 17.25 9.86 -55.36
N PHE C 980 17.74 9.67 -56.59
CA PHE C 980 17.06 10.23 -57.75
C PHE C 980 15.65 9.65 -57.91
N TYR C 981 15.54 8.33 -57.80
CA TYR C 981 14.23 7.69 -57.89
C TYR C 981 13.34 8.09 -56.73
N ARG C 982 13.94 8.32 -55.56
CA ARG C 982 13.18 8.84 -54.42
C ARG C 982 12.60 10.20 -54.74
N LEU C 983 13.39 11.07 -55.39
CA LEU C 983 12.90 12.38 -55.78
C LEU C 983 11.80 12.27 -56.83
N ASN C 984 11.93 11.29 -57.73
CA ASN C 984 10.85 11.03 -58.69
C ASN C 984 9.57 10.62 -57.97
N GLY C 985 9.69 9.78 -56.95
CA GLY C 985 8.52 9.31 -56.24
C GLY C 985 7.81 10.40 -55.46
N VAL C 986 8.58 11.25 -54.78
CA VAL C 986 7.97 12.23 -53.89
C VAL C 986 7.33 13.39 -54.64
N GLY C 987 7.60 13.54 -55.94
CA GLY C 987 6.92 14.55 -56.72
C GLY C 987 7.83 15.56 -57.38
N ILE C 988 9.09 15.19 -57.58
CA ILE C 988 10.05 16.01 -58.28
C ILE C 988 10.33 15.36 -59.62
N THR C 989 10.16 16.12 -60.70
CA THR C 989 10.23 15.52 -62.02
C THR C 989 11.66 15.14 -62.38
N GLN C 990 11.76 14.28 -63.39
CA GLN C 990 13.06 13.78 -63.84
C GLN C 990 13.92 14.89 -64.39
N GLN C 991 13.30 15.92 -64.98
CA GLN C 991 14.05 16.97 -65.65
C GLN C 991 14.91 17.77 -64.67
N VAL C 992 14.29 18.28 -63.60
CA VAL C 992 14.99 19.21 -62.73
C VAL C 992 16.07 18.51 -61.93
N LEU C 993 15.82 17.27 -61.51
CA LEU C 993 16.87 16.50 -60.88
C LEU C 993 17.96 16.13 -61.88
N SER C 994 17.59 15.95 -63.15
CA SER C 994 18.57 15.64 -64.17
C SER C 994 19.44 16.84 -64.52
N GLU C 995 19.01 18.05 -64.18
CA GLU C 995 19.85 19.22 -64.42
C GLU C 995 20.42 19.84 -63.16
N ASN C 996 20.06 19.35 -61.97
CA ASN C 996 20.48 19.98 -60.73
C ASN C 996 20.91 18.82 -59.80
N GLN C 997 21.83 17.98 -60.30
CA GLN C 997 22.35 16.89 -59.47
C GLN C 997 23.27 17.42 -58.38
N LYS C 998 24.28 18.20 -58.77
CA LYS C 998 25.37 18.53 -57.86
C LYS C 998 24.92 19.45 -56.74
N LEU C 999 24.03 20.41 -57.04
CA LEU C 999 23.64 21.36 -56.01
C LEU C 999 22.75 20.70 -54.96
N ILE C 1000 21.83 19.84 -55.38
CA ILE C 1000 21.05 19.11 -54.39
C ILE C 1000 21.92 18.10 -53.65
N ALA C 1001 22.97 17.60 -54.31
CA ALA C 1001 23.92 16.74 -53.61
C ALA C 1001 24.62 17.49 -52.50
N ASN C 1002 25.07 18.71 -52.80
CA ASN C 1002 25.75 19.52 -51.79
C ASN C 1002 24.79 19.94 -50.68
N LYS C 1003 23.52 20.19 -51.03
CA LYS C 1003 22.51 20.48 -50.01
C LYS C 1003 22.32 19.29 -49.08
N PHE C 1004 22.29 18.09 -49.64
CA PHE C 1004 22.21 16.87 -48.83
C PHE C 1004 23.43 16.74 -47.93
N ASN C 1005 24.61 17.05 -48.47
CA ASN C 1005 25.85 16.96 -47.70
C ASN C 1005 25.83 17.93 -46.52
N GLN C 1006 25.46 19.19 -46.76
CA GLN C 1006 25.47 20.14 -45.66
C GLN C 1006 24.36 19.85 -44.65
N ALA C 1007 23.25 19.28 -45.12
CA ALA C 1007 22.22 18.83 -44.19
C ALA C 1007 22.76 17.74 -43.28
N LEU C 1008 23.52 16.80 -43.84
CA LEU C 1008 24.14 15.77 -43.02
C LEU C 1008 25.23 16.32 -42.12
N GLY C 1009 25.92 17.37 -42.53
CA GLY C 1009 27.02 17.88 -41.75
C GLY C 1009 26.60 18.80 -40.62
N ALA C 1010 25.47 19.49 -40.81
CA ALA C 1010 25.01 20.44 -39.80
C ALA C 1010 24.58 19.73 -38.53
N MET C 1011 23.94 18.56 -38.67
CA MET C 1011 23.54 17.78 -37.51
C MET C 1011 24.71 17.19 -36.74
N GLN C 1012 25.89 17.11 -37.35
CA GLN C 1012 27.05 16.54 -36.68
C GLN C 1012 27.45 17.37 -35.47
N THR C 1013 27.64 18.67 -35.66
CA THR C 1013 28.01 19.53 -34.54
C THR C 1013 26.83 19.85 -33.64
N GLY C 1014 25.61 19.52 -34.05
CA GLY C 1014 24.44 19.78 -33.25
C GLY C 1014 24.16 18.77 -32.19
N PHE C 1015 25.08 17.85 -31.93
CA PHE C 1015 24.87 16.78 -30.95
C PHE C 1015 24.98 17.39 -29.55
N THR C 1016 23.92 18.09 -29.18
CA THR C 1016 23.88 18.85 -27.94
C THR C 1016 22.43 18.92 -27.49
N THR C 1017 22.13 19.87 -26.60
CA THR C 1017 20.77 20.05 -26.09
C THR C 1017 19.79 20.44 -27.19
N THR C 1018 20.28 21.05 -28.28
CA THR C 1018 19.41 21.46 -29.38
C THR C 1018 18.75 20.26 -30.06
N ASN C 1019 19.43 19.13 -30.11
CA ASN C 1019 18.81 17.89 -30.60
C ASN C 1019 17.99 17.31 -29.48
N GLU C 1020 16.66 17.33 -29.64
CA GLU C 1020 15.76 16.85 -28.59
C GLU C 1020 15.92 15.36 -28.36
N ALA C 1021 16.22 14.60 -29.42
CA ALA C 1021 16.44 13.17 -29.27
C ALA C 1021 17.71 12.88 -28.48
N PHE C 1022 18.75 13.70 -28.68
CA PHE C 1022 19.95 13.59 -27.85
C PHE C 1022 19.63 13.80 -26.39
N GLN C 1023 18.80 14.82 -26.11
CA GLN C 1023 18.35 15.07 -24.74
C GLN C 1023 17.58 13.88 -24.20
N LYS C 1024 16.73 13.28 -25.02
CA LYS C 1024 15.93 12.14 -24.56
C LYS C 1024 16.80 10.91 -24.31
N VAL C 1025 17.86 10.72 -25.09
CA VAL C 1025 18.77 9.61 -24.83
C VAL C 1025 19.52 9.83 -23.53
N GLN C 1026 20.00 11.05 -23.29
CA GLN C 1026 20.64 11.36 -22.02
C GLN C 1026 19.64 11.17 -20.86
N ASP C 1027 18.37 11.50 -21.11
CA ASP C 1027 17.34 11.31 -20.10
C ASP C 1027 17.09 9.83 -19.84
N ALA C 1028 17.17 9.00 -20.87
CA ALA C 1028 16.98 7.57 -20.67
C ALA C 1028 18.13 6.97 -19.89
N VAL C 1029 19.35 7.43 -20.17
CA VAL C 1029 20.50 7.02 -19.36
C VAL C 1029 20.31 7.45 -17.92
N ASN C 1030 19.78 8.66 -17.73
CA ASN C 1030 19.43 9.13 -16.39
C ASN C 1030 18.33 8.27 -15.78
N ASN C 1031 17.42 7.75 -16.59
CA ASN C 1031 16.38 6.87 -16.07
C ASN C 1031 17.00 5.60 -15.52
N ASN C 1032 17.94 5.01 -16.26
CA ASN C 1032 18.63 3.83 -15.77
C ASN C 1032 19.41 4.14 -14.50
N ALA C 1033 20.11 5.27 -14.49
CA ALA C 1033 20.90 5.65 -13.33
C ALA C 1033 20.03 5.90 -12.11
N GLN C 1034 18.89 6.56 -12.31
CA GLN C 1034 17.96 6.81 -11.21
C GLN C 1034 17.36 5.51 -10.70
N ALA C 1035 17.07 4.58 -11.61
CA ALA C 1035 16.54 3.28 -11.20
C ALA C 1035 17.53 2.53 -10.35
N LEU C 1036 18.80 2.55 -10.73
CA LEU C 1036 19.80 1.86 -9.92
C LEU C 1036 20.09 2.57 -8.61
N SER C 1037 20.08 3.91 -8.62
CA SER C 1037 20.28 4.64 -7.39
C SER C 1037 19.11 4.46 -6.44
N LYS C 1038 17.92 4.18 -6.98
CA LYS C 1038 16.76 3.89 -6.15
C LYS C 1038 16.95 2.60 -5.35
N LEU C 1039 17.88 1.75 -5.75
CA LEU C 1039 18.26 0.61 -4.93
C LEU C 1039 19.48 0.90 -4.07
N ALA C 1040 20.48 1.55 -4.66
CA ALA C 1040 21.74 1.77 -3.95
C ALA C 1040 21.57 2.70 -2.77
N SER C 1041 20.96 3.86 -3.00
CA SER C 1041 20.84 4.88 -1.96
C SER C 1041 19.89 4.44 -0.86
N GLU C 1042 18.85 3.70 -1.21
CA GLU C 1042 17.83 3.33 -0.25
C GLU C 1042 18.30 2.26 0.71
N LEU C 1043 19.40 1.58 0.40
CA LEU C 1043 20.00 0.67 1.37
C LEU C 1043 20.57 1.42 2.56
N SER C 1044 20.98 2.67 2.35
CA SER C 1044 21.51 3.47 3.44
C SER C 1044 20.41 3.85 4.44
N ASN C 1045 19.19 4.02 3.96
CA ASN C 1045 18.09 4.39 4.83
C ASN C 1045 17.78 3.27 5.81
N THR C 1046 17.56 3.63 7.05
CA THR C 1046 17.28 2.67 8.11
C THR C 1046 15.82 2.30 8.18
N PHE C 1047 14.93 3.21 7.76
CA PHE C 1047 13.48 3.05 7.84
C PHE C 1047 13.04 2.73 9.26
N GLY C 1048 13.35 3.66 10.16
CA GLY C 1048 13.02 3.49 11.55
C GLY C 1048 14.05 2.73 12.36
N ALA C 1049 15.09 2.20 11.73
CA ALA C 1049 16.15 1.53 12.45
C ALA C 1049 17.19 2.57 12.88
N ILE C 1050 18.25 2.10 13.53
CA ILE C 1050 19.32 2.98 13.97
C ILE C 1050 20.57 2.84 13.13
N SER C 1051 20.56 1.97 12.12
CA SER C 1051 21.72 1.77 11.27
C SER C 1051 21.29 1.11 9.98
N ALA C 1052 22.19 1.14 9.00
CA ALA C 1052 22.05 0.36 7.78
C ALA C 1052 23.06 -0.76 7.69
N SER C 1053 24.03 -0.82 8.59
CA SER C 1053 25.06 -1.85 8.58
C SER C 1053 24.65 -2.95 9.55
N ILE C 1054 24.26 -4.10 9.00
CA ILE C 1054 23.65 -5.18 9.76
C ILE C 1054 24.64 -5.81 10.72
N GLY C 1055 25.91 -5.90 10.30
CA GLY C 1055 26.92 -6.50 11.17
C GLY C 1055 27.11 -5.72 12.46
N ASP C 1056 27.17 -4.39 12.36
CA ASP C 1056 27.16 -3.59 13.57
C ASP C 1056 25.85 -3.73 14.32
N ILE C 1057 24.74 -3.89 13.60
CA ILE C 1057 23.43 -3.96 14.24
C ILE C 1057 23.36 -5.17 15.17
N ILE C 1058 23.81 -6.33 14.69
CA ILE C 1058 23.90 -7.49 15.56
C ILE C 1058 25.04 -7.34 16.56
N GLN C 1059 26.06 -6.54 16.24
CA GLN C 1059 27.17 -6.33 17.17
C GLN C 1059 26.74 -5.58 18.42
N ARG C 1060 25.80 -4.64 18.31
CA ARG C 1060 25.53 -3.72 19.41
C ARG C 1060 24.09 -3.76 19.91
N LEU C 1061 23.31 -4.79 19.57
CA LEU C 1061 21.94 -4.88 20.05
C LEU C 1061 21.67 -6.23 20.68
N ASP C 1062 20.67 -6.24 21.56
CA ASP C 1062 20.21 -7.46 22.19
C ASP C 1062 19.37 -8.27 21.19
N PRO C 1063 19.49 -9.60 21.21
CA PRO C 1063 19.01 -10.43 20.07
C PRO C 1063 17.52 -10.30 19.75
N PRO C 1064 16.58 -10.42 20.74
CA PRO C 1064 15.16 -10.35 20.32
C PRO C 1064 14.75 -9.04 19.69
N GLU C 1065 15.32 -7.92 20.14
CA GLU C 1065 14.95 -6.65 19.55
C GLU C 1065 15.70 -6.39 18.25
N GLN C 1066 16.95 -6.88 18.15
CA GLN C 1066 17.67 -6.74 16.90
C GLN C 1066 17.02 -7.54 15.79
N ASP C 1067 16.37 -8.66 16.12
CA ASP C 1067 15.69 -9.43 15.10
C ASP C 1067 14.51 -8.64 14.53
N ALA C 1068 13.76 -7.96 15.40
CA ALA C 1068 12.66 -7.13 14.93
C ALA C 1068 13.17 -5.96 14.10
N GLN C 1069 14.29 -5.36 14.51
CA GLN C 1069 14.85 -4.25 13.73
C GLN C 1069 15.30 -4.71 12.35
N ILE C 1070 15.96 -5.87 12.28
CA ILE C 1070 16.29 -6.45 10.99
C ILE C 1070 15.03 -6.73 10.18
N ASP C 1071 13.96 -7.19 10.83
CA ASP C 1071 12.71 -7.43 10.12
C ASP C 1071 12.16 -6.14 9.51
N ARG C 1072 12.23 -5.04 10.26
CA ARG C 1072 11.74 -3.77 9.76
C ARG C 1072 12.55 -3.28 8.56
N LEU C 1073 13.88 -3.44 8.63
CA LEU C 1073 14.67 -2.98 7.50
C LEU C 1073 14.53 -3.90 6.30
N ILE C 1074 14.31 -5.20 6.53
CA ILE C 1074 13.96 -6.09 5.43
C ILE C 1074 12.64 -5.68 4.81
N ASN C 1075 11.67 -5.26 5.63
CA ASN C 1075 10.40 -4.77 5.13
C ASN C 1075 10.60 -3.57 4.21
N GLY C 1076 11.43 -2.62 4.65
CA GLY C 1076 11.75 -1.48 3.80
C GLY C 1076 12.43 -1.89 2.52
N ARG C 1077 13.39 -2.82 2.62
CA ARG C 1077 14.13 -3.26 1.45
C ARG C 1077 13.23 -3.98 0.46
N LEU C 1078 12.34 -4.84 0.95
CA LEU C 1078 11.47 -5.59 0.06
C LEU C 1078 10.41 -4.70 -0.55
N THR C 1079 9.97 -3.67 0.17
CA THR C 1079 9.02 -2.74 -0.41
C THR C 1079 9.69 -1.94 -1.54
N THR C 1080 10.94 -1.54 -1.33
CA THR C 1080 11.68 -0.89 -2.42
C THR C 1080 11.86 -1.85 -3.58
N LEU C 1081 12.11 -3.13 -3.30
CA LEU C 1081 12.22 -4.13 -4.34
C LEU C 1081 10.93 -4.28 -5.11
N ASN C 1082 9.80 -4.30 -4.41
CA ASN C 1082 8.50 -4.44 -5.05
C ASN C 1082 8.20 -3.24 -5.93
N ALA C 1083 8.52 -2.04 -5.44
CA ALA C 1083 8.31 -0.84 -6.23
C ALA C 1083 9.21 -0.84 -7.46
N PHE C 1084 10.45 -1.29 -7.31
CA PHE C 1084 11.37 -1.36 -8.44
C PHE C 1084 10.89 -2.37 -9.47
N VAL C 1085 10.38 -3.51 -9.00
CA VAL C 1085 9.86 -4.52 -9.90
C VAL C 1085 8.63 -3.99 -10.63
N ALA C 1086 7.74 -3.30 -9.93
CA ALA C 1086 6.56 -2.74 -10.58
C ALA C 1086 6.95 -1.69 -11.61
N GLN C 1087 7.89 -0.82 -11.25
CA GLN C 1087 8.36 0.21 -12.17
C GLN C 1087 9.02 -0.42 -13.40
N GLN C 1088 9.80 -1.48 -13.19
CA GLN C 1088 10.51 -2.06 -14.32
C GLN C 1088 9.59 -2.91 -15.18
N LEU C 1089 8.55 -3.51 -14.62
CA LEU C 1089 7.55 -4.14 -15.48
C LEU C 1089 6.77 -3.11 -16.28
N VAL C 1090 6.50 -1.95 -15.68
CA VAL C 1090 5.88 -0.87 -16.44
C VAL C 1090 6.81 -0.42 -17.55
N ARG C 1091 8.09 -0.25 -17.23
CA ARG C 1091 9.09 0.13 -18.22
C ARG C 1091 9.25 -0.95 -19.27
N SER C 1092 9.08 -2.22 -18.90
CA SER C 1092 9.24 -3.31 -19.85
C SER C 1092 8.08 -3.36 -20.82
N GLU C 1093 6.86 -3.15 -20.31
CA GLU C 1093 5.70 -3.06 -21.19
C GLU C 1093 5.83 -1.88 -22.14
N SER C 1094 6.28 -0.74 -21.61
CA SER C 1094 6.54 0.43 -22.43
C SER C 1094 7.61 0.15 -23.47
N ALA C 1095 8.65 -0.57 -23.06
CA ALA C 1095 9.74 -0.90 -23.97
C ALA C 1095 9.27 -1.84 -25.06
N ALA C 1096 8.41 -2.80 -24.71
CA ALA C 1096 7.89 -3.72 -25.70
C ALA C 1096 7.02 -3.01 -26.72
N LEU C 1097 6.11 -2.16 -26.25
CA LEU C 1097 5.24 -1.46 -27.17
C LEU C 1097 6.02 -0.46 -28.02
N SER C 1098 6.98 0.24 -27.42
CA SER C 1098 7.79 1.17 -28.19
C SER C 1098 8.72 0.44 -29.14
N ALA C 1099 9.13 -0.78 -28.79
CA ALA C 1099 9.92 -1.58 -29.71
C ALA C 1099 9.07 -2.02 -30.88
N GLN C 1100 7.80 -2.33 -30.64
CA GLN C 1100 6.88 -2.57 -31.73
C GLN C 1100 6.74 -1.33 -32.59
N LEU C 1101 6.67 -0.16 -31.95
CA LEU C 1101 6.58 1.11 -32.67
C LEU C 1101 7.81 1.34 -33.55
N ALA C 1102 8.99 1.07 -32.99
CA ALA C 1102 10.24 1.28 -33.73
C ALA C 1102 10.37 0.27 -34.86
N LYS C 1103 9.96 -0.96 -34.62
CA LYS C 1103 9.93 -1.97 -35.66
C LYS C 1103 9.01 -1.53 -36.79
N ASP C 1104 7.85 -0.98 -36.43
CA ASP C 1104 6.93 -0.46 -37.44
C ASP C 1104 7.55 0.70 -38.20
N LYS C 1105 8.22 1.61 -37.50
CA LYS C 1105 8.74 2.81 -38.14
C LYS C 1105 9.93 2.49 -39.04
N VAL C 1106 10.72 1.48 -38.68
CA VAL C 1106 11.76 1.05 -39.59
C VAL C 1106 11.19 0.15 -40.67
N ASN C 1107 9.95 -0.33 -40.50
CA ASN C 1107 9.32 -1.08 -41.57
C ASN C 1107 8.77 -0.15 -42.66
N GLU C 1108 7.98 0.85 -42.27
CA GLU C 1108 7.22 1.61 -43.27
C GLU C 1108 8.09 2.58 -44.05
N CYS C 1109 8.63 3.60 -43.38
CA CYS C 1109 9.30 4.68 -44.10
C CYS C 1109 10.82 4.49 -44.19
N VAL C 1110 11.30 3.29 -43.89
CA VAL C 1110 12.74 3.02 -43.99
C VAL C 1110 12.97 1.99 -45.08
N LYS C 1111 12.40 0.79 -44.92
CA LYS C 1111 12.46 -0.21 -45.97
C LYS C 1111 11.59 0.13 -47.16
N ALA C 1112 10.75 1.16 -47.03
CA ALA C 1112 9.97 1.69 -48.13
C ALA C 1112 9.82 3.18 -47.86
N GLN C 1113 8.83 3.80 -48.48
CA GLN C 1113 8.53 5.20 -48.19
C GLN C 1113 7.08 5.31 -47.76
N SER C 1114 6.86 5.46 -46.46
CA SER C 1114 5.50 5.64 -45.97
C SER C 1114 4.98 6.99 -46.40
N LYS C 1115 3.90 6.99 -47.15
CA LYS C 1115 3.35 8.23 -47.69
C LYS C 1115 2.44 8.94 -46.70
N ARG C 1116 2.24 8.35 -45.52
CA ARG C 1116 1.40 8.98 -44.52
C ARG C 1116 2.08 10.22 -43.94
N SER C 1117 1.25 11.16 -43.51
CA SER C 1117 1.72 12.50 -43.17
C SER C 1117 2.42 12.48 -41.82
N GLY C 1118 3.74 12.60 -41.84
CA GLY C 1118 4.50 12.85 -40.63
C GLY C 1118 4.54 11.74 -39.62
N PHE C 1119 4.65 10.49 -40.05
CA PHE C 1119 4.86 9.41 -39.10
C PHE C 1119 6.27 9.42 -38.54
N CYS C 1120 7.25 9.62 -39.42
CA CYS C 1120 8.65 9.65 -39.01
C CYS C 1120 9.37 10.94 -39.37
N GLY C 1121 8.79 11.78 -40.22
CA GLY C 1121 9.39 13.06 -40.55
C GLY C 1121 8.38 14.07 -41.02
N GLN C 1122 8.56 15.33 -40.64
CA GLN C 1122 7.58 16.36 -40.98
C GLN C 1122 7.66 16.67 -42.48
N GLY C 1123 6.60 17.31 -42.98
CA GLY C 1123 6.47 17.45 -44.41
C GLY C 1123 6.24 16.09 -45.04
N THR C 1124 6.85 15.88 -46.20
CA THR C 1124 6.96 14.55 -46.75
C THR C 1124 8.32 13.97 -46.40
N HIS C 1125 8.32 12.75 -45.87
CA HIS C 1125 9.56 12.10 -45.53
C HIS C 1125 10.24 11.63 -46.81
N ILE C 1126 11.56 11.79 -46.88
CA ILE C 1126 12.32 11.46 -48.07
C ILE C 1126 13.18 10.24 -47.85
N VAL C 1127 14.15 10.31 -46.93
CA VAL C 1127 14.99 9.17 -46.59
C VAL C 1127 15.23 9.15 -45.09
N SER C 1128 15.77 8.04 -44.62
CA SER C 1128 16.14 7.91 -43.22
C SER C 1128 17.31 6.95 -43.08
N PHE C 1129 17.98 7.06 -41.94
CA PHE C 1129 19.08 6.20 -41.60
C PHE C 1129 18.99 5.83 -40.13
N VAL C 1130 19.47 4.64 -39.81
CA VAL C 1130 19.23 4.01 -38.52
C VAL C 1130 20.56 3.70 -37.88
N VAL C 1131 20.71 4.06 -36.61
CA VAL C 1131 21.90 3.71 -35.83
C VAL C 1131 21.45 3.20 -34.48
N ASN C 1132 22.35 2.55 -33.78
CA ASN C 1132 22.06 2.04 -32.46
C ASN C 1132 22.06 3.17 -31.44
N ALA C 1133 21.76 2.81 -30.20
CA ALA C 1133 21.79 3.72 -29.07
C ALA C 1133 21.86 2.82 -27.85
N PRO C 1134 22.57 3.22 -26.79
CA PRO C 1134 22.84 2.28 -25.67
C PRO C 1134 21.60 1.77 -24.95
N ASN C 1135 20.42 2.33 -25.23
CA ASN C 1135 19.19 1.73 -24.76
C ASN C 1135 18.10 1.76 -25.82
N GLY C 1136 18.43 2.04 -27.07
CA GLY C 1136 17.40 2.10 -28.09
C GLY C 1136 17.92 2.21 -29.50
N LEU C 1137 17.05 2.65 -30.41
CA LEU C 1137 17.45 2.85 -31.80
C LEU C 1137 17.23 4.30 -32.19
N TYR C 1138 18.25 4.91 -32.75
CA TYR C 1138 18.28 6.34 -33.03
C TYR C 1138 18.15 6.55 -34.53
N PHE C 1139 17.26 7.46 -34.93
CA PHE C 1139 16.85 7.61 -36.30
C PHE C 1139 17.22 9.00 -36.79
N MET C 1140 17.59 9.08 -38.06
CA MET C 1140 17.80 10.36 -38.73
C MET C 1140 16.88 10.36 -39.96
N HIS C 1141 16.00 11.35 -40.05
CA HIS C 1141 15.12 11.46 -41.19
C HIS C 1141 15.44 12.74 -41.94
N VAL C 1142 15.82 12.61 -43.20
CA VAL C 1142 15.95 13.75 -44.08
C VAL C 1142 14.63 13.89 -44.82
N GLY C 1143 14.03 15.07 -44.69
CA GLY C 1143 12.73 15.33 -45.25
C GLY C 1143 12.71 16.62 -46.04
N TYR C 1144 11.67 16.75 -46.85
CA TYR C 1144 11.51 17.91 -47.71
C TYR C 1144 10.86 19.04 -46.94
N TYR C 1145 11.43 20.24 -47.02
CA TYR C 1145 10.81 21.37 -46.35
C TYR C 1145 10.82 22.59 -47.26
N PRO C 1146 9.67 23.03 -47.72
CA PRO C 1146 9.61 24.04 -48.79
C PRO C 1146 9.56 25.46 -48.25
N SER C 1147 9.74 26.41 -49.16
CA SER C 1147 9.79 27.82 -48.82
C SER C 1147 9.62 28.64 -50.09
N ASN C 1148 9.34 29.93 -49.88
CA ASN C 1148 9.11 30.91 -50.94
C ASN C 1148 7.97 30.47 -51.86
N HIS C 1149 6.85 30.09 -51.25
CA HIS C 1149 5.68 29.73 -52.01
C HIS C 1149 5.07 30.96 -52.64
N ILE C 1150 4.79 30.88 -53.94
CA ILE C 1150 4.15 31.96 -54.67
C ILE C 1150 2.80 31.47 -55.17
N GLU C 1151 2.05 32.41 -55.73
CA GLU C 1151 0.71 32.15 -56.23
C GLU C 1151 0.71 32.20 -57.75
N VAL C 1152 0.05 31.22 -58.35
CA VAL C 1152 0.01 31.04 -59.79
C VAL C 1152 -1.42 30.80 -60.22
N VAL C 1153 -1.64 30.80 -61.53
CA VAL C 1153 -2.95 30.56 -62.11
C VAL C 1153 -3.02 29.11 -62.58
N SER C 1154 -4.03 28.39 -62.10
CA SER C 1154 -4.15 26.96 -62.32
C SER C 1154 -5.61 26.62 -62.62
N ALA C 1155 -5.83 25.35 -62.93
CA ALA C 1155 -7.15 24.89 -63.35
C ALA C 1155 -7.24 23.39 -63.08
N TYR C 1156 -8.30 22.76 -63.58
CA TYR C 1156 -8.45 21.31 -63.49
C TYR C 1156 -8.26 20.60 -64.82
N GLY C 1157 -9.04 20.94 -65.83
CA GLY C 1157 -9.05 20.13 -67.03
C GLY C 1157 -9.29 20.97 -68.26
N LEU C 1158 -8.74 20.49 -69.37
CA LEU C 1158 -8.91 21.11 -70.66
C LEU C 1158 -9.67 20.16 -71.58
N CYS C 1159 -10.71 20.67 -72.22
CA CYS C 1159 -11.53 19.90 -73.13
C CYS C 1159 -11.64 20.67 -74.44
N ASP C 1160 -11.57 19.93 -75.55
CA ASP C 1160 -11.53 20.55 -76.87
C ASP C 1160 -12.85 21.22 -77.20
N ALA C 1161 -12.76 22.30 -77.99
CA ALA C 1161 -13.97 22.91 -78.52
C ALA C 1161 -14.74 21.94 -79.40
N ALA C 1162 -14.03 21.25 -80.29
CA ALA C 1162 -14.67 20.24 -81.11
C ALA C 1162 -14.94 18.96 -80.33
N ASN C 1163 -14.11 18.64 -79.35
CA ASN C 1163 -14.22 17.40 -78.58
C ASN C 1163 -14.26 17.74 -77.09
N PRO C 1164 -15.40 18.21 -76.60
CA PRO C 1164 -15.50 18.51 -75.16
C PRO C 1164 -15.48 17.26 -74.29
N THR C 1165 -15.72 16.08 -74.87
CA THR C 1165 -15.66 14.86 -74.08
C THR C 1165 -14.23 14.54 -73.67
N ASN C 1166 -13.29 14.61 -74.61
CA ASN C 1166 -11.91 14.21 -74.33
C ASN C 1166 -11.26 15.30 -73.50
N CYS C 1167 -10.96 14.98 -72.24
CA CYS C 1167 -10.32 15.91 -71.33
C CYS C 1167 -9.18 15.20 -70.62
N ILE C 1168 -8.22 15.99 -70.16
CA ILE C 1168 -7.06 15.45 -69.46
C ILE C 1168 -6.98 16.10 -68.08
N ALA C 1169 -6.33 15.39 -67.17
CA ALA C 1169 -6.11 15.84 -65.81
C ALA C 1169 -4.68 15.53 -65.41
N PRO C 1170 -4.07 16.37 -64.57
CA PRO C 1170 -2.67 16.13 -64.19
C PRO C 1170 -2.55 14.94 -63.28
N VAL C 1171 -1.39 14.29 -63.34
CA VAL C 1171 -1.03 13.19 -62.46
C VAL C 1171 0.18 13.63 -61.67
N ASN C 1172 -0.04 13.91 -60.37
CA ASN C 1172 0.97 14.40 -59.44
C ASN C 1172 1.61 15.68 -59.99
N GLY C 1173 0.76 16.66 -60.24
CA GLY C 1173 1.22 17.93 -60.80
C GLY C 1173 0.04 18.85 -61.01
N TYR C 1174 0.33 19.99 -61.66
CA TYR C 1174 -0.70 20.99 -61.91
C TYR C 1174 -0.48 21.64 -63.27
N PHE C 1175 -1.59 22.05 -63.87
CA PHE C 1175 -1.60 22.87 -65.07
C PHE C 1175 -1.50 24.32 -64.64
N ILE C 1176 -0.47 25.03 -65.09
CA ILE C 1176 -0.18 26.38 -64.64
C ILE C 1176 -0.13 27.30 -65.84
N LYS C 1177 -0.89 28.39 -65.78
CA LYS C 1177 -0.76 29.46 -66.77
C LYS C 1177 0.54 30.18 -66.50
N THR C 1178 1.58 29.87 -67.27
CA THR C 1178 2.91 30.35 -66.93
C THR C 1178 3.07 31.83 -67.26
N ASN C 1179 3.93 32.48 -66.48
CA ASN C 1179 4.32 33.87 -66.74
C ASN C 1179 5.63 33.89 -67.52
N ASN C 1180 5.63 33.23 -68.68
CA ASN C 1180 6.82 33.10 -69.49
C ASN C 1180 7.14 34.41 -70.21
N GLU C 1186 0.37 30.95 -71.58
CA GLU C 1186 0.19 29.58 -72.06
C GLU C 1186 0.14 28.60 -70.88
N TRP C 1187 -0.72 27.59 -70.98
CA TRP C 1187 -0.75 26.55 -69.98
C TRP C 1187 0.47 25.65 -70.09
N SER C 1188 0.90 25.13 -68.95
CA SER C 1188 2.08 24.29 -68.87
C SER C 1188 1.90 23.32 -67.72
N TYR C 1189 2.84 22.39 -67.58
CA TYR C 1189 2.82 21.44 -66.48
C TYR C 1189 3.90 21.78 -65.47
N THR C 1190 3.57 21.59 -64.20
CA THR C 1190 4.57 21.50 -63.15
C THR C 1190 4.22 20.32 -62.26
N GLY C 1191 5.20 19.88 -61.47
CA GLY C 1191 4.94 18.87 -60.49
C GLY C 1191 4.22 19.43 -59.29
N SER C 1192 3.84 18.54 -58.39
CA SER C 1192 3.14 18.96 -57.19
C SER C 1192 4.07 19.32 -56.04
N SER C 1193 5.37 19.30 -56.27
CA SER C 1193 6.32 19.57 -55.19
C SER C 1193 7.19 20.79 -55.41
N PHE C 1194 7.31 21.30 -56.63
CA PHE C 1194 8.20 22.42 -56.87
C PHE C 1194 7.69 23.24 -58.05
N TYR C 1195 8.06 24.51 -58.06
CA TYR C 1195 7.77 25.37 -59.20
C TYR C 1195 8.70 24.95 -60.33
N ALA C 1196 8.27 23.97 -61.10
CA ALA C 1196 9.06 23.41 -62.18
C ALA C 1196 8.22 23.39 -63.45
N PRO C 1197 8.09 24.54 -64.12
CA PRO C 1197 7.30 24.58 -65.36
C PRO C 1197 7.99 23.80 -66.46
N GLU C 1198 7.19 23.07 -67.25
CA GLU C 1198 7.74 22.29 -68.34
C GLU C 1198 6.62 22.05 -69.34
N PRO C 1199 6.94 21.84 -70.62
CA PRO C 1199 5.89 21.69 -71.63
C PRO C 1199 5.08 20.42 -71.46
N ILE C 1200 3.75 20.57 -71.49
CA ILE C 1200 2.85 19.45 -71.19
C ILE C 1200 2.90 18.42 -72.31
N THR C 1201 2.98 17.15 -71.91
CA THR C 1201 2.95 16.03 -72.85
C THR C 1201 1.99 14.98 -72.33
N SER C 1202 2.04 13.77 -72.90
CA SER C 1202 1.13 12.72 -72.48
C SER C 1202 1.53 12.10 -71.16
N LEU C 1203 2.83 12.01 -70.88
CA LEU C 1203 3.35 11.18 -69.81
C LEU C 1203 2.91 11.65 -68.42
N ASN C 1204 2.64 12.94 -68.25
CA ASN C 1204 2.35 13.51 -66.95
C ASN C 1204 0.87 13.76 -66.73
N THR C 1205 0.00 13.31 -67.63
CA THR C 1205 -1.42 13.54 -67.52
C THR C 1205 -2.19 12.31 -67.97
N LYS C 1206 -3.48 12.27 -67.65
CA LYS C 1206 -4.32 11.15 -68.04
C LYS C 1206 -5.63 11.65 -68.63
N TYR C 1207 -6.16 10.85 -69.56
CA TYR C 1207 -7.44 11.15 -70.19
C TYR C 1207 -8.55 10.99 -69.18
N VAL C 1208 -9.43 11.98 -69.06
CA VAL C 1208 -10.49 11.97 -68.06
C VAL C 1208 -11.80 12.43 -68.68
N ALA C 1209 -12.87 12.23 -67.90
CA ALA C 1209 -14.22 12.50 -68.36
C ALA C 1209 -14.50 14.00 -68.36
N PRO C 1210 -15.44 14.47 -69.19
CA PRO C 1210 -15.77 15.89 -69.17
C PRO C 1210 -16.61 16.23 -67.94
N GLN C 1211 -16.01 16.95 -67.01
CA GLN C 1211 -16.81 17.50 -65.92
C GLN C 1211 -17.10 18.96 -66.28
N VAL C 1212 -18.00 19.60 -65.55
CA VAL C 1212 -18.37 20.97 -65.82
C VAL C 1212 -17.34 21.78 -65.02
N THR C 1213 -17.27 23.10 -65.22
CA THR C 1213 -16.28 24.00 -64.65
C THR C 1213 -14.87 23.64 -65.07
N TYR C 1214 -14.69 23.29 -66.34
CA TYR C 1214 -13.35 23.18 -66.91
C TYR C 1214 -13.04 24.30 -67.88
N GLN C 1215 -11.88 24.20 -68.49
CA GLN C 1215 -11.37 25.21 -69.40
C GLN C 1215 -11.30 24.60 -70.79
N ASN C 1216 -11.45 25.45 -71.79
CA ASN C 1216 -11.84 24.93 -73.09
C ASN C 1216 -11.18 25.70 -74.23
N ILE C 1217 -9.96 25.31 -74.56
CA ILE C 1217 -9.07 26.14 -75.35
C ILE C 1217 -9.19 25.75 -76.82
N SER C 1218 -8.76 26.66 -77.69
CA SER C 1218 -8.84 26.44 -79.13
C SER C 1218 -7.57 26.81 -79.89
N THR C 1219 -6.75 27.72 -79.39
CA THR C 1219 -5.66 28.27 -80.19
C THR C 1219 -4.41 27.42 -80.18
N ASN C 1220 -4.18 26.63 -79.13
CA ASN C 1220 -3.05 25.71 -79.10
C ASN C 1220 -3.44 24.53 -78.22
N LEU C 1221 -3.87 23.48 -78.84
CA LEU C 1221 -4.25 22.30 -78.09
C LEU C 1221 -3.02 21.49 -77.71
N PRO C 1222 -2.93 21.03 -76.46
CA PRO C 1222 -1.83 20.15 -76.09
C PRO C 1222 -1.92 18.84 -76.83
N PRO C 1223 -0.79 18.17 -77.07
CA PRO C 1223 -0.80 16.89 -77.78
C PRO C 1223 -1.62 15.80 -77.08
N PRO C 1224 -1.76 15.82 -75.74
CA PRO C 1224 -2.83 14.98 -75.17
C PRO C 1224 -4.21 15.30 -75.70
N LEU C 1225 -4.53 16.58 -75.90
CA LEU C 1225 -5.82 16.89 -76.51
C LEU C 1225 -5.81 16.58 -78.00
N LEU C 1226 -4.64 16.63 -78.62
CA LEU C 1226 -4.54 16.31 -80.03
C LEU C 1226 -4.64 14.81 -80.23
C1 NAG D . -30.48 22.21 -6.50
C2 NAG D . -30.34 23.52 -7.25
C3 NAG D . -31.07 23.44 -8.59
C4 NAG D . -30.63 22.21 -9.39
C5 NAG D . -30.68 20.95 -8.52
C6 NAG D . -30.07 19.74 -9.18
C7 NAG D . -30.08 25.37 -5.67
C8 NAG D . -30.77 26.48 -4.93
N2 NAG D . -30.86 24.62 -6.46
O3 NAG D . -30.80 24.62 -9.34
O4 NAG D . -31.53 22.06 -10.48
O5 NAG D . -29.97 21.15 -7.30
O6 NAG D . -28.92 20.10 -9.95
O7 NAG D . -28.88 25.17 -5.56
C1 NAG D . -30.88 22.11 -11.76
C2 NAG D . -31.79 21.36 -12.74
C3 NAG D . -31.17 21.37 -14.14
C4 NAG D . -30.85 22.79 -14.57
C5 NAG D . -30.00 23.49 -13.52
C6 NAG D . -29.76 24.95 -13.83
C7 NAG D . -33.02 19.66 -11.46
C8 NAG D . -33.12 18.20 -11.10
N2 NAG D . -32.03 19.99 -12.28
O3 NAG D . -32.07 20.76 -15.06
O4 NAG D . -30.16 22.77 -15.81
O5 NAG D . -30.65 23.45 -12.24
O6 NAG D . -30.67 25.42 -14.83
O7 NAG D . -33.80 20.49 -11.02
C1 NAG E . -56.78 17.76 8.37
C2 NAG E . -56.58 17.89 6.87
C3 NAG E . -55.60 19.01 6.55
C4 NAG E . -55.99 20.31 7.25
C5 NAG E . -56.27 20.04 8.74
C6 NAG E . -56.82 21.24 9.47
C7 NAG E . -55.08 15.93 6.50
C8 NAG E . -54.92 14.66 5.73
N2 NAG E . -56.19 16.62 6.24
O3 NAG E . -55.59 19.16 5.13
O4 NAG E . -54.93 21.25 7.22
O5 NAG E . -57.24 18.98 8.90
O6 NAG E . -56.57 21.13 10.87
O7 NAG E . -54.24 16.27 7.33
C1 NAG E . -54.74 22.01 6.02
C2 NAG E . -54.26 23.44 6.35
C3 NAG E . -53.86 24.20 5.09
C4 NAG E . -52.87 23.40 4.28
C5 NAG E . -53.47 22.04 3.95
C6 NAG E . -52.55 21.14 3.17
C7 NAG E . -55.24 24.37 8.39
C8 NAG E . -56.40 25.13 8.97
N2 NAG E . -55.29 24.15 7.07
O3 NAG E . -53.31 25.45 5.47
O4 NAG E . -52.50 24.09 3.09
O5 NAG E . -53.77 21.37 5.18
O6 NAG E . -51.25 21.12 3.73
O7 NAG E . -54.32 23.96 9.08
C1 BMA E . -51.13 24.54 3.25
C2 BMA E . -50.22 23.87 2.19
C3 BMA E . -48.80 24.37 2.42
C4 BMA E . -48.74 25.90 2.36
C5 BMA E . -49.70 26.48 3.40
C6 BMA E . -49.77 28.00 3.38
O2 BMA E . -50.58 24.27 0.89
O3 BMA E . -47.86 23.78 1.53
O4 BMA E . -47.42 26.34 2.65
O5 BMA E . -51.03 25.97 3.15
O6 BMA E . -50.50 28.43 4.52
C1 MAN E . -47.09 22.86 2.32
C2 MAN E . -45.58 23.31 2.31
C3 MAN E . -44.85 22.83 1.06
C4 MAN E . -45.10 21.35 0.83
C5 MAN E . -46.59 21.15 0.63
C6 MAN E . -46.95 19.71 0.33
O2 MAN E . -44.87 22.75 3.41
O3 MAN E . -43.46 23.08 1.14
O4 MAN E . -44.41 20.91 -0.32
O5 MAN E . -47.27 21.51 1.84
O6 MAN E . -48.37 19.61 0.34
C1 NAG F . -51.43 20.78 37.23
C2 NAG F . -50.63 19.58 37.81
C3 NAG F . -49.45 19.99 38.74
C4 NAG F . -49.58 21.34 39.43
C5 NAG F . -50.62 22.26 38.80
C6 NAG F . -50.24 23.73 38.86
C7 NAG F . -52.23 18.75 39.53
C8 NAG F . -53.01 17.55 39.98
N2 NAG F . -51.48 18.57 38.44
O3 NAG F . -48.22 19.93 38.03
O4 NAG F . -49.89 21.12 40.80
O5 NAG F . -50.73 21.94 37.42
O6 NAG F . -51.39 24.55 38.91
O7 NAG F . -52.31 19.82 40.13
C1 NAG F . -48.91 21.76 41.67
C2 NAG F . -48.39 20.70 42.63
C3 NAG F . -47.47 21.36 43.66
C4 NAG F . -46.41 22.25 43.00
C5 NAG F . -46.94 23.06 41.81
C6 NAG F . -45.83 23.62 40.94
C7 NAG F . -49.92 18.81 42.86
C8 NAG F . -51.06 18.22 43.62
N2 NAG F . -49.48 19.99 43.27
O3 NAG F . -46.84 20.31 44.39
O4 NAG F . -45.99 23.28 43.90
O5 NAG F . -47.81 22.31 40.95
O6 NAG F . -44.63 23.77 41.68
O7 NAG F . -49.42 18.23 41.90
C1 BMA F . -45.30 22.99 45.13
C2 BMA F . -44.05 22.11 44.89
C3 BMA F . -43.22 22.08 46.19
C4 BMA F . -42.91 23.49 46.70
C5 BMA F . -44.23 24.21 46.96
C6 BMA F . -44.04 25.62 47.46
O2 BMA F . -43.22 22.65 43.88
O3 BMA F . -42.03 21.35 46.02
O4 BMA F . -42.15 23.45 47.88
O5 BMA F . -44.96 24.26 45.72
O6 BMA F . -43.25 26.32 46.52
C1 NAG G . 16.73 -58.15 2.38
C2 NAG G . 16.88 -56.66 2.36
C3 NAG G . 15.65 -56.03 1.73
C4 NAG G . 15.00 -56.87 0.61
C5 NAG G . 15.49 -58.33 0.46
C6 NAG G . 15.68 -58.75 -0.99
C7 NAG G . 18.27 -55.81 4.20
C8 NAG G . 18.29 -55.35 5.62
N2 NAG G . 17.08 -56.17 3.71
O3 NAG G . 16.01 -54.76 1.20
O4 NAG G . 13.60 -56.93 0.87
O5 NAG G . 16.74 -58.61 1.11
O6 NAG G . 17.05 -58.81 -1.33
O7 NAG G . 19.28 -55.83 3.51
C1 NAG G . 12.76 -56.60 -0.26
C2 NAG G . 11.47 -57.42 -0.14
C3 NAG G . 10.54 -57.09 -1.30
C4 NAG G . 10.29 -55.59 -1.40
C5 NAG G . 11.61 -54.83 -1.42
C6 NAG G . 11.44 -53.33 -1.33
C7 NAG G . 10.96 -59.75 0.44
C8 NAG G . 11.43 -61.17 0.38
N2 NAG G . 11.77 -58.84 -0.10
O3 NAG G . 9.30 -57.76 -1.11
O4 NAG G . 9.55 -55.31 -2.59
O5 NAG G . 12.43 -55.21 -0.29
O6 NAG G . 10.40 -52.97 -0.43
O7 NAG G . 9.89 -59.44 0.95
C1 BMA G . 8.25 -54.71 -2.32
C2 BMA G . 8.17 -53.34 -3.05
C3 BMA G . 6.85 -52.67 -2.69
C4 BMA G . 5.67 -53.55 -3.04
C5 BMA G . 5.83 -54.92 -2.35
C6 BMA G . 4.70 -55.87 -2.72
O2 BMA G . 8.15 -53.52 -4.45
O3 BMA G . 6.71 -51.42 -3.32
O4 BMA G . 4.48 -52.94 -2.59
O5 BMA G . 7.12 -55.51 -2.72
O6 BMA G . 5.14 -57.18 -2.50
C1 MAN G . 7.48 -50.49 -2.54
C2 MAN G . 6.50 -49.44 -1.94
C3 MAN G . 7.17 -48.05 -1.84
C4 MAN G . 8.67 -48.16 -1.54
C5 MAN G . 9.40 -48.95 -2.65
C6 MAN G . 10.55 -49.78 -2.12
O2 MAN G . 6.14 -49.78 -0.61
O3 MAN G . 6.55 -47.24 -0.85
O4 MAN G . 9.26 -46.88 -1.40
O5 MAN G . 8.48 -49.85 -3.34
O6 MAN G . 10.26 -50.10 -0.75
C1 MAN G . 4.85 -57.54 -1.14
C2 MAN G . 6.13 -58.17 -0.57
C3 MAN G . 6.42 -59.48 -1.29
C4 MAN G . 5.19 -60.42 -1.25
C5 MAN G . 3.97 -59.68 -1.83
C6 MAN G . 2.69 -60.48 -1.72
O2 MAN G . 5.98 -58.49 0.81
O3 MAN G . 7.57 -60.14 -0.75
O4 MAN G . 5.44 -61.59 -2.00
O5 MAN G . 3.77 -58.44 -1.10
O6 MAN G . 1.60 -59.60 -1.99
C1 NAG H . 13.59 -57.46 31.17
C2 NAG H . 14.25 -56.80 32.42
C3 NAG H . 13.32 -55.82 33.14
C4 NAG H . 11.94 -56.41 33.45
C5 NAG H . 11.58 -57.56 32.53
C6 NAG H . 10.10 -57.71 32.32
C7 NAG H . 15.66 -57.58 34.30
C8 NAG H . 16.03 -58.75 35.15
N2 NAG H . 14.74 -57.82 33.36
O3 NAG H . 13.18 -54.62 32.39
O4 NAG H . 11.88 -56.83 34.80
O5 NAG H . 12.16 -57.30 31.24
O6 NAG H . 9.42 -56.48 32.53
O7 NAG H . 16.17 -56.47 34.47
C1 NAG H . 11.23 -55.75 35.49
C2 NAG H . 10.19 -56.32 36.46
C3 NAG H . 9.53 -55.20 37.26
C4 NAG H . 10.59 -54.32 37.92
C5 NAG H . 11.58 -53.82 36.86
C6 NAG H . 12.71 -53.01 37.45
C7 NAG H . 8.73 -58.27 36.17
C8 NAG H . 7.70 -58.93 35.30
N2 NAG H . 9.19 -57.09 35.74
O3 NAG H . 8.69 -55.76 38.25
O4 NAG H . 9.97 -53.20 38.54
O5 NAG H . 12.18 -54.95 36.21
O6 NAG H . 12.45 -52.70 38.81
O7 NAG H . 9.15 -58.79 37.20
C1 NAG I . -1.21 -35.70 -10.14
C2 NAG I . -2.40 -36.39 -10.80
C3 NAG I . -2.02 -36.87 -12.20
C4 NAG I . -1.42 -35.72 -13.01
C5 NAG I . -0.33 -34.99 -12.23
C6 NAG I . 0.13 -33.72 -12.91
C7 NAG I . -3.97 -37.49 -9.24
C8 NAG I . -4.75 -36.21 -9.25
N2 NAG I . -2.87 -37.52 -10.00
O3 NAG I . -3.17 -37.38 -12.85
O4 NAG I . -0.84 -36.24 -14.20
O5 NAG I . -0.81 -34.61 -10.94
O6 NAG I . -0.92 -33.10 -13.65
O7 NAG I . -4.32 -38.46 -8.58
C1 NAG I . -1.56 -35.85 -15.38
C2 NAG I . -2.18 -37.09 -15.99
C3 NAG I . -2.98 -36.74 -17.24
C4 NAG I . -4.01 -35.66 -16.92
C5 NAG I . -3.33 -34.46 -16.27
C6 NAG I . -4.30 -33.41 -15.80
C7 NAG I . -0.86 -39.10 -15.47
C8 NAG I . 0.22 -40.02 -15.94
N2 NAG I . -1.17 -38.09 -16.29
O3 NAG I . -3.63 -37.90 -17.74
O4 NAG I . -4.67 -35.25 -18.10
O5 NAG I . -2.59 -34.87 -15.11
O6 NAG I . -5.18 -33.91 -14.80
O7 NAG I . -1.43 -39.25 -14.40
C1 NAG J . 34.74 17.69 -9.44
C2 NAG J . 35.73 16.93 -10.30
C3 NAG J . 35.75 17.49 -11.72
C4 NAG J . 34.35 17.56 -12.30
C5 NAG J . 33.41 18.28 -11.34
C6 NAG J . 31.96 18.23 -11.77
C7 NAG J . 37.72 15.89 -9.30
C8 NAG J . 39.09 16.12 -8.74
N2 NAG J . 37.06 16.98 -9.71
O3 NAG J . 36.57 16.65 -12.53
O4 NAG J . 34.40 18.28 -13.52
O5 NAG J . 33.45 17.66 -10.04
O6 NAG J . 31.64 16.97 -12.35
O7 NAG J . 37.22 14.77 -9.38
C1 NAG J . 34.02 17.49 -14.67
C2 NAG J . 34.11 18.40 -15.90
C3 NAG J . 33.73 17.62 -17.16
C4 NAG J . 34.58 16.38 -17.29
C5 NAG J . 34.48 15.54 -16.01
C6 NAG J . 35.39 14.33 -16.04
C7 NAG J . 33.66 20.81 -16.06
C8 NAG J . 32.67 21.90 -15.83
N2 NAG J . 33.26 19.57 -15.74
O3 NAG J . 33.91 18.45 -18.30
O4 NAG J . 34.14 15.59 -18.39
O5 NAG J . 34.86 16.33 -14.88
O6 NAG J . 35.49 13.77 -17.33
O7 NAG J . 34.78 21.03 -16.50
C1 NAG K . 47.34 35.11 34.03
C2 NAG K . 48.25 33.96 34.45
C3 NAG K . 48.69 34.10 35.93
C4 NAG K . 47.63 34.77 36.82
C5 NAG K . 46.95 35.96 36.15
C6 NAG K . 47.06 37.23 36.95
C7 NAG K . 48.14 31.57 33.78
C8 NAG K . 49.59 31.66 33.41
N2 NAG K . 47.57 32.68 34.26
O3 NAG K . 49.91 34.83 36.03
O4 NAG K . 46.67 33.83 37.32
O5 NAG K . 47.55 36.21 34.87
O6 NAG K . 47.51 38.30 36.13
O7 NAG K . 47.50 30.53 33.65
C1 NAG K . 47.15 32.46 37.52
C2 NAG K . 47.41 32.13 39.00
C3 NAG K . 47.89 30.68 39.12
C4 NAG K . 46.91 29.73 38.45
C5 NAG K . 46.66 30.16 37.01
C6 NAG K . 45.60 29.34 36.32
C7 NAG K . 48.34 33.40 40.86
C8 NAG K . 49.43 34.33 41.32
N2 NAG K . 48.38 33.03 39.59
O3 NAG K . 48.04 30.34 40.49
O4 NAG K . 47.43 28.40 38.48
O5 NAG K . 46.20 31.52 36.98
O6 NAG K . 44.35 30.00 36.40
O7 NAG K . 47.46 33.01 41.62
C1 NAG L . 45.22 42.38 4.92
C2 NAG L . 44.92 42.27 3.45
C3 NAG L . 45.37 40.91 2.95
C4 NAG L . 46.77 40.52 3.46
C5 NAG L . 47.11 41.06 4.86
C6 NAG L . 48.60 41.12 5.11
C7 NAG L . 43.00 43.49 2.50
C8 NAG L . 43.99 44.50 1.99
N2 NAG L . 43.50 42.47 3.20
O3 NAG L . 45.36 40.91 1.52
O4 NAG L . 46.79 39.11 3.60
O5 NAG L . 46.59 42.36 5.10
O6 NAG L . 49.34 40.93 3.91
O7 NAG L . 41.79 43.63 2.31
C1 NAG L . 47.47 38.42 2.55
C2 NAG L . 47.92 37.10 3.17
C3 NAG L . 48.60 36.22 2.12
C4 NAG L . 47.69 36.03 0.91
C5 NAG L . 47.25 37.39 0.37
C6 NAG L . 46.26 37.29 -0.75
C7 NAG L . 49.94 37.89 4.39
C8 NAG L . 50.59 37.94 5.73
N2 NAG L . 48.75 37.28 4.34
O3 NAG L . 48.93 34.96 2.71
O4 NAG L . 48.34 35.29 -0.12
O5 NAG L . 46.64 38.16 1.41
O6 NAG L . 46.82 36.69 -1.91
O7 NAG L . 50.48 38.39 3.40
C1 BMA L . 47.77 33.95 -0.13
C2 BMA L . 47.59 33.49 -1.60
C3 BMA L . 47.04 32.07 -1.58
C4 BMA L . 47.97 31.15 -0.79
C5 BMA L . 48.09 31.68 0.64
C6 BMA L . 49.00 30.85 1.50
O2 BMA L . 48.84 33.43 -2.26
O3 BMA L . 46.80 31.57 -2.88
O4 BMA L . 47.42 29.84 -0.75
O5 BMA L . 48.62 33.03 0.56
O6 BMA L . 50.34 31.03 1.06
C1 MAN L . 45.39 31.31 -2.94
C2 MAN L . 45.14 29.88 -3.49
C3 MAN L . 43.80 29.79 -4.22
C4 MAN L . 42.75 30.77 -3.63
C5 MAN L . 43.28 32.22 -3.78
C6 MAN L . 42.78 33.16 -2.71
O2 MAN L . 45.07 28.93 -2.44
O3 MAN L . 43.28 28.47 -4.21
O4 MAN L . 41.53 30.63 -4.30
O5 MAN L . 44.74 32.28 -3.76
O6 MAN L . 43.72 34.21 -2.58
C1 MAN L . 51.21 30.77 2.19
C2 MAN L . 52.09 32.02 2.41
C3 MAN L . 53.16 32.12 1.32
C4 MAN L . 53.95 30.81 1.20
C5 MAN L . 52.96 29.67 0.89
C6 MAN L . 53.64 28.33 0.80
O2 MAN L . 52.81 31.94 3.64
O3 MAN L . 54.06 33.21 1.55
O4 MAN L . 54.90 30.91 0.17
O5 MAN L . 51.99 29.59 1.95
O6 MAN L . 52.63 27.33 0.75
C1 NAG M . -34.87 -1.04 42.33
C2 NAG M . -33.89 -0.61 43.43
C3 NAG M . -33.73 -1.71 44.45
C4 NAG M . -35.09 -2.16 44.99
C5 NAG M . -36.03 -2.50 43.83
C6 NAG M . -37.43 -2.82 44.31
C7 NAG M . -31.97 0.91 43.22
C8 NAG M . -30.65 1.15 42.56
N2 NAG M . -32.61 -0.22 42.87
O3 NAG M . -32.91 -1.25 45.51
O4 NAG M . -34.93 -3.31 45.81
O5 NAG M . -36.14 -1.40 42.93
O6 NAG M . -37.42 -3.50 45.56
O7 NAG M . -32.45 1.68 44.05
C1 NAG N . -36.42 9.69 49.94
C2 NAG N . -35.79 8.35 50.33
C3 NAG N . -35.52 8.29 51.83
C4 NAG N . -34.69 9.50 52.27
C5 NAG N . -35.38 10.79 51.83
C6 NAG N . -34.57 12.02 52.14
C7 NAG N . -36.35 6.42 48.92
C8 NAG N . -37.34 5.33 48.65
N2 NAG N . -36.65 7.24 49.93
O3 NAG N . -34.84 7.09 52.15
O4 NAG N . -34.55 9.50 53.68
O5 NAG N . -35.59 10.77 50.41
O6 NAG N . -33.43 12.12 51.29
O7 NAG N . -35.33 6.55 48.25
C1 NAG O . -18.20 -44.45 0.20
C2 NAG O . -19.11 -45.45 0.92
C3 NAG O . -18.39 -46.80 1.08
C4 NAG O . -17.90 -47.30 -0.26
C5 NAG O . -17.04 -46.24 -0.94
C6 NAG O . -16.62 -46.63 -2.34
C7 NAG O . -20.71 -44.33 2.40
C8 NAG O . -20.98 -43.85 3.79
N2 NAG O . -19.53 -44.93 2.21
O3 NAG O . -19.29 -47.73 1.67
O4 NAG O . -17.13 -48.49 -0.09
O5 NAG O . -17.78 -45.01 -1.06
O6 NAG O . -17.74 -46.99 -3.14
O7 NAG O . -21.50 -44.17 1.49
C1 NAG P . -39.19 -20.96 -22.41
C2 NAG P . -37.90 -21.41 -21.74
C3 NAG P . -37.16 -22.39 -22.65
C4 NAG P . -38.08 -23.54 -23.03
C5 NAG P . -39.37 -23.01 -23.64
C6 NAG P . -40.38 -24.10 -23.91
C7 NAG P . -37.01 -19.76 -20.17
C8 NAG P . -36.08 -18.60 -19.99
N2 NAG P . -37.05 -20.29 -21.40
O3 NAG P . -36.02 -22.88 -21.97
O4 NAG P . -37.43 -24.39 -23.97
O5 NAG P . -40.00 -22.09 -22.73
O6 NAG P . -40.13 -25.24 -23.10
O7 NAG P . -37.69 -20.20 -19.25
C1 NAG Q . -32.96 6.15 -49.37
C2 NAG Q . -34.09 6.79 -50.19
C3 NAG Q . -34.65 8.00 -49.45
C4 NAG Q . -35.06 7.62 -48.04
C5 NAG Q . -33.91 6.94 -47.31
C6 NAG Q . -34.30 6.40 -45.95
C7 NAG Q . -33.96 6.51 -52.62
C8 NAG Q . -33.40 7.04 -53.91
N2 NAG Q . -33.63 7.17 -51.52
O3 NAG Q . -35.76 8.52 -50.16
O4 NAG Q . -35.45 8.78 -47.32
O5 NAG Q . -33.44 5.82 -48.06
O6 NAG Q . -34.41 4.98 -45.97
O7 NAG Q . -34.68 5.51 -52.59
C1 NAG R . -28.38 26.55 -41.77
C2 NAG R . -29.76 27.12 -42.13
C3 NAG R . -30.18 28.18 -41.11
C4 NAG R . -30.09 27.64 -39.69
C5 NAG R . -28.70 27.06 -39.43
C6 NAG R . -28.58 26.41 -38.08
C7 NAG R . -30.08 26.94 -44.55
C8 NAG R . -30.04 27.67 -45.86
N2 NAG R . -29.77 27.67 -43.48
O3 NAG R . -31.50 28.61 -41.40
O4 NAG R . -30.36 28.67 -38.75
O5 NAG R . -28.39 26.06 -40.41
O6 NAG R . -29.84 26.26 -37.46
O7 NAG R . -30.37 25.75 -44.48
C1 NAG S . -13.80 -17.75 -73.42
C2 NAG S . -14.20 -19.07 -72.75
C3 NAG S . -12.97 -19.93 -72.49
C4 NAG S . -12.17 -20.14 -73.77
C5 NAG S . -11.80 -18.78 -74.35
C6 NAG S . -11.07 -18.88 -75.67
C7 NAG S . -16.26 -18.71 -71.48
C8 NAG S . -16.87 -18.51 -70.12
N2 NAG S . -14.93 -18.85 -71.52
O3 NAG S . -13.37 -21.19 -71.96
O4 NAG S . -11.00 -20.89 -73.54
O5 NAG S . -12.98 -18.02 -74.59
O6 NAG S . -11.93 -19.40 -76.68
O7 NAG S . -16.94 -18.75 -72.49
C1 NAG T . 39.78 -21.46 -27.07
C2 NAG T . 39.79 -20.33 -26.03
C3 NAG T . 40.40 -19.07 -26.62
C4 NAG T . 41.75 -19.35 -27.24
C5 NAG T . 41.64 -20.49 -28.25
C6 NAG T . 42.97 -20.91 -28.83
C7 NAG T . 38.20 -19.89 -24.22
C8 NAG T . 36.76 -19.62 -23.87
N2 NAG T . 38.46 -20.07 -25.52
O3 NAG T . 40.52 -18.08 -25.60
O4 NAG T . 42.24 -18.19 -27.90
O5 NAG T . 41.09 -21.64 -27.60
O6 NAG T . 43.09 -22.32 -28.87
O7 NAG T . 39.08 -19.92 -23.36
C1 NAG U . 11.46 -25.87 -53.92
C2 NAG U . 12.21 -27.04 -54.55
C3 NAG U . 11.44 -28.33 -54.31
C4 NAG U . 11.18 -28.53 -52.83
C5 NAG U . 10.50 -27.31 -52.24
C6 NAG U . 10.34 -27.39 -50.75
C7 NAG U . 13.62 -26.53 -56.48
C8 NAG U . 13.68 -26.33 -57.96
N2 NAG U . 12.43 -26.81 -55.96
O3 NAG U . 12.20 -29.42 -54.83
O4 NAG U . 10.35 -29.67 -52.63
O5 NAG U . 11.27 -26.14 -52.52
O6 NAG U . 11.24 -28.33 -50.18
O7 NAG U . 14.63 -26.44 -55.78
C1 NAG V . -8.53 -32.67 -45.13
C2 NAG V . -8.42 -34.13 -45.58
C3 NAG V . -9.04 -35.05 -44.54
C4 NAG V . -8.44 -34.80 -43.17
C5 NAG V . -8.56 -33.32 -42.81
C6 NAG V . -7.86 -32.97 -41.52
C7 NAG V . -8.36 -34.30 -48.03
C8 NAG V . -9.16 -34.54 -49.28
N2 NAG V . -9.04 -34.33 -46.88
O3 NAG V . -8.83 -36.41 -44.91
O4 NAG V . -9.11 -35.57 -42.18
O5 NAG V . -7.95 -32.52 -43.83
O6 NAG V . -6.70 -33.78 -41.32
O7 NAG V . -7.16 -34.08 -48.07
C1 NAG W . 51.17 6.81 -3.47
C2 NAG W . 52.68 6.54 -3.31
C3 NAG W . 53.45 7.86 -3.20
C4 NAG W . 53.10 8.79 -4.36
C5 NAG W . 51.59 8.98 -4.42
C6 NAG W . 51.15 9.84 -5.59
C7 NAG W . 52.92 4.38 -2.16
C8 NAG W . 53.20 3.70 -0.86
N2 NAG W . 52.93 5.71 -2.14
O3 NAG W . 54.85 7.59 -3.20
O4 NAG W . 53.73 10.05 -4.17
O5 NAG W . 50.96 7.70 -4.58
O6 NAG W . 49.85 10.36 -5.37
O7 NAG W . 52.69 3.75 -3.20
C1 NAG X . 21.90 4.70 -74.48
C2 NAG X . 22.32 6.07 -73.94
C3 NAG X . 23.83 6.11 -73.71
C4 NAG X . 24.28 4.94 -72.84
C5 NAG X . 23.79 3.63 -73.45
C6 NAG X . 24.12 2.43 -72.59
C7 NAG X . 21.66 8.38 -74.44
C8 NAG X . 21.26 9.35 -75.51
N2 NAG X . 21.92 7.12 -74.85
O3 NAG X . 24.17 7.33 -73.07
O4 NAG X . 25.70 4.91 -72.77
O5 NAG X . 22.36 3.66 -73.60
O6 NAG X . 23.75 2.65 -71.24
O7 NAG X . 21.74 8.70 -73.26
C1 NAG Y . -28.58 41.62 2.92
C2 NAG Y . -28.89 42.79 3.86
C3 NAG Y . -30.40 42.92 4.08
C4 NAG Y . -31.14 42.97 2.74
C5 NAG Y . -30.73 41.79 1.87
C6 NAG Y . -31.34 41.85 0.49
C7 NAG Y . -27.89 43.63 5.95
C8 NAG Y . -27.19 43.27 7.22
N2 NAG Y . -28.21 42.62 5.13
O3 NAG Y . -30.68 44.10 4.83
O4 NAG Y . -32.54 42.93 2.96
O5 NAG Y . -29.31 41.79 1.70
O6 NAG Y . -31.22 43.15 -0.07
O7 NAG Y . -28.15 44.80 5.66
C1 NAG Z . -16.29 25.44 -71.63
C2 NAG Z . -16.76 24.16 -72.35
C3 NAG Z . -18.09 23.70 -71.76
C4 NAG Z . -17.98 23.55 -70.25
C5 NAG Z . -17.44 24.83 -69.62
C6 NAG Z . -17.18 24.69 -68.13
C7 NAG Z . -16.27 23.62 -74.69
C8 NAG Z . -16.52 23.99 -76.12
N2 NAG Z . -16.89 24.38 -73.77
O3 NAG Z . -18.48 22.46 -72.34
O4 NAG Z . -19.27 23.28 -69.70
O5 NAG Z . -16.18 25.17 -70.22
O6 NAG Z . -16.81 23.36 -67.81
O7 NAG Z . -15.54 22.69 -74.37
C1 NAG AA . 21.42 31.12 43.01
C2 NAG AA . 19.98 30.56 42.90
C3 NAG AA . 19.14 31.00 44.11
C4 NAG AA . 19.83 30.59 45.39
C5 NAG AA . 21.21 31.22 45.42
C6 NAG AA . 21.96 30.86 46.69
C7 NAG AA . 18.91 32.12 41.24
C8 NAG AA . 18.24 32.17 39.90
N2 NAG AA . 19.31 30.90 41.64
O3 NAG AA . 17.83 30.44 44.06
O4 NAG AA . 19.07 31.01 46.51
O5 NAG AA . 21.99 30.74 44.31
O6 NAG AA . 21.11 30.15 47.57
O7 NAG AA . 19.10 33.13 41.90
C1 NAG BA . 32.56 14.10 -46.27
C2 NAG BA . 33.91 14.32 -46.94
C3 NAG BA . 35.04 14.05 -45.94
C4 NAG BA . 34.85 14.91 -44.69
C5 NAG BA . 33.46 14.68 -44.11
C6 NAG BA . 33.17 15.58 -42.93
C7 NAG BA . 33.75 13.87 -49.35
C8 NAG BA . 33.96 12.86 -50.43
N2 NAG BA . 34.06 13.46 -48.10
O3 NAG BA . 36.29 14.36 -46.54
O4 NAG BA . 35.83 14.58 -43.71
O5 NAG BA . 32.46 14.93 -45.10
O6 NAG BA . 34.34 16.24 -42.49
O7 NAG BA . 33.32 14.99 -49.57
C1 NAG CA . 0.74 47.46 -23.98
C2 NAG CA . -0.59 47.13 -23.29
C3 NAG CA . -1.69 46.98 -24.33
C4 NAG CA . -1.77 48.22 -25.20
C5 NAG CA . -0.41 48.54 -25.80
C6 NAG CA . -0.39 49.85 -26.55
C7 NAG CA . -0.20 45.98 -21.17
C8 NAG CA . -0.13 44.65 -20.46
N2 NAG CA . -0.46 45.94 -22.48
O3 NAG CA . -2.92 46.76 -23.67
O4 NAG CA . -2.72 48.02 -26.24
O5 NAG CA . 0.58 48.64 -24.77
O6 NAG CA . 0.30 50.85 -25.80
O7 NAG CA . -0.04 47.04 -20.57
C1 NAG DA . 30.55 28.09 47.54
C2 NAG DA . 31.14 28.91 48.67
C3 NAG DA . 31.12 28.10 49.98
C4 NAG DA . 29.73 27.56 50.25
C5 NAG DA . 29.18 26.82 49.03
C6 NAG DA . 27.74 26.40 49.19
C7 NAG DA . 32.82 30.60 48.02
C8 NAG DA . 31.69 31.60 47.98
N2 NAG DA . 32.50 29.35 48.37
O3 NAG DA . 31.55 28.92 51.05
O4 NAG DA . 29.77 26.65 51.34
O5 NAG DA . 29.22 27.68 47.87
O6 NAG DA . 27.52 25.83 50.48
O7 NAG DA . 33.97 30.93 47.77
C1 NAG EA . 17.07 28.53 -51.81
C2 NAG EA . 17.77 29.17 -53.01
C3 NAG EA . 19.28 29.01 -52.88
C4 NAG EA . 19.76 29.57 -51.54
C5 NAG EA . 18.98 28.93 -50.39
C6 NAG EA . 19.30 29.54 -49.05
C7 NAG EA . 16.34 29.18 -54.99
C8 NAG EA . 15.97 28.46 -56.25
N2 NAG EA . 17.30 28.61 -54.25
O3 NAG EA . 19.92 29.70 -53.95
O4 NAG EA . 21.15 29.31 -51.37
O5 NAG EA . 17.57 29.10 -50.60
O6 NAG EA . 18.22 30.34 -48.58
O7 NAG EA . 15.77 30.21 -54.64
#